data_2X6T
#
_entry.id   2X6T
#
_cell.length_a   341.993
_cell.length_b   60.787
_cell.length_c   191.789
_cell.angle_alpha   90.00
_cell.angle_beta   91.41
_cell.angle_gamma   90.00
#
_symmetry.space_group_name_H-M   'C 1 2 1'
#
loop_
_entity.id
_entity.type
_entity.pdbx_description
1 polymer ADP-L-GLYCERO-D-MANNO-HEPTOSE-6-EPIMERASE
2 non-polymer 'NADP NICOTINAMIDE-ADENINE-DINUCLEOTIDE PHOSPHATE'
3 non-polymer GLYCEROL
4 non-polymer "ADENOSINE-5'-DIPHOSPHATE"
5 non-polymer beta-D-mannopyranose
6 non-polymer 'CHLORIDE ION'
7 water water
#
_entity_poly.entity_id   1
_entity_poly.type   'polypeptide(L)'
_entity_poly.pdbx_seq_one_letter_code
;MHHHHHHSSGLVPRGSGMKETAAAKFERQHMDSPDLGTGGGSGIEGRMIIVTGGAGFIGSNIVKALNDKGITDILVVDNL
KDGTKFVNLVDLNIADYMDKEDFLIQIMAGEEFGDVEAIFHEGACSSTTEWDGKYMMDNNYQYSKELLHYCLEREIPFLY
ASSAATYGGRTSDFIESREYEKPLNVFGYSKFLFDEYVRQILPEANSQIVGFRYFNVYGPREGHKGSMASVAFHLNTQLN
NGESPKLFEGSENFKRDFVYVGDVADVNLWFLENGVSGIFNLGTGRAESFQAVADATLAYHKKGQIEYIPFPDKLKGRYQ
AFTQADLTNLRAAGYDKPFKTVAEGVTEYMAWLNRDA
;
_entity_poly.pdbx_strand_id   A,B,C,D,E,F,G,H,I,J
#
loop_
_chem_comp.id
_chem_comp.type
_chem_comp.name
_chem_comp.formula
ADP non-polymer ADENOSINE-5'-DIPHOSPHATE 'C10 H15 N5 O10 P2'
BMA D-saccharide, beta linking beta-D-mannopyranose 'C6 H12 O6'
CL non-polymer 'CHLORIDE ION' 'Cl -1'
GOL non-polymer GLYCEROL 'C3 H8 O3'
NAP non-polymer 'NADP NICOTINAMIDE-ADENINE-DINUCLEOTIDE PHOSPHATE' 'C21 H28 N7 O17 P3'
#
# COMPACT_ATOMS: atom_id res chain seq x y z
N MET A 48 4.73 58.26 0.12
CA MET A 48 3.37 57.66 0.13
C MET A 48 3.35 56.20 0.56
N ILE A 49 2.18 55.74 0.99
CA ILE A 49 1.97 54.35 1.35
C ILE A 49 0.83 53.78 0.54
N ILE A 50 0.99 52.53 0.12
CA ILE A 50 -0.05 51.81 -0.62
C ILE A 50 -0.66 50.75 0.28
N VAL A 51 -2.00 50.74 0.32
CA VAL A 51 -2.72 49.71 1.03
C VAL A 51 -3.66 49.01 0.07
N THR A 52 -3.34 47.76 -0.27
CA THR A 52 -4.23 46.93 -1.07
C THR A 52 -5.22 46.32 -0.10
N GLY A 53 -6.44 46.06 -0.58
CA GLY A 53 -7.54 45.65 0.29
C GLY A 53 -7.95 46.76 1.22
N GLY A 54 -7.54 47.99 0.86
CA GLY A 54 -7.71 49.17 1.69
C GLY A 54 -9.14 49.64 1.88
N ALA A 55 -10.06 49.18 1.03
CA ALA A 55 -11.48 49.42 1.21
C ALA A 55 -12.14 48.27 1.96
N GLY A 56 -11.36 47.23 2.22
CA GLY A 56 -11.82 46.06 2.97
C GLY A 56 -11.68 46.25 4.47
N PHE A 57 -11.86 45.15 5.19
CA PHE A 57 -11.90 45.16 6.64
C PHE A 57 -10.57 45.55 7.28
N ILE A 58 -9.57 44.69 7.16
CA ILE A 58 -8.28 44.93 7.81
C ILE A 58 -7.58 46.14 7.19
N GLY A 59 -7.65 46.23 5.86
CA GLY A 59 -7.00 47.30 5.11
C GLY A 59 -7.48 48.69 5.48
N SER A 60 -8.80 48.85 5.61
CA SER A 60 -9.36 50.16 5.98
C SER A 60 -8.96 50.52 7.41
N ASN A 61 -8.79 49.51 8.24
CA ASN A 61 -8.33 49.72 9.62
C ASN A 61 -6.86 50.13 9.68
N ILE A 62 -6.04 49.63 8.75
CA ILE A 62 -4.66 50.05 8.63
C ILE A 62 -4.62 51.52 8.17
N VAL A 63 -5.47 51.86 7.20
CA VAL A 63 -5.59 53.24 6.72
C VAL A 63 -5.93 54.19 7.87
N LYS A 64 -6.88 53.78 8.69
CA LYS A 64 -7.28 54.59 9.84
C LYS A 64 -6.12 54.78 10.81
N ALA A 65 -5.41 53.69 11.08
CA ALA A 65 -4.27 53.71 11.98
C ALA A 65 -3.17 54.62 11.45
N LEU A 66 -3.00 54.64 10.13
CA LEU A 66 -2.05 55.54 9.49
C LEU A 66 -2.49 56.99 9.66
N ASN A 67 -3.77 57.24 9.42
CA ASN A 67 -4.35 58.58 9.63
C ASN A 67 -4.09 59.08 11.06
N ASP A 68 -4.24 58.18 12.03
CA ASP A 68 -4.07 58.55 13.44
C ASP A 68 -2.62 58.94 13.74
N LYS A 69 -1.69 58.49 12.92
CA LYS A 69 -0.28 58.88 13.04
C LYS A 69 0.06 60.04 12.09
N GLY A 70 -0.97 60.68 11.55
CA GLY A 70 -0.79 61.86 10.72
C GLY A 70 -0.43 61.57 9.26
N ILE A 71 -0.61 60.33 8.84
CA ILE A 71 -0.29 59.92 7.48
C ILE A 71 -1.56 59.83 6.64
N THR A 72 -1.60 60.62 5.55
CA THR A 72 -2.75 60.69 4.65
C THR A 72 -2.38 60.47 3.18
N ASP A 73 -1.09 60.48 2.85
CA ASP A 73 -0.64 60.24 1.48
C ASP A 73 -0.69 58.75 1.19
N ILE A 74 -1.90 58.26 0.98
CA ILE A 74 -2.18 56.84 0.87
C ILE A 74 -2.90 56.51 -0.43
N LEU A 75 -2.37 55.55 -1.16
CA LEU A 75 -3.04 55.00 -2.33
C LEU A 75 -3.74 53.71 -1.91
N VAL A 76 -5.06 53.68 -2.05
CA VAL A 76 -5.83 52.49 -1.75
C VAL A 76 -6.08 51.73 -3.04
N VAL A 77 -5.77 50.44 -3.02
CA VAL A 77 -6.05 49.53 -4.12
C VAL A 77 -7.08 48.51 -3.64
N ASP A 78 -8.16 48.35 -4.39
CA ASP A 78 -9.21 47.43 -4.00
C ASP A 78 -10.13 47.09 -5.17
N ASN A 79 -11.25 46.45 -4.86
CA ASN A 79 -12.29 46.13 -5.82
C ASN A 79 -13.63 46.57 -5.25
N LEU A 80 -14.14 47.69 -5.78
CA LEU A 80 -15.36 48.30 -5.24
C LEU A 80 -16.62 47.82 -5.95
N LYS A 81 -16.53 46.72 -6.69
CA LYS A 81 -17.69 46.13 -7.33
C LYS A 81 -18.88 46.18 -6.36
N ASP A 82 -18.66 45.68 -5.15
CA ASP A 82 -19.61 45.89 -4.05
C ASP A 82 -19.39 47.31 -3.51
N GLY A 83 -20.17 48.23 -4.03
CA GLY A 83 -20.00 49.65 -3.72
C GLY A 83 -20.27 50.03 -2.28
N THR A 84 -20.93 49.15 -1.52
CA THR A 84 -21.24 49.43 -0.11
C THR A 84 -19.95 49.54 0.71
N LYS A 85 -18.85 49.02 0.17
CA LYS A 85 -17.56 49.07 0.88
C LYS A 85 -17.02 50.49 1.02
N PHE A 86 -17.61 51.45 0.31
CA PHE A 86 -17.13 52.82 0.35
C PHE A 86 -17.18 53.37 1.79
N VAL A 87 -18.15 52.90 2.59
CA VAL A 87 -18.30 53.38 3.97
C VAL A 87 -17.06 53.15 4.81
N ASN A 88 -16.26 52.16 4.45
CA ASN A 88 -15.03 51.85 5.17
C ASN A 88 -13.96 52.93 4.98
N LEU A 89 -14.11 53.74 3.94
CA LEU A 89 -13.14 54.80 3.62
C LEU A 89 -13.72 56.21 3.79
N VAL A 90 -15.03 56.32 3.92
CA VAL A 90 -15.70 57.62 3.80
C VAL A 90 -15.24 58.63 4.86
N ASP A 91 -14.90 58.14 6.05
CA ASP A 91 -14.47 59.00 7.15
C ASP A 91 -12.95 59.11 7.24
N LEU A 92 -12.25 58.46 6.32
CA LEU A 92 -10.80 58.42 6.33
C LEU A 92 -10.21 59.36 5.31
N ASN A 93 -8.88 59.54 5.38
CA ASN A 93 -8.15 60.43 4.48
C ASN A 93 -7.10 59.70 3.68
N ILE A 94 -7.29 59.69 2.37
CA ILE A 94 -6.36 59.04 1.45
C ILE A 94 -6.04 59.99 0.30
N ALA A 95 -5.08 59.62 -0.53
CA ALA A 95 -4.64 60.47 -1.62
C ALA A 95 -5.29 60.06 -2.95
N ASP A 96 -5.56 58.78 -3.10
CA ASP A 96 -5.98 58.24 -4.39
C ASP A 96 -6.54 56.83 -4.25
N TYR A 97 -7.34 56.44 -5.24
CA TYR A 97 -7.92 55.11 -5.30
C TYR A 97 -7.65 54.49 -6.66
N MET A 98 -7.35 53.19 -6.65
CA MET A 98 -7.11 52.43 -7.87
C MET A 98 -7.72 51.04 -7.78
N ASP A 99 -8.29 50.57 -8.88
CA ASP A 99 -8.80 49.22 -8.95
C ASP A 99 -7.66 48.21 -9.03
N LYS A 100 -7.87 47.05 -8.40
CA LYS A 100 -6.85 46.01 -8.30
C LYS A 100 -6.31 45.54 -9.64
N GLU A 101 -7.15 45.55 -10.68
CA GLU A 101 -6.72 45.07 -11.98
C GLU A 101 -5.82 46.09 -12.66
N ASP A 102 -6.16 47.37 -12.54
CA ASP A 102 -5.33 48.44 -13.09
C ASP A 102 -3.99 48.50 -12.36
N PHE A 103 -4.04 48.28 -11.04
CA PHE A 103 -2.83 48.29 -10.23
C PHE A 103 -1.88 47.19 -10.67
N LEU A 104 -2.42 45.99 -10.89
CA LEU A 104 -1.60 44.85 -11.31
C LEU A 104 -0.93 45.13 -12.65
N ILE A 105 -1.69 45.71 -13.59
CA ILE A 105 -1.16 46.01 -14.91
C ILE A 105 0.00 46.99 -14.82
N GLN A 106 -0.12 48.00 -13.96
CA GLN A 106 0.90 49.03 -13.81
C GLN A 106 2.14 48.48 -13.07
N ILE A 107 1.89 47.65 -12.06
CA ILE A 107 2.95 46.97 -11.33
C ILE A 107 3.78 46.11 -12.29
N MET A 108 3.11 45.29 -13.09
CA MET A 108 3.79 44.38 -14.00
C MET A 108 4.49 45.10 -15.14
N ALA A 109 4.05 46.33 -15.46
CA ALA A 109 4.69 47.14 -16.48
C ALA A 109 5.85 47.95 -15.90
N GLY A 110 6.02 47.89 -14.58
CA GLY A 110 7.12 48.57 -13.90
C GLY A 110 6.89 50.06 -13.75
N GLU A 111 5.64 50.46 -13.60
CA GLU A 111 5.30 51.87 -13.37
C GLU A 111 5.72 52.28 -11.97
N GLU A 112 6.10 53.55 -11.82
CA GLU A 112 6.41 54.12 -10.52
C GLU A 112 5.17 54.85 -10.04
N PHE A 113 4.88 54.74 -8.74
CA PHE A 113 3.72 55.40 -8.15
C PHE A 113 4.14 56.61 -7.31
N GLY A 114 5.44 56.88 -7.29
CA GLY A 114 6.00 57.95 -6.47
C GLY A 114 7.05 57.39 -5.54
N ASP A 115 7.28 58.10 -4.44
CA ASP A 115 8.23 57.66 -3.43
C ASP A 115 7.47 56.79 -2.45
N VAL A 116 7.36 55.50 -2.77
CA VAL A 116 6.58 54.56 -1.96
C VAL A 116 7.41 54.08 -0.77
N GLU A 117 6.88 54.36 0.42
CA GLU A 117 7.54 54.03 1.67
C GLU A 117 7.21 52.59 2.11
N ALA A 118 6.07 52.08 1.68
CA ALA A 118 5.64 50.75 2.06
C ALA A 118 4.37 50.34 1.32
N ILE A 119 4.23 49.03 1.12
CA ILE A 119 2.98 48.45 0.66
C ILE A 119 2.43 47.49 1.71
N PHE A 120 1.23 47.79 2.20
CA PHE A 120 0.48 46.85 3.04
C PHE A 120 -0.45 46.08 2.12
N HIS A 121 -0.13 44.82 1.89
CA HIS A 121 -0.88 44.01 0.94
C HIS A 121 -1.93 43.14 1.65
N GLU A 122 -3.09 43.73 1.90
CA GLU A 122 -4.21 43.02 2.53
C GLU A 122 -5.21 42.53 1.48
N GLY A 123 -5.02 42.96 0.24
CA GLY A 123 -5.90 42.58 -0.84
C GLY A 123 -5.84 41.11 -1.18
N ALA A 124 -7.01 40.47 -1.16
CA ALA A 124 -7.14 39.05 -1.48
C ALA A 124 -8.59 38.67 -1.52
N CYS A 125 -8.88 37.57 -2.20
CA CYS A 125 -10.16 36.89 -2.07
C CYS A 125 -10.15 36.26 -0.68
N SER A 126 -11.02 36.75 0.20
CA SER A 126 -10.96 36.37 1.61
C SER A 126 -11.98 35.29 1.96
N SER A 127 -12.68 34.75 0.97
CA SER A 127 -13.74 33.79 1.24
C SER A 127 -13.19 32.38 1.34
N THR A 128 -13.43 31.73 2.47
CA THR A 128 -12.99 30.36 2.69
C THR A 128 -13.85 29.35 1.92
N THR A 129 -15.02 29.79 1.46
CA THR A 129 -15.96 28.92 0.77
C THR A 129 -15.94 29.13 -0.75
N GLU A 130 -15.00 29.94 -1.22
CA GLU A 130 -14.76 30.11 -2.65
C GLU A 130 -13.90 28.96 -3.14
N TRP A 131 -14.41 28.19 -4.11
CA TRP A 131 -13.72 27.00 -4.57
C TRP A 131 -13.22 27.05 -6.02
N ASP A 132 -13.35 28.22 -6.66
CA ASP A 132 -12.68 28.44 -7.93
C ASP A 132 -11.19 28.68 -7.64
N GLY A 133 -10.40 27.63 -7.75
CA GLY A 133 -8.98 27.68 -7.42
C GLY A 133 -8.14 28.37 -8.48
N LYS A 134 -8.63 28.44 -9.71
CA LYS A 134 -7.94 29.16 -10.77
C LYS A 134 -7.93 30.64 -10.39
N TYR A 135 -9.10 31.16 -10.05
CA TYR A 135 -9.22 32.53 -9.58
C TYR A 135 -8.43 32.75 -8.29
N MET A 136 -8.54 31.80 -7.36
CA MET A 136 -7.90 31.93 -6.06
C MET A 136 -6.37 31.99 -6.16
N MET A 137 -5.78 31.08 -6.93
CA MET A 137 -4.33 31.05 -7.08
C MET A 137 -3.85 32.29 -7.84
N ASP A 138 -4.71 32.81 -8.68
CA ASP A 138 -4.36 33.96 -9.49
C ASP A 138 -4.44 35.27 -8.72
N ASN A 139 -5.62 35.50 -8.12
CA ASN A 139 -5.92 36.72 -7.42
C ASN A 139 -5.16 36.83 -6.08
N ASN A 140 -4.84 35.68 -5.50
CA ASN A 140 -4.12 35.65 -4.24
C ASN A 140 -2.63 35.38 -4.43
N TYR A 141 -2.30 34.14 -4.80
CA TYR A 141 -0.92 33.69 -4.88
C TYR A 141 -0.09 34.46 -5.93
N GLN A 142 -0.56 34.44 -7.17
CA GLN A 142 0.19 35.06 -8.27
C GLN A 142 0.26 36.58 -8.13
N TYR A 143 -0.86 37.18 -7.73
CA TYR A 143 -0.94 38.63 -7.51
C TYR A 143 0.10 39.05 -6.47
N SER A 144 0.17 38.28 -5.39
CA SER A 144 1.08 38.58 -4.29
C SER A 144 2.54 38.46 -4.73
N LYS A 145 2.83 37.46 -5.57
CA LYS A 145 4.17 37.30 -6.13
C LYS A 145 4.62 38.51 -6.95
N GLU A 146 3.71 39.01 -7.79
CA GLU A 146 4.02 40.14 -8.67
C GLU A 146 4.35 41.37 -7.85
N LEU A 147 3.59 41.56 -6.79
CA LEU A 147 3.75 42.70 -5.90
C LEU A 147 5.06 42.57 -5.11
N LEU A 148 5.30 41.36 -4.61
CA LEU A 148 6.52 41.08 -3.86
C LEU A 148 7.76 41.42 -4.67
N HIS A 149 7.79 40.96 -5.92
CA HIS A 149 8.95 41.20 -6.79
C HIS A 149 9.11 42.67 -7.16
N TYR A 150 7.98 43.37 -7.29
CA TYR A 150 7.99 44.79 -7.57
C TYR A 150 8.65 45.54 -6.42
N CYS A 151 8.26 45.20 -5.19
CA CYS A 151 8.79 45.83 -3.98
C CYS A 151 10.25 45.47 -3.76
N LEU A 152 10.58 44.24 -4.13
CA LEU A 152 11.90 43.68 -3.91
C LEU A 152 12.93 44.39 -4.79
N GLU A 153 12.53 44.65 -6.03
CA GLU A 153 13.36 45.36 -7.01
C GLU A 153 13.64 46.81 -6.60
N ARG A 154 12.72 47.38 -5.81
CA ARG A 154 12.79 48.79 -5.41
C ARG A 154 13.10 48.97 -3.93
N GLU A 155 13.32 47.86 -3.22
CA GLU A 155 13.60 47.88 -1.78
C GLU A 155 12.49 48.58 -1.00
N ILE A 156 11.24 48.33 -1.43
CA ILE A 156 10.06 48.84 -0.76
C ILE A 156 9.59 47.82 0.27
N PRO A 157 9.48 48.22 1.54
CA PRO A 157 8.93 47.32 2.54
C PRO A 157 7.59 46.72 2.13
N PHE A 158 7.49 45.41 2.29
CA PHE A 158 6.32 44.66 1.83
C PHE A 158 5.74 43.89 3.01
N LEU A 159 4.56 44.31 3.45
CA LEU A 159 3.88 43.71 4.60
C LEU A 159 2.52 43.15 4.17
N TYR A 160 2.40 41.83 4.18
CA TYR A 160 1.25 41.16 3.57
C TYR A 160 0.45 40.32 4.54
N ALA A 161 -0.73 39.89 4.08
CA ALA A 161 -1.65 39.11 4.88
C ALA A 161 -1.51 37.62 4.59
N SER A 162 -1.16 36.86 5.61
CA SER A 162 -1.24 35.40 5.59
C SER A 162 -2.52 35.03 6.31
N SER A 163 -2.63 33.79 6.74
CA SER A 163 -3.83 33.33 7.45
C SER A 163 -3.57 32.08 8.27
N ALA A 164 -4.21 32.01 9.44
CA ALA A 164 -4.13 30.84 10.31
C ALA A 164 -4.85 29.63 9.72
N ALA A 165 -5.63 29.86 8.65
CA ALA A 165 -6.19 28.77 7.86
C ALA A 165 -5.09 27.86 7.31
N THR A 166 -3.86 28.38 7.20
CA THR A 166 -2.73 27.59 6.72
C THR A 166 -2.43 26.40 7.64
N TYR A 167 -2.84 26.49 8.90
CA TYR A 167 -2.57 25.44 9.88
C TYR A 167 -3.48 24.23 9.72
N GLY A 168 -4.65 24.45 9.11
CA GLY A 168 -5.63 23.37 8.93
C GLY A 168 -6.10 22.81 10.26
N GLY A 169 -6.37 21.51 10.27
CA GLY A 169 -6.93 20.84 11.42
C GLY A 169 -5.87 20.45 12.45
N ARG A 170 -5.97 21.04 13.62
CA ARG A 170 -4.87 21.00 14.57
C ARG A 170 -5.37 21.32 15.98
N THR A 171 -4.77 20.69 16.98
CA THR A 171 -5.17 20.88 18.37
C THR A 171 -4.10 21.58 19.22
N SER A 172 -2.94 21.82 18.62
CA SER A 172 -1.86 22.55 19.28
C SER A 172 -0.73 22.85 18.31
N ASP A 173 0.28 23.58 18.80
CA ASP A 173 1.49 23.88 18.03
C ASP A 173 1.19 24.63 16.75
N PHE A 174 0.49 25.74 16.89
CA PHE A 174 0.24 26.64 15.76
C PHE A 174 1.48 27.50 15.60
N ILE A 175 2.52 26.88 15.05
CA ILE A 175 3.84 27.49 14.92
C ILE A 175 4.18 27.76 13.45
N GLU A 176 4.83 28.89 13.20
CA GLU A 176 5.06 29.38 11.84
C GLU A 176 6.15 28.58 11.12
N SER A 177 5.85 27.32 10.85
CA SER A 177 6.79 26.45 10.16
C SER A 177 6.03 25.41 9.34
N ARG A 178 6.61 25.03 8.21
CA ARG A 178 5.93 24.21 7.21
C ARG A 178 5.32 22.92 7.78
N GLU A 179 6.00 22.33 8.75
CA GLU A 179 5.57 21.04 9.32
C GLU A 179 4.23 21.14 10.06
N TYR A 180 3.83 22.36 10.41
CA TYR A 180 2.59 22.58 11.16
C TYR A 180 1.48 23.08 10.25
N GLU A 181 1.76 23.12 8.95
CA GLU A 181 0.84 23.72 7.99
C GLU A 181 0.25 22.66 7.07
N LYS A 182 -1.08 22.69 6.95
CA LYS A 182 -1.82 21.77 6.09
C LYS A 182 -3.26 22.27 5.92
N PRO A 183 -3.45 23.32 5.10
CA PRO A 183 -4.76 23.94 4.94
C PRO A 183 -5.85 22.98 4.48
N LEU A 184 -7.08 23.29 4.84
CA LEU A 184 -8.23 22.43 4.55
C LEU A 184 -9.04 22.93 3.36
N ASN A 185 -8.66 24.07 2.80
CA ASN A 185 -9.33 24.60 1.62
C ASN A 185 -8.39 25.34 0.69
N VAL A 186 -8.86 25.63 -0.51
CA VAL A 186 -8.01 26.22 -1.53
C VAL A 186 -7.63 27.66 -1.17
N PHE A 187 -8.50 28.37 -0.46
CA PHE A 187 -8.13 29.68 0.07
C PHE A 187 -6.86 29.54 0.91
N GLY A 188 -6.90 28.60 1.85
CA GLY A 188 -5.78 28.34 2.73
C GLY A 188 -4.53 27.91 1.97
N TYR A 189 -4.72 27.15 0.91
CA TYR A 189 -3.60 26.71 0.08
C TYR A 189 -2.92 27.90 -0.60
N SER A 190 -3.74 28.83 -1.11
CA SER A 190 -3.23 30.01 -1.80
C SER A 190 -2.36 30.83 -0.85
N LYS A 191 -2.74 30.88 0.42
CA LYS A 191 -1.97 31.56 1.45
C LYS A 191 -0.73 30.78 1.82
N PHE A 192 -0.88 29.48 1.99
CA PHE A 192 0.23 28.62 2.35
C PHE A 192 1.35 28.70 1.31
N LEU A 193 0.99 28.58 0.03
CA LEU A 193 1.98 28.48 -1.02
C LEU A 193 2.76 29.79 -1.15
N PHE A 194 2.10 30.91 -0.91
CA PHE A 194 2.80 32.19 -0.94
C PHE A 194 3.75 32.34 0.23
N ASP A 195 3.37 31.85 1.39
CA ASP A 195 4.28 31.85 2.55
C ASP A 195 5.52 31.02 2.22
N GLU A 196 5.32 29.89 1.55
CA GLU A 196 6.44 29.06 1.13
C GLU A 196 7.32 29.77 0.11
N TYR A 197 6.70 30.58 -0.74
CA TYR A 197 7.43 31.34 -1.74
C TYR A 197 8.28 32.41 -1.06
N VAL A 198 7.69 33.08 -0.07
CA VAL A 198 8.37 34.10 0.70
C VAL A 198 9.58 33.51 1.43
N ARG A 199 9.44 32.29 1.92
CA ARG A 199 10.54 31.61 2.62
C ARG A 199 11.74 31.34 1.71
N GLN A 200 11.47 31.12 0.42
CA GLN A 200 12.55 30.90 -0.56
C GLN A 200 13.29 32.22 -0.84
N ILE A 201 12.56 33.33 -0.70
CA ILE A 201 13.05 34.66 -1.05
C ILE A 201 13.76 35.38 0.09
N LEU A 202 13.32 35.14 1.33
CA LEU A 202 13.82 35.85 2.50
C LEU A 202 15.35 35.91 2.61
N PRO A 203 16.03 34.75 2.51
CA PRO A 203 17.47 34.72 2.80
C PRO A 203 18.29 35.75 2.01
N GLU A 204 17.76 36.21 0.89
CA GLU A 204 18.48 37.16 0.05
C GLU A 204 17.74 38.47 -0.21
N ALA A 205 16.60 38.66 0.43
CA ALA A 205 15.90 39.94 0.37
C ALA A 205 16.79 41.03 1.00
N ASN A 206 16.81 42.20 0.36
CA ASN A 206 17.54 43.35 0.88
C ASN A 206 16.60 44.41 1.41
N SER A 207 15.34 44.03 1.59
CA SER A 207 14.33 44.92 2.15
C SER A 207 13.27 44.13 2.91
N GLN A 208 12.53 44.81 3.77
CA GLN A 208 11.58 44.17 4.66
C GLN A 208 10.50 43.38 3.93
N ILE A 209 10.34 42.13 4.35
CA ILE A 209 9.22 41.30 3.96
C ILE A 209 8.60 40.72 5.22
N VAL A 210 7.33 41.04 5.47
CA VAL A 210 6.64 40.53 6.64
C VAL A 210 5.26 39.99 6.26
N GLY A 211 4.99 38.77 6.69
CA GLY A 211 3.67 38.17 6.54
C GLY A 211 3.00 38.05 7.91
N PHE A 212 1.76 38.48 7.98
CA PHE A 212 0.98 38.37 9.21
C PHE A 212 -0.05 37.29 9.09
N ARG A 213 0.11 36.27 9.92
CA ARG A 213 -0.79 35.14 9.91
C ARG A 213 -1.95 35.43 10.85
N TYR A 214 -2.95 36.13 10.32
CA TYR A 214 -4.10 36.55 11.11
C TYR A 214 -4.91 35.33 11.54
N PHE A 215 -5.39 35.34 12.77
CA PHE A 215 -6.31 34.32 13.23
C PHE A 215 -7.74 34.81 13.01
N ASN A 216 -8.61 34.79 14.01
CA ASN A 216 -10.00 35.24 13.80
C ASN A 216 -10.17 36.72 14.13
N VAL A 217 -10.03 37.54 13.10
CA VAL A 217 -10.09 38.97 13.28
C VAL A 217 -11.56 39.42 13.29
N TYR A 218 -11.89 40.32 14.22
CA TYR A 218 -13.24 40.87 14.30
C TYR A 218 -13.17 42.33 14.68
N GLY A 219 -14.21 43.08 14.31
CA GLY A 219 -14.29 44.49 14.65
C GLY A 219 -14.86 45.34 13.53
N PRO A 220 -14.82 46.67 13.71
CA PRO A 220 -15.38 47.63 12.78
C PRO A 220 -14.84 47.54 11.36
N ARG A 221 -15.74 47.71 10.39
CA ARG A 221 -15.44 47.85 8.96
C ARG A 221 -15.47 46.53 8.20
N GLU A 222 -16.21 45.55 8.72
CA GLU A 222 -16.35 44.23 8.07
C GLU A 222 -17.80 43.98 7.62
N GLY A 223 -18.62 45.02 7.66
CA GLY A 223 -20.05 44.90 7.36
C GLY A 223 -20.39 44.51 5.93
N HIS A 224 -19.39 44.51 5.06
CA HIS A 224 -19.55 44.14 3.66
C HIS A 224 -19.27 42.66 3.40
N LYS A 225 -18.70 41.98 4.40
CA LYS A 225 -18.16 40.63 4.17
C LYS A 225 -19.20 39.52 4.09
N GLY A 226 -20.46 39.85 4.40
CA GLY A 226 -21.55 38.87 4.32
C GLY A 226 -21.29 37.66 5.20
N SER A 227 -21.33 36.48 4.59
CA SER A 227 -21.14 35.23 5.32
C SER A 227 -19.73 35.09 5.91
N MET A 228 -18.79 35.88 5.39
CA MET A 228 -17.41 35.84 5.87
C MET A 228 -17.14 36.86 6.99
N ALA A 229 -18.16 37.61 7.38
CA ALA A 229 -18.06 38.51 8.53
C ALA A 229 -17.93 37.70 9.80
N SER A 230 -17.39 38.33 10.84
CA SER A 230 -17.22 37.68 12.14
C SER A 230 -18.56 37.23 12.72
N VAL A 231 -18.52 36.21 13.56
CA VAL A 231 -19.71 35.73 14.27
C VAL A 231 -20.29 36.86 15.11
N ALA A 232 -19.42 37.65 15.73
CA ALA A 232 -19.84 38.81 16.51
C ALA A 232 -20.74 39.72 15.70
N PHE A 233 -20.32 40.00 14.46
CA PHE A 233 -21.10 40.87 13.59
C PHE A 233 -22.45 40.23 13.26
N HIS A 234 -22.43 38.94 12.96
CA HIS A 234 -23.65 38.21 12.63
C HIS A 234 -24.64 38.21 13.79
N LEU A 235 -24.14 38.01 14.99
CA LEU A 235 -24.97 37.97 16.19
C LEU A 235 -25.63 39.33 16.42
N ASN A 236 -24.84 40.40 16.25
CA ASN A 236 -25.35 41.75 16.39
C ASN A 236 -26.48 42.03 15.41
N THR A 237 -26.25 41.63 14.15
CA THR A 237 -27.23 41.84 13.08
C THR A 237 -28.53 41.11 13.39
N GLN A 238 -28.39 39.85 13.79
CA GLN A 238 -29.53 39.01 14.13
C GLN A 238 -30.34 39.61 15.29
N LEU A 239 -29.65 40.02 16.35
CA LEU A 239 -30.30 40.56 17.53
C LEU A 239 -31.05 41.86 17.21
N ASN A 240 -30.44 42.70 16.38
CA ASN A 240 -31.06 43.96 15.99
C ASN A 240 -32.23 43.78 15.03
N ASN A 241 -32.29 42.64 14.35
CA ASN A 241 -33.42 42.30 13.47
C ASN A 241 -34.50 41.53 14.20
N GLY A 242 -34.35 41.37 15.51
CA GLY A 242 -35.33 40.64 16.33
C GLY A 242 -35.24 39.14 16.11
N GLU A 243 -34.14 38.68 15.53
CA GLU A 243 -33.91 37.27 15.27
C GLU A 243 -33.09 36.64 16.38
N SER A 244 -33.23 35.33 16.53
CA SER A 244 -32.43 34.57 17.49
C SER A 244 -30.97 34.62 17.08
N PRO A 245 -30.05 34.83 18.04
CA PRO A 245 -28.63 34.75 17.72
C PRO A 245 -28.20 33.30 17.49
N LYS A 246 -27.49 33.04 16.39
CA LYS A 246 -27.24 31.67 15.91
C LYS A 246 -25.77 31.23 15.95
N LEU A 247 -25.56 30.02 16.47
CA LEU A 247 -24.26 29.35 16.43
C LEU A 247 -24.41 27.98 15.79
N PHE A 248 -23.34 27.51 15.15
CA PHE A 248 -23.33 26.16 14.58
C PHE A 248 -23.47 25.15 15.70
N GLU A 249 -24.21 24.08 15.42
CA GLU A 249 -24.24 22.92 16.29
C GLU A 249 -22.81 22.43 16.51
N GLY A 250 -22.46 22.17 17.76
CA GLY A 250 -21.14 21.68 18.12
C GLY A 250 -20.18 22.80 18.51
N SER A 251 -20.71 24.03 18.58
CA SER A 251 -19.90 25.21 18.90
C SER A 251 -19.37 25.21 20.33
N GLU A 252 -19.93 24.35 21.17
CA GLU A 252 -19.41 24.12 22.51
C GLU A 252 -17.93 23.81 22.39
N ASN A 253 -17.64 22.82 21.54
CA ASN A 253 -16.30 22.29 21.36
C ASN A 253 -15.48 23.03 20.30
N PHE A 254 -16.01 24.13 19.75
CA PHE A 254 -15.26 24.92 18.78
C PHE A 254 -14.68 26.17 19.42
N LYS A 255 -13.39 26.38 19.21
CA LYS A 255 -12.69 27.52 19.78
C LYS A 255 -11.77 28.14 18.76
N ARG A 256 -11.64 29.46 18.82
CA ARG A 256 -10.73 30.18 17.96
C ARG A 256 -9.97 31.23 18.74
N ASP A 257 -8.82 31.62 18.21
CA ASP A 257 -8.12 32.78 18.70
C ASP A 257 -8.72 34.03 18.06
N PHE A 258 -9.71 34.60 18.74
CA PHE A 258 -10.38 35.80 18.27
C PHE A 258 -9.52 37.01 18.62
N VAL A 259 -9.21 37.83 17.62
CA VAL A 259 -8.33 38.98 17.81
C VAL A 259 -8.97 40.25 17.24
N TYR A 260 -8.96 41.31 18.04
CA TYR A 260 -9.59 42.56 17.67
C TYR A 260 -8.79 43.26 16.57
N VAL A 261 -9.50 43.78 15.56
CA VAL A 261 -8.87 44.38 14.39
C VAL A 261 -7.99 45.58 14.73
N GLY A 262 -8.34 46.30 15.80
CA GLY A 262 -7.54 47.42 16.27
C GLY A 262 -6.11 47.00 16.60
N ASP A 263 -5.97 45.83 17.21
CA ASP A 263 -4.66 45.29 17.58
C ASP A 263 -3.90 44.84 16.33
N VAL A 264 -4.64 44.27 15.38
CA VAL A 264 -4.06 43.85 14.11
C VAL A 264 -3.42 45.04 13.37
N ALA A 265 -4.14 46.17 13.35
CA ALA A 265 -3.63 47.39 12.72
C ALA A 265 -2.38 47.90 13.44
N ASP A 266 -2.41 47.85 14.77
CA ASP A 266 -1.28 48.30 15.58
C ASP A 266 -0.03 47.47 15.31
N VAL A 267 -0.19 46.15 15.20
CA VAL A 267 0.93 45.26 14.91
C VAL A 267 1.54 45.61 13.55
N ASN A 268 0.68 45.81 12.56
CA ASN A 268 1.12 46.18 11.21
C ASN A 268 2.00 47.42 11.21
N LEU A 269 1.55 48.47 11.89
CA LEU A 269 2.31 49.72 11.94
C LEU A 269 3.60 49.57 12.72
N TRP A 270 3.57 48.79 13.79
CA TRP A 270 4.77 48.55 14.59
C TRP A 270 5.86 47.93 13.73
N PHE A 271 5.50 46.95 12.91
CA PHE A 271 6.46 46.27 12.05
C PHE A 271 7.02 47.19 10.97
N LEU A 272 6.17 48.07 10.44
CA LEU A 272 6.64 49.06 9.48
C LEU A 272 7.69 49.96 10.17
N GLU A 273 7.40 50.35 11.40
CA GLU A 273 8.29 51.23 12.16
C GLU A 273 9.61 50.56 12.51
N ASN A 274 9.58 49.25 12.76
CA ASN A 274 10.75 48.55 13.30
C ASN A 274 11.55 47.73 12.28
N GLY A 275 10.95 47.43 11.13
CA GLY A 275 11.68 46.90 9.98
C GLY A 275 12.02 45.42 10.00
N VAL A 276 11.45 44.69 10.97
CA VAL A 276 11.70 43.25 11.11
C VAL A 276 11.01 42.45 10.00
N SER A 277 11.72 41.45 9.48
CA SER A 277 11.20 40.54 8.45
C SER A 277 10.81 39.18 9.05
N GLY A 278 9.92 38.48 8.36
CA GLY A 278 9.53 37.12 8.72
C GLY A 278 8.06 36.85 8.52
N ILE A 279 7.62 35.69 9.02
CA ILE A 279 6.20 35.32 9.02
C ILE A 279 5.76 35.12 10.47
N PHE A 280 4.75 35.88 10.90
CA PHE A 280 4.38 35.94 12.30
C PHE A 280 2.90 35.72 12.55
N ASN A 281 2.60 34.82 13.47
CA ASN A 281 1.25 34.64 13.97
C ASN A 281 0.74 35.96 14.54
N LEU A 282 -0.52 36.26 14.25
CA LEU A 282 -1.17 37.43 14.80
C LEU A 282 -2.51 37.02 15.41
N GLY A 283 -2.47 36.76 16.71
CA GLY A 283 -3.64 36.47 17.51
C GLY A 283 -3.37 36.87 18.95
N THR A 284 -4.30 36.58 19.84
CA THR A 284 -4.14 36.94 21.24
C THR A 284 -3.28 35.92 21.98
N GLY A 285 -3.15 34.73 21.39
CA GLY A 285 -2.48 33.62 22.05
C GLY A 285 -3.43 32.85 22.95
N ARG A 286 -4.68 33.32 23.05
CA ARG A 286 -5.70 32.66 23.85
C ARG A 286 -6.85 32.20 22.97
N ALA A 287 -7.19 30.92 23.06
CA ALA A 287 -8.34 30.37 22.36
C ALA A 287 -9.58 30.52 23.21
N GLU A 288 -10.67 30.99 22.59
CA GLU A 288 -11.94 31.11 23.29
C GLU A 288 -13.04 30.50 22.44
N SER A 289 -14.07 30.01 23.12
CA SER A 289 -15.20 29.39 22.44
C SER A 289 -16.05 30.43 21.73
N PHE A 290 -16.77 29.99 20.70
CA PHE A 290 -17.75 30.84 20.05
C PHE A 290 -18.85 31.27 21.03
N GLN A 291 -19.06 30.45 22.06
CA GLN A 291 -20.02 30.77 23.11
C GLN A 291 -19.57 32.01 23.87
N ALA A 292 -18.26 32.16 24.08
CA ALA A 292 -17.72 33.32 24.78
C ALA A 292 -18.01 34.60 23.99
N VAL A 293 -17.88 34.51 22.67
CA VAL A 293 -18.22 35.65 21.80
C VAL A 293 -19.70 35.95 21.90
N ALA A 294 -20.52 34.90 21.90
CA ALA A 294 -21.97 35.03 22.06
C ALA A 294 -22.33 35.65 23.41
N ASP A 295 -21.68 35.20 24.48
CA ASP A 295 -21.94 35.71 25.83
C ASP A 295 -21.68 37.21 25.94
N ALA A 296 -20.55 37.64 25.38
CA ALA A 296 -20.18 39.06 25.42
C ALA A 296 -21.18 39.88 24.59
N THR A 297 -21.67 39.30 23.50
CA THR A 297 -22.60 39.97 22.61
C THR A 297 -23.99 40.10 23.23
N LEU A 298 -24.49 39.00 23.80
CA LEU A 298 -25.79 38.98 24.45
C LEU A 298 -25.80 39.83 25.71
N ALA A 299 -24.65 39.88 26.39
CA ALA A 299 -24.50 40.71 27.59
C ALA A 299 -24.66 42.18 27.25
N TYR A 300 -24.11 42.59 26.10
CA TYR A 300 -24.22 43.98 25.66
C TYR A 300 -25.66 44.32 25.30
N HIS A 301 -26.30 43.43 24.54
CA HIS A 301 -27.68 43.65 24.07
C HIS A 301 -28.71 43.43 25.17
N LYS A 302 -28.29 42.83 26.27
CA LYS A 302 -29.16 42.55 27.43
C LYS A 302 -30.38 41.73 27.05
N LYS A 303 -30.25 40.91 26.01
CA LYS A 303 -31.31 39.99 25.60
C LYS A 303 -30.75 38.91 24.70
N GLY A 304 -31.59 37.95 24.36
CA GLY A 304 -31.25 36.95 23.37
C GLY A 304 -30.99 35.58 23.95
N GLN A 305 -31.27 34.57 23.13
CA GLN A 305 -31.02 33.19 23.49
C GLN A 305 -30.45 32.45 22.27
N ILE A 306 -29.26 31.89 22.43
CA ILE A 306 -28.58 31.22 21.32
C ILE A 306 -29.41 30.08 20.75
N GLU A 307 -29.61 30.11 19.44
CA GLU A 307 -30.17 28.98 18.72
C GLU A 307 -29.05 28.28 17.93
N TYR A 308 -28.99 26.95 18.08
CA TYR A 308 -27.99 26.16 17.38
C TYR A 308 -28.57 25.63 16.07
N ILE A 309 -27.86 25.91 14.99
CA ILE A 309 -28.30 25.54 13.64
C ILE A 309 -27.41 24.43 13.09
N PRO A 310 -27.92 23.68 12.10
CA PRO A 310 -27.12 22.62 11.49
C PRO A 310 -25.77 23.10 11.00
N PHE A 311 -24.74 22.32 11.28
CA PHE A 311 -23.40 22.63 10.78
C PHE A 311 -23.43 22.63 9.26
N PRO A 312 -23.04 23.75 8.63
CA PRO A 312 -23.16 23.86 7.18
C PRO A 312 -22.41 22.75 6.44
N ASP A 313 -23.09 22.18 5.47
CA ASP A 313 -22.61 21.02 4.73
C ASP A 313 -21.32 21.29 3.98
N LYS A 314 -21.19 22.49 3.41
CA LYS A 314 -20.03 22.81 2.58
C LYS A 314 -18.78 23.11 3.41
N LEU A 315 -18.94 23.16 4.73
CA LEU A 315 -17.80 23.37 5.64
C LEU A 315 -17.28 22.05 6.21
N LYS A 316 -18.03 20.97 6.04
CA LYS A 316 -17.62 19.67 6.56
C LYS A 316 -16.33 19.16 5.91
N GLY A 317 -15.36 18.83 6.75
CA GLY A 317 -14.03 18.41 6.30
C GLY A 317 -13.14 19.59 5.93
N ARG A 318 -13.68 20.81 6.03
CA ARG A 318 -12.98 22.02 5.63
C ARG A 318 -12.81 22.99 6.80
N TYR A 319 -13.13 22.53 8.00
CA TYR A 319 -13.34 23.40 9.16
C TYR A 319 -12.29 23.24 10.25
N GLN A 320 -11.77 24.36 10.73
CA GLN A 320 -10.88 24.37 11.88
C GLN A 320 -11.71 24.42 13.17
N ALA A 321 -11.65 23.35 13.96
CA ALA A 321 -12.40 23.24 15.20
C ALA A 321 -11.69 23.96 16.34
N PHE A 322 -10.41 24.26 16.15
CA PHE A 322 -9.59 24.87 17.17
C PHE A 322 -8.42 25.65 16.57
N THR A 323 -8.26 26.90 17.03
CA THR A 323 -7.05 27.67 16.76
C THR A 323 -6.58 28.41 18.00
N GLN A 324 -5.26 28.53 18.13
CA GLN A 324 -4.64 29.31 19.19
C GLN A 324 -3.26 29.73 18.76
N ALA A 325 -3.06 31.03 18.62
CA ALA A 325 -1.78 31.55 18.17
C ALA A 325 -0.68 31.23 19.18
N ASP A 326 0.44 30.70 18.68
CA ASP A 326 1.66 30.63 19.46
C ASP A 326 2.45 31.90 19.14
N LEU A 327 2.57 32.77 20.14
CA LEU A 327 3.12 34.11 19.94
C LEU A 327 4.61 34.20 20.20
N THR A 328 5.27 33.05 20.34
CA THR A 328 6.68 33.01 20.67
C THR A 328 7.51 33.88 19.70
N ASN A 329 7.32 33.67 18.41
CA ASN A 329 8.10 34.39 17.41
C ASN A 329 7.74 35.87 17.34
N LEU A 330 6.46 36.18 17.52
CA LEU A 330 5.99 37.57 17.53
C LEU A 330 6.64 38.36 18.65
N ARG A 331 6.67 37.78 19.86
CA ARG A 331 7.28 38.45 21.01
C ARG A 331 8.79 38.54 20.87
N ALA A 332 9.39 37.50 20.30
CA ALA A 332 10.85 37.45 20.11
C ALA A 332 11.30 38.50 19.10
N ALA A 333 10.38 38.92 18.23
CA ALA A 333 10.66 39.98 17.25
C ALA A 333 10.69 41.35 17.91
N GLY A 334 10.08 41.46 19.10
CA GLY A 334 10.07 42.70 19.85
C GLY A 334 8.69 43.29 20.08
N TYR A 335 7.66 42.69 19.49
CA TYR A 335 6.29 43.18 19.71
C TYR A 335 5.79 42.70 21.05
N ASP A 336 5.70 43.62 22.02
CA ASP A 336 5.48 43.27 23.42
C ASP A 336 4.15 43.78 23.97
N LYS A 337 3.27 44.26 23.10
CA LYS A 337 2.02 44.86 23.56
C LYS A 337 0.95 43.80 23.77
N PRO A 338 0.04 44.06 24.72
CA PRO A 338 -1.02 43.12 25.02
C PRO A 338 -2.10 43.14 23.96
N PHE A 339 -2.90 42.08 23.95
CA PHE A 339 -4.04 41.96 23.06
C PHE A 339 -5.34 42.00 23.85
N LYS A 340 -6.33 42.69 23.29
CA LYS A 340 -7.64 42.72 23.89
C LYS A 340 -8.26 41.33 23.91
N THR A 341 -8.89 41.00 25.03
CA THR A 341 -9.63 39.75 25.17
C THR A 341 -10.92 39.84 24.39
N VAL A 342 -11.60 38.71 24.23
CA VAL A 342 -12.90 38.66 23.57
C VAL A 342 -13.91 39.55 24.31
N ALA A 343 -13.90 39.51 25.63
CA ALA A 343 -14.84 40.31 26.42
C ALA A 343 -14.64 41.79 26.16
N GLU A 344 -13.38 42.22 26.14
CA GLU A 344 -13.03 43.61 25.87
C GLU A 344 -13.38 44.01 24.45
N GLY A 345 -12.82 43.28 23.49
CA GLY A 345 -12.95 43.61 22.08
C GLY A 345 -14.39 43.59 21.60
N VAL A 346 -15.11 42.53 21.94
CA VAL A 346 -16.48 42.39 21.49
C VAL A 346 -17.37 43.47 22.08
N THR A 347 -17.13 43.81 23.35
CA THR A 347 -17.90 44.88 24.01
C THR A 347 -17.64 46.21 23.32
N GLU A 348 -16.37 46.50 23.05
CA GLU A 348 -16.00 47.72 22.33
C GLU A 348 -16.63 47.73 20.93
N TYR A 349 -16.63 46.58 20.28
CA TYR A 349 -17.16 46.43 18.93
C TYR A 349 -18.67 46.67 18.91
N MET A 350 -19.38 46.12 19.89
CA MET A 350 -20.83 46.29 19.98
C MET A 350 -21.22 47.75 20.19
N ALA A 351 -20.40 48.47 20.96
CA ALA A 351 -20.63 49.89 21.18
C ALA A 351 -20.48 50.68 19.89
N TRP A 352 -19.49 50.29 19.08
CA TRP A 352 -19.29 50.93 17.78
C TRP A 352 -20.44 50.61 16.83
N LEU A 353 -20.84 49.34 16.79
CA LEU A 353 -21.90 48.88 15.88
C LEU A 353 -23.23 49.56 16.18
N ASN A 354 -23.41 49.90 17.45
CA ASN A 354 -24.66 50.45 17.93
C ASN A 354 -24.49 51.87 18.44
N MET B 48 15.64 22.41 -11.86
CA MET B 48 14.19 22.27 -11.55
C MET B 48 13.47 21.30 -12.48
N ILE B 49 12.34 20.80 -12.01
CA ILE B 49 11.50 19.91 -12.81
C ILE B 49 10.11 20.50 -12.93
N ILE B 50 9.51 20.36 -14.10
CA ILE B 50 8.15 20.81 -14.34
C ILE B 50 7.23 19.59 -14.44
N VAL B 51 6.13 19.64 -13.71
CA VAL B 51 5.10 18.61 -13.81
C VAL B 51 3.77 19.26 -14.18
N THR B 52 3.34 19.06 -15.42
CA THR B 52 2.01 19.51 -15.84
C THR B 52 1.02 18.45 -15.38
N GLY B 53 -0.21 18.86 -15.10
CA GLY B 53 -1.18 17.96 -14.48
C GLY B 53 -0.76 17.59 -13.06
N GLY B 54 0.15 18.39 -12.51
CA GLY B 54 0.76 18.13 -11.22
C GLY B 54 -0.17 18.23 -10.02
N ALA B 55 -1.32 18.88 -10.19
CA ALA B 55 -2.35 18.92 -9.15
C ALA B 55 -3.36 17.80 -9.37
N GLY B 56 -3.20 17.11 -10.49
CA GLY B 56 -4.06 15.98 -10.83
C GLY B 56 -3.57 14.68 -10.22
N PHE B 57 -4.19 13.59 -10.65
CA PHE B 57 -3.96 12.27 -10.08
C PHE B 57 -2.53 11.76 -10.27
N ILE B 58 -2.17 11.45 -11.52
CA ILE B 58 -0.86 10.88 -11.81
C ILE B 58 0.24 11.90 -11.54
N GLY B 59 -0.01 13.15 -11.92
CA GLY B 59 0.96 14.22 -11.75
C GLY B 59 1.36 14.48 -10.31
N SER B 60 0.38 14.52 -9.41
CA SER B 60 0.67 14.75 -7.99
C SER B 60 1.45 13.57 -7.41
N ASN B 61 1.20 12.38 -7.95
CA ASN B 61 1.93 11.19 -7.53
C ASN B 61 3.39 11.20 -8.00
N ILE B 62 3.63 11.78 -9.17
CA ILE B 62 4.99 11.98 -9.66
C ILE B 62 5.70 13.00 -8.77
N VAL B 63 5.00 14.06 -8.40
CA VAL B 63 5.55 15.08 -7.49
C VAL B 63 5.96 14.44 -6.17
N LYS B 64 5.09 13.58 -5.63
CA LYS B 64 5.39 12.89 -4.38
C LYS B 64 6.62 12.01 -4.54
N ALA B 65 6.69 11.28 -5.64
CA ALA B 65 7.81 10.38 -5.92
C ALA B 65 9.12 11.17 -6.01
N LEU B 66 9.04 12.36 -6.57
CA LEU B 66 10.20 13.25 -6.66
C LEU B 66 10.62 13.71 -5.27
N ASN B 67 9.64 14.13 -4.47
CA ASN B 67 9.90 14.51 -3.06
C ASN B 67 10.62 13.38 -2.30
N ASP B 68 10.20 12.15 -2.54
CA ASP B 68 10.77 11.00 -1.85
C ASP B 68 12.24 10.79 -2.23
N LYS B 69 12.64 11.29 -3.39
CA LYS B 69 14.03 11.25 -3.83
C LYS B 69 14.76 12.57 -3.50
N GLY B 70 14.14 13.39 -2.66
CA GLY B 70 14.77 14.62 -2.17
C GLY B 70 14.66 15.80 -3.13
N ILE B 71 13.79 15.68 -4.13
CA ILE B 71 13.61 16.75 -5.11
C ILE B 71 12.36 17.58 -4.77
N THR B 72 12.56 18.87 -4.56
CA THR B 72 11.48 19.80 -4.24
C THR B 72 11.40 21.02 -5.16
N ASP B 73 12.42 21.23 -5.99
CA ASP B 73 12.44 22.37 -6.92
C ASP B 73 11.56 22.01 -8.12
N ILE B 74 10.25 22.09 -7.88
CA ILE B 74 9.26 21.63 -8.84
C ILE B 74 8.26 22.73 -9.18
N LEU B 75 8.07 22.98 -10.47
CA LEU B 75 7.03 23.85 -10.95
C LEU B 75 5.85 23.00 -11.36
N VAL B 76 4.71 23.20 -10.70
CA VAL B 76 3.48 22.51 -11.06
C VAL B 76 2.67 23.41 -11.99
N VAL B 77 2.23 22.83 -13.11
CA VAL B 77 1.32 23.48 -14.02
C VAL B 77 0.02 22.70 -14.03
N ASP B 78 -1.10 23.39 -13.85
CA ASP B 78 -2.39 22.72 -13.83
C ASP B 78 -3.54 23.70 -14.03
N ASN B 79 -4.75 23.23 -13.76
CA ASN B 79 -5.95 24.06 -13.79
C ASN B 79 -6.73 23.81 -12.51
N LEU B 80 -6.67 24.77 -11.60
CA LEU B 80 -7.26 24.61 -10.27
C LEU B 80 -8.69 25.15 -10.20
N LYS B 81 -9.32 25.36 -11.34
CA LYS B 81 -10.72 25.77 -11.39
C LYS B 81 -11.51 24.99 -10.34
N ASP B 82 -11.38 23.66 -10.39
CA ASP B 82 -11.87 22.81 -9.29
C ASP B 82 -10.85 22.88 -8.16
N GLY B 83 -11.09 23.79 -7.22
CA GLY B 83 -10.16 24.07 -6.14
C GLY B 83 -9.92 22.92 -5.17
N THR B 84 -10.82 21.93 -5.17
CA THR B 84 -10.69 20.77 -4.28
C THR B 84 -9.41 19.98 -4.59
N LYS B 85 -8.85 20.18 -5.78
CA LYS B 85 -7.64 19.48 -6.19
C LYS B 85 -6.41 19.89 -5.37
N PHE B 86 -6.53 20.97 -4.60
CA PHE B 86 -5.40 21.46 -3.82
C PHE B 86 -4.90 20.36 -2.86
N VAL B 87 -5.80 19.51 -2.38
CA VAL B 87 -5.44 18.47 -1.42
C VAL B 87 -4.37 17.52 -1.95
N ASN B 88 -4.30 17.39 -3.27
CA ASN B 88 -3.31 16.53 -3.90
C ASN B 88 -1.89 17.07 -3.75
N LEU B 89 -1.78 18.37 -3.47
CA LEU B 89 -0.48 19.03 -3.32
C LEU B 89 -0.18 19.50 -1.90
N VAL B 90 -1.19 19.50 -1.03
CA VAL B 90 -1.09 20.18 0.26
C VAL B 90 0.01 19.59 1.16
N ASP B 91 0.25 18.29 1.05
CA ASP B 91 1.26 17.61 1.88
C ASP B 91 2.59 17.46 1.14
N LEU B 92 2.68 18.00 -0.07
CA LEU B 92 3.88 17.87 -0.88
C LEU B 92 4.68 19.15 -0.88
N ASN B 93 5.88 19.07 -1.46
CA ASN B 93 6.79 20.20 -1.52
C ASN B 93 7.15 20.55 -2.95
N ILE B 94 6.76 21.75 -3.36
CA ILE B 94 7.03 22.26 -4.69
C ILE B 94 7.60 23.67 -4.57
N ALA B 95 8.08 24.22 -5.69
CA ALA B 95 8.68 25.55 -5.69
C ALA B 95 7.68 26.62 -6.12
N ASP B 96 6.76 26.25 -7.01
CA ASP B 96 5.91 27.25 -7.66
C ASP B 96 4.73 26.59 -8.35
N TYR B 97 3.69 27.39 -8.58
CA TYR B 97 2.50 26.95 -9.29
C TYR B 97 2.17 27.91 -10.42
N MET B 98 1.73 27.35 -11.54
CA MET B 98 1.33 28.15 -12.69
C MET B 98 0.10 27.53 -13.36
N ASP B 99 -0.81 28.38 -13.80
CA ASP B 99 -1.98 27.93 -14.57
C ASP B 99 -1.56 27.51 -15.97
N LYS B 100 -2.23 26.49 -16.49
CA LYS B 100 -1.91 25.89 -17.79
C LYS B 100 -1.93 26.90 -18.95
N GLU B 101 -2.80 27.89 -18.86
CA GLU B 101 -2.94 28.86 -19.94
C GLU B 101 -1.76 29.83 -19.94
N ASP B 102 -1.36 30.26 -18.74
CA ASP B 102 -0.21 31.15 -18.60
C ASP B 102 1.06 30.42 -19.02
N PHE B 103 1.14 29.14 -18.66
CA PHE B 103 2.29 28.32 -19.01
C PHE B 103 2.43 28.22 -20.53
N LEU B 104 1.31 27.96 -21.21
CA LEU B 104 1.31 27.83 -22.66
C LEU B 104 1.79 29.11 -23.32
N ILE B 105 1.32 30.25 -22.83
CA ILE B 105 1.67 31.55 -23.39
C ILE B 105 3.17 31.80 -23.26
N GLN B 106 3.74 31.44 -22.11
CA GLN B 106 5.17 31.64 -21.86
C GLN B 106 6.02 30.68 -22.67
N ILE B 107 5.57 29.43 -22.77
CA ILE B 107 6.21 28.41 -23.60
C ILE B 107 6.29 28.86 -25.05
N MET B 108 5.17 29.32 -25.59
CA MET B 108 5.10 29.73 -26.99
C MET B 108 5.87 31.02 -27.26
N ALA B 109 6.09 31.82 -26.22
CA ALA B 109 6.86 33.05 -26.33
C ALA B 109 8.36 32.77 -26.14
N GLY B 110 8.69 31.52 -25.79
CA GLY B 110 10.08 31.11 -25.64
C GLY B 110 10.71 31.61 -24.34
N GLU B 111 9.90 31.71 -23.29
CA GLU B 111 10.40 32.10 -21.98
C GLU B 111 11.21 30.96 -21.38
N GLU B 112 12.22 31.32 -20.61
CA GLU B 112 13.01 30.35 -19.86
C GLU B 112 12.44 30.29 -18.44
N PHE B 113 12.36 29.08 -17.88
CA PHE B 113 11.86 28.89 -16.52
C PHE B 113 12.98 28.60 -15.55
N GLY B 114 14.21 28.59 -16.05
CA GLY B 114 15.38 28.26 -15.26
C GLY B 114 16.11 27.10 -15.91
N ASP B 115 16.88 26.38 -15.10
CA ASP B 115 17.61 25.21 -15.57
C ASP B 115 16.68 24.00 -15.44
N VAL B 116 15.86 23.78 -16.46
CA VAL B 116 14.87 22.71 -16.43
C VAL B 116 15.50 21.38 -16.80
N GLU B 117 15.41 20.44 -15.87
CA GLU B 117 16.01 19.12 -16.01
C GLU B 117 15.08 18.15 -16.72
N ALA B 118 13.77 18.42 -16.64
CA ALA B 118 12.77 17.56 -17.25
C ALA B 118 11.37 18.15 -17.14
N ILE B 119 10.53 17.81 -18.11
CA ILE B 119 9.11 18.08 -18.02
C ILE B 119 8.33 16.77 -18.04
N PHE B 120 7.56 16.52 -16.99
CA PHE B 120 6.59 15.44 -16.97
C PHE B 120 5.26 16.03 -17.39
N HIS B 121 4.81 15.69 -18.59
CA HIS B 121 3.60 16.29 -19.12
C HIS B 121 2.41 15.35 -18.93
N GLU B 122 1.80 15.43 -17.75
CA GLU B 122 0.60 14.64 -17.42
C GLU B 122 -0.67 15.45 -17.64
N GLY B 123 -0.51 16.74 -17.88
CA GLY B 123 -1.64 17.64 -18.08
C GLY B 123 -2.42 17.35 -19.34
N ALA B 124 -3.73 17.14 -19.17
CA ALA B 124 -4.62 16.87 -20.27
C ALA B 124 -6.06 16.83 -19.79
N CYS B 125 -7.00 17.05 -20.70
CA CYS B 125 -8.40 16.74 -20.45
C CYS B 125 -8.49 15.23 -20.42
N SER B 126 -8.78 14.68 -19.24
CA SER B 126 -8.69 13.24 -19.02
C SER B 126 -10.04 12.55 -19.12
N SER B 127 -11.09 13.27 -19.51
CA SER B 127 -12.43 12.70 -19.55
C SER B 127 -12.71 12.01 -20.88
N THR B 128 -13.02 10.72 -20.80
CA THR B 128 -13.35 9.94 -21.99
C THR B 128 -14.72 10.27 -22.55
N THR B 129 -15.55 10.97 -21.76
CA THR B 129 -16.91 11.31 -22.13
C THR B 129 -17.04 12.78 -22.55
N GLU B 130 -15.92 13.48 -22.64
CA GLU B 130 -15.89 14.85 -23.18
C GLU B 130 -15.85 14.77 -24.70
N TRP B 131 -16.84 15.37 -25.36
CA TRP B 131 -16.99 15.25 -26.80
C TRP B 131 -16.79 16.55 -27.57
N ASP B 132 -16.39 17.62 -26.88
CA ASP B 132 -15.94 18.82 -27.57
C ASP B 132 -14.52 18.56 -28.10
N GLY B 133 -14.45 18.18 -29.37
CA GLY B 133 -13.18 17.80 -29.98
C GLY B 133 -12.31 18.99 -30.31
N LYS B 134 -12.89 20.17 -30.46
CA LYS B 134 -12.12 21.38 -30.70
C LYS B 134 -11.25 21.64 -29.47
N TYR B 135 -11.90 21.62 -28.30
CA TYR B 135 -11.21 21.76 -27.04
C TYR B 135 -10.21 20.62 -26.83
N MET B 136 -10.64 19.40 -27.12
CA MET B 136 -9.80 18.22 -26.87
C MET B 136 -8.52 18.25 -27.71
N MET B 137 -8.64 18.52 -29.01
CA MET B 137 -7.47 18.56 -29.88
C MET B 137 -6.54 19.70 -29.51
N ASP B 138 -7.13 20.75 -28.96
CA ASP B 138 -6.39 21.94 -28.60
C ASP B 138 -5.64 21.78 -27.28
N ASN B 139 -6.38 21.41 -26.26
CA ASN B 139 -5.87 21.28 -24.91
C ASN B 139 -4.93 20.05 -24.76
N ASN B 140 -5.18 19.03 -25.56
CA ASN B 140 -4.39 17.81 -25.51
C ASN B 140 -3.32 17.78 -26.61
N TYR B 141 -3.77 17.58 -27.85
CA TYR B 141 -2.86 17.39 -28.99
C TYR B 141 -1.96 18.60 -29.25
N GLN B 142 -2.56 19.75 -29.48
CA GLN B 142 -1.81 20.96 -29.83
C GLN B 142 -0.92 21.43 -28.68
N TYR B 143 -1.47 21.41 -27.47
CA TYR B 143 -0.75 21.81 -26.27
C TYR B 143 0.52 20.95 -26.13
N SER B 144 0.36 19.65 -26.34
CA SER B 144 1.46 18.71 -26.21
C SER B 144 2.54 18.95 -27.26
N LYS B 145 2.13 19.30 -28.47
CA LYS B 145 3.05 19.65 -29.54
C LYS B 145 3.90 20.86 -29.19
N GLU B 146 3.26 21.89 -28.62
CA GLU B 146 3.96 23.14 -28.30
C GLU B 146 5.05 22.87 -27.27
N LEU B 147 4.71 22.04 -26.31
CA LEU B 147 5.61 21.70 -25.23
C LEU B 147 6.75 20.81 -25.72
N LEU B 148 6.40 19.85 -26.58
CA LEU B 148 7.39 18.97 -27.17
C LEU B 148 8.46 19.77 -27.90
N HIS B 149 8.03 20.72 -28.71
CA HIS B 149 8.97 21.54 -29.51
C HIS B 149 9.81 22.44 -28.63
N TYR B 150 9.21 22.94 -27.55
CA TYR B 150 9.92 23.76 -26.59
C TYR B 150 11.07 22.97 -25.97
N CYS B 151 10.77 21.75 -25.54
CA CYS B 151 11.76 20.87 -24.91
C CYS B 151 12.81 20.43 -25.91
N LEU B 152 12.39 20.23 -27.14
CA LEU B 152 13.24 19.73 -28.20
C LEU B 152 14.31 20.76 -28.56
N GLU B 153 13.89 22.01 -28.62
CA GLU B 153 14.78 23.13 -28.94
C GLU B 153 15.83 23.32 -27.86
N ARG B 154 15.46 22.94 -26.65
CA ARG B 154 16.31 23.13 -25.50
C ARG B 154 16.94 21.84 -25.00
N GLU B 155 16.65 20.74 -25.69
CA GLU B 155 17.14 19.41 -25.32
C GLU B 155 16.74 19.06 -23.88
N ILE B 156 15.50 19.42 -23.54
CA ILE B 156 14.92 19.08 -22.25
C ILE B 156 14.17 17.76 -22.38
N PRO B 157 14.51 16.76 -21.53
CA PRO B 157 13.76 15.51 -21.53
C PRO B 157 12.26 15.72 -21.37
N PHE B 158 11.50 15.05 -22.23
CA PHE B 158 10.06 15.24 -22.31
C PHE B 158 9.38 13.89 -22.13
N LEU B 159 8.70 13.72 -21.00
CA LEU B 159 8.05 12.48 -20.64
C LEU B 159 6.56 12.73 -20.45
N TYR B 160 5.74 12.20 -21.37
CA TYR B 160 4.33 12.56 -21.44
C TYR B 160 3.41 11.37 -21.25
N ALA B 161 2.13 11.68 -21.09
CA ALA B 161 1.09 10.69 -20.87
C ALA B 161 0.36 10.35 -22.16
N SER B 162 0.42 9.08 -22.54
CA SER B 162 -0.43 8.52 -23.58
C SER B 162 -1.55 7.79 -22.87
N SER B 163 -2.23 6.89 -23.58
CA SER B 163 -3.33 6.12 -23.00
C SER B 163 -3.62 4.85 -23.78
N ALA B 164 -3.98 3.80 -23.04
CA ALA B 164 -4.38 2.52 -23.63
C ALA B 164 -5.72 2.63 -24.33
N ALA B 165 -6.42 3.75 -24.13
CA ALA B 165 -7.63 4.06 -24.90
C ALA B 165 -7.32 4.15 -26.39
N THR B 166 -6.05 4.38 -26.73
CA THR B 166 -5.62 4.40 -28.13
C THR B 166 -5.86 3.07 -28.84
N TYR B 167 -5.89 1.98 -28.08
CA TYR B 167 -6.06 0.64 -28.66
C TYR B 167 -7.49 0.36 -29.11
N GLY B 168 -8.44 1.06 -28.52
CA GLY B 168 -9.85 0.85 -28.82
C GLY B 168 -10.31 -0.54 -28.47
N GLY B 169 -11.22 -1.08 -29.28
CA GLY B 169 -11.83 -2.38 -29.06
C GLY B 169 -10.97 -3.52 -29.57
N ARG B 170 -10.52 -4.36 -28.66
CA ARG B 170 -9.45 -5.29 -28.95
C ARG B 170 -9.42 -6.41 -27.90
N THR B 171 -9.10 -7.62 -28.33
CA THR B 171 -9.07 -8.78 -27.45
C THR B 171 -7.65 -9.32 -27.22
N SER B 172 -6.68 -8.76 -27.93
CA SER B 172 -5.28 -9.14 -27.75
C SER B 172 -4.36 -8.18 -28.50
N ASP B 173 -3.06 -8.41 -28.38
CA ASP B 173 -2.04 -7.67 -29.12
C ASP B 173 -2.14 -6.17 -28.85
N PHE B 174 -2.09 -5.81 -27.58
CA PHE B 174 -2.01 -4.41 -27.19
C PHE B 174 -0.56 -3.96 -27.31
N ILE B 175 -0.14 -3.78 -28.55
CA ILE B 175 1.26 -3.51 -28.88
C ILE B 175 1.40 -2.09 -29.40
N GLU B 176 2.50 -1.43 -29.02
CA GLU B 176 2.70 0.00 -29.29
C GLU B 176 3.05 0.25 -30.75
N SER B 177 2.09 0.00 -31.63
CA SER B 177 2.27 0.22 -33.05
C SER B 177 0.94 0.59 -33.70
N ARG B 178 1.01 1.45 -34.72
CA ARG B 178 -0.17 2.07 -35.32
C ARG B 178 -1.27 1.07 -35.72
N GLU B 179 -0.85 -0.10 -36.19
CA GLU B 179 -1.78 -1.11 -36.69
C GLU B 179 -2.71 -1.66 -35.60
N TYR B 180 -2.32 -1.48 -34.34
CA TYR B 180 -3.09 -2.00 -33.22
C TYR B 180 -3.92 -0.89 -32.57
N GLU B 181 -3.89 0.29 -33.16
CA GLU B 181 -4.50 1.46 -32.56
C GLU B 181 -5.72 1.92 -33.34
N LYS B 182 -6.82 2.11 -32.61
CA LYS B 182 -8.09 2.56 -33.19
C LYS B 182 -9.04 3.01 -32.07
N PRO B 183 -8.78 4.20 -31.51
CA PRO B 183 -9.56 4.68 -30.36
C PRO B 183 -11.05 4.79 -30.64
N LEU B 184 -11.84 4.63 -29.58
CA LEU B 184 -13.30 4.62 -29.68
C LEU B 184 -13.92 5.97 -29.31
N ASN B 185 -13.10 6.91 -28.87
CA ASN B 185 -13.59 8.25 -28.53
C ASN B 185 -12.59 9.34 -28.85
N VAL B 186 -13.05 10.59 -28.81
CA VAL B 186 -12.22 11.71 -29.23
C VAL B 186 -11.08 11.96 -28.25
N PHE B 187 -11.28 11.64 -26.97
CA PHE B 187 -10.19 11.66 -26.02
C PHE B 187 -9.05 10.77 -26.51
N GLY B 188 -9.41 9.53 -26.84
CA GLY B 188 -8.47 8.55 -27.34
C GLY B 188 -7.80 8.99 -28.62
N TYR B 189 -8.54 9.66 -29.48
CA TYR B 189 -8.02 10.15 -30.74
C TYR B 189 -6.96 11.23 -30.48
N SER B 190 -7.22 12.11 -29.52
CA SER B 190 -6.29 13.18 -29.19
C SER B 190 -4.96 12.60 -28.73
N LYS B 191 -5.02 11.49 -27.99
CA LYS B 191 -3.81 10.80 -27.54
C LYS B 191 -3.15 10.06 -28.70
N PHE B 192 -3.95 9.36 -29.49
CA PHE B 192 -3.44 8.63 -30.63
C PHE B 192 -2.66 9.52 -31.59
N LEU B 193 -3.25 10.66 -31.94
CA LEU B 193 -2.66 11.53 -32.95
C LEU B 193 -1.34 12.13 -32.46
N PHE B 194 -1.24 12.42 -31.17
CA PHE B 194 0.00 12.93 -30.63
C PHE B 194 1.09 11.86 -30.64
N ASP B 195 0.72 10.62 -30.35
CA ASP B 195 1.69 9.52 -30.42
C ASP B 195 2.22 9.39 -31.85
N GLU B 196 1.33 9.58 -32.83
CA GLU B 196 1.73 9.55 -34.23
C GLU B 196 2.66 10.72 -34.58
N TYR B 197 2.43 11.85 -33.93
CA TYR B 197 3.25 13.04 -34.15
C TYR B 197 4.64 12.79 -33.57
N VAL B 198 4.68 12.20 -32.38
CA VAL B 198 5.94 11.86 -31.72
C VAL B 198 6.75 10.87 -32.58
N ARG B 199 6.08 9.94 -33.23
CA ARG B 199 6.74 8.97 -34.09
C ARG B 199 7.42 9.63 -35.29
N GLN B 200 6.87 10.72 -35.79
CA GLN B 200 7.46 11.46 -36.91
C GLN B 200 8.72 12.21 -36.44
N ILE B 201 8.74 12.57 -35.15
CA ILE B 201 9.80 13.41 -34.58
C ILE B 201 10.97 12.59 -34.04
N LEU B 202 10.69 11.40 -33.50
CA LEU B 202 11.70 10.59 -32.81
C LEU B 202 13.01 10.38 -33.58
N PRO B 203 12.93 9.98 -34.86
CA PRO B 203 14.16 9.63 -35.57
C PRO B 203 15.23 10.72 -35.54
N GLU B 204 14.84 11.97 -35.32
CA GLU B 204 15.79 13.08 -35.34
C GLU B 204 15.86 13.87 -34.05
N ALA B 205 15.13 13.44 -33.04
CA ALA B 205 15.20 14.06 -31.72
C ALA B 205 16.61 13.88 -31.16
N ASN B 206 17.14 14.93 -30.56
CA ASN B 206 18.46 14.89 -29.93
C ASN B 206 18.35 14.89 -28.41
N SER B 207 17.14 14.68 -27.92
CA SER B 207 16.89 14.58 -26.48
C SER B 207 15.75 13.62 -26.22
N GLN B 208 15.65 13.17 -24.97
CA GLN B 208 14.68 12.15 -24.60
C GLN B 208 13.23 12.56 -24.85
N ILE B 209 12.51 11.68 -25.53
CA ILE B 209 11.05 11.76 -25.66
C ILE B 209 10.48 10.42 -25.27
N VAL B 210 9.65 10.39 -24.23
CA VAL B 210 9.00 9.16 -23.79
C VAL B 210 7.51 9.39 -23.57
N GLY B 211 6.72 8.50 -24.17
CA GLY B 211 5.28 8.46 -23.94
C GLY B 211 4.91 7.23 -23.15
N PHE B 212 4.12 7.40 -22.10
CA PHE B 212 3.65 6.29 -21.30
C PHE B 212 2.19 6.02 -21.57
N ARG B 213 1.92 4.84 -22.12
CA ARG B 213 0.57 4.43 -22.45
C ARG B 213 -0.05 3.77 -21.24
N TYR B 214 -0.60 4.60 -20.35
CA TYR B 214 -1.17 4.10 -19.10
C TYR B 214 -2.43 3.29 -19.38
N PHE B 215 -2.59 2.19 -18.66
CA PHE B 215 -3.80 1.39 -18.73
C PHE B 215 -4.77 1.88 -17.65
N ASN B 216 -5.32 1.00 -16.81
CA ASN B 216 -6.26 1.46 -15.78
C ASN B 216 -5.56 1.78 -14.47
N VAL B 217 -5.17 3.04 -14.33
CA VAL B 217 -4.42 3.47 -13.15
C VAL B 217 -5.38 3.75 -12.00
N TYR B 218 -5.03 3.28 -10.81
CA TYR B 218 -5.83 3.50 -9.62
C TYR B 218 -4.92 3.73 -8.42
N GLY B 219 -5.44 4.42 -7.42
CA GLY B 219 -4.71 4.69 -6.19
C GLY B 219 -4.91 6.11 -5.67
N PRO B 220 -4.15 6.48 -4.65
CA PRO B 220 -4.28 7.76 -3.95
C PRO B 220 -4.16 8.99 -4.86
N ARG B 221 -5.00 9.99 -4.57
CA ARG B 221 -4.94 11.33 -5.15
C ARG B 221 -5.81 11.49 -6.40
N GLU B 222 -6.84 10.65 -6.53
CA GLU B 222 -7.77 10.71 -7.66
C GLU B 222 -9.18 11.11 -7.21
N GLY B 223 -9.30 11.54 -5.95
CA GLY B 223 -10.60 11.84 -5.34
C GLY B 223 -11.35 13.00 -6.00
N HIS B 224 -10.68 13.73 -6.87
CA HIS B 224 -11.26 14.88 -7.55
C HIS B 224 -11.87 14.50 -8.90
N LYS B 225 -11.59 13.30 -9.37
CA LYS B 225 -11.89 12.92 -10.75
C LYS B 225 -13.37 12.59 -11.01
N GLY B 226 -14.16 12.52 -9.95
CA GLY B 226 -15.59 12.26 -10.09
C GLY B 226 -15.88 10.95 -10.80
N SER B 227 -16.63 11.03 -11.90
CA SER B 227 -17.01 9.84 -12.66
C SER B 227 -15.81 9.17 -13.34
N MET B 228 -14.71 9.90 -13.48
CA MET B 228 -13.51 9.38 -14.10
C MET B 228 -12.55 8.75 -13.09
N ALA B 229 -12.92 8.75 -11.81
CA ALA B 229 -12.15 8.07 -10.78
C ALA B 229 -12.22 6.56 -10.97
N SER B 230 -11.26 5.85 -10.42
CA SER B 230 -11.22 4.39 -10.52
C SER B 230 -12.45 3.75 -9.89
N VAL B 231 -12.81 2.57 -10.37
CA VAL B 231 -13.93 1.81 -9.81
C VAL B 231 -13.64 1.51 -8.34
N ALA B 232 -12.38 1.25 -8.02
CA ALA B 232 -11.98 1.01 -6.63
C ALA B 232 -12.38 2.19 -5.74
N PHE B 233 -12.11 3.41 -6.22
CA PHE B 233 -12.45 4.60 -5.47
C PHE B 233 -13.96 4.70 -5.29
N HIS B 234 -14.69 4.46 -6.38
CA HIS B 234 -16.15 4.54 -6.35
C HIS B 234 -16.76 3.54 -5.38
N LEU B 235 -16.22 2.32 -5.38
CA LEU B 235 -16.72 1.26 -4.50
C LEU B 235 -16.48 1.62 -3.03
N ASN B 236 -15.32 2.19 -2.75
CA ASN B 236 -14.99 2.63 -1.39
C ASN B 236 -15.96 3.71 -0.92
N THR B 237 -16.21 4.69 -1.79
CA THR B 237 -17.10 5.80 -1.47
C THR B 237 -18.50 5.28 -1.18
N GLN B 238 -18.99 4.41 -2.06
CA GLN B 238 -20.33 3.84 -1.92
C GLN B 238 -20.46 3.05 -0.62
N LEU B 239 -19.47 2.22 -0.31
CA LEU B 239 -19.50 1.41 0.90
C LEU B 239 -19.49 2.26 2.16
N ASN B 240 -18.69 3.32 2.16
CA ASN B 240 -18.60 4.23 3.30
C ASN B 240 -19.86 5.10 3.49
N ASN B 241 -20.63 5.27 2.41
CA ASN B 241 -21.90 6.00 2.46
C ASN B 241 -23.07 5.09 2.78
N GLY B 242 -22.79 3.82 3.05
CA GLY B 242 -23.83 2.84 3.35
C GLY B 242 -24.59 2.40 2.11
N GLU B 243 -24.04 2.70 0.93
CA GLU B 243 -24.66 2.35 -0.34
C GLU B 243 -24.10 1.01 -0.85
N SER B 244 -24.88 0.36 -1.70
CA SER B 244 -24.44 -0.86 -2.36
C SER B 244 -23.28 -0.55 -3.30
N PRO B 245 -22.23 -1.40 -3.28
CA PRO B 245 -21.15 -1.23 -4.25
C PRO B 245 -21.59 -1.64 -5.64
N LYS B 246 -21.28 -0.80 -6.62
CA LYS B 246 -21.90 -0.93 -7.94
C LYS B 246 -20.91 -1.24 -9.06
N LEU B 247 -21.30 -2.20 -9.90
CA LEU B 247 -20.58 -2.52 -11.14
C LEU B 247 -21.56 -2.48 -12.31
N PHE B 248 -21.05 -2.15 -13.49
CA PHE B 248 -21.87 -2.18 -14.69
C PHE B 248 -22.32 -3.59 -14.97
N GLU B 249 -23.54 -3.73 -15.46
CA GLU B 249 -24.03 -5.00 -15.96
C GLU B 249 -23.08 -5.47 -17.07
N GLY B 250 -22.71 -6.75 -17.01
CA GLY B 250 -21.80 -7.34 -17.98
C GLY B 250 -20.35 -7.29 -17.55
N SER B 251 -20.10 -6.83 -16.32
CA SER B 251 -18.74 -6.68 -15.78
C SER B 251 -18.04 -8.03 -15.58
N GLU B 252 -18.81 -9.11 -15.56
CA GLU B 252 -18.26 -10.47 -15.54
C GLU B 252 -17.23 -10.59 -16.66
N ASN B 253 -17.66 -10.21 -17.85
CA ASN B 253 -16.87 -10.33 -19.07
C ASN B 253 -16.00 -9.11 -19.37
N PHE B 254 -15.95 -8.14 -18.46
CA PHE B 254 -15.09 -6.97 -18.64
C PHE B 254 -13.83 -7.13 -17.81
N LYS B 255 -12.69 -6.89 -18.45
CA LYS B 255 -11.40 -6.97 -17.78
C LYS B 255 -10.51 -5.81 -18.20
N ARG B 256 -9.67 -5.36 -17.28
CA ARG B 256 -8.70 -4.33 -17.58
C ARG B 256 -7.36 -4.66 -16.94
N ASP B 257 -6.31 -4.08 -17.49
CA ASP B 257 -5.01 -4.09 -16.85
C ASP B 257 -4.98 -2.97 -15.81
N PHE B 258 -5.37 -3.30 -14.59
CA PHE B 258 -5.37 -2.34 -13.48
C PHE B 258 -3.96 -2.23 -12.95
N VAL B 259 -3.45 -0.99 -12.88
CA VAL B 259 -2.08 -0.74 -12.45
C VAL B 259 -2.02 0.32 -11.36
N TYR B 260 -1.30 0.03 -10.29
CA TYR B 260 -1.20 0.91 -9.13
C TYR B 260 -0.38 2.15 -9.47
N VAL B 261 -0.88 3.31 -9.05
CA VAL B 261 -0.26 4.59 -9.38
C VAL B 261 1.17 4.72 -8.86
N GLY B 262 1.46 4.05 -7.75
CA GLY B 262 2.81 4.04 -7.20
C GLY B 262 3.83 3.49 -8.19
N ASP B 263 3.43 2.46 -8.93
CA ASP B 263 4.29 1.83 -9.93
C ASP B 263 4.45 2.74 -11.14
N VAL B 264 3.37 3.43 -11.50
CA VAL B 264 3.38 4.38 -12.60
C VAL B 264 4.39 5.51 -12.35
N ALA B 265 4.40 6.03 -11.12
CA ALA B 265 5.35 7.06 -10.72
C ALA B 265 6.79 6.54 -10.78
N ASP B 266 6.99 5.31 -10.31
CA ASP B 266 8.31 4.68 -10.33
C ASP B 266 8.85 4.51 -11.75
N VAL B 267 7.98 4.10 -12.67
CA VAL B 267 8.38 3.94 -14.07
C VAL B 267 8.81 5.27 -14.65
N ASN B 268 8.03 6.32 -14.38
CA ASN B 268 8.33 7.66 -14.84
C ASN B 268 9.74 8.11 -14.42
N LEU B 269 10.05 7.95 -13.15
CA LEU B 269 11.34 8.38 -12.62
C LEU B 269 12.49 7.52 -13.17
N TRP B 270 12.23 6.23 -13.34
CA TRP B 270 13.25 5.34 -13.90
C TRP B 270 13.67 5.81 -15.29
N PHE B 271 12.69 6.17 -16.10
CA PHE B 271 12.96 6.63 -17.47
C PHE B 271 13.71 7.95 -17.49
N LEU B 272 13.38 8.85 -16.56
CA LEU B 272 14.12 10.09 -16.45
C LEU B 272 15.58 9.80 -16.12
N GLU B 273 15.78 8.84 -15.22
CA GLU B 273 17.12 8.46 -14.78
C GLU B 273 17.94 7.79 -15.89
N ASN B 274 17.26 7.04 -16.76
CA ASN B 274 17.94 6.18 -17.73
C ASN B 274 17.98 6.72 -19.16
N GLY B 275 17.10 7.68 -19.47
CA GLY B 275 17.22 8.48 -20.70
C GLY B 275 16.70 7.85 -21.97
N VAL B 276 16.03 6.71 -21.84
CA VAL B 276 15.49 5.97 -22.99
C VAL B 276 14.29 6.68 -23.61
N SER B 277 14.26 6.72 -24.94
CA SER B 277 13.15 7.31 -25.70
C SER B 277 12.21 6.25 -26.26
N GLY B 278 10.97 6.65 -26.53
CA GLY B 278 9.99 5.78 -27.19
C GLY B 278 8.60 5.93 -26.62
N ILE B 279 7.70 5.04 -27.07
CA ILE B 279 6.34 4.98 -26.55
C ILE B 279 6.13 3.60 -25.93
N PHE B 280 5.79 3.58 -24.64
CA PHE B 280 5.77 2.34 -23.89
C PHE B 280 4.47 2.11 -23.14
N ASN B 281 3.92 0.91 -23.28
CA ASN B 281 2.81 0.47 -22.47
C ASN B 281 3.19 0.51 -21.00
N LEU B 282 2.26 0.97 -20.17
CA LEU B 282 2.46 0.97 -18.73
C LEU B 282 1.25 0.34 -18.05
N GLY B 283 1.39 -0.95 -17.79
CA GLY B 283 0.40 -1.73 -17.06
C GLY B 283 1.12 -2.88 -16.38
N THR B 284 0.36 -3.77 -15.75
CA THR B 284 0.95 -4.92 -15.06
C THR B 284 1.26 -6.04 -16.05
N GLY B 285 0.63 -6.01 -17.21
CA GLY B 285 0.70 -7.10 -18.17
C GLY B 285 -0.31 -8.19 -17.88
N ARG B 286 -1.07 -8.03 -16.80
CA ARG B 286 -2.11 -8.98 -16.42
C ARG B 286 -3.47 -8.28 -16.44
N ALA B 287 -4.41 -8.87 -17.14
CA ALA B 287 -5.78 -8.39 -17.19
C ALA B 287 -6.57 -9.02 -16.05
N GLU B 288 -7.33 -8.22 -15.32
CA GLU B 288 -8.18 -8.72 -14.25
C GLU B 288 -9.58 -8.15 -14.40
N SER B 289 -10.57 -8.91 -13.94
CA SER B 289 -11.96 -8.49 -14.02
C SER B 289 -12.25 -7.39 -13.01
N PHE B 290 -13.26 -6.58 -13.30
CA PHE B 290 -13.74 -5.58 -12.35
C PHE B 290 -14.19 -6.25 -11.06
N GLN B 291 -14.64 -7.50 -11.17
CA GLN B 291 -15.05 -8.28 -10.01
C GLN B 291 -13.87 -8.51 -9.06
N ALA B 292 -12.68 -8.68 -9.62
CA ALA B 292 -11.48 -8.87 -8.82
C ALA B 292 -11.17 -7.62 -8.00
N VAL B 293 -11.37 -6.45 -8.61
CA VAL B 293 -11.22 -5.19 -7.90
C VAL B 293 -12.27 -5.11 -6.79
N ALA B 294 -13.50 -5.49 -7.11
CA ALA B 294 -14.60 -5.50 -6.14
C ALA B 294 -14.30 -6.43 -4.98
N ASP B 295 -13.80 -7.63 -5.29
CA ASP B 295 -13.50 -8.63 -4.28
C ASP B 295 -12.46 -8.14 -3.29
N ALA B 296 -11.42 -7.50 -3.80
CA ALA B 296 -10.36 -6.97 -2.94
C ALA B 296 -10.89 -5.83 -2.07
N THR B 297 -11.80 -5.05 -2.62
CA THR B 297 -12.39 -3.91 -1.92
C THR B 297 -13.35 -4.38 -0.82
N LEU B 298 -14.23 -5.33 -1.16
CA LEU B 298 -15.21 -5.84 -0.20
C LEU B 298 -14.53 -6.64 0.89
N ALA B 299 -13.41 -7.29 0.54
CA ALA B 299 -12.63 -8.06 1.51
C ALA B 299 -12.05 -7.14 2.57
N TYR B 300 -11.58 -5.96 2.14
CA TYR B 300 -11.02 -4.98 3.07
C TYR B 300 -12.09 -4.41 4.00
N HIS B 301 -13.24 -4.06 3.44
CA HIS B 301 -14.35 -3.47 4.19
C HIS B 301 -15.10 -4.51 5.03
N LYS B 302 -14.88 -5.79 4.72
CA LYS B 302 -15.52 -6.90 5.43
C LYS B 302 -17.04 -6.83 5.37
N LYS B 303 -17.56 -6.23 4.30
CA LYS B 303 -19.00 -6.17 4.07
C LYS B 303 -19.28 -5.81 2.62
N GLY B 304 -20.56 -5.85 2.26
CA GLY B 304 -21.01 -5.37 0.97
C GLY B 304 -21.39 -6.47 0.00
N GLN B 305 -22.32 -6.11 -0.89
CA GLN B 305 -22.79 -7.01 -1.91
C GLN B 305 -22.96 -6.25 -3.22
N ILE B 306 -22.23 -6.68 -4.25
CA ILE B 306 -22.23 -5.98 -5.53
C ILE B 306 -23.62 -5.87 -6.14
N GLU B 307 -24.01 -4.65 -6.49
CA GLU B 307 -25.22 -4.42 -7.27
C GLU B 307 -24.83 -4.06 -8.70
N TYR B 308 -25.46 -4.73 -9.66
CA TYR B 308 -25.19 -4.47 -11.07
C TYR B 308 -26.18 -3.46 -11.61
N ILE B 309 -25.66 -2.39 -12.19
CA ILE B 309 -26.47 -1.29 -12.70
C ILE B 309 -26.44 -1.28 -14.23
N PRO B 310 -27.44 -0.64 -14.86
CA PRO B 310 -27.46 -0.57 -16.32
C PRO B 310 -26.18 0.00 -16.90
N PHE B 311 -25.69 -0.63 -17.96
CA PHE B 311 -24.53 -0.14 -18.66
C PHE B 311 -24.84 1.26 -19.21
N PRO B 312 -24.03 2.26 -18.82
CA PRO B 312 -24.34 3.64 -19.21
C PRO B 312 -24.44 3.85 -20.71
N ASP B 313 -25.49 4.54 -21.10
CA ASP B 313 -25.87 4.69 -22.50
C ASP B 313 -24.79 5.42 -23.31
N LYS B 314 -24.15 6.41 -22.70
CA LYS B 314 -23.19 7.23 -23.41
C LYS B 314 -21.83 6.55 -23.58
N LEU B 315 -21.68 5.36 -22.99
CA LEU B 315 -20.47 4.56 -23.15
C LEU B 315 -20.63 3.47 -24.22
N LYS B 316 -21.86 3.24 -24.67
CA LYS B 316 -22.12 2.20 -25.66
C LYS B 316 -21.45 2.52 -27.00
N GLY B 317 -20.67 1.55 -27.47
CA GLY B 317 -19.89 1.72 -28.70
C GLY B 317 -18.61 2.51 -28.47
N ARG B 318 -18.37 2.92 -27.23
CA ARG B 318 -17.21 3.74 -26.87
C ARG B 318 -16.35 3.05 -25.82
N TYR B 319 -16.65 1.78 -25.53
CA TYR B 319 -16.13 1.11 -24.35
C TYR B 319 -15.14 -0.02 -24.68
N GLN B 320 -14.02 -0.02 -23.96
CA GLN B 320 -13.06 -1.13 -24.02
C GLN B 320 -13.49 -2.23 -23.04
N ALA B 321 -13.85 -3.39 -23.58
CA ALA B 321 -14.30 -4.53 -22.78
C ALA B 321 -13.12 -5.31 -22.22
N PHE B 322 -11.93 -5.08 -22.80
CA PHE B 322 -10.74 -5.83 -22.43
C PHE B 322 -9.47 -5.03 -22.73
N THR B 323 -8.58 -4.95 -21.73
CA THR B 323 -7.23 -4.46 -21.95
C THR B 323 -6.22 -5.31 -21.19
N GLN B 324 -5.04 -5.46 -21.81
CA GLN B 324 -3.92 -6.15 -21.20
C GLN B 324 -2.64 -5.63 -21.82
N ALA B 325 -1.80 -4.98 -21.02
CA ALA B 325 -0.54 -4.43 -21.52
C ALA B 325 0.39 -5.55 -22.01
N ASP B 326 0.93 -5.36 -23.20
CA ASP B 326 2.05 -6.17 -23.67
C ASP B 326 3.31 -5.42 -23.28
N LEU B 327 4.07 -5.98 -22.34
CA LEU B 327 5.19 -5.28 -21.73
C LEU B 327 6.52 -5.59 -22.42
N THR B 328 6.45 -6.21 -23.60
CA THR B 328 7.67 -6.61 -24.30
C THR B 328 8.64 -5.44 -24.47
N ASN B 329 8.14 -4.32 -24.98
CA ASN B 329 8.98 -3.16 -25.25
C ASN B 329 9.45 -2.46 -23.97
N LEU B 330 8.59 -2.45 -22.96
CA LEU B 330 8.96 -1.87 -21.66
C LEU B 330 10.14 -2.62 -21.05
N ARG B 331 10.08 -3.95 -21.05
CA ARG B 331 11.14 -4.77 -20.47
C ARG B 331 12.41 -4.67 -21.30
N ALA B 332 12.23 -4.60 -22.62
CA ALA B 332 13.37 -4.53 -23.54
C ALA B 332 14.13 -3.22 -23.37
N ALA B 333 13.42 -2.19 -22.88
CA ALA B 333 14.04 -0.89 -22.60
C ALA B 333 14.92 -0.95 -21.37
N GLY B 334 14.70 -1.95 -20.51
CA GLY B 334 15.49 -2.14 -19.31
C GLY B 334 14.72 -2.04 -18.01
N TYR B 335 13.44 -1.67 -18.08
CA TYR B 335 12.62 -1.59 -16.87
C TYR B 335 12.20 -3.00 -16.45
N ASP B 336 12.79 -3.49 -15.37
CA ASP B 336 12.68 -4.89 -14.99
C ASP B 336 11.95 -5.13 -13.67
N LYS B 337 11.30 -4.09 -13.14
CA LYS B 337 10.68 -4.19 -11.83
C LYS B 337 9.29 -4.75 -11.92
N PRO B 338 8.85 -5.48 -10.87
CA PRO B 338 7.52 -6.06 -10.86
C PRO B 338 6.43 -5.03 -10.61
N PHE B 339 5.21 -5.40 -10.97
CA PHE B 339 4.06 -4.56 -10.74
C PHE B 339 3.15 -5.20 -9.71
N LYS B 340 2.61 -4.37 -8.83
CA LYS B 340 1.64 -4.83 -7.84
C LYS B 340 0.40 -5.38 -8.53
N THR B 341 -0.10 -6.49 -8.00
CA THR B 341 -1.35 -7.08 -8.47
C THR B 341 -2.52 -6.26 -7.94
N VAL B 342 -3.70 -6.54 -8.47
CA VAL B 342 -4.92 -5.88 -8.01
C VAL B 342 -5.13 -6.13 -6.51
N ALA B 343 -4.90 -7.36 -6.07
CA ALA B 343 -5.11 -7.70 -4.66
C ALA B 343 -4.19 -6.88 -3.76
N GLU B 344 -2.93 -6.75 -4.17
CA GLU B 344 -1.95 -5.95 -3.44
C GLU B 344 -2.28 -4.48 -3.45
N GLY B 345 -2.39 -3.92 -4.66
CA GLY B 345 -2.57 -2.50 -4.86
C GLY B 345 -3.87 -1.96 -4.28
N VAL B 346 -4.97 -2.68 -4.50
CA VAL B 346 -6.27 -2.25 -4.01
C VAL B 346 -6.32 -2.29 -2.49
N THR B 347 -5.72 -3.34 -1.91
CA THR B 347 -5.65 -3.46 -0.45
C THR B 347 -4.86 -2.30 0.13
N GLU B 348 -3.71 -2.00 -0.47
CA GLU B 348 -2.89 -0.88 -0.03
C GLU B 348 -3.64 0.45 -0.17
N TYR B 349 -4.38 0.57 -1.26
CA TYR B 349 -5.16 1.75 -1.55
C TYR B 349 -6.27 1.97 -0.54
N MET B 350 -6.96 0.88 -0.18
CA MET B 350 -8.06 0.96 0.79
C MET B 350 -7.55 1.39 2.15
N ALA B 351 -6.35 0.95 2.51
CA ALA B 351 -5.75 1.32 3.77
C ALA B 351 -5.46 2.82 3.80
N TRP B 352 -5.00 3.34 2.67
CA TRP B 352 -4.72 4.76 2.55
C TRP B 352 -6.01 5.58 2.59
N LEU B 353 -7.03 5.10 1.89
CA LEU B 353 -8.32 5.80 1.81
C LEU B 353 -8.98 5.88 3.18
N ASN B 354 -8.71 4.88 4.01
CA ASN B 354 -9.38 4.73 5.28
C ASN B 354 -8.38 4.83 6.44
N MET C 48 3.65 17.49 -49.14
CA MET C 48 2.41 17.30 -48.32
C MET C 48 1.16 17.81 -49.02
N ILE C 49 0.01 17.31 -48.56
CA ILE C 49 -1.29 17.74 -49.06
C ILE C 49 -2.15 18.22 -47.89
N ILE C 50 -2.89 19.30 -48.12
CA ILE C 50 -3.79 19.83 -47.12
C ILE C 50 -5.22 19.52 -47.53
N VAL C 51 -6.00 18.99 -46.61
CA VAL C 51 -7.43 18.77 -46.85
C VAL C 51 -8.21 19.50 -45.77
N THR C 52 -8.88 20.58 -46.17
CA THR C 52 -9.79 21.27 -45.26
C THR C 52 -11.11 20.52 -45.31
N GLY C 53 -11.85 20.53 -44.20
CA GLY C 53 -13.07 19.72 -44.09
C GLY C 53 -12.71 18.24 -44.05
N GLY C 54 -11.43 17.97 -43.75
CA GLY C 54 -10.87 16.62 -43.79
C GLY C 54 -11.41 15.67 -42.75
N ALA C 55 -12.02 16.18 -41.69
CA ALA C 55 -12.69 15.34 -40.70
C ALA C 55 -14.17 15.20 -41.06
N GLY C 56 -14.61 15.93 -42.08
CA GLY C 56 -15.97 15.86 -42.55
C GLY C 56 -16.17 14.74 -43.53
N PHE C 57 -17.34 14.76 -44.17
CA PHE C 57 -17.79 13.68 -45.06
C PHE C 57 -16.91 13.52 -46.30
N ILE C 58 -16.97 14.49 -47.21
CA ILE C 58 -16.24 14.39 -48.47
C ILE C 58 -14.73 14.46 -48.22
N GLY C 59 -14.33 15.32 -47.29
CA GLY C 59 -12.91 15.52 -46.99
C GLY C 59 -12.23 14.27 -46.48
N SER C 60 -12.87 13.56 -45.55
CA SER C 60 -12.30 12.33 -44.99
C SER C 60 -12.20 11.26 -46.08
N ASN C 61 -13.14 11.29 -47.03
CA ASN C 61 -13.12 10.36 -48.15
C ASN C 61 -11.98 10.65 -49.14
N ILE C 62 -11.64 11.93 -49.30
CA ILE C 62 -10.49 12.33 -50.09
C ILE C 62 -9.20 11.87 -49.39
N VAL C 63 -9.16 12.02 -48.07
CA VAL C 63 -8.02 11.54 -47.28
C VAL C 63 -7.83 10.04 -47.47
N LYS C 64 -8.92 9.29 -47.40
CA LYS C 64 -8.86 7.85 -47.61
C LYS C 64 -8.34 7.51 -49.00
N ALA C 65 -8.85 8.22 -50.00
CA ALA C 65 -8.45 7.99 -51.38
C ALA C 65 -6.96 8.27 -51.57
N LEU C 66 -6.46 9.29 -50.86
CA LEU C 66 -5.04 9.62 -50.88
C LEU C 66 -4.22 8.51 -50.24
N ASN C 67 -4.68 8.03 -49.09
CA ASN C 67 -4.06 6.88 -48.41
C ASN C 67 -3.96 5.67 -49.33
N ASP C 68 -5.01 5.42 -50.10
CA ASP C 68 -5.05 4.27 -51.01
C ASP C 68 -4.01 4.39 -52.12
N LYS C 69 -3.59 5.61 -52.42
CA LYS C 69 -2.52 5.86 -53.39
C LYS C 69 -1.16 6.01 -52.71
N GLY C 70 -1.09 5.63 -51.44
CA GLY C 70 0.17 5.62 -50.70
C GLY C 70 0.56 6.99 -50.13
N ILE C 71 -0.36 7.94 -50.10
CA ILE C 71 -0.09 9.27 -49.61
C ILE C 71 -0.63 9.44 -48.17
N THR C 72 0.29 9.75 -47.26
CA THR C 72 -0.05 9.92 -45.84
C THR C 72 0.42 11.26 -45.24
N ASP C 73 1.25 11.99 -45.97
CA ASP C 73 1.73 13.29 -45.50
C ASP C 73 0.64 14.34 -45.73
N ILE C 74 -0.37 14.29 -44.85
CA ILE C 74 -1.59 15.06 -45.01
C ILE C 74 -1.87 15.90 -43.77
N LEU C 75 -2.09 17.20 -43.99
CA LEU C 75 -2.56 18.08 -42.95
C LEU C 75 -4.06 18.21 -43.09
N VAL C 76 -4.79 17.80 -42.05
CA VAL C 76 -6.23 17.98 -42.01
C VAL C 76 -6.57 19.26 -41.26
N VAL C 77 -7.41 20.09 -41.87
CA VAL C 77 -7.94 21.28 -41.24
C VAL C 77 -9.44 21.12 -41.11
N ASP C 78 -9.96 21.33 -39.91
CA ASP C 78 -11.39 21.16 -39.67
C ASP C 78 -11.84 21.84 -38.38
N ASN C 79 -13.05 21.52 -37.94
CA ASN C 79 -13.60 22.00 -36.69
C ASN C 79 -14.19 20.80 -35.94
N LEU C 80 -13.47 20.35 -34.91
CA LEU C 80 -13.85 19.13 -34.19
C LEU C 80 -14.73 19.42 -32.98
N LYS C 81 -15.31 20.61 -32.91
CA LYS C 81 -16.25 20.95 -31.85
C LYS C 81 -17.17 19.75 -31.59
N ASP C 82 -17.79 19.24 -32.65
CA ASP C 82 -18.49 17.97 -32.59
C ASP C 82 -17.43 16.85 -32.66
N GLY C 83 -17.00 16.39 -31.49
CA GLY C 83 -15.91 15.43 -31.41
C GLY C 83 -16.19 14.07 -32.00
N THR C 84 -17.46 13.76 -32.25
CA THR C 84 -17.84 12.46 -32.83
C THR C 84 -17.29 12.30 -34.25
N LYS C 85 -16.89 13.43 -34.86
CA LYS C 85 -16.33 13.39 -36.21
C LYS C 85 -14.98 12.70 -36.27
N PHE C 86 -14.35 12.46 -35.12
CA PHE C 86 -13.04 11.82 -35.08
C PHE C 86 -13.07 10.46 -35.80
N VAL C 87 -14.22 9.76 -35.73
CA VAL C 87 -14.33 8.43 -36.34
C VAL C 87 -14.05 8.43 -37.84
N ASN C 88 -14.25 9.59 -38.48
CA ASN C 88 -13.99 9.72 -39.90
C ASN C 88 -12.50 9.67 -40.24
N LEU C 89 -11.65 9.89 -39.24
CA LEU C 89 -10.21 9.91 -39.42
C LEU C 89 -9.48 8.77 -38.70
N VAL C 90 -10.19 8.08 -37.80
CA VAL C 90 -9.54 7.16 -36.86
C VAL C 90 -8.81 6.01 -37.55
N ASP C 91 -9.34 5.56 -38.69
CA ASP C 91 -8.75 4.45 -39.43
C ASP C 91 -7.84 4.93 -40.56
N LEU C 92 -7.66 6.24 -40.67
CA LEU C 92 -6.86 6.82 -41.74
C LEU C 92 -5.50 7.27 -41.24
N ASN C 93 -4.65 7.65 -42.20
CA ASN C 93 -3.29 8.05 -41.89
C ASN C 93 -3.02 9.46 -42.38
N ILE C 94 -2.75 10.35 -41.43
CA ILE C 94 -2.45 11.74 -41.72
C ILE C 94 -1.19 12.15 -40.95
N ALA C 95 -0.68 13.34 -41.24
CA ALA C 95 0.54 13.83 -40.61
C ALA C 95 0.25 14.75 -39.44
N ASP C 96 -0.86 15.49 -39.52
CA ASP C 96 -1.13 16.55 -38.56
C ASP C 96 -2.57 17.04 -38.66
N TYR C 97 -3.04 17.66 -37.58
CA TYR C 97 -4.36 18.24 -37.53
C TYR C 97 -4.28 19.69 -37.05
N MET C 98 -5.11 20.53 -37.65
CA MET C 98 -5.20 21.94 -37.29
C MET C 98 -6.64 22.43 -37.33
N ASP C 99 -7.01 23.26 -36.36
CA ASP C 99 -8.32 23.87 -36.34
C ASP C 99 -8.43 24.93 -37.42
N LYS C 100 -9.63 25.06 -37.99
CA LYS C 100 -9.87 25.98 -39.11
C LYS C 100 -9.53 27.44 -38.80
N GLU C 101 -9.68 27.85 -37.55
CA GLU C 101 -9.43 29.24 -37.18
C GLU C 101 -7.92 29.51 -37.10
N ASP C 102 -7.18 28.56 -36.54
CA ASP C 102 -5.73 28.67 -36.48
C ASP C 102 -5.14 28.64 -37.89
N PHE C 103 -5.72 27.80 -38.75
CA PHE C 103 -5.26 27.69 -40.12
C PHE C 103 -5.44 29.01 -40.86
N LEU C 104 -6.60 29.62 -40.69
CA LEU C 104 -6.89 30.89 -41.34
C LEU C 104 -5.89 31.96 -40.91
N ILE C 105 -5.59 32.00 -39.63
CA ILE C 105 -4.69 33.00 -39.08
C ILE C 105 -3.29 32.86 -39.69
N GLN C 106 -2.85 31.61 -39.83
CA GLN C 106 -1.52 31.32 -40.36
C GLN C 106 -1.45 31.56 -41.87
N ILE C 107 -2.53 31.21 -42.57
CA ILE C 107 -2.67 31.49 -44.00
C ILE C 107 -2.58 33.00 -44.27
N MET C 108 -3.34 33.78 -43.51
CA MET C 108 -3.39 35.22 -43.71
C MET C 108 -2.09 35.92 -43.28
N ALA C 109 -1.32 35.27 -42.41
CA ALA C 109 -0.02 35.79 -41.99
C ALA C 109 1.08 35.36 -42.95
N GLY C 110 0.73 34.52 -43.93
CA GLY C 110 1.67 34.08 -44.95
C GLY C 110 2.65 33.04 -44.43
N GLU C 111 2.21 32.21 -43.49
CA GLU C 111 3.03 31.12 -42.98
C GLU C 111 3.17 30.03 -44.04
N GLU C 112 4.32 29.35 -44.03
CA GLU C 112 4.56 28.21 -44.90
C GLU C 112 4.28 26.95 -44.10
N PHE C 113 3.65 25.97 -44.74
CA PHE C 113 3.33 24.71 -44.07
C PHE C 113 4.24 23.59 -44.52
N GLY C 114 5.18 23.93 -45.40
CA GLY C 114 6.09 22.96 -46.00
C GLY C 114 5.98 23.02 -47.51
N ASP C 115 6.34 21.91 -48.16
CA ASP C 115 6.23 21.80 -49.61
C ASP C 115 4.82 21.28 -49.94
N VAL C 116 3.87 22.21 -50.03
CA VAL C 116 2.48 21.85 -50.25
C VAL C 116 2.22 21.58 -51.74
N GLU C 117 1.76 20.37 -52.02
CA GLU C 117 1.53 19.91 -53.38
C GLU C 117 0.12 20.26 -53.84
N ALA C 118 -0.80 20.41 -52.88
CA ALA C 118 -2.19 20.74 -53.20
C ALA C 118 -3.01 20.99 -51.95
N ILE C 119 -4.04 21.82 -52.11
CA ILE C 119 -5.05 21.99 -51.08
C ILE C 119 -6.41 21.56 -51.64
N PHE C 120 -7.02 20.59 -50.97
CA PHE C 120 -8.39 20.22 -51.23
C PHE C 120 -9.25 20.95 -50.22
N HIS C 121 -9.97 21.96 -50.68
CA HIS C 121 -10.74 22.81 -49.78
C HIS C 121 -12.20 22.37 -49.73
N GLU C 122 -12.48 21.40 -48.87
CA GLU C 122 -13.84 20.89 -48.67
C GLU C 122 -14.50 21.55 -47.46
N GLY C 123 -13.70 22.26 -46.68
CA GLY C 123 -14.17 22.91 -45.46
C GLY C 123 -15.18 24.00 -45.73
N ALA C 124 -16.33 23.89 -45.08
CA ALA C 124 -17.39 24.88 -45.20
C ALA C 124 -18.52 24.55 -44.25
N CYS C 125 -19.32 25.58 -43.95
CA CYS C 125 -20.60 25.36 -43.29
C CYS C 125 -21.49 24.74 -44.34
N SER C 126 -21.84 23.47 -44.14
CA SER C 126 -22.52 22.69 -45.16
C SER C 126 -24.02 22.63 -44.96
N SER C 127 -24.55 23.36 -43.98
CA SER C 127 -25.98 23.31 -43.68
C SER C 127 -26.79 24.27 -44.53
N THR C 128 -27.76 23.73 -45.26
CA THR C 128 -28.61 24.53 -46.13
C THR C 128 -29.66 25.32 -45.34
N THR C 129 -29.84 24.95 -44.08
CA THR C 129 -30.84 25.56 -43.22
C THR C 129 -30.23 26.55 -42.22
N GLU C 130 -28.92 26.79 -42.36
CA GLU C 130 -28.23 27.83 -41.59
C GLU C 130 -28.48 29.19 -42.25
N TRP C 131 -29.07 30.11 -41.50
CA TRP C 131 -29.47 31.40 -42.07
C TRP C 131 -28.71 32.60 -41.53
N ASP C 132 -27.70 32.36 -40.70
CA ASP C 132 -26.78 33.42 -40.31
C ASP C 132 -25.82 33.66 -41.48
N GLY C 133 -26.16 34.66 -42.30
CA GLY C 133 -25.41 34.95 -43.51
C GLY C 133 -24.09 35.66 -43.27
N LYS C 134 -23.95 36.30 -42.12
CA LYS C 134 -22.69 36.93 -41.75
C LYS C 134 -21.66 35.82 -41.55
N TYR C 135 -22.04 34.83 -40.76
CA TYR C 135 -21.20 33.65 -40.56
C TYR C 135 -20.96 32.92 -41.88
N MET C 136 -22.01 32.74 -42.65
CA MET C 136 -21.93 31.97 -43.90
C MET C 136 -20.99 32.60 -44.91
N MET C 137 -21.12 33.91 -45.14
CA MET C 137 -20.27 34.61 -46.09
C MET C 137 -18.82 34.66 -45.61
N ASP C 138 -18.65 34.62 -44.30
CA ASP C 138 -17.35 34.68 -43.69
C ASP C 138 -16.62 33.34 -43.74
N ASN C 139 -17.28 32.32 -43.20
CA ASN C 139 -16.71 30.99 -43.07
C ASN C 139 -16.60 30.27 -44.41
N ASN C 140 -17.49 30.62 -45.35
CA ASN C 140 -17.47 30.02 -46.66
C ASN C 140 -16.78 30.89 -47.69
N TYR C 141 -17.43 31.98 -48.08
CA TYR C 141 -16.96 32.85 -49.16
C TYR C 141 -15.59 33.48 -48.87
N GLN C 142 -15.49 34.22 -47.77
CA GLN C 142 -14.28 34.97 -47.44
C GLN C 142 -13.13 34.03 -47.14
N TYR C 143 -13.40 32.97 -46.38
CA TYR C 143 -12.40 31.96 -46.03
C TYR C 143 -11.80 31.37 -47.31
N SER C 144 -12.67 31.05 -48.26
CA SER C 144 -12.25 30.44 -49.52
C SER C 144 -11.40 31.39 -50.34
N LYS C 145 -11.74 32.67 -50.32
CA LYS C 145 -10.94 33.70 -50.99
C LYS C 145 -9.52 33.77 -50.43
N GLU C 146 -9.40 33.74 -49.11
CA GLU C 146 -8.11 33.87 -48.45
C GLU C 146 -7.21 32.71 -48.85
N LEU C 147 -7.80 31.54 -48.89
CA LEU C 147 -7.10 30.31 -49.23
C LEU C 147 -6.71 30.31 -50.71
N LEU C 148 -7.62 30.76 -51.56
CA LEU C 148 -7.37 30.86 -52.99
C LEU C 148 -6.15 31.73 -53.27
N HIS C 149 -6.12 32.91 -52.65
CA HIS C 149 -5.03 33.86 -52.87
C HIS C 149 -3.71 33.35 -52.34
N TYR C 150 -3.76 32.61 -51.22
CA TYR C 150 -2.58 32.00 -50.64
C TYR C 150 -1.98 31.01 -51.62
N CYS C 151 -2.82 30.16 -52.19
CA CYS C 151 -2.38 29.14 -53.15
C CYS C 151 -1.89 29.76 -54.44
N LEU C 152 -2.54 30.86 -54.82
CA LEU C 152 -2.29 31.53 -56.07
C LEU C 152 -0.90 32.17 -56.05
N GLU C 153 -0.56 32.76 -54.90
CA GLU C 153 0.73 33.39 -54.68
C GLU C 153 1.87 32.37 -54.71
N ARG C 154 1.56 31.12 -54.37
CA ARG C 154 2.55 30.05 -54.27
C ARG C 154 2.43 29.00 -55.38
N GLU C 155 1.49 29.21 -56.30
CA GLU C 155 1.22 28.27 -57.40
C GLU C 155 0.90 26.88 -56.89
N ILE C 156 0.14 26.83 -55.80
CA ILE C 156 -0.34 25.58 -55.23
C ILE C 156 -1.70 25.24 -55.83
N PRO C 157 -1.83 24.06 -56.44
CA PRO C 157 -3.13 23.63 -56.95
C PRO C 157 -4.22 23.72 -55.88
N PHE C 158 -5.34 24.31 -56.28
CA PHE C 158 -6.44 24.60 -55.38
C PHE C 158 -7.72 23.95 -55.92
N LEU C 159 -8.20 22.94 -55.21
CA LEU C 159 -9.37 22.17 -55.63
C LEU C 159 -10.45 22.26 -54.55
N TYR C 160 -11.54 22.96 -54.84
CA TYR C 160 -12.51 23.31 -53.82
C TYR C 160 -13.90 22.77 -54.12
N ALA C 161 -14.76 22.86 -53.11
CA ALA C 161 -16.13 22.36 -53.17
C ALA C 161 -17.11 23.49 -53.51
N SER C 162 -17.80 23.33 -54.62
CA SER C 162 -18.96 24.15 -54.96
C SER C 162 -20.18 23.33 -54.60
N SER C 163 -21.34 23.68 -55.15
CA SER C 163 -22.56 22.95 -54.87
C SER C 163 -23.60 23.16 -55.95
N ALA C 164 -24.38 22.11 -56.24
CA ALA C 164 -25.49 22.18 -57.18
C ALA C 164 -26.65 23.03 -56.63
N ALA C 165 -26.58 23.36 -55.34
CA ALA C 165 -27.51 24.31 -54.74
C ALA C 165 -27.43 25.66 -55.44
N THR C 166 -26.31 25.93 -56.10
CA THR C 166 -26.15 27.17 -56.86
C THR C 166 -27.17 27.31 -57.99
N TYR C 167 -27.70 26.18 -58.47
CA TYR C 167 -28.64 26.19 -59.59
C TYR C 167 -30.04 26.64 -59.18
N GLY C 168 -30.35 26.48 -57.90
CA GLY C 168 -31.67 26.82 -57.38
C GLY C 168 -32.77 25.99 -58.01
N GLY C 169 -33.93 26.62 -58.21
CA GLY C 169 -35.12 25.95 -58.74
C GLY C 169 -35.10 25.87 -60.25
N ARG C 170 -35.03 24.66 -60.77
CA ARG C 170 -34.72 24.44 -62.17
C ARG C 170 -35.13 23.04 -62.60
N THR C 171 -35.58 22.92 -63.84
CA THR C 171 -36.07 21.67 -64.37
C THR C 171 -35.18 21.07 -65.47
N SER C 172 -34.17 21.83 -65.88
CA SER C 172 -33.19 21.37 -66.85
C SER C 172 -32.04 22.35 -66.97
N ASP C 173 -31.07 22.01 -67.82
CA ASP C 173 -29.93 22.88 -68.12
C ASP C 173 -29.15 23.24 -66.87
N PHE C 174 -28.74 22.22 -66.13
CA PHE C 174 -27.85 22.41 -64.99
C PHE C 174 -26.43 22.55 -65.52
N ILE C 175 -26.16 23.72 -66.10
CA ILE C 175 -24.91 23.99 -66.80
C ILE C 175 -24.08 25.02 -66.02
N GLU C 176 -22.76 24.82 -66.01
CA GLU C 176 -21.86 25.60 -65.18
C GLU C 176 -21.64 27.01 -65.73
N SER C 177 -22.71 27.81 -65.73
CA SER C 177 -22.64 29.16 -66.22
C SER C 177 -23.63 30.04 -65.45
N ARG C 178 -23.26 31.30 -65.25
CA ARG C 178 -23.99 32.22 -64.38
C ARG C 178 -25.50 32.31 -64.66
N GLU C 179 -25.87 32.22 -65.94
CA GLU C 179 -27.26 32.38 -66.35
C GLU C 179 -28.15 31.27 -65.83
N TYR C 180 -27.55 30.15 -65.43
CA TYR C 180 -28.31 28.98 -64.94
C TYR C 180 -28.30 28.91 -63.43
N GLU C 181 -27.71 29.91 -62.79
CA GLU C 181 -27.48 29.91 -61.35
C GLU C 181 -28.37 30.93 -60.64
N LYS C 182 -29.04 30.47 -59.59
CA LYS C 182 -29.92 31.31 -58.79
C LYS C 182 -30.31 30.57 -57.51
N PRO C 183 -29.37 30.48 -56.55
CA PRO C 183 -29.58 29.70 -55.33
C PRO C 183 -30.80 30.16 -54.53
N LEU C 184 -31.37 29.22 -53.79
CA LEU C 184 -32.59 29.46 -53.03
C LEU C 184 -32.32 29.72 -51.55
N ASN C 185 -31.06 29.62 -51.14
CA ASN C 185 -30.68 29.89 -49.76
C ASN C 185 -29.31 30.53 -49.64
N VAL C 186 -29.00 31.03 -48.44
CA VAL C 186 -27.77 31.78 -48.25
C VAL C 186 -26.54 30.86 -48.31
N PHE C 187 -26.70 29.58 -47.95
CA PHE C 187 -25.62 28.61 -48.17
C PHE C 187 -25.26 28.60 -49.65
N GLY C 188 -26.28 28.44 -50.48
CA GLY C 188 -26.11 28.39 -51.92
C GLY C 188 -25.51 29.67 -52.47
N TYR C 189 -25.89 30.80 -51.88
CA TYR C 189 -25.36 32.08 -52.31
C TYR C 189 -23.86 32.19 -52.00
N SER C 190 -23.47 31.69 -50.84
CA SER C 190 -22.06 31.73 -50.43
C SER C 190 -21.23 30.93 -51.44
N LYS C 191 -21.79 29.82 -51.93
CA LYS C 191 -21.12 29.01 -52.92
C LYS C 191 -21.11 29.70 -54.28
N PHE C 192 -22.26 30.23 -54.66
CA PHE C 192 -22.41 30.92 -55.94
C PHE C 192 -21.41 32.07 -56.06
N LEU C 193 -21.33 32.90 -55.03
CA LEU C 193 -20.51 34.10 -55.13
C LEU C 193 -19.03 33.75 -55.24
N PHE C 194 -18.60 32.69 -54.57
CA PHE C 194 -17.22 32.26 -54.68
C PHE C 194 -16.89 31.71 -56.06
N ASP C 195 -17.84 31.00 -56.66
CA ASP C 195 -17.67 30.55 -58.05
C ASP C 195 -17.52 31.75 -58.98
N GLU C 196 -18.29 32.80 -58.73
CA GLU C 196 -18.19 34.04 -59.51
C GLU C 196 -16.84 34.72 -59.29
N TYR C 197 -16.32 34.61 -58.08
CA TYR C 197 -15.02 35.18 -57.76
C TYR C 197 -13.92 34.43 -58.50
N VAL C 198 -14.02 33.10 -58.48
CA VAL C 198 -13.07 32.23 -59.18
C VAL C 198 -13.06 32.53 -60.68
N ARG C 199 -14.23 32.82 -61.24
CA ARG C 199 -14.34 33.15 -62.67
C ARG C 199 -13.58 34.43 -63.04
N GLN C 200 -13.52 35.38 -62.11
CA GLN C 200 -12.80 36.63 -62.33
C GLN C 200 -11.30 36.38 -62.31
N ILE C 201 -10.89 35.36 -61.56
CA ILE C 201 -9.48 35.05 -61.30
C ILE C 201 -8.87 34.10 -62.34
N LEU C 202 -9.67 33.18 -62.85
CA LEU C 202 -9.17 32.12 -63.74
C LEU C 202 -8.33 32.61 -64.91
N PRO C 203 -8.80 33.61 -65.66
CA PRO C 203 -8.08 34.01 -66.89
C PRO C 203 -6.59 34.31 -66.67
N GLU C 204 -6.20 34.65 -65.44
CA GLU C 204 -4.82 35.02 -65.18
C GLU C 204 -4.13 34.16 -64.13
N ALA C 205 -4.83 33.12 -63.64
CA ALA C 205 -4.23 32.17 -62.72
C ALA C 205 -3.10 31.44 -63.43
N ASN C 206 -1.99 31.26 -62.72
CA ASN C 206 -0.83 30.53 -63.23
C ASN C 206 -0.70 29.16 -62.59
N SER C 207 -1.74 28.74 -61.89
CA SER C 207 -1.79 27.44 -61.26
C SER C 207 -3.22 26.93 -61.21
N GLN C 208 -3.37 25.62 -61.02
CA GLN C 208 -4.66 24.96 -61.09
C GLN C 208 -5.67 25.50 -60.08
N ILE C 209 -6.85 25.84 -60.59
CA ILE C 209 -8.01 26.15 -59.78
C ILE C 209 -9.18 25.32 -60.31
N VAL C 210 -9.71 24.44 -59.45
CA VAL C 210 -10.86 23.61 -59.82
C VAL C 210 -11.93 23.66 -58.76
N GLY C 211 -13.15 23.92 -59.19
CA GLY C 211 -14.32 23.86 -58.32
C GLY C 211 -15.19 22.68 -58.73
N PHE C 212 -15.58 21.87 -57.74
CA PHE C 212 -16.47 20.73 -58.00
C PHE C 212 -17.86 21.02 -57.49
N ARG C 213 -18.80 21.08 -58.42
CA ARG C 213 -20.18 21.36 -58.09
C ARG C 213 -20.89 20.05 -57.75
N TYR C 214 -20.76 19.63 -56.50
CA TYR C 214 -21.31 18.36 -56.07
C TYR C 214 -22.82 18.42 -56.07
N PHE C 215 -23.46 17.34 -56.50
CA PHE C 215 -24.91 17.22 -56.44
C PHE C 215 -25.27 16.54 -55.12
N ASN C 216 -26.07 15.47 -55.13
CA ASN C 216 -26.45 14.82 -53.88
C ASN C 216 -25.51 13.67 -53.54
N VAL C 217 -24.48 14.00 -52.77
CA VAL C 217 -23.47 13.02 -52.42
C VAL C 217 -23.93 12.18 -51.23
N TYR C 218 -23.71 10.88 -51.33
CA TYR C 218 -24.08 9.95 -50.26
C TYR C 218 -23.02 8.87 -50.13
N GLY C 219 -22.93 8.29 -48.94
CA GLY C 219 -21.99 7.21 -48.68
C GLY C 219 -21.33 7.32 -47.33
N PRO C 220 -20.33 6.45 -47.08
CA PRO C 220 -19.64 6.34 -45.81
C PRO C 220 -19.01 7.63 -45.32
N ARG C 221 -19.10 7.84 -44.00
CA ARG C 221 -18.41 8.91 -43.27
C ARG C 221 -19.22 10.21 -43.15
N GLU C 222 -20.55 10.09 -43.25
CA GLU C 222 -21.44 11.25 -43.12
C GLU C 222 -22.31 11.15 -41.87
N GLY C 223 -21.98 10.20 -40.99
CA GLY C 223 -22.80 9.90 -39.82
C GLY C 223 -22.91 11.03 -38.80
N HIS C 224 -22.08 12.04 -38.98
CA HIS C 224 -22.03 13.19 -38.06
C HIS C 224 -22.95 14.33 -38.53
N LYS C 225 -23.45 14.24 -39.76
CA LYS C 225 -24.11 15.38 -40.40
C LYS C 225 -25.53 15.63 -39.92
N GLY C 226 -26.07 14.73 -39.10
CA GLY C 226 -27.42 14.89 -38.55
C GLY C 226 -28.46 15.05 -39.64
N SER C 227 -29.20 16.16 -39.59
CA SER C 227 -30.29 16.42 -40.54
C SER C 227 -29.76 16.64 -41.96
N MET C 228 -28.48 16.94 -42.09
CA MET C 228 -27.89 17.18 -43.39
C MET C 228 -27.29 15.91 -44.00
N ALA C 229 -27.40 14.78 -43.29
CA ALA C 229 -26.97 13.49 -43.82
C ALA C 229 -27.89 13.05 -44.96
N SER C 230 -27.39 12.18 -45.82
CA SER C 230 -28.18 11.68 -46.95
C SER C 230 -29.46 10.98 -46.49
N VAL C 231 -30.47 11.00 -47.35
CA VAL C 231 -31.72 10.29 -47.08
C VAL C 231 -31.41 8.81 -46.87
N ALA C 232 -30.48 8.27 -47.65
CA ALA C 232 -30.07 6.88 -47.51
C ALA C 232 -29.62 6.58 -46.09
N PHE C 233 -28.80 7.48 -45.52
CA PHE C 233 -28.32 7.31 -44.16
C PHE C 233 -29.49 7.34 -43.17
N HIS C 234 -30.38 8.31 -43.36
CA HIS C 234 -31.55 8.46 -42.47
C HIS C 234 -32.44 7.23 -42.50
N LEU C 235 -32.67 6.69 -43.69
CA LEU C 235 -33.53 5.52 -43.85
C LEU C 235 -32.93 4.31 -43.14
N ASN C 236 -31.62 4.16 -43.27
CA ASN C 236 -30.91 3.07 -42.61
C ASN C 236 -31.02 3.17 -41.09
N THR C 237 -30.84 4.38 -40.57
CA THR C 237 -30.92 4.62 -39.14
C THR C 237 -32.31 4.29 -38.63
N GLN C 238 -33.32 4.78 -39.34
CA GLN C 238 -34.72 4.57 -38.97
C GLN C 238 -35.07 3.08 -38.96
N LEU C 239 -34.65 2.37 -40.01
CA LEU C 239 -34.96 0.94 -40.12
C LEU C 239 -34.28 0.14 -39.01
N ASN C 240 -33.04 0.49 -38.69
CA ASN C 240 -32.30 -0.19 -37.63
C ASN C 240 -32.85 0.11 -36.23
N ASN C 241 -33.55 1.24 -36.08
CA ASN C 241 -34.18 1.60 -34.81
C ASN C 241 -35.62 1.07 -34.71
N GLY C 242 -36.02 0.28 -35.69
CA GLY C 242 -37.38 -0.27 -35.72
C GLY C 242 -38.43 0.77 -36.09
N GLU C 243 -37.98 1.90 -36.64
CA GLU C 243 -38.87 2.98 -37.04
C GLU C 243 -39.23 2.84 -38.51
N SER C 244 -40.34 3.45 -38.90
CA SER C 244 -40.75 3.51 -40.29
C SER C 244 -39.76 4.36 -41.07
N PRO C 245 -39.36 3.91 -42.27
CA PRO C 245 -38.51 4.74 -43.12
C PRO C 245 -39.31 5.89 -43.71
N LYS C 246 -38.75 7.09 -43.59
CA LYS C 246 -39.52 8.30 -43.85
C LYS C 246 -39.04 9.10 -45.06
N LEU C 247 -40.02 9.52 -45.86
CA LEU C 247 -39.79 10.45 -46.96
C LEU C 247 -40.74 11.64 -46.85
N PHE C 248 -40.31 12.79 -47.34
CA PHE C 248 -41.17 13.97 -47.37
C PHE C 248 -42.37 13.71 -48.27
N GLU C 249 -43.51 14.23 -47.86
CA GLU C 249 -44.69 14.24 -48.72
C GLU C 249 -44.34 14.95 -50.02
N GLY C 250 -44.72 14.35 -51.14
CA GLY C 250 -44.43 14.91 -52.46
C GLY C 250 -43.14 14.39 -53.06
N SER C 251 -42.51 13.43 -52.39
CA SER C 251 -41.24 12.84 -52.84
C SER C 251 -41.40 12.06 -54.15
N GLU C 252 -42.61 11.68 -54.49
CA GLU C 252 -42.90 11.05 -55.78
C GLU C 252 -42.28 11.91 -56.88
N ASN C 253 -42.64 13.19 -56.84
CA ASN C 253 -42.21 14.17 -57.83
C ASN C 253 -40.86 14.84 -57.55
N PHE C 254 -40.15 14.39 -56.51
CA PHE C 254 -38.82 14.93 -56.21
C PHE C 254 -37.76 13.99 -56.71
N LYS C 255 -36.77 14.54 -57.41
CA LYS C 255 -35.65 13.76 -57.94
C LYS C 255 -34.36 14.52 -57.76
N ARG C 256 -33.28 13.77 -57.53
CA ARG C 256 -31.96 14.35 -57.43
C ARG C 256 -30.94 13.49 -58.17
N ASP C 257 -29.84 14.12 -58.54
CA ASP C 257 -28.69 13.39 -59.03
C ASP C 257 -27.90 12.89 -57.82
N PHE C 258 -28.22 11.68 -57.38
CA PHE C 258 -27.52 11.06 -56.27
C PHE C 258 -26.22 10.44 -56.75
N VAL C 259 -25.11 10.82 -56.11
CA VAL C 259 -23.79 10.39 -56.54
C VAL C 259 -23.00 9.82 -55.36
N TYR C 260 -22.42 8.65 -55.57
CA TYR C 260 -21.68 7.95 -54.53
C TYR C 260 -20.36 8.67 -54.21
N VAL C 261 -20.08 8.81 -52.92
CA VAL C 261 -18.91 9.55 -52.45
C VAL C 261 -17.59 8.98 -52.95
N GLY C 262 -17.55 7.67 -53.19
CA GLY C 262 -16.37 7.01 -53.75
C GLY C 262 -15.99 7.59 -55.10
N ASP C 263 -17.00 7.89 -55.91
CA ASP C 263 -16.77 8.46 -57.24
C ASP C 263 -16.33 9.91 -57.14
N VAL C 264 -16.87 10.62 -56.16
CA VAL C 264 -16.49 12.01 -55.90
C VAL C 264 -15.01 12.10 -55.55
N ALA C 265 -14.55 11.20 -54.68
CA ALA C 265 -13.14 11.16 -54.30
C ALA C 265 -12.26 10.87 -55.52
N ASP C 266 -12.70 9.92 -56.36
CA ASP C 266 -11.97 9.54 -57.56
C ASP C 266 -11.82 10.71 -58.53
N VAL C 267 -12.89 11.48 -58.70
CA VAL C 267 -12.85 12.64 -59.58
C VAL C 267 -11.84 13.66 -59.07
N ASN C 268 -11.87 13.91 -57.76
CA ASN C 268 -10.95 14.84 -57.12
C ASN C 268 -9.50 14.50 -57.39
N LEU C 269 -9.14 13.23 -57.22
CA LEU C 269 -7.76 12.79 -57.43
C LEU C 269 -7.38 12.84 -58.90
N TRP C 270 -8.31 12.49 -59.78
CA TRP C 270 -8.06 12.55 -61.22
C TRP C 270 -7.66 13.96 -61.65
N PHE C 271 -8.39 14.95 -61.13
CA PHE C 271 -8.11 16.35 -61.48
C PHE C 271 -6.78 16.83 -60.92
N LEU C 272 -6.42 16.37 -59.73
CA LEU C 272 -5.10 16.67 -59.19
C LEU C 272 -4.02 16.09 -60.10
N GLU C 273 -4.24 14.86 -60.58
CA GLU C 273 -3.28 14.18 -61.43
C GLU C 273 -3.14 14.85 -62.80
N ASN C 274 -4.24 15.38 -63.33
CA ASN C 274 -4.29 15.86 -64.70
C ASN C 274 -4.19 17.40 -64.87
N GLY C 275 -4.42 18.13 -63.80
CA GLY C 275 -4.06 19.57 -63.74
C GLY C 275 -5.02 20.53 -64.42
N VAL C 276 -6.17 20.04 -64.84
CA VAL C 276 -7.17 20.85 -65.52
C VAL C 276 -7.85 21.82 -64.55
N SER C 277 -8.08 23.05 -65.02
CA SER C 277 -8.78 24.09 -64.25
C SER C 277 -10.21 24.28 -64.73
N GLY C 278 -11.06 24.81 -63.85
CA GLY C 278 -12.43 25.17 -64.18
C GLY C 278 -13.42 24.86 -63.07
N ILE C 279 -14.70 25.01 -63.39
CA ILE C 279 -15.78 24.66 -62.49
C ILE C 279 -16.63 23.56 -63.14
N PHE C 280 -16.72 22.41 -62.47
CA PHE C 280 -17.31 21.22 -63.07
C PHE C 280 -18.40 20.58 -62.22
N ASN C 281 -19.54 20.32 -62.86
CA ASN C 281 -20.58 19.51 -62.25
C ASN C 281 -20.01 18.16 -61.85
N LEU C 282 -20.41 17.67 -60.69
CA LEU C 282 -20.03 16.33 -60.24
C LEU C 282 -21.27 15.59 -59.77
N GLY C 283 -21.83 14.82 -60.68
CA GLY C 283 -22.97 13.95 -60.42
C GLY C 283 -22.89 12.79 -61.38
N THR C 284 -23.92 11.94 -61.39
CA THR C 284 -23.98 10.80 -62.30
C THR C 284 -24.48 11.21 -63.67
N GLY C 285 -25.15 12.36 -63.74
CA GLY C 285 -25.83 12.79 -64.96
C GLY C 285 -27.22 12.21 -65.08
N ARG C 286 -27.60 11.36 -64.12
CA ARG C 286 -28.93 10.75 -64.08
C ARG C 286 -29.66 11.19 -62.82
N ALA C 287 -30.87 11.71 -63.00
CA ALA C 287 -31.73 12.07 -61.89
C ALA C 287 -32.56 10.86 -61.49
N GLU C 288 -32.64 10.59 -60.19
CA GLU C 288 -33.47 9.51 -59.68
C GLU C 288 -34.32 10.02 -58.52
N SER C 289 -35.48 9.39 -58.36
CA SER C 289 -36.40 9.77 -57.30
C SER C 289 -35.87 9.33 -55.94
N PHE C 290 -36.31 10.02 -54.90
CA PHE C 290 -36.02 9.62 -53.53
C PHE C 290 -36.57 8.22 -53.27
N GLN C 291 -37.65 7.87 -53.97
CA GLN C 291 -38.24 6.55 -53.87
C GLN C 291 -37.26 5.46 -54.32
N ALA C 292 -36.46 5.78 -55.35
CA ALA C 292 -35.46 4.83 -55.84
C ALA C 292 -34.40 4.56 -54.78
N VAL C 293 -34.01 5.60 -54.05
CA VAL C 293 -33.08 5.45 -52.92
C VAL C 293 -33.74 4.57 -51.85
N ALA C 294 -35.01 4.84 -51.57
CA ALA C 294 -35.77 4.07 -50.59
C ALA C 294 -35.86 2.61 -50.99
N ASP C 295 -36.17 2.37 -52.27
CA ASP C 295 -36.33 1.01 -52.78
C ASP C 295 -35.05 0.19 -52.62
N ALA C 296 -33.92 0.81 -52.95
CA ALA C 296 -32.63 0.14 -52.82
C ALA C 296 -32.30 -0.14 -51.34
N THR C 297 -32.73 0.77 -50.47
CA THR C 297 -32.48 0.63 -49.04
C THR C 297 -33.36 -0.46 -48.42
N LEU C 298 -34.65 -0.43 -48.75
CA LEU C 298 -35.61 -1.40 -48.21
C LEU C 298 -35.30 -2.80 -48.75
N ALA C 299 -34.81 -2.84 -49.99
CA ALA C 299 -34.45 -4.11 -50.61
C ALA C 299 -33.30 -4.77 -49.86
N TYR C 300 -32.33 -3.97 -49.42
CA TYR C 300 -31.20 -4.49 -48.66
C TYR C 300 -31.64 -4.98 -47.29
N HIS C 301 -32.47 -4.20 -46.61
CA HIS C 301 -32.95 -4.55 -45.26
C HIS C 301 -34.01 -5.64 -45.28
N LYS C 302 -34.58 -5.91 -46.45
CA LYS C 302 -35.62 -6.93 -46.63
C LYS C 302 -36.84 -6.68 -45.73
N LYS C 303 -37.08 -5.41 -45.42
CA LYS C 303 -38.27 -5.02 -44.67
C LYS C 303 -38.52 -3.54 -44.82
N GLY C 304 -39.63 -3.09 -44.27
CA GLY C 304 -39.93 -1.67 -44.17
C GLY C 304 -40.98 -1.18 -45.13
N GLN C 305 -41.68 -0.14 -44.69
CA GLN C 305 -42.73 0.50 -45.47
C GLN C 305 -42.63 2.01 -45.33
N ILE C 306 -42.42 2.69 -46.45
CA ILE C 306 -42.23 4.14 -46.43
C ILE C 306 -43.40 4.87 -45.81
N GLU C 307 -43.11 5.73 -44.83
CA GLU C 307 -44.08 6.65 -44.28
C GLU C 307 -43.76 8.05 -44.79
N TYR C 308 -44.78 8.73 -45.30
CA TYR C 308 -44.63 10.09 -45.79
C TYR C 308 -44.97 11.09 -44.69
N ILE C 309 -44.03 12.00 -44.44
CA ILE C 309 -44.17 12.98 -43.38
C ILE C 309 -44.36 14.37 -43.98
N PRO C 310 -44.92 15.31 -43.19
CA PRO C 310 -45.13 16.66 -43.69
C PRO C 310 -43.84 17.29 -44.21
N PHE C 311 -43.93 17.94 -45.35
CA PHE C 311 -42.81 18.66 -45.92
C PHE C 311 -42.38 19.74 -44.93
N PRO C 312 -41.11 19.72 -44.49
CA PRO C 312 -40.65 20.64 -43.46
C PRO C 312 -40.86 22.11 -43.84
N ASP C 313 -41.40 22.85 -42.88
CA ASP C 313 -41.81 24.22 -43.10
C ASP C 313 -40.66 25.14 -43.49
N LYS C 314 -39.49 24.92 -42.88
CA LYS C 314 -38.34 25.80 -43.09
C LYS C 314 -37.65 25.54 -44.42
N LEU C 315 -38.09 24.52 -45.15
CA LEU C 315 -37.55 24.20 -46.48
C LEU C 315 -38.42 24.77 -47.59
N LYS C 316 -39.63 25.20 -47.24
CA LYS C 316 -40.57 25.72 -48.24
C LYS C 316 -40.02 26.99 -48.90
N GLY C 317 -39.99 26.96 -50.23
CA GLY C 317 -39.44 28.06 -51.02
C GLY C 317 -37.92 28.02 -51.09
N ARG C 318 -37.31 27.04 -50.42
CA ARG C 318 -35.86 26.92 -50.33
C ARG C 318 -35.37 25.60 -50.93
N TYR C 319 -36.28 24.87 -51.58
CA TYR C 319 -36.06 23.46 -51.90
C TYR C 319 -35.91 23.20 -53.40
N GLN C 320 -34.88 22.43 -53.75
CA GLN C 320 -34.72 21.96 -55.13
C GLN C 320 -35.52 20.67 -55.31
N ALA C 321 -36.54 20.74 -56.15
CA ALA C 321 -37.42 19.60 -56.44
C ALA C 321 -36.80 18.66 -57.46
N PHE C 322 -35.79 19.15 -58.18
CA PHE C 322 -35.16 18.38 -59.25
C PHE C 322 -33.72 18.84 -59.49
N THR C 323 -32.81 17.88 -59.54
CA THR C 323 -31.45 18.13 -60.03
C THR C 323 -30.97 17.00 -60.93
N GLN C 324 -30.19 17.38 -61.94
CA GLN C 324 -29.54 16.42 -62.84
C GLN C 324 -28.30 17.08 -63.41
N ALA C 325 -27.14 16.50 -63.09
CA ALA C 325 -25.88 17.05 -63.58
C ALA C 325 -25.78 16.94 -65.10
N ASP C 326 -25.42 18.05 -65.73
CA ASP C 326 -25.02 18.04 -67.13
C ASP C 326 -23.51 17.85 -67.12
N LEU C 327 -23.06 16.70 -67.61
CA LEU C 327 -21.67 16.30 -67.48
C LEU C 327 -20.84 16.66 -68.70
N THR C 328 -21.40 17.49 -69.59
CA THR C 328 -20.74 17.85 -70.83
C THR C 328 -19.32 18.36 -70.60
N ASN C 329 -19.19 19.33 -69.70
CA ASN C 329 -17.89 19.94 -69.44
C ASN C 329 -16.94 18.98 -68.72
N LEU C 330 -17.48 18.16 -67.82
CA LEU C 330 -16.68 17.17 -67.10
C LEU C 330 -16.04 16.18 -68.07
N ARG C 331 -16.83 15.67 -69.02
CA ARG C 331 -16.33 14.71 -69.99
C ARG C 331 -15.37 15.35 -70.97
N ALA C 332 -15.65 16.60 -71.32
CA ALA C 332 -14.80 17.35 -72.26
C ALA C 332 -13.43 17.64 -71.66
N ALA C 333 -13.36 17.68 -70.33
CA ALA C 333 -12.10 17.89 -69.61
C ALA C 333 -11.22 16.63 -69.70
N GLY C 334 -11.85 15.50 -69.95
CA GLY C 334 -11.14 14.24 -70.08
C GLY C 334 -11.53 13.18 -69.07
N TYR C 335 -12.38 13.53 -68.09
CA TYR C 335 -12.83 12.54 -67.10
C TYR C 335 -13.89 11.65 -67.74
N ASP C 336 -13.51 10.41 -68.01
CA ASP C 336 -14.33 9.51 -68.83
C ASP C 336 -14.87 8.30 -68.09
N LYS C 337 -14.74 8.30 -66.77
CA LYS C 337 -15.10 7.12 -65.99
C LYS C 337 -16.59 7.13 -65.66
N PRO C 338 -17.20 5.93 -65.55
CA PRO C 338 -18.60 5.82 -65.22
C PRO C 338 -18.89 6.13 -63.77
N PHE C 339 -20.15 6.42 -63.48
CA PHE C 339 -20.60 6.69 -62.12
C PHE C 339 -21.55 5.59 -61.66
N LYS C 340 -21.42 5.19 -60.41
CA LYS C 340 -22.31 4.20 -59.82
C LYS C 340 -23.75 4.72 -59.78
N THR C 341 -24.68 3.85 -60.14
CA THR C 341 -26.10 4.16 -60.05
C THR C 341 -26.54 4.14 -58.59
N VAL C 342 -27.75 4.63 -58.34
CA VAL C 342 -28.30 4.61 -56.99
C VAL C 342 -28.41 3.17 -56.48
N ALA C 343 -28.85 2.26 -57.33
CA ALA C 343 -28.99 0.85 -56.94
C ALA C 343 -27.64 0.27 -56.51
N GLU C 344 -26.60 0.57 -57.26
CA GLU C 344 -25.24 0.10 -56.96
C GLU C 344 -24.71 0.75 -55.70
N GLY C 345 -24.67 2.08 -55.70
CA GLY C 345 -24.07 2.84 -54.62
C GLY C 345 -24.74 2.66 -53.28
N VAL C 346 -26.07 2.69 -53.27
CA VAL C 346 -26.83 2.56 -52.04
C VAL C 346 -26.68 1.14 -51.47
N THR C 347 -26.67 0.15 -52.35
CA THR C 347 -26.47 -1.24 -51.92
C THR C 347 -25.09 -1.39 -51.29
N GLU C 348 -24.07 -0.84 -51.95
CA GLU C 348 -22.72 -0.88 -51.41
C GLU C 348 -22.63 -0.15 -50.07
N TYR C 349 -23.33 0.98 -49.99
CA TYR C 349 -23.36 1.80 -48.79
C TYR C 349 -24.01 1.07 -47.61
N MET C 350 -25.13 0.39 -47.88
CA MET C 350 -25.84 -0.35 -46.84
C MET C 350 -24.98 -1.48 -46.28
N ALA C 351 -24.19 -2.12 -47.14
CA ALA C 351 -23.29 -3.19 -46.72
C ALA C 351 -22.23 -2.63 -45.80
N TRP C 352 -21.73 -1.44 -46.11
CA TRP C 352 -20.74 -0.78 -45.26
C TRP C 352 -21.35 -0.37 -43.92
N LEU C 353 -22.55 0.21 -43.96
CA LEU C 353 -23.24 0.68 -42.75
C LEU C 353 -23.55 -0.46 -41.79
N ASN C 354 -23.76 -1.65 -42.36
CA ASN C 354 -24.19 -2.80 -41.60
C ASN C 354 -23.15 -3.92 -41.63
N MET D 48 -14.04 50.51 -60.27
CA MET D 48 -15.07 49.81 -59.46
C MET D 48 -15.93 50.77 -58.66
N ILE D 49 -17.11 50.30 -58.28
CA ILE D 49 -18.03 51.07 -57.45
C ILE D 49 -18.35 50.29 -56.19
N ILE D 50 -18.44 51.02 -55.08
CA ILE D 50 -18.79 50.41 -53.80
C ILE D 50 -20.20 50.85 -53.43
N VAL D 51 -21.04 49.88 -53.07
CA VAL D 51 -22.37 50.16 -52.56
C VAL D 51 -22.51 49.57 -51.17
N THR D 52 -22.54 50.42 -50.15
CA THR D 52 -22.84 49.98 -48.80
C THR D 52 -24.35 49.89 -48.67
N GLY D 53 -24.83 48.98 -47.83
CA GLY D 53 -26.25 48.67 -47.75
C GLY D 53 -26.71 48.01 -49.05
N GLY D 54 -25.76 47.48 -49.80
CA GLY D 54 -26.00 46.92 -51.12
C GLY D 54 -26.84 45.65 -51.16
N ALA D 55 -26.94 44.98 -50.01
CA ALA D 55 -27.80 43.80 -49.90
C ALA D 55 -29.17 44.22 -49.36
N GLY D 56 -29.29 45.50 -49.01
CA GLY D 56 -30.53 46.06 -48.52
C GLY D 56 -31.43 46.55 -49.64
N PHE D 57 -32.48 47.27 -49.25
CA PHE D 57 -33.53 47.70 -50.17
C PHE D 57 -33.03 48.66 -51.25
N ILE D 58 -32.70 49.89 -50.85
CA ILE D 58 -32.29 50.90 -51.81
C ILE D 58 -30.95 50.53 -52.45
N GLY D 59 -30.04 50.00 -51.65
CA GLY D 59 -28.71 49.63 -52.15
C GLY D 59 -28.73 48.59 -53.25
N SER D 60 -29.53 47.53 -53.07
CA SER D 60 -29.63 46.48 -54.07
C SER D 60 -30.25 47.01 -55.36
N ASN D 61 -31.13 48.00 -55.21
CA ASN D 61 -31.75 48.65 -56.37
C ASN D 61 -30.77 49.54 -57.12
N ILE D 62 -29.83 50.15 -56.41
CA ILE D 62 -28.74 50.89 -57.04
C ILE D 62 -27.84 49.93 -57.80
N VAL D 63 -27.54 48.78 -57.19
CA VAL D 63 -26.73 47.75 -57.85
C VAL D 63 -27.39 47.30 -59.15
N LYS D 64 -28.69 47.08 -59.11
CA LYS D 64 -29.43 46.68 -60.30
C LYS D 64 -29.35 47.76 -61.38
N ALA D 65 -29.53 49.00 -60.96
CA ALA D 65 -29.49 50.13 -61.89
C ALA D 65 -28.11 50.24 -62.54
N LEU D 66 -27.06 49.95 -61.78
CA LEU D 66 -25.70 49.94 -62.29
C LEU D 66 -25.52 48.82 -63.30
N ASN D 67 -26.02 47.63 -62.97
CA ASN D 67 -26.01 46.48 -63.89
C ASN D 67 -26.68 46.83 -65.22
N ASP D 68 -27.79 47.55 -65.15
CA ASP D 68 -28.55 47.93 -66.35
C ASP D 68 -27.76 48.86 -67.25
N LYS D 69 -26.78 49.57 -66.67
CA LYS D 69 -25.89 50.44 -67.44
C LYS D 69 -24.58 49.73 -67.79
N GLY D 70 -24.55 48.41 -67.59
CA GLY D 70 -23.40 47.59 -67.97
C GLY D 70 -22.28 47.57 -66.96
N ILE D 71 -22.56 48.03 -65.73
CA ILE D 71 -21.56 48.06 -64.67
C ILE D 71 -21.75 46.89 -63.71
N THR D 72 -20.70 46.07 -63.59
CA THR D 72 -20.73 44.89 -62.72
C THR D 72 -19.55 44.84 -61.73
N ASP D 73 -18.55 45.69 -61.91
CA ASP D 73 -17.41 45.74 -61.00
C ASP D 73 -17.82 46.48 -59.73
N ILE D 74 -18.57 45.78 -58.89
CA ILE D 74 -19.21 46.36 -57.72
C ILE D 74 -18.84 45.60 -56.45
N LEU D 75 -18.36 46.34 -55.44
CA LEU D 75 -18.15 45.79 -54.12
C LEU D 75 -19.36 46.14 -53.28
N VAL D 76 -20.06 45.12 -52.79
CA VAL D 76 -21.18 45.31 -51.88
C VAL D 76 -20.70 45.18 -50.44
N VAL D 77 -21.04 46.16 -49.62
CA VAL D 77 -20.77 46.12 -48.20
C VAL D 77 -22.10 46.10 -47.46
N ASP D 78 -22.27 45.14 -46.57
CA ASP D 78 -23.53 45.02 -45.84
C ASP D 78 -23.38 44.16 -44.58
N ASN D 79 -24.51 43.77 -44.01
CA ASN D 79 -24.57 42.89 -42.87
C ASN D 79 -25.60 41.80 -43.14
N LEU D 80 -25.11 40.60 -43.47
CA LEU D 80 -25.97 39.51 -43.89
C LEU D 80 -26.37 38.61 -42.73
N LYS D 81 -26.25 39.10 -41.51
CA LYS D 81 -26.72 38.37 -40.33
C LYS D 81 -28.09 37.76 -40.64
N ASP D 82 -29.02 38.59 -41.10
CA ASP D 82 -30.26 38.11 -41.68
C ASP D 82 -29.97 37.61 -43.10
N GLY D 83 -29.69 36.32 -43.21
CA GLY D 83 -29.29 35.72 -44.47
C GLY D 83 -30.33 35.75 -45.58
N THR D 84 -31.59 36.00 -45.24
CA THR D 84 -32.66 36.06 -46.24
C THR D 84 -32.45 37.22 -47.20
N LYS D 85 -31.61 38.18 -46.83
CA LYS D 85 -31.33 39.34 -47.68
C LYS D 85 -30.58 38.97 -48.94
N PHE D 86 -30.04 37.75 -49.00
CA PHE D 86 -29.26 37.32 -50.15
C PHE D 86 -30.09 37.42 -51.43
N VAL D 87 -31.42 37.22 -51.33
CA VAL D 87 -32.29 37.26 -52.51
C VAL D 87 -32.22 38.59 -53.25
N ASN D 88 -31.88 39.65 -52.53
CA ASN D 88 -31.78 40.98 -53.14
C ASN D 88 -30.61 41.10 -54.09
N LEU D 89 -29.64 40.19 -53.97
CA LEU D 89 -28.44 40.19 -54.80
C LEU D 89 -28.35 39.01 -55.75
N VAL D 90 -29.20 37.99 -55.54
CA VAL D 90 -29.02 36.70 -56.20
C VAL D 90 -29.10 36.78 -57.73
N ASP D 91 -29.91 37.70 -58.24
CA ASP D 91 -30.10 37.86 -59.68
C ASP D 91 -29.23 38.98 -60.25
N LEU D 92 -28.41 39.59 -59.40
CA LEU D 92 -27.58 40.71 -59.81
C LEU D 92 -26.13 40.28 -60.01
N ASN D 93 -25.34 41.19 -60.56
CA ASN D 93 -23.93 40.93 -60.84
C ASN D 93 -23.01 41.90 -60.13
N ILE D 94 -22.21 41.35 -59.22
CA ILE D 94 -21.25 42.13 -58.46
C ILE D 94 -19.90 41.45 -58.50
N ALA D 95 -18.87 42.14 -58.00
CA ALA D 95 -17.51 41.62 -58.04
C ALA D 95 -17.13 40.94 -56.73
N ASP D 96 -17.67 41.43 -55.62
CA ASP D 96 -17.22 41.03 -54.30
C ASP D 96 -18.18 41.47 -53.21
N TYR D 97 -18.10 40.79 -52.07
CA TYR D 97 -18.90 41.13 -50.90
C TYR D 97 -18.01 41.26 -49.68
N MET D 98 -18.33 42.23 -48.84
CA MET D 98 -17.62 42.46 -47.60
C MET D 98 -18.57 42.86 -46.49
N ASP D 99 -18.32 42.34 -45.29
CA ASP D 99 -19.11 42.72 -44.11
C ASP D 99 -18.77 44.14 -43.69
N LYS D 100 -19.78 44.86 -43.19
CA LYS D 100 -19.65 46.26 -42.81
C LYS D 100 -18.55 46.52 -41.76
N GLU D 101 -18.31 45.55 -40.89
CA GLU D 101 -17.32 45.74 -39.83
C GLU D 101 -15.91 45.61 -40.39
N ASP D 102 -15.70 44.65 -41.29
CA ASP D 102 -14.41 44.48 -41.96
C ASP D 102 -14.11 45.67 -42.85
N PHE D 103 -15.15 46.18 -43.51
CA PHE D 103 -15.00 47.33 -44.38
C PHE D 103 -14.54 48.56 -43.58
N LEU D 104 -15.17 48.78 -42.43
CA LEU D 104 -14.84 49.91 -41.58
C LEU D 104 -13.39 49.84 -41.12
N ILE D 105 -12.96 48.64 -40.74
CA ILE D 105 -11.59 48.44 -40.26
C ILE D 105 -10.58 48.78 -41.36
N GLN D 106 -10.88 48.37 -42.58
CA GLN D 106 -9.98 48.58 -43.71
C GLN D 106 -9.98 50.04 -44.15
N ILE D 107 -11.15 50.66 -44.13
CA ILE D 107 -11.30 52.09 -44.40
C ILE D 107 -10.46 52.93 -43.43
N MET D 108 -10.60 52.64 -42.14
CA MET D 108 -9.89 53.39 -41.11
C MET D 108 -8.40 53.14 -41.11
N ALA D 109 -7.97 52.00 -41.66
CA ALA D 109 -6.56 51.68 -41.79
C ALA D 109 -5.97 52.26 -43.08
N GLY D 110 -6.83 52.84 -43.90
CA GLY D 110 -6.41 53.49 -45.14
C GLY D 110 -6.06 52.50 -46.24
N GLU D 111 -6.77 51.36 -46.26
CA GLU D 111 -6.59 50.37 -47.31
C GLU D 111 -7.17 50.89 -48.62
N GLU D 112 -6.55 50.49 -49.73
CA GLU D 112 -7.07 50.79 -51.06
C GLU D 112 -7.87 49.60 -51.53
N PHE D 113 -9.00 49.85 -52.19
CA PHE D 113 -9.85 48.78 -52.71
C PHE D 113 -9.72 48.65 -54.22
N GLY D 114 -8.87 49.48 -54.80
CA GLY D 114 -8.70 49.53 -56.25
C GLY D 114 -8.96 50.94 -56.74
N ASP D 115 -9.32 51.06 -58.01
CA ASP D 115 -9.65 52.34 -58.61
C ASP D 115 -11.13 52.59 -58.39
N VAL D 116 -11.46 53.17 -57.23
CA VAL D 116 -12.85 53.37 -56.84
C VAL D 116 -13.39 54.65 -57.49
N GLU D 117 -14.44 54.47 -58.28
CA GLU D 117 -15.06 55.56 -59.02
C GLU D 117 -16.11 56.28 -58.18
N ALA D 118 -16.68 55.58 -57.20
CA ALA D 118 -17.71 56.14 -56.36
C ALA D 118 -18.10 55.20 -55.24
N ILE D 119 -18.55 55.78 -54.12
CA ILE D 119 -19.19 55.03 -53.07
C ILE D 119 -20.63 55.52 -52.89
N PHE D 120 -21.58 54.60 -53.05
CA PHE D 120 -22.96 54.85 -52.69
C PHE D 120 -23.16 54.32 -51.28
N HIS D 121 -23.29 55.22 -50.32
CA HIS D 121 -23.38 54.82 -48.93
C HIS D 121 -24.83 54.76 -48.46
N GLU D 122 -25.48 53.63 -48.69
CA GLU D 122 -26.87 53.39 -48.27
C GLU D 122 -26.91 52.61 -46.97
N GLY D 123 -25.76 52.09 -46.55
CA GLY D 123 -25.65 51.31 -45.33
C GLY D 123 -25.95 52.11 -44.07
N ALA D 124 -26.91 51.61 -43.29
CA ALA D 124 -27.29 52.25 -42.04
C ALA D 124 -28.29 51.36 -41.31
N CYS D 125 -28.39 51.56 -40.00
CA CYS D 125 -29.50 51.03 -39.24
C CYS D 125 -30.70 51.85 -39.65
N SER D 126 -31.65 51.21 -40.32
CA SER D 126 -32.76 51.90 -40.95
C SER D 126 -34.04 51.87 -40.12
N SER D 127 -33.96 51.33 -38.90
CA SER D 127 -35.15 51.19 -38.07
C SER D 127 -35.44 52.45 -37.27
N THR D 128 -36.62 53.01 -37.45
CA THR D 128 -37.03 54.21 -36.73
C THR D 128 -37.39 53.91 -35.28
N THR D 129 -37.59 52.64 -34.96
CA THR D 129 -38.00 52.21 -33.62
C THR D 129 -36.83 51.63 -32.82
N GLU D 130 -35.63 51.71 -33.38
CA GLU D 130 -34.42 51.33 -32.66
C GLU D 130 -34.01 52.49 -31.78
N TRP D 131 -33.92 52.25 -30.47
CA TRP D 131 -33.63 53.33 -29.52
C TRP D 131 -32.29 53.21 -28.81
N ASP D 132 -31.46 52.25 -29.19
CA ASP D 132 -30.08 52.21 -28.73
C ASP D 132 -29.30 53.28 -29.51
N GLY D 133 -29.17 54.45 -28.91
CA GLY D 133 -28.54 55.58 -29.57
C GLY D 133 -27.02 55.47 -29.65
N LYS D 134 -26.42 54.68 -28.77
CA LYS D 134 -24.99 54.46 -28.82
C LYS D 134 -24.67 53.73 -30.12
N TYR D 135 -25.42 52.66 -30.37
CA TYR D 135 -25.30 51.92 -31.61
C TYR D 135 -25.65 52.80 -32.81
N MET D 136 -26.74 53.55 -32.69
CA MET D 136 -27.23 54.36 -33.81
C MET D 136 -26.23 55.43 -34.22
N MET D 137 -25.69 56.17 -33.25
CA MET D 137 -24.71 57.22 -33.56
C MET D 137 -23.42 56.65 -34.10
N ASP D 138 -23.12 55.42 -33.70
CA ASP D 138 -21.92 54.75 -34.11
C ASP D 138 -22.01 54.17 -35.52
N ASN D 139 -23.05 53.34 -35.72
CA ASN D 139 -23.26 52.63 -36.97
C ASN D 139 -23.69 53.55 -38.09
N ASN D 140 -24.37 54.65 -37.74
CA ASN D 140 -24.84 55.61 -38.73
C ASN D 140 -23.92 56.82 -38.83
N TYR D 141 -23.96 57.68 -37.81
CA TYR D 141 -23.23 58.95 -37.84
C TYR D 141 -21.72 58.77 -37.97
N GLN D 142 -21.12 58.05 -37.04
CA GLN D 142 -19.67 57.91 -37.00
C GLN D 142 -19.15 57.15 -38.21
N TYR D 143 -19.86 56.07 -38.56
CA TYR D 143 -19.49 55.23 -39.70
C TYR D 143 -19.46 56.10 -40.96
N SER D 144 -20.48 56.93 -41.11
CA SER D 144 -20.61 57.80 -42.29
C SER D 144 -19.48 58.82 -42.35
N LYS D 145 -19.09 59.35 -41.19
CA LYS D 145 -17.96 60.28 -41.11
C LYS D 145 -16.66 59.64 -41.58
N GLU D 146 -16.41 58.41 -41.14
CA GLU D 146 -15.16 57.71 -41.49
C GLU D 146 -15.08 57.51 -43.00
N LEU D 147 -16.20 57.16 -43.58
CA LEU D 147 -16.29 56.89 -45.00
C LEU D 147 -16.15 58.18 -45.80
N LEU D 148 -16.79 59.24 -45.31
CA LEU D 148 -16.71 60.56 -45.93
C LEU D 148 -15.27 61.03 -46.03
N HIS D 149 -14.53 60.92 -44.93
CA HIS D 149 -13.15 61.38 -44.87
C HIS D 149 -12.25 60.54 -45.75
N TYR D 150 -12.54 59.25 -45.82
CA TYR D 150 -11.80 58.33 -46.68
C TYR D 150 -11.93 58.77 -48.14
N CYS D 151 -13.16 59.05 -48.55
CA CYS D 151 -13.45 59.46 -49.92
C CYS D 151 -12.87 60.82 -50.23
N LEU D 152 -12.89 61.67 -49.22
CA LEU D 152 -12.48 63.05 -49.34
C LEU D 152 -10.97 63.12 -49.59
N GLU D 153 -10.24 62.28 -48.87
CA GLU D 153 -8.79 62.20 -48.99
C GLU D 153 -8.36 61.70 -50.35
N ARG D 154 -9.22 60.90 -50.97
CA ARG D 154 -8.91 60.25 -52.23
C ARG D 154 -9.69 60.86 -53.40
N GLU D 155 -10.49 61.88 -53.11
CA GLU D 155 -11.34 62.55 -54.10
C GLU D 155 -12.27 61.55 -54.79
N ILE D 156 -12.82 60.64 -53.99
CA ILE D 156 -13.80 59.67 -54.44
C ILE D 156 -15.21 60.24 -54.22
N PRO D 157 -16.02 60.33 -55.30
CA PRO D 157 -17.39 60.77 -55.14
C PRO D 157 -18.13 59.97 -54.07
N PHE D 158 -18.82 60.69 -53.19
CA PHE D 158 -19.48 60.12 -52.03
C PHE D 158 -20.95 60.51 -52.07
N LEU D 159 -21.81 59.53 -52.31
CA LEU D 159 -23.25 59.73 -52.42
C LEU D 159 -23.96 58.90 -51.36
N TYR D 160 -24.55 59.57 -50.38
CA TYR D 160 -25.07 58.89 -49.19
C TYR D 160 -26.56 59.11 -48.97
N ALA D 161 -27.10 58.33 -48.04
CA ALA D 161 -28.52 58.33 -47.72
C ALA D 161 -28.80 59.20 -46.52
N SER D 162 -29.60 60.23 -46.71
CA SER D 162 -30.19 61.00 -45.63
C SER D 162 -31.61 60.48 -45.46
N SER D 163 -32.48 61.27 -44.83
CA SER D 163 -33.86 60.86 -44.62
C SER D 163 -34.76 62.05 -44.33
N ALA D 164 -36.00 61.98 -44.81
CA ALA D 164 -37.02 63.00 -44.55
C ALA D 164 -37.48 62.98 -43.09
N ALA D 165 -37.10 61.93 -42.36
CA ALA D 165 -37.32 61.87 -40.93
C ALA D 165 -36.62 63.03 -40.22
N THR D 166 -35.61 63.61 -40.87
CA THR D 166 -34.91 64.77 -40.32
C THR D 166 -35.84 65.97 -40.14
N TYR D 167 -36.94 66.01 -40.90
CA TYR D 167 -37.87 67.15 -40.84
C TYR D 167 -38.76 67.11 -39.60
N GLY D 168 -38.95 65.92 -39.05
CA GLY D 168 -39.82 65.74 -37.89
C GLY D 168 -41.25 66.11 -38.19
N GLY D 169 -41.93 66.68 -37.20
CA GLY D 169 -43.34 67.02 -37.29
C GLY D 169 -43.56 68.37 -37.95
N ARG D 170 -44.22 68.35 -39.10
CA ARG D 170 -44.24 69.50 -39.99
C ARG D 170 -45.39 69.39 -40.98
N THR D 171 -45.99 70.53 -41.32
CA THR D 171 -47.13 70.55 -42.25
C THR D 171 -46.81 71.21 -43.59
N SER D 172 -45.59 71.76 -43.71
CA SER D 172 -45.13 72.36 -44.95
C SER D 172 -43.66 72.72 -44.88
N ASP D 173 -43.12 73.24 -45.98
CA ASP D 173 -41.75 73.73 -46.04
C ASP D 173 -40.74 72.65 -45.68
N PHE D 174 -40.83 71.52 -46.37
CA PHE D 174 -39.84 70.46 -46.24
C PHE D 174 -38.65 70.82 -47.10
N ILE D 175 -37.88 71.79 -46.60
CA ILE D 175 -36.78 72.38 -47.34
C ILE D 175 -35.44 72.01 -46.69
N GLU D 176 -34.44 71.75 -47.52
CA GLU D 176 -33.16 71.22 -47.06
C GLU D 176 -32.33 72.27 -46.35
N SER D 177 -32.78 72.68 -45.18
CA SER D 177 -32.08 73.66 -44.38
C SER D 177 -32.36 73.42 -42.89
N ARG D 178 -31.36 73.71 -42.07
CA ARG D 178 -31.38 73.37 -40.64
C ARG D 178 -32.64 73.84 -39.91
N GLU D 179 -33.15 74.98 -40.31
CA GLU D 179 -34.29 75.60 -39.63
C GLU D 179 -35.58 74.79 -39.77
N TYR D 180 -35.61 73.91 -40.77
CA TYR D 180 -36.80 73.09 -41.03
C TYR D 180 -36.61 71.67 -40.49
N GLU D 181 -35.51 71.45 -39.80
CA GLU D 181 -35.15 70.11 -39.34
C GLU D 181 -35.27 69.97 -37.83
N LYS D 182 -35.96 68.92 -37.41
CA LYS D 182 -36.17 68.62 -35.99
C LYS D 182 -36.72 67.20 -35.85
N PRO D 183 -35.85 66.19 -36.02
CA PRO D 183 -36.28 64.79 -36.00
C PRO D 183 -36.96 64.38 -34.69
N LEU D 184 -37.85 63.39 -34.79
CA LEU D 184 -38.67 62.94 -33.68
C LEU D 184 -38.11 61.67 -33.04
N ASN D 185 -37.07 61.11 -33.63
CA ASN D 185 -36.44 59.91 -33.07
C ASN D 185 -34.93 59.89 -33.29
N VAL D 186 -34.25 58.99 -32.58
CA VAL D 186 -32.80 58.95 -32.59
C VAL D 186 -32.24 58.51 -33.95
N PHE D 187 -33.01 57.69 -34.68
CA PHE D 187 -32.65 57.39 -36.06
C PHE D 187 -32.53 58.68 -36.85
N GLY D 188 -33.58 59.49 -36.78
CA GLY D 188 -33.64 60.77 -37.46
C GLY D 188 -32.51 61.71 -37.04
N TYR D 189 -32.19 61.68 -35.75
CA TYR D 189 -31.11 62.50 -35.23
C TYR D 189 -29.76 62.09 -35.81
N SER D 190 -29.54 60.78 -35.93
CA SER D 190 -28.29 60.27 -36.50
C SER D 190 -28.12 60.76 -37.94
N LYS D 191 -29.23 60.83 -38.67
CA LYS D 191 -29.22 61.35 -40.04
C LYS D 191 -29.03 62.85 -40.04
N PHE D 192 -29.77 63.55 -39.18
CA PHE D 192 -29.69 64.99 -39.11
C PHE D 192 -28.26 65.46 -38.81
N LEU D 193 -27.63 64.84 -37.83
CA LEU D 193 -26.33 65.31 -37.38
C LEU D 193 -25.26 65.10 -38.46
N PHE D 194 -25.39 64.03 -39.23
CA PHE D 194 -24.45 63.81 -40.31
C PHE D 194 -24.63 64.83 -41.43
N ASP D 195 -25.88 65.19 -41.73
CA ASP D 195 -26.14 66.23 -42.72
C ASP D 195 -25.49 67.53 -42.28
N GLU D 196 -25.56 67.81 -40.97
CA GLU D 196 -24.93 69.01 -40.42
C GLU D 196 -23.42 68.94 -40.53
N TYR D 197 -22.88 67.73 -40.39
CA TYR D 197 -21.44 67.52 -40.51
C TYR D 197 -21.01 67.75 -41.95
N VAL D 198 -21.78 67.22 -42.89
CA VAL D 198 -21.52 67.40 -44.31
C VAL D 198 -21.55 68.88 -44.69
N ARG D 199 -22.45 69.64 -44.09
CA ARG D 199 -22.54 71.08 -44.35
C ARG D 199 -21.29 71.85 -43.92
N GLN D 200 -20.63 71.37 -42.87
CA GLN D 200 -19.39 71.99 -42.40
C GLN D 200 -18.24 71.70 -43.37
N ILE D 201 -18.35 70.56 -44.07
CA ILE D 201 -17.27 70.03 -44.92
C ILE D 201 -17.38 70.53 -46.37
N LEU D 202 -18.61 70.72 -46.85
CA LEU D 202 -18.87 71.05 -48.26
C LEU D 202 -18.03 72.21 -48.81
N PRO D 203 -18.00 73.36 -48.10
CA PRO D 203 -17.33 74.53 -48.67
C PRO D 203 -15.90 74.29 -49.13
N GLU D 204 -15.25 73.26 -48.61
CA GLU D 204 -13.85 73.01 -48.94
C GLU D 204 -13.60 71.62 -49.54
N ALA D 205 -14.67 70.86 -49.75
CA ALA D 205 -14.56 69.57 -50.43
C ALA D 205 -14.06 69.79 -51.85
N ASN D 206 -13.13 68.93 -52.29
CA ASN D 206 -12.60 68.99 -53.66
C ASN D 206 -13.13 67.82 -54.49
N SER D 207 -14.15 67.15 -53.98
CA SER D 207 -14.80 66.07 -54.69
C SER D 207 -16.27 65.99 -54.30
N GLN D 208 -17.04 65.31 -55.13
CA GLN D 208 -18.49 65.26 -54.97
C GLN D 208 -18.92 64.67 -53.62
N ILE D 209 -19.80 65.40 -52.95
CA ILE D 209 -20.52 64.91 -51.78
C ILE D 209 -22.01 65.19 -52.01
N VAL D 210 -22.82 64.14 -52.04
CA VAL D 210 -24.26 64.28 -52.20
C VAL D 210 -25.00 63.44 -51.18
N GLY D 211 -25.95 64.08 -50.51
CA GLY D 211 -26.87 63.40 -49.61
C GLY D 211 -28.26 63.41 -50.20
N PHE D 212 -28.90 62.24 -50.21
CA PHE D 212 -30.26 62.12 -50.70
C PHE D 212 -31.21 61.93 -49.54
N ARG D 213 -32.10 62.90 -49.38
CA ARG D 213 -33.08 62.87 -48.32
C ARG D 213 -34.31 62.14 -48.80
N TYR D 214 -34.28 60.82 -48.68
CA TYR D 214 -35.35 59.97 -49.17
C TYR D 214 -36.60 60.18 -48.33
N PHE D 215 -37.75 60.22 -48.99
CA PHE D 215 -39.03 60.29 -48.30
C PHE D 215 -39.53 58.85 -48.09
N ASN D 216 -40.77 58.53 -48.47
CA ASN D 216 -41.28 57.18 -48.27
C ASN D 216 -41.04 56.30 -49.49
N VAL D 217 -39.91 55.60 -49.48
CA VAL D 217 -39.53 54.78 -50.62
C VAL D 217 -40.21 53.42 -50.51
N TYR D 218 -40.73 52.95 -51.65
CA TYR D 218 -41.39 51.65 -51.72
C TYR D 218 -41.05 50.98 -53.04
N GLY D 219 -41.12 49.65 -53.05
CA GLY D 219 -40.87 48.88 -54.25
C GLY D 219 -40.08 47.62 -54.00
N PRO D 220 -39.67 46.93 -55.08
CA PRO D 220 -38.98 45.65 -55.02
C PRO D 220 -37.71 45.65 -54.18
N ARG D 221 -37.51 44.56 -53.44
CA ARG D 221 -36.28 44.24 -52.71
C ARG D 221 -36.27 44.77 -51.27
N GLU D 222 -37.45 44.93 -50.69
CA GLU D 222 -37.60 45.37 -49.31
C GLU D 222 -38.25 44.30 -48.43
N GLY D 223 -38.36 43.08 -48.97
CA GLY D 223 -39.06 41.99 -48.29
C GLY D 223 -38.43 41.53 -46.99
N HIS D 224 -37.22 41.99 -46.72
CA HIS D 224 -36.46 41.62 -45.52
C HIS D 224 -36.69 42.60 -44.37
N LYS D 225 -37.30 43.74 -44.67
CA LYS D 225 -37.34 44.85 -43.72
C LYS D 225 -38.34 44.69 -42.58
N GLY D 226 -39.18 43.66 -42.66
CA GLY D 226 -40.15 43.38 -41.62
C GLY D 226 -41.08 44.56 -41.38
N SER D 227 -41.13 45.01 -40.13
CA SER D 227 -42.01 46.12 -39.74
C SER D 227 -41.63 47.44 -40.41
N MET D 228 -40.40 47.54 -40.92
CA MET D 228 -39.93 48.74 -41.58
C MET D 228 -40.17 48.71 -43.10
N ALA D 229 -40.78 47.63 -43.59
CA ALA D 229 -41.16 47.55 -45.00
C ALA D 229 -42.30 48.53 -45.27
N SER D 230 -42.46 48.90 -46.54
CA SER D 230 -43.51 49.82 -46.95
C SER D 230 -44.90 49.26 -46.64
N VAL D 231 -45.85 50.16 -46.44
CA VAL D 231 -47.24 49.77 -46.20
C VAL D 231 -47.76 48.96 -47.39
N ALA D 232 -47.34 49.35 -48.58
CA ALA D 232 -47.70 48.62 -49.80
C ALA D 232 -47.31 47.16 -49.69
N PHE D 233 -46.09 46.90 -49.22
CA PHE D 233 -45.61 45.54 -49.06
C PHE D 233 -46.46 44.80 -48.04
N HIS D 234 -46.73 45.46 -46.91
CA HIS D 234 -47.50 44.85 -45.83
C HIS D 234 -48.90 44.48 -46.29
N LEU D 235 -49.52 45.37 -47.06
CA LEU D 235 -50.88 45.14 -47.55
C LEU D 235 -50.92 43.95 -48.49
N ASN D 236 -49.91 43.85 -49.36
CA ASN D 236 -49.80 42.74 -50.28
C ASN D 236 -49.67 41.42 -49.53
N THR D 237 -48.80 41.40 -48.52
CA THR D 237 -48.57 40.20 -47.72
C THR D 237 -49.84 39.77 -47.03
N GLN D 238 -50.52 40.73 -46.40
CA GLN D 238 -51.77 40.46 -45.70
C GLN D 238 -52.84 39.90 -46.62
N LEU D 239 -52.99 40.52 -47.79
CA LEU D 239 -54.01 40.09 -48.75
C LEU D 239 -53.73 38.68 -49.27
N ASN D 240 -52.46 38.38 -49.53
CA ASN D 240 -52.07 37.05 -50.01
C ASN D 240 -52.19 35.97 -48.94
N ASN D 241 -52.17 36.37 -47.67
CA ASN D 241 -52.36 35.44 -46.55
C ASN D 241 -53.83 35.30 -46.15
N GLY D 242 -54.71 35.93 -46.92
CA GLY D 242 -56.15 35.89 -46.64
C GLY D 242 -56.52 36.75 -45.45
N GLU D 243 -55.62 37.65 -45.05
CA GLU D 243 -55.86 38.56 -43.94
C GLU D 243 -56.39 39.90 -44.44
N SER D 244 -57.08 40.60 -43.56
CA SER D 244 -57.57 41.96 -43.84
C SER D 244 -56.38 42.89 -44.03
N PRO D 245 -56.44 43.78 -45.05
CA PRO D 245 -55.39 44.79 -45.20
C PRO D 245 -55.54 45.89 -44.15
N LYS D 246 -54.43 46.26 -43.51
CA LYS D 246 -54.49 47.08 -42.30
C LYS D 246 -53.81 48.45 -42.42
N LEU D 247 -54.50 49.47 -41.92
CA LEU D 247 -53.95 50.81 -41.79
C LEU D 247 -54.12 51.28 -40.35
N PHE D 248 -53.21 52.15 -39.90
CA PHE D 248 -53.32 52.75 -38.58
C PHE D 248 -54.57 53.61 -38.50
N GLU D 249 -55.22 53.58 -37.35
CA GLU D 249 -56.31 54.50 -37.07
C GLU D 249 -55.79 55.93 -37.24
N GLY D 250 -56.56 56.75 -37.95
CA GLY D 250 -56.19 58.14 -38.20
C GLY D 250 -55.45 58.32 -39.52
N SER D 251 -55.35 57.25 -40.29
CA SER D 251 -54.64 57.28 -41.58
C SER D 251 -55.32 58.16 -42.62
N GLU D 252 -56.59 58.48 -42.39
CA GLU D 252 -57.30 59.44 -43.22
C GLU D 252 -56.46 60.69 -43.34
N ASN D 253 -56.06 61.21 -42.18
CA ASN D 253 -55.32 62.46 -42.05
C ASN D 253 -53.81 62.31 -42.14
N PHE D 254 -53.33 61.10 -42.44
CA PHE D 254 -51.89 60.88 -42.61
C PHE D 254 -51.53 60.82 -44.08
N LYS D 255 -50.50 61.57 -44.45
CA LYS D 255 -50.03 61.60 -45.84
C LYS D 255 -48.52 61.59 -45.89
N ARG D 256 -47.98 60.95 -46.92
CA ARG D 256 -46.55 60.94 -47.13
C ARG D 256 -46.23 61.14 -48.61
N ASP D 257 -45.02 61.60 -48.88
CA ASP D 257 -44.48 61.62 -50.22
C ASP D 257 -43.93 60.24 -50.54
N PHE D 258 -44.79 59.39 -51.09
CA PHE D 258 -44.41 58.05 -51.48
C PHE D 258 -43.68 58.10 -52.82
N VAL D 259 -42.47 57.53 -52.85
CA VAL D 259 -41.64 57.58 -54.05
C VAL D 259 -41.14 56.19 -54.42
N TYR D 260 -41.27 55.85 -55.69
CA TYR D 260 -40.91 54.53 -56.19
C TYR D 260 -39.38 54.36 -56.22
N VAL D 261 -38.92 53.20 -55.74
CA VAL D 261 -37.48 52.95 -55.61
C VAL D 261 -36.74 53.02 -56.94
N GLY D 262 -37.42 52.70 -58.03
CA GLY D 262 -36.84 52.80 -59.37
C GLY D 262 -36.37 54.22 -59.68
N ASP D 263 -37.16 55.20 -59.26
CA ASP D 263 -36.83 56.61 -59.46
C ASP D 263 -35.68 57.04 -58.56
N VAL D 264 -35.65 56.49 -57.35
CA VAL D 264 -34.58 56.76 -56.40
C VAL D 264 -33.23 56.30 -56.95
N ALA D 265 -33.21 55.11 -57.54
CA ALA D 265 -32.00 54.57 -58.17
C ALA D 265 -31.57 55.46 -59.34
N ASP D 266 -32.53 55.90 -60.15
CA ASP D 266 -32.24 56.75 -61.30
C ASP D 266 -31.61 58.07 -60.88
N VAL D 267 -32.14 58.66 -59.80
CA VAL D 267 -31.60 59.92 -59.30
C VAL D 267 -30.15 59.74 -58.86
N ASN D 268 -29.90 58.65 -58.14
CA ASN D 268 -28.56 58.32 -57.67
C ASN D 268 -27.54 58.27 -58.81
N LEU D 269 -27.89 57.56 -59.87
CA LEU D 269 -26.99 57.41 -61.01
C LEU D 269 -26.80 58.73 -61.75
N TRP D 270 -27.88 59.50 -61.88
CA TRP D 270 -27.81 60.79 -62.55
C TRP D 270 -26.79 61.69 -61.87
N PHE D 271 -26.82 61.73 -60.53
CA PHE D 271 -25.89 62.56 -59.77
C PHE D 271 -24.44 62.08 -59.89
N LEU D 272 -24.25 60.77 -59.95
CA LEU D 272 -22.92 60.24 -60.19
C LEU D 272 -22.42 60.72 -61.56
N GLU D 273 -23.31 60.67 -62.55
CA GLU D 273 -22.96 61.07 -63.91
C GLU D 273 -22.65 62.56 -64.03
N ASN D 274 -23.34 63.38 -63.24
CA ASN D 274 -23.29 64.84 -63.41
C ASN D 274 -22.44 65.59 -62.39
N GLY D 275 -22.11 64.94 -61.27
CA GLY D 275 -21.05 65.42 -60.37
C GLY D 275 -21.43 66.52 -59.42
N VAL D 276 -22.72 66.84 -59.34
CA VAL D 276 -23.22 67.90 -58.47
C VAL D 276 -23.19 67.50 -57.00
N SER D 277 -22.78 68.44 -56.15
CA SER D 277 -22.72 68.24 -54.70
C SER D 277 -23.89 68.92 -53.99
N GLY D 278 -24.21 68.42 -52.80
CA GLY D 278 -25.21 69.03 -51.95
C GLY D 278 -26.09 68.03 -51.22
N ILE D 279 -27.13 68.54 -50.55
CA ILE D 279 -28.12 67.70 -49.89
C ILE D 279 -29.47 67.96 -50.53
N PHE D 280 -30.08 66.91 -51.08
CA PHE D 280 -31.27 67.05 -51.90
C PHE D 280 -32.42 66.16 -51.47
N ASN D 281 -33.59 66.76 -51.33
CA ASN D 281 -34.82 66.00 -51.15
C ASN D 281 -35.00 65.04 -52.30
N LEU D 282 -35.45 63.83 -51.99
CA LEU D 282 -35.78 62.86 -53.01
C LEU D 282 -37.17 62.28 -52.74
N GLY D 283 -38.16 62.88 -53.38
CA GLY D 283 -39.55 62.43 -53.35
C GLY D 283 -40.22 62.86 -54.63
N THR D 284 -41.52 62.62 -54.74
CA THR D 284 -42.28 62.99 -55.94
C THR D 284 -42.65 64.48 -55.91
N GLY D 285 -42.63 65.07 -54.72
CA GLY D 285 -43.11 66.43 -54.52
C GLY D 285 -44.61 66.47 -54.28
N ARG D 286 -45.25 65.31 -54.34
CA ARG D 286 -46.68 65.18 -54.09
C ARG D 286 -46.93 64.30 -52.88
N ALA D 287 -47.70 64.82 -51.93
CA ALA D 287 -48.10 64.06 -50.76
C ALA D 287 -49.39 63.32 -51.05
N GLU D 288 -49.42 62.04 -50.70
CA GLU D 288 -50.63 61.23 -50.87
C GLU D 288 -50.95 60.50 -49.59
N SER D 289 -52.24 60.24 -49.37
CA SER D 289 -52.69 59.53 -48.18
C SER D 289 -52.32 58.06 -48.24
N PHE D 290 -52.20 57.43 -47.08
CA PHE D 290 -52.00 55.99 -47.01
C PHE D 290 -53.17 55.27 -47.66
N GLN D 291 -54.34 55.90 -47.64
CA GLN D 291 -55.53 55.35 -48.28
C GLN D 291 -55.33 55.21 -49.77
N ALA D 292 -54.60 56.16 -50.37
CA ALA D 292 -54.31 56.13 -51.80
C ALA D 292 -53.44 54.92 -52.15
N VAL D 293 -52.48 54.62 -51.28
CA VAL D 293 -51.65 53.43 -51.44
C VAL D 293 -52.53 52.19 -51.31
N ALA D 294 -53.43 52.20 -50.33
CA ALA D 294 -54.35 51.09 -50.11
C ALA D 294 -55.25 50.88 -51.33
N ASP D 295 -55.78 51.98 -51.86
CA ASP D 295 -56.70 51.93 -53.00
C ASP D 295 -56.04 51.30 -54.23
N ALA D 296 -54.79 51.70 -54.49
CA ALA D 296 -54.04 51.16 -55.63
C ALA D 296 -53.74 49.68 -55.42
N THR D 297 -53.51 49.29 -54.17
CA THR D 297 -53.20 47.90 -53.83
C THR D 297 -54.43 47.02 -53.93
N LEU D 298 -55.55 47.49 -53.36
CA LEU D 298 -56.80 46.72 -53.38
C LEU D 298 -57.35 46.62 -54.80
N ALA D 299 -57.11 47.66 -55.59
CA ALA D 299 -57.54 47.69 -56.99
C ALA D 299 -56.83 46.60 -57.79
N TYR D 300 -55.55 46.40 -57.52
CA TYR D 300 -54.78 45.37 -58.19
C TYR D 300 -55.25 43.97 -57.80
N HIS D 301 -55.46 43.77 -56.50
CA HIS D 301 -55.87 42.47 -55.98
C HIS D 301 -57.34 42.18 -56.24
N LYS D 302 -58.10 43.21 -56.61
CA LYS D 302 -59.53 43.09 -56.92
C LYS D 302 -60.32 42.54 -55.73
N LYS D 303 -59.83 42.77 -54.52
CA LYS D 303 -60.54 42.38 -53.31
C LYS D 303 -59.97 43.13 -52.11
N GLY D 304 -60.63 42.95 -50.97
CA GLY D 304 -60.11 43.44 -49.71
C GLY D 304 -60.86 44.64 -49.17
N GLN D 305 -60.85 44.74 -47.84
CA GLN D 305 -61.49 45.83 -47.14
C GLN D 305 -60.59 46.30 -46.00
N ILE D 306 -60.19 47.56 -46.03
CA ILE D 306 -59.26 48.09 -45.04
C ILE D 306 -59.80 47.97 -43.62
N GLU D 307 -58.98 47.38 -42.75
CA GLU D 307 -59.24 47.36 -41.31
C GLU D 307 -58.30 48.35 -40.63
N TYR D 308 -58.87 49.20 -39.78
CA TYR D 308 -58.09 50.18 -39.04
C TYR D 308 -57.72 49.62 -37.67
N ILE D 309 -56.43 49.62 -37.38
CA ILE D 309 -55.89 49.08 -36.14
C ILE D 309 -55.41 50.20 -35.23
N PRO D 310 -55.29 49.93 -33.92
CA PRO D 310 -54.80 50.95 -33.01
C PRO D 310 -53.45 51.51 -33.42
N PHE D 311 -53.32 52.83 -33.32
CA PHE D 311 -52.06 53.49 -33.60
C PHE D 311 -51.01 52.97 -32.62
N PRO D 312 -49.90 52.41 -33.14
CA PRO D 312 -48.92 51.78 -32.26
C PRO D 312 -48.38 52.73 -31.22
N ASP D 313 -48.30 52.23 -29.99
CA ASP D 313 -47.97 53.02 -28.81
C ASP D 313 -46.56 53.60 -28.89
N LYS D 314 -45.62 52.82 -29.43
CA LYS D 314 -44.22 53.23 -29.45
C LYS D 314 -43.92 54.25 -30.55
N LEU D 315 -44.92 54.55 -31.38
CA LEU D 315 -44.79 55.57 -32.42
C LEU D 315 -45.37 56.91 -31.99
N LYS D 316 -46.11 56.91 -30.88
CA LYS D 316 -46.75 58.14 -30.40
C LYS D 316 -45.71 59.18 -29.99
N GLY D 317 -45.84 60.38 -30.57
CA GLY D 317 -44.90 61.47 -30.34
C GLY D 317 -43.65 61.33 -31.19
N ARG D 318 -43.57 60.26 -31.98
CA ARG D 318 -42.40 59.95 -32.80
C ARG D 318 -42.75 59.90 -34.29
N TYR D 319 -43.97 60.31 -34.63
CA TYR D 319 -44.56 60.03 -35.93
C TYR D 319 -44.76 61.27 -36.78
N GLN D 320 -44.34 61.18 -38.05
CA GLN D 320 -44.62 62.21 -39.04
C GLN D 320 -46.00 61.97 -39.66
N ALA D 321 -46.92 62.89 -39.42
CA ALA D 321 -48.29 62.80 -39.92
C ALA D 321 -48.38 63.28 -41.37
N PHE D 322 -47.36 64.00 -41.81
CA PHE D 322 -47.36 64.60 -43.13
C PHE D 322 -45.93 64.81 -43.65
N THR D 323 -45.68 64.37 -44.88
CA THR D 323 -44.45 64.75 -45.59
C THR D 323 -44.75 65.06 -47.06
N GLN D 324 -44.02 66.04 -47.58
CA GLN D 324 -44.08 66.40 -48.99
C GLN D 324 -42.76 67.03 -49.41
N ALA D 325 -42.04 66.38 -50.31
CA ALA D 325 -40.76 66.90 -50.76
C ALA D 325 -40.92 68.22 -51.48
N ASP D 326 -40.10 69.20 -51.09
CA ASP D 326 -39.93 70.41 -51.88
C ASP D 326 -38.75 70.16 -52.81
N LEU D 327 -39.04 70.07 -54.09
CA LEU D 327 -38.05 69.63 -55.08
C LEU D 327 -37.31 70.80 -55.73
N THR D 328 -37.46 72.00 -55.17
CA THR D 328 -36.86 73.19 -55.75
C THR D 328 -35.36 73.00 -56.01
N ASN D 329 -34.64 72.56 -54.98
CA ASN D 329 -33.18 72.39 -55.08
C ASN D 329 -32.80 71.23 -56.00
N LEU D 330 -33.59 70.17 -55.99
CA LEU D 330 -33.34 69.02 -56.86
C LEU D 330 -33.42 69.43 -58.33
N ARG D 331 -34.47 70.17 -58.69
CA ARG D 331 -34.66 70.62 -60.07
C ARG D 331 -33.60 71.64 -60.45
N ALA D 332 -33.23 72.50 -59.51
CA ALA D 332 -32.24 73.54 -59.74
C ALA D 332 -30.87 72.93 -60.01
N ALA D 333 -30.66 71.73 -59.51
CA ALA D 333 -29.40 71.01 -59.72
C ALA D 333 -29.32 70.47 -61.14
N GLY D 334 -30.48 70.33 -61.80
CA GLY D 334 -30.55 69.87 -63.18
C GLY D 334 -31.31 68.58 -63.36
N TYR D 335 -31.74 67.93 -62.27
CA TYR D 335 -32.52 66.71 -62.39
C TYR D 335 -33.95 67.06 -62.76
N ASP D 336 -34.33 66.76 -64.00
CA ASP D 336 -35.58 67.26 -64.57
C ASP D 336 -36.59 66.16 -64.91
N LYS D 337 -36.32 64.95 -64.45
CA LYS D 337 -37.15 63.81 -64.82
C LYS D 337 -38.36 63.69 -63.91
N PRO D 338 -39.48 63.20 -64.45
CA PRO D 338 -40.70 63.03 -63.66
C PRO D 338 -40.60 61.85 -62.70
N PHE D 339 -41.47 61.87 -61.69
CA PHE D 339 -41.57 60.79 -60.73
C PHE D 339 -42.88 60.06 -60.88
N LYS D 340 -42.84 58.74 -60.76
CA LYS D 340 -44.04 57.93 -60.79
C LYS D 340 -44.97 58.27 -59.63
N THR D 341 -46.25 58.34 -59.93
CA THR D 341 -47.27 58.57 -58.92
C THR D 341 -47.48 57.29 -58.12
N VAL D 342 -48.21 57.40 -57.03
CA VAL D 342 -48.54 56.24 -56.21
C VAL D 342 -49.31 55.21 -57.03
N ALA D 343 -50.27 55.66 -57.83
CA ALA D 343 -51.07 54.77 -58.65
C ALA D 343 -50.19 53.97 -59.62
N GLU D 344 -49.25 54.66 -60.25
CA GLU D 344 -48.32 54.02 -61.18
C GLU D 344 -47.37 53.08 -60.49
N GLY D 345 -46.65 53.61 -59.51
CA GLY D 345 -45.62 52.85 -58.81
C GLY D 345 -46.13 51.65 -58.07
N VAL D 346 -47.23 51.81 -57.33
CA VAL D 346 -47.80 50.73 -56.55
C VAL D 346 -48.34 49.63 -57.46
N THR D 347 -48.95 50.02 -58.56
CA THR D 347 -49.47 49.06 -59.54
C THR D 347 -48.31 48.26 -60.13
N GLU D 348 -47.25 48.95 -60.51
CA GLU D 348 -46.05 48.29 -61.05
C GLU D 348 -45.43 47.35 -60.00
N TYR D 349 -45.43 47.81 -58.76
CA TYR D 349 -44.88 47.05 -57.64
C TYR D 349 -45.66 45.77 -57.38
N MET D 350 -46.99 45.88 -57.42
CA MET D 350 -47.86 44.72 -57.18
C MET D 350 -47.66 43.66 -58.25
N ALA D 351 -47.44 44.10 -59.48
CA ALA D 351 -47.20 43.18 -60.60
C ALA D 351 -45.90 42.43 -60.37
N TRP D 352 -44.89 43.12 -59.85
CA TRP D 352 -43.61 42.48 -59.55
C TRP D 352 -43.73 41.51 -58.39
N LEU D 353 -44.46 41.92 -57.35
CA LEU D 353 -44.63 41.10 -56.14
C LEU D 353 -45.38 39.81 -56.45
N ASN D 354 -46.26 39.88 -57.47
CA ASN D 354 -47.15 38.79 -57.81
C ASN D 354 -46.87 38.27 -59.21
N MET E 48 -13.04 75.94 -30.00
CA MET E 48 -14.17 75.01 -29.67
C MET E 48 -14.30 74.76 -28.16
N ILE E 49 -15.49 74.30 -27.78
CA ILE E 49 -15.75 73.90 -26.40
C ILE E 49 -16.23 72.46 -26.38
N ILE E 50 -15.80 71.73 -25.35
CA ILE E 50 -16.25 70.36 -25.15
C ILE E 50 -17.18 70.31 -23.94
N VAL E 51 -18.33 69.67 -24.13
CA VAL E 51 -19.25 69.43 -23.02
C VAL E 51 -19.49 67.93 -22.89
N THR E 52 -18.95 67.33 -21.84
CA THR E 52 -19.25 65.94 -21.52
C THR E 52 -20.56 65.93 -20.75
N GLY E 53 -21.32 64.85 -20.89
CA GLY E 53 -22.67 64.80 -20.35
C GLY E 53 -23.58 65.75 -21.09
N GLY E 54 -23.15 66.16 -22.29
CA GLY E 54 -23.82 67.19 -23.07
C GLY E 54 -25.18 66.82 -23.61
N ALA E 55 -25.46 65.52 -23.66
CA ALA E 55 -26.78 65.04 -24.06
C ALA E 55 -27.66 64.84 -22.82
N GLY E 56 -27.04 64.98 -21.66
CA GLY E 56 -27.75 64.87 -20.39
C GLY E 56 -28.41 66.16 -19.97
N PHE E 57 -28.87 66.17 -18.72
CA PHE E 57 -29.67 67.27 -18.18
C PHE E 57 -28.89 68.59 -18.10
N ILE E 58 -27.92 68.65 -17.19
CA ILE E 58 -27.17 69.89 -16.97
C ILE E 58 -26.31 70.23 -18.19
N GLY E 59 -25.71 69.22 -18.79
CA GLY E 59 -24.85 69.40 -19.94
C GLY E 59 -25.54 70.03 -21.14
N SER E 60 -26.74 69.53 -21.46
CA SER E 60 -27.49 70.05 -22.60
C SER E 60 -27.90 71.50 -22.33
N ASN E 61 -28.15 71.81 -21.07
CA ASN E 61 -28.48 73.18 -20.67
C ASN E 61 -27.29 74.14 -20.80
N ILE E 62 -26.09 73.63 -20.55
CA ILE E 62 -24.87 74.41 -20.77
C ILE E 62 -24.68 74.65 -22.27
N VAL E 63 -24.96 73.62 -23.08
CA VAL E 63 -24.89 73.75 -24.53
C VAL E 63 -25.84 74.85 -25.02
N LYS E 64 -27.06 74.83 -24.50
CA LYS E 64 -28.06 75.84 -24.86
C LYS E 64 -27.56 77.23 -24.48
N ALA E 65 -27.04 77.35 -23.27
CA ALA E 65 -26.54 78.62 -22.76
C ALA E 65 -25.39 79.15 -23.64
N LEU E 66 -24.55 78.23 -24.12
CA LEU E 66 -23.46 78.58 -25.03
C LEU E 66 -24.01 79.06 -26.38
N ASN E 67 -25.00 78.34 -26.91
CA ASN E 67 -25.71 78.76 -28.13
C ASN E 67 -26.24 80.19 -27.99
N ASP E 68 -26.83 80.49 -26.84
CA ASP E 68 -27.45 81.81 -26.60
C ASP E 68 -26.42 82.92 -26.61
N LYS E 69 -25.16 82.56 -26.35
CA LYS E 69 -24.06 83.50 -26.45
C LYS E 69 -23.33 83.40 -27.79
N GLY E 70 -23.97 82.75 -28.76
CA GLY E 70 -23.47 82.70 -30.13
C GLY E 70 -22.38 81.67 -30.35
N ILE E 71 -22.24 80.74 -29.42
CA ILE E 71 -21.23 79.68 -29.51
C ILE E 71 -21.85 78.36 -29.95
N THR E 72 -21.40 77.86 -31.10
CA THR E 72 -21.91 76.61 -31.68
C THR E 72 -20.82 75.57 -31.98
N ASP E 73 -19.55 75.97 -31.90
CA ASP E 73 -18.44 75.05 -32.14
C ASP E 73 -18.22 74.18 -30.91
N ILE E 74 -19.13 73.22 -30.73
CA ILE E 74 -19.21 72.43 -29.51
C ILE E 74 -19.11 70.95 -29.81
N LEU E 75 -18.21 70.27 -29.12
CA LEU E 75 -18.13 68.81 -29.16
C LEU E 75 -18.86 68.26 -27.94
N VAL E 76 -19.91 67.50 -28.18
CA VAL E 76 -20.64 66.85 -27.10
C VAL E 76 -20.11 65.42 -26.94
N VAL E 77 -19.79 65.07 -25.70
CA VAL E 77 -19.39 63.73 -25.35
C VAL E 77 -20.44 63.17 -24.38
N ASP E 78 -20.95 61.99 -24.69
CA ASP E 78 -21.99 61.39 -23.86
C ASP E 78 -22.13 59.89 -24.14
N ASN E 79 -23.22 59.32 -23.62
CA ASN E 79 -23.57 57.93 -23.86
C ASN E 79 -25.04 57.87 -24.25
N LEU E 80 -25.28 57.65 -25.54
CA LEU E 80 -26.64 57.71 -26.09
C LEU E 80 -27.30 56.34 -26.13
N LYS E 81 -26.76 55.38 -25.38
CA LYS E 81 -27.38 54.07 -25.26
C LYS E 81 -28.90 54.23 -25.13
N ASP E 82 -29.31 55.06 -24.17
CA ASP E 82 -30.70 55.51 -24.10
C ASP E 82 -30.91 56.60 -25.15
N GLY E 83 -31.35 56.19 -26.33
CA GLY E 83 -31.47 57.09 -27.47
C GLY E 83 -32.47 58.21 -27.32
N THR E 84 -33.38 58.10 -26.33
CA THR E 84 -34.39 59.13 -26.11
C THR E 84 -33.73 60.45 -25.69
N LYS E 85 -32.47 60.39 -25.25
CA LYS E 85 -31.76 61.59 -24.83
C LYS E 85 -31.48 62.55 -25.98
N PHE E 86 -31.65 62.09 -27.21
CA PHE E 86 -31.37 62.92 -28.37
C PHE E 86 -32.19 64.21 -28.33
N VAL E 87 -33.39 64.16 -27.75
CA VAL E 87 -34.29 65.33 -27.71
C VAL E 87 -33.65 66.50 -26.99
N ASN E 88 -32.71 66.23 -26.08
CA ASN E 88 -32.03 67.28 -25.34
C ASN E 88 -31.11 68.11 -26.23
N LEU E 89 -30.73 67.56 -27.39
CA LEU E 89 -29.82 68.22 -28.33
C LEU E 89 -30.48 68.62 -29.65
N VAL E 90 -31.69 68.12 -29.89
CA VAL E 90 -32.28 68.22 -31.23
C VAL E 90 -32.51 69.67 -31.68
N ASP E 91 -32.81 70.55 -30.73
CA ASP E 91 -33.08 71.95 -31.04
C ASP E 91 -31.84 72.82 -30.85
N LEU E 92 -30.71 72.21 -30.50
CA LEU E 92 -29.48 72.95 -30.23
C LEU E 92 -28.50 72.82 -31.38
N ASN E 93 -27.43 73.61 -31.29
CA ASN E 93 -26.41 73.65 -32.34
C ASN E 93 -25.04 73.27 -31.81
N ILE E 94 -24.53 72.16 -32.33
CA ILE E 94 -23.21 71.66 -31.94
C ILE E 94 -22.43 71.32 -33.20
N ALA E 95 -21.14 71.03 -33.02
CA ALA E 95 -20.26 70.75 -34.16
C ALA E 95 -20.12 69.25 -34.40
N ASP E 96 -20.17 68.48 -33.31
CA ASP E 96 -19.81 67.07 -33.38
C ASP E 96 -20.26 66.32 -32.13
N TYR E 97 -20.39 65.01 -32.28
CA TYR E 97 -20.75 64.13 -31.17
C TYR E 97 -19.78 62.96 -31.07
N MET E 98 -19.44 62.60 -29.84
CA MET E 98 -18.54 61.50 -29.57
C MET E 98 -19.00 60.70 -28.36
N ASP E 99 -18.89 59.38 -28.45
CA ASP E 99 -19.18 58.51 -27.31
C ASP E 99 -18.10 58.62 -26.23
N LYS E 100 -18.53 58.54 -24.98
CA LYS E 100 -17.65 58.72 -23.82
C LYS E 100 -16.45 57.78 -23.80
N GLU E 101 -16.62 56.58 -24.35
CA GLU E 101 -15.54 55.59 -24.33
C GLU E 101 -14.49 55.95 -25.38
N ASP E 102 -14.93 56.37 -26.55
CA ASP E 102 -14.02 56.79 -27.62
C ASP E 102 -13.28 58.05 -27.19
N PHE E 103 -13.98 58.94 -26.49
CA PHE E 103 -13.38 60.18 -26.01
C PHE E 103 -12.26 59.87 -25.02
N LEU E 104 -12.52 58.95 -24.10
CA LEU E 104 -11.53 58.58 -23.10
C LEU E 104 -10.28 58.01 -23.74
N ILE E 105 -10.48 57.15 -24.75
CA ILE E 105 -9.36 56.52 -25.44
C ILE E 105 -8.49 57.58 -26.12
N GLN E 106 -9.11 58.57 -26.73
CA GLN E 106 -8.38 59.62 -27.45
C GLN E 106 -7.70 60.59 -26.50
N ILE E 107 -8.37 60.89 -25.39
CA ILE E 107 -7.79 61.71 -24.32
C ILE E 107 -6.52 61.06 -23.75
N MET E 108 -6.61 59.77 -23.43
CA MET E 108 -5.50 59.04 -22.84
C MET E 108 -4.35 58.82 -23.82
N ALA E 109 -4.66 58.85 -25.12
CA ALA E 109 -3.65 58.72 -26.16
C ALA E 109 -3.03 60.08 -26.51
N GLY E 110 -3.57 61.15 -25.91
CA GLY E 110 -3.04 62.49 -26.09
C GLY E 110 -3.40 63.09 -27.43
N GLU E 111 -4.58 62.74 -27.94
CA GLU E 111 -5.08 63.31 -29.18
C GLU E 111 -5.50 64.75 -28.96
N GLU E 112 -5.32 65.57 -30.01
CA GLU E 112 -5.77 66.96 -29.99
C GLU E 112 -7.13 67.01 -30.67
N PHE E 113 -8.04 67.81 -30.12
CA PHE E 113 -9.39 67.95 -30.69
C PHE E 113 -9.54 69.27 -31.41
N GLY E 114 -8.47 70.05 -31.44
CA GLY E 114 -8.49 71.38 -32.02
C GLY E 114 -8.05 72.40 -30.98
N ASP E 115 -8.47 73.64 -31.18
CA ASP E 115 -8.16 74.72 -30.24
C ASP E 115 -9.26 74.75 -29.19
N VAL E 116 -9.10 73.91 -28.16
CA VAL E 116 -10.11 73.77 -27.12
C VAL E 116 -10.01 74.89 -26.10
N GLU E 117 -11.10 75.63 -25.98
CA GLU E 117 -11.15 76.80 -25.09
C GLU E 117 -11.56 76.40 -23.68
N ALA E 118 -12.28 75.28 -23.56
CA ALA E 118 -12.75 74.82 -22.26
C ALA E 118 -13.42 73.47 -22.37
N ILE E 119 -13.35 72.71 -21.28
CA ILE E 119 -14.13 71.50 -21.13
C ILE E 119 -15.08 71.64 -19.93
N PHE E 120 -16.37 71.52 -20.19
CA PHE E 120 -17.38 71.40 -19.15
C PHE E 120 -17.63 69.92 -18.94
N HIS E 121 -17.15 69.39 -17.82
CA HIS E 121 -17.24 67.96 -17.57
C HIS E 121 -18.43 67.64 -16.68
N GLU E 122 -19.60 67.49 -17.31
CA GLU E 122 -20.84 67.13 -16.60
C GLU E 122 -21.10 65.64 -16.70
N GLY E 123 -20.33 64.95 -17.53
CA GLY E 123 -20.51 63.52 -17.73
C GLY E 123 -20.18 62.69 -16.50
N ALA E 124 -21.14 61.88 -16.09
CA ALA E 124 -20.99 60.99 -14.94
C ALA E 124 -22.18 60.07 -14.83
N CYS E 125 -21.98 58.95 -14.14
CA CYS E 125 -23.08 58.13 -13.68
C CYS E 125 -23.74 58.93 -12.57
N SER E 126 -24.97 59.38 -12.82
CA SER E 126 -25.64 60.32 -11.94
C SER E 126 -26.63 59.65 -11.00
N SER E 127 -26.67 58.33 -11.00
CA SER E 127 -27.65 57.61 -10.18
C SER E 127 -27.13 57.36 -8.77
N THR E 128 -27.87 57.86 -7.78
CA THR E 128 -27.50 57.70 -6.37
C THR E 128 -27.75 56.27 -5.88
N THR E 129 -28.53 55.51 -6.64
CA THR E 129 -28.92 54.16 -6.27
C THR E 129 -28.15 53.09 -7.05
N GLU E 130 -27.16 53.53 -7.82
CA GLU E 130 -26.21 52.62 -8.47
C GLU E 130 -25.14 52.23 -7.47
N TRP E 131 -25.01 50.93 -7.21
CA TRP E 131 -24.10 50.43 -6.19
C TRP E 131 -22.90 49.62 -6.71
N ASP E 132 -22.76 49.54 -8.03
CA ASP E 132 -21.55 48.98 -8.60
C ASP E 132 -20.42 50.02 -8.49
N GLY E 133 -19.65 49.92 -7.42
CA GLY E 133 -18.62 50.90 -7.12
C GLY E 133 -17.40 50.80 -8.03
N LYS E 134 -17.18 49.64 -8.64
CA LYS E 134 -16.09 49.48 -9.59
C LYS E 134 -16.37 50.37 -10.80
N TYR E 135 -17.60 50.26 -11.31
CA TYR E 135 -18.05 51.08 -12.41
C TYR E 135 -18.05 52.56 -11.99
N MET E 136 -18.57 52.84 -10.79
CA MET E 136 -18.72 54.20 -10.33
C MET E 136 -17.37 54.91 -10.20
N MET E 137 -16.41 54.26 -9.57
CA MET E 137 -15.08 54.87 -9.36
C MET E 137 -14.35 55.04 -10.69
N ASP E 138 -14.69 54.18 -11.63
CA ASP E 138 -14.06 54.19 -12.93
C ASP E 138 -14.62 55.27 -13.85
N ASN E 139 -15.94 55.23 -14.00
CA ASN E 139 -16.66 56.11 -14.89
C ASN E 139 -16.71 57.55 -14.36
N ASN E 140 -16.67 57.70 -13.05
CA ASN E 140 -16.72 59.01 -12.42
C ASN E 140 -15.34 59.50 -12.00
N TYR E 141 -14.78 58.89 -10.97
CA TYR E 141 -13.52 59.33 -10.38
C TYR E 141 -12.33 59.26 -11.35
N GLN E 142 -12.06 58.07 -11.87
CA GLN E 142 -10.89 57.86 -12.73
C GLN E 142 -11.03 58.64 -14.05
N TYR E 143 -12.22 58.60 -14.63
CA TYR E 143 -12.50 59.30 -15.88
C TYR E 143 -12.20 60.79 -15.71
N SER E 144 -12.64 61.33 -14.57
CA SER E 144 -12.47 62.76 -14.28
C SER E 144 -10.99 63.11 -14.10
N LYS E 145 -10.24 62.22 -13.47
CA LYS E 145 -8.80 62.39 -13.32
C LYS E 145 -8.09 62.46 -14.67
N GLU E 146 -8.46 61.58 -15.59
CA GLU E 146 -7.80 61.51 -16.91
C GLU E 146 -8.02 62.82 -17.65
N LEU E 147 -9.24 63.32 -17.56
CA LEU E 147 -9.65 64.53 -18.24
C LEU E 147 -8.98 65.75 -17.61
N LEU E 148 -8.89 65.76 -16.28
CA LEU E 148 -8.25 66.83 -15.55
C LEU E 148 -6.79 66.98 -15.97
N HIS E 149 -6.07 65.85 -16.03
CA HIS E 149 -4.67 65.86 -16.39
C HIS E 149 -4.45 66.27 -17.84
N TYR E 150 -5.37 65.87 -18.71
CA TYR E 150 -5.32 66.23 -20.11
C TYR E 150 -5.41 67.75 -20.25
N CYS E 151 -6.36 68.35 -19.54
CA CYS E 151 -6.57 69.79 -19.58
C CYS E 151 -5.43 70.54 -18.94
N LEU E 152 -4.87 69.94 -17.90
CA LEU E 152 -3.82 70.55 -17.10
C LEU E 152 -2.54 70.67 -17.94
N GLU E 153 -2.25 69.63 -18.71
CA GLU E 153 -1.09 69.58 -19.58
C GLU E 153 -1.18 70.64 -20.68
N ARG E 154 -2.41 71.02 -21.04
CA ARG E 154 -2.68 71.95 -22.15
C ARG E 154 -3.18 73.31 -21.69
N GLU E 155 -3.30 73.51 -20.39
CA GLU E 155 -3.82 74.74 -19.80
C GLU E 155 -5.22 75.08 -20.33
N ILE E 156 -6.04 74.03 -20.45
CA ILE E 156 -7.44 74.17 -20.85
C ILE E 156 -8.31 74.30 -19.59
N PRO E 157 -9.09 75.38 -19.50
CA PRO E 157 -10.01 75.53 -18.38
C PRO E 157 -10.90 74.29 -18.22
N PHE E 158 -10.98 73.81 -16.98
CA PHE E 158 -11.68 72.58 -16.65
C PHE E 158 -12.75 72.87 -15.58
N LEU E 159 -14.01 72.79 -15.99
CA LEU E 159 -15.15 73.10 -15.13
C LEU E 159 -16.03 71.87 -14.99
N TYR E 160 -16.05 71.27 -13.80
CA TYR E 160 -16.67 69.97 -13.62
C TYR E 160 -17.80 69.97 -12.60
N ALA E 161 -18.52 68.86 -12.57
CA ALA E 161 -19.69 68.69 -11.72
C ALA E 161 -19.31 67.92 -10.46
N SER E 162 -19.49 68.57 -9.31
CA SER E 162 -19.45 67.91 -8.01
C SER E 162 -20.90 67.67 -7.61
N SER E 163 -21.14 67.45 -6.33
CA SER E 163 -22.49 67.22 -5.83
C SER E 163 -22.60 67.48 -4.34
N ALA E 164 -23.75 68.01 -3.94
CA ALA E 164 -24.06 68.24 -2.52
C ALA E 164 -24.29 66.92 -1.78
N ALA E 165 -24.39 65.82 -2.52
CA ALA E 165 -24.41 64.49 -1.93
C ALA E 165 -23.13 64.23 -1.13
N THR E 166 -22.06 64.97 -1.44
CA THR E 166 -20.81 64.85 -0.71
C THR E 166 -20.97 65.19 0.77
N TYR E 167 -21.96 66.01 1.11
CA TYR E 167 -22.17 66.47 2.48
C TYR E 167 -22.79 65.38 3.38
N GLY E 168 -23.47 64.43 2.76
CA GLY E 168 -24.14 63.37 3.49
C GLY E 168 -25.21 63.92 4.43
N GLY E 169 -25.35 63.26 5.57
CA GLY E 169 -26.38 63.60 6.54
C GLY E 169 -25.98 64.74 7.47
N ARG E 170 -26.70 65.85 7.36
CA ARG E 170 -26.25 67.11 7.93
C ARG E 170 -27.43 68.07 8.09
N THR E 171 -27.41 68.87 9.16
CA THR E 171 -28.47 69.83 9.44
C THR E 171 -28.03 71.28 9.27
N SER E 172 -26.75 71.50 9.03
CA SER E 172 -26.22 72.83 8.79
C SER E 172 -24.78 72.77 8.32
N ASP E 173 -24.20 73.94 8.05
CA ASP E 173 -22.80 74.08 7.68
C ASP E 173 -22.45 73.25 6.45
N PHE E 174 -23.20 73.46 5.37
CA PHE E 174 -22.88 72.85 4.09
C PHE E 174 -21.78 73.67 3.42
N ILE E 175 -20.57 73.53 3.96
CA ILE E 175 -19.42 74.34 3.57
C ILE E 175 -18.41 73.50 2.81
N GLU E 176 -17.80 74.08 1.78
CA GLU E 176 -16.92 73.36 0.87
C GLU E 176 -15.57 73.03 1.51
N SER E 177 -15.59 72.17 2.51
CA SER E 177 -14.40 71.75 3.19
C SER E 177 -14.55 70.32 3.71
N ARG E 178 -13.45 69.58 3.70
CA ARG E 178 -13.45 68.14 3.96
C ARG E 178 -14.19 67.75 5.24
N GLU E 179 -14.08 68.58 6.27
CA GLU E 179 -14.65 68.28 7.58
C GLU E 179 -16.16 68.21 7.56
N TYR E 180 -16.78 68.79 6.54
CA TYR E 180 -18.23 68.83 6.42
C TYR E 180 -18.76 67.78 5.45
N GLU E 181 -17.84 66.95 4.94
CA GLU E 181 -18.15 66.00 3.88
C GLU E 181 -18.12 64.56 4.39
N LYS E 182 -19.19 63.84 4.09
CA LYS E 182 -19.32 62.44 4.49
C LYS E 182 -20.49 61.80 3.74
N PRO E 183 -20.29 61.49 2.45
CA PRO E 183 -21.38 60.99 1.60
C PRO E 183 -21.98 59.70 2.11
N LEU E 184 -23.25 59.49 1.77
CA LEU E 184 -24.02 58.35 2.27
C LEU E 184 -24.12 57.23 1.23
N ASN E 185 -23.59 57.46 0.05
CA ASN E 185 -23.59 56.44 -0.99
C ASN E 185 -22.35 56.51 -1.87
N VAL E 186 -22.15 55.46 -2.68
CA VAL E 186 -20.93 55.34 -3.47
C VAL E 186 -20.88 56.37 -4.60
N PHE E 187 -22.04 56.79 -5.10
CA PHE E 187 -22.09 57.91 -6.02
C PHE E 187 -21.43 59.12 -5.38
N GLY E 188 -21.89 59.45 -4.18
CA GLY E 188 -21.38 60.58 -3.43
C GLY E 188 -19.88 60.45 -3.14
N TYR E 189 -19.45 59.23 -2.85
CA TYR E 189 -18.05 58.98 -2.58
C TYR E 189 -17.19 59.26 -3.82
N SER E 190 -17.70 58.86 -4.99
CA SER E 190 -16.98 59.08 -6.24
C SER E 190 -16.78 60.57 -6.49
N LYS E 191 -17.77 61.38 -6.12
CA LYS E 191 -17.67 62.82 -6.24
C LYS E 191 -16.75 63.39 -5.17
N PHE E 192 -16.92 62.93 -3.93
CA PHE E 192 -16.09 63.39 -2.83
C PHE E 192 -14.60 63.18 -3.11
N LEU E 193 -14.24 61.98 -3.55
CA LEU E 193 -12.84 61.65 -3.71
C LEU E 193 -12.19 62.49 -4.81
N PHE E 194 -12.94 62.78 -5.87
CA PHE E 194 -12.42 63.61 -6.93
C PHE E 194 -12.21 65.04 -6.46
N ASP E 195 -13.12 65.55 -5.64
CA ASP E 195 -12.95 66.88 -5.06
C ASP E 195 -11.67 66.92 -4.22
N GLU E 196 -11.41 65.84 -3.49
CA GLU E 196 -10.19 65.72 -2.70
C GLU E 196 -8.96 65.67 -3.59
N TYR E 197 -9.09 65.06 -4.76
CA TYR E 197 -8.01 64.95 -5.72
C TYR E 197 -7.71 66.34 -6.29
N VAL E 198 -8.77 67.06 -6.62
CA VAL E 198 -8.66 68.43 -7.14
C VAL E 198 -7.97 69.34 -6.13
N ARG E 199 -8.26 69.14 -4.84
CA ARG E 199 -7.63 69.95 -3.79
C ARG E 199 -6.12 69.74 -3.71
N GLN E 200 -5.66 68.53 -4.03
CA GLN E 200 -4.23 68.23 -4.04
C GLN E 200 -3.55 68.93 -5.21
N ILE E 201 -4.31 69.13 -6.29
CA ILE E 201 -3.79 69.64 -7.56
C ILE E 201 -3.83 71.17 -7.64
N LEU E 202 -4.84 71.78 -7.04
CA LEU E 202 -5.07 73.23 -7.17
C LEU E 202 -3.85 74.11 -6.92
N PRO E 203 -3.14 73.89 -5.79
CA PRO E 203 -2.04 74.81 -5.44
C PRO E 203 -1.01 75.04 -6.55
N GLU E 204 -0.90 74.10 -7.48
CA GLU E 204 0.10 74.21 -8.54
C GLU E 204 -0.48 74.22 -9.95
N ALA E 205 -1.81 74.19 -10.06
CA ALA E 205 -2.46 74.31 -11.36
C ALA E 205 -2.14 75.66 -11.97
N ASN E 206 -1.84 75.68 -13.27
CA ASN E 206 -1.55 76.91 -14.00
C ASN E 206 -2.70 77.28 -14.93
N SER E 207 -3.84 76.63 -14.72
CA SER E 207 -5.04 76.92 -15.48
C SER E 207 -6.26 76.65 -14.63
N GLN E 208 -7.39 77.22 -15.05
CA GLN E 208 -8.62 77.16 -14.27
C GLN E 208 -9.10 75.74 -14.02
N ILE E 209 -9.39 75.47 -12.74
CA ILE E 209 -10.09 74.27 -12.32
C ILE E 209 -11.24 74.69 -11.41
N VAL E 210 -12.47 74.38 -11.82
CA VAL E 210 -13.64 74.73 -11.02
C VAL E 210 -14.57 73.54 -10.89
N GLY E 211 -14.95 73.23 -9.65
CA GLY E 211 -15.95 72.23 -9.36
C GLY E 211 -17.21 72.88 -8.84
N PHE E 212 -18.35 72.50 -9.41
CA PHE E 212 -19.64 73.01 -8.98
C PHE E 212 -20.40 71.96 -8.19
N ARG E 213 -20.63 72.25 -6.93
CA ARG E 213 -21.32 71.33 -6.05
C ARG E 213 -22.81 71.59 -6.14
N TYR E 214 -23.43 70.99 -7.14
CA TYR E 214 -24.84 71.21 -7.40
C TYR E 214 -25.68 70.62 -6.29
N PHE E 215 -26.72 71.33 -5.89
CA PHE E 215 -27.68 70.81 -4.92
C PHE E 215 -28.82 70.14 -5.67
N ASN E 216 -30.08 70.46 -5.41
CA ASN E 216 -31.19 69.81 -6.12
C ASN E 216 -31.60 70.58 -7.36
N VAL E 217 -31.00 70.20 -8.49
CA VAL E 217 -31.23 70.90 -9.74
C VAL E 217 -32.49 70.35 -10.39
N TYR E 218 -33.32 71.26 -10.91
CA TYR E 218 -34.55 70.88 -11.59
C TYR E 218 -34.79 71.80 -12.77
N GLY E 219 -35.55 71.32 -13.74
CA GLY E 219 -35.89 72.11 -14.91
C GLY E 219 -35.83 71.32 -16.20
N PRO E 220 -35.99 72.02 -17.34
CA PRO E 220 -36.05 71.42 -18.67
C PRO E 220 -34.86 70.54 -19.02
N ARG E 221 -35.15 69.42 -19.69
CA ARG E 221 -34.16 68.53 -20.33
C ARG E 221 -33.69 67.40 -19.42
N GLU E 222 -34.53 67.03 -18.45
CA GLU E 222 -34.23 65.95 -17.51
C GLU E 222 -35.22 64.79 -17.68
N GLY E 223 -36.00 64.82 -18.75
CA GLY E 223 -37.07 63.84 -18.98
C GLY E 223 -36.59 62.41 -19.19
N HIS E 224 -35.29 62.24 -19.37
CA HIS E 224 -34.68 60.94 -19.62
C HIS E 224 -34.21 60.27 -18.32
N LYS E 225 -34.19 61.04 -17.23
CA LYS E 225 -33.53 60.59 -16.01
C LYS E 225 -34.31 59.56 -15.20
N GLY E 226 -35.56 59.30 -15.58
CA GLY E 226 -36.38 58.31 -14.90
C GLY E 226 -36.53 58.62 -13.42
N SER E 227 -36.17 57.64 -12.59
CA SER E 227 -36.31 57.78 -11.13
C SER E 227 -35.42 58.87 -10.56
N MET E 228 -34.41 59.26 -11.31
CA MET E 228 -33.48 60.24 -10.86
C MET E 228 -33.88 61.69 -11.31
N ALA E 229 -35.00 61.80 -12.00
CA ALA E 229 -35.56 63.09 -12.39
C ALA E 229 -36.08 63.82 -11.15
N SER E 230 -36.21 65.14 -11.26
CA SER E 230 -36.66 65.95 -10.13
C SER E 230 -38.08 65.57 -9.72
N VAL E 231 -38.40 65.81 -8.45
CA VAL E 231 -39.74 65.55 -7.94
C VAL E 231 -40.75 66.37 -8.73
N ALA E 232 -40.37 67.60 -9.08
CA ALA E 232 -41.22 68.47 -9.90
C ALA E 232 -41.61 67.78 -11.20
N PHE E 233 -40.64 67.15 -11.86
CA PHE E 233 -40.91 66.44 -13.11
C PHE E 233 -41.86 65.29 -12.87
N HIS E 234 -41.60 64.52 -11.81
CA HIS E 234 -42.42 63.36 -11.46
C HIS E 234 -43.86 63.75 -11.18
N LEU E 235 -44.04 64.85 -10.45
CA LEU E 235 -45.38 65.33 -10.09
C LEU E 235 -46.15 65.75 -11.33
N ASN E 236 -45.46 66.42 -12.25
CA ASN E 236 -46.07 66.84 -13.51
C ASN E 236 -46.54 65.63 -14.32
N THR E 237 -45.67 64.62 -14.41
CA THR E 237 -45.97 63.41 -15.17
C THR E 237 -47.19 62.72 -14.58
N GLN E 238 -47.18 62.56 -13.26
CA GLN E 238 -48.29 61.91 -12.55
C GLN E 238 -49.61 62.64 -12.76
N LEU E 239 -49.58 63.96 -12.63
CA LEU E 239 -50.79 64.77 -12.79
C LEU E 239 -51.34 64.69 -14.20
N ASN E 240 -50.47 64.71 -15.20
CA ASN E 240 -50.88 64.60 -16.59
C ASN E 240 -51.38 63.22 -16.97
N ASN E 241 -50.98 62.20 -16.22
CA ASN E 241 -51.47 60.82 -16.42
C ASN E 241 -52.73 60.53 -15.62
N GLY E 242 -53.27 61.55 -14.95
CA GLY E 242 -54.46 61.40 -14.13
C GLY E 242 -54.18 60.66 -12.83
N GLU E 243 -52.91 60.56 -12.46
CA GLU E 243 -52.48 59.90 -11.24
C GLU E 243 -52.33 60.92 -10.11
N SER E 244 -52.42 60.43 -8.89
CA SER E 244 -52.18 61.24 -7.70
C SER E 244 -50.71 61.67 -7.67
N PRO E 245 -50.45 62.95 -7.34
CA PRO E 245 -49.07 63.40 -7.16
C PRO E 245 -48.47 62.84 -5.86
N LYS E 246 -47.27 62.30 -5.94
CA LYS E 246 -46.71 61.49 -4.84
C LYS E 246 -45.46 62.07 -4.18
N LEU E 247 -45.46 62.06 -2.86
CA LEU E 247 -44.29 62.40 -2.05
C LEU E 247 -43.99 61.28 -1.08
N PHE E 248 -42.72 61.11 -0.73
CA PHE E 248 -42.32 60.14 0.28
C PHE E 248 -42.93 60.50 1.61
N GLU E 249 -43.35 59.48 2.36
CA GLU E 249 -43.75 59.66 3.73
C GLU E 249 -42.61 60.32 4.50
N GLY E 250 -42.95 61.34 5.28
CA GLY E 250 -41.97 62.08 6.08
C GLY E 250 -41.43 63.30 5.36
N SER E 251 -41.98 63.60 4.19
CA SER E 251 -41.53 64.73 3.36
C SER E 251 -41.80 66.08 4.01
N GLU E 252 -42.69 66.10 5.00
CA GLU E 252 -42.92 67.30 5.82
C GLU E 252 -41.59 67.82 6.31
N ASN E 253 -40.82 66.90 6.92
CA ASN E 253 -39.54 67.20 7.54
C ASN E 253 -38.35 67.10 6.60
N PHE E 254 -38.60 66.87 5.31
CA PHE E 254 -37.51 66.84 4.33
C PHE E 254 -37.43 68.16 3.57
N LYS E 255 -36.22 68.70 3.48
CA LYS E 255 -36.00 69.94 2.76
C LYS E 255 -34.75 69.86 1.93
N ARG E 256 -34.75 70.52 0.78
CA ARG E 256 -33.58 70.60 -0.07
C ARG E 256 -33.40 72.01 -0.61
N ASP E 257 -32.17 72.33 -0.97
CA ASP E 257 -31.90 73.54 -1.73
C ASP E 257 -32.17 73.26 -3.20
N PHE E 258 -33.42 73.52 -3.61
CA PHE E 258 -33.82 73.33 -4.99
C PHE E 258 -33.36 74.52 -5.83
N VAL E 259 -32.63 74.24 -6.91
CA VAL E 259 -32.05 75.29 -7.74
C VAL E 259 -32.39 75.07 -9.21
N TYR E 260 -32.86 76.12 -9.87
CA TYR E 260 -33.29 76.04 -11.26
C TYR E 260 -32.09 75.89 -12.19
N VAL E 261 -32.22 74.98 -13.16
CA VAL E 261 -31.11 74.63 -14.05
C VAL E 261 -30.61 75.82 -14.86
N GLY E 262 -31.51 76.77 -15.16
CA GLY E 262 -31.14 77.98 -15.88
C GLY E 262 -30.07 78.78 -15.14
N ASP E 263 -30.18 78.82 -13.81
CA ASP E 263 -29.21 79.53 -12.98
C ASP E 263 -27.89 78.76 -12.93
N VAL E 264 -27.98 77.44 -12.92
CA VAL E 264 -26.81 76.58 -12.91
C VAL E 264 -25.97 76.82 -14.17
N ALA E 265 -26.64 76.90 -15.32
CA ALA E 265 -25.97 77.17 -16.59
C ALA E 265 -25.30 78.54 -16.56
N ASP E 266 -26.01 79.54 -16.02
CA ASP E 266 -25.50 80.90 -15.93
C ASP E 266 -24.23 80.97 -15.08
N VAL E 267 -24.21 80.24 -13.97
CA VAL E 267 -23.05 80.22 -13.08
C VAL E 267 -21.86 79.64 -13.82
N ASN E 268 -22.10 78.53 -14.52
CA ASN E 268 -21.05 77.87 -15.30
C ASN E 268 -20.39 78.82 -16.28
N LEU E 269 -21.18 79.55 -17.05
CA LEU E 269 -20.64 80.47 -18.05
C LEU E 269 -19.93 81.66 -17.40
N TRP E 270 -20.46 82.14 -16.29
CA TRP E 270 -19.83 83.24 -15.57
C TRP E 270 -18.41 82.87 -15.16
N PHE E 271 -18.25 81.64 -14.65
CA PHE E 271 -16.93 81.18 -14.21
C PHE E 271 -15.97 81.00 -15.36
N LEU E 272 -16.47 80.54 -16.50
CA LEU E 272 -15.63 80.46 -17.70
C LEU E 272 -15.16 81.85 -18.08
N GLU E 273 -16.06 82.83 -18.03
CA GLU E 273 -15.75 84.21 -18.39
C GLU E 273 -14.75 84.85 -17.44
N ASN E 274 -14.81 84.49 -16.16
CA ASN E 274 -14.05 85.21 -15.13
C ASN E 274 -12.79 84.49 -14.63
N GLY E 275 -12.69 83.18 -14.90
CA GLY E 275 -11.44 82.45 -14.75
C GLY E 275 -11.07 82.02 -13.34
N VAL E 276 -12.00 82.18 -12.40
CA VAL E 276 -11.76 81.82 -11.00
C VAL E 276 -11.73 80.31 -10.79
N SER E 277 -10.79 79.85 -9.97
CA SER E 277 -10.65 78.43 -9.63
C SER E 277 -11.20 78.14 -8.23
N GLY E 278 -11.57 76.88 -8.02
CA GLY E 278 -11.98 76.40 -6.71
C GLY E 278 -13.13 75.42 -6.76
N ILE E 279 -13.66 75.09 -5.58
CA ILE E 279 -14.84 74.24 -5.48
C ILE E 279 -15.95 75.03 -4.79
N PHE E 280 -17.08 75.18 -5.48
CA PHE E 280 -18.13 76.09 -5.05
C PHE E 280 -19.49 75.44 -4.99
N ASN E 281 -20.17 75.65 -3.87
CA ASN E 281 -21.57 75.29 -3.74
C ASN E 281 -22.40 76.01 -4.79
N LEU E 282 -23.34 75.30 -5.39
CA LEU E 282 -24.26 75.89 -6.34
C LEU E 282 -25.69 75.53 -5.97
N GLY E 283 -26.31 76.44 -5.22
CA GLY E 283 -27.70 76.33 -4.82
C GLY E 283 -28.24 77.73 -4.61
N THR E 284 -29.49 77.84 -4.15
CA THR E 284 -30.09 79.14 -3.91
C THR E 284 -29.65 79.72 -2.57
N GLY E 285 -29.17 78.85 -1.69
CA GLY E 285 -28.86 79.23 -0.31
C GLY E 285 -30.07 79.14 0.58
N ARG E 286 -31.22 78.79 0.01
CA ARG E 286 -32.47 78.64 0.74
C ARG E 286 -32.98 77.20 0.64
N ALA E 287 -33.23 76.59 1.78
CA ALA E 287 -33.79 75.25 1.84
C ALA E 287 -35.30 75.35 1.84
N GLU E 288 -35.94 74.54 0.99
CA GLU E 288 -37.39 74.48 0.94
C GLU E 288 -37.85 73.04 1.00
N SER E 289 -39.05 72.84 1.55
CA SER E 289 -39.64 71.52 1.67
C SER E 289 -40.09 70.99 0.32
N PHE E 290 -40.13 69.67 0.21
CA PHE E 290 -40.70 69.03 -0.98
C PHE E 290 -42.16 69.45 -1.17
N GLN E 291 -42.82 69.77 -0.06
CA GLN E 291 -44.20 70.24 -0.10
C GLN E 291 -44.31 71.56 -0.86
N ALA E 292 -43.29 72.41 -0.73
CA ALA E 292 -43.24 73.69 -1.42
C ALA E 292 -43.17 73.49 -2.93
N VAL E 293 -42.39 72.49 -3.35
CA VAL E 293 -42.32 72.12 -4.76
C VAL E 293 -43.69 71.62 -5.21
N ALA E 294 -44.31 70.77 -4.37
CA ALA E 294 -45.63 70.22 -4.67
C ALA E 294 -46.67 71.33 -4.80
N ASP E 295 -46.63 72.28 -3.87
CA ASP E 295 -47.59 73.39 -3.86
C ASP E 295 -47.51 74.23 -5.14
N ALA E 296 -46.29 74.53 -5.57
CA ALA E 296 -46.08 75.30 -6.79
C ALA E 296 -46.56 74.51 -8.02
N THR E 297 -46.37 73.19 -7.98
CA THR E 297 -46.77 72.33 -9.09
C THR E 297 -48.30 72.18 -9.16
N LEU E 298 -48.93 71.92 -8.01
CA LEU E 298 -50.38 71.75 -7.96
C LEU E 298 -51.09 73.07 -8.27
N ALA E 299 -50.46 74.18 -7.88
CA ALA E 299 -51.02 75.50 -8.15
C ALA E 299 -51.07 75.76 -9.65
N TYR E 300 -50.04 75.34 -10.37
CA TYR E 300 -50.00 75.50 -11.81
C TYR E 300 -51.05 74.65 -12.51
N HIS E 301 -51.16 73.39 -12.07
CA HIS E 301 -52.11 72.45 -12.67
C HIS E 301 -53.54 72.70 -12.22
N LYS E 302 -53.71 73.50 -11.17
CA LYS E 302 -55.03 73.83 -10.62
C LYS E 302 -55.83 72.60 -10.21
N LYS E 303 -55.12 71.54 -9.83
CA LYS E 303 -55.76 70.32 -9.34
C LYS E 303 -54.74 69.48 -8.60
N GLY E 304 -55.22 68.41 -7.98
CA GLY E 304 -54.36 67.39 -7.41
C GLY E 304 -54.32 67.41 -5.90
N GLN E 305 -54.06 66.22 -5.35
CA GLN E 305 -53.95 66.04 -3.91
C GLN E 305 -52.81 65.08 -3.60
N ILE E 306 -51.83 65.57 -2.86
CA ILE E 306 -50.62 64.79 -2.57
C ILE E 306 -50.95 63.47 -1.87
N GLU E 307 -50.44 62.39 -2.44
CA GLU E 307 -50.47 61.08 -1.78
C GLU E 307 -49.08 60.75 -1.26
N TYR E 308 -49.00 60.35 -0.01
CA TYR E 308 -47.75 59.97 0.61
C TYR E 308 -47.53 58.47 0.50
N ILE E 309 -46.38 58.11 -0.07
CA ILE E 309 -46.04 56.71 -0.31
C ILE E 309 -44.93 56.26 0.63
N PRO E 310 -44.80 54.94 0.83
CA PRO E 310 -43.73 54.43 1.69
C PRO E 310 -42.35 54.92 1.28
N PHE E 311 -41.56 55.33 2.26
CA PHE E 311 -40.19 55.73 2.01
C PHE E 311 -39.44 54.55 1.42
N PRO E 312 -38.86 54.72 0.21
CA PRO E 312 -38.22 53.60 -0.46
C PRO E 312 -37.11 52.96 0.37
N ASP E 313 -37.15 51.63 0.40
CA ASP E 313 -36.30 50.82 1.26
C ASP E 313 -34.81 50.99 0.94
N LYS E 314 -34.48 51.12 -0.35
CA LYS E 314 -33.10 51.19 -0.78
C LYS E 314 -32.48 52.56 -0.54
N LEU E 315 -33.29 53.53 -0.10
CA LEU E 315 -32.80 54.86 0.24
C LEU E 315 -32.53 55.01 1.74
N LYS E 316 -33.02 54.06 2.53
CA LYS E 316 -32.87 54.13 3.99
C LYS E 316 -31.40 54.06 4.41
N GLY E 317 -30.98 55.06 5.19
CA GLY E 317 -29.59 55.19 5.62
C GLY E 317 -28.71 55.81 4.54
N ARG E 318 -29.31 56.14 3.39
CA ARG E 318 -28.58 56.68 2.24
C ARG E 318 -29.11 58.07 1.84
N TYR E 319 -29.98 58.63 2.67
CA TYR E 319 -30.81 59.77 2.28
C TYR E 319 -30.45 61.06 3.02
N GLN E 320 -30.33 62.15 2.27
CA GLN E 320 -30.17 63.48 2.85
C GLN E 320 -31.55 64.08 3.16
N ALA E 321 -31.84 64.26 4.45
CA ALA E 321 -33.12 64.80 4.90
C ALA E 321 -33.15 66.33 4.79
N PHE E 322 -31.97 66.93 4.66
CA PHE E 322 -31.84 68.38 4.63
C PHE E 322 -30.59 68.82 3.89
N THR E 323 -30.76 69.77 2.95
CA THR E 323 -29.63 70.47 2.34
C THR E 323 -29.93 71.96 2.21
N GLN E 324 -28.88 72.77 2.38
CA GLN E 324 -28.95 74.20 2.17
C GLN E 324 -27.56 74.71 1.83
N ALA E 325 -27.40 75.22 0.62
CA ALA E 325 -26.11 75.73 0.18
C ALA E 325 -25.67 76.93 1.03
N ASP E 326 -24.43 76.89 1.50
CA ASP E 326 -23.77 78.05 2.07
C ASP E 326 -23.03 78.70 0.93
N LEU E 327 -23.48 79.89 0.52
CA LEU E 327 -23.00 80.55 -0.69
C LEU E 327 -21.86 81.53 -0.41
N THR E 328 -21.30 81.48 0.79
CA THR E 328 -20.27 82.43 1.20
C THR E 328 -19.12 82.48 0.20
N ASN E 329 -18.60 81.30 -0.16
CA ASN E 329 -17.47 81.22 -1.09
C ASN E 329 -17.86 81.61 -2.53
N LEU E 330 -19.07 81.24 -2.93
CA LEU E 330 -19.56 81.59 -4.28
C LEU E 330 -19.62 83.11 -4.44
N ARG E 331 -20.19 83.80 -3.45
CA ARG E 331 -20.31 85.26 -3.51
C ARG E 331 -18.95 85.92 -3.42
N ALA E 332 -18.06 85.34 -2.60
CA ALA E 332 -16.74 85.90 -2.40
C ALA E 332 -15.90 85.80 -3.68
N ALA E 333 -16.26 84.85 -4.53
CA ALA E 333 -15.59 84.67 -5.81
C ALA E 333 -15.99 85.77 -6.79
N GLY E 334 -17.14 86.40 -6.55
CA GLY E 334 -17.62 87.49 -7.37
C GLY E 334 -18.96 87.24 -8.04
N TYR E 335 -19.50 86.03 -7.91
CA TYR E 335 -20.80 85.74 -8.49
C TYR E 335 -21.89 86.34 -7.60
N ASP E 336 -22.53 87.39 -8.10
CA ASP E 336 -23.43 88.20 -7.27
C ASP E 336 -24.88 88.18 -7.73
N LYS E 337 -25.21 87.25 -8.63
CA LYS E 337 -26.56 87.24 -9.21
C LYS E 337 -27.51 86.44 -8.34
N PRO E 338 -28.80 86.83 -8.35
CA PRO E 338 -29.80 86.14 -7.56
C PRO E 338 -30.21 84.80 -8.15
N PHE E 339 -30.78 83.95 -7.32
CA PHE E 339 -31.27 82.66 -7.74
C PHE E 339 -32.79 82.63 -7.67
N LYS E 340 -33.40 82.01 -8.67
CA LYS E 340 -34.84 81.83 -8.69
C LYS E 340 -35.30 80.96 -7.53
N THR E 341 -36.39 81.38 -6.89
CA THR E 341 -37.01 80.60 -5.82
C THR E 341 -37.73 79.40 -6.41
N VAL E 342 -38.13 78.48 -5.54
CA VAL E 342 -38.90 77.32 -5.96
C VAL E 342 -40.19 77.74 -6.64
N ALA E 343 -40.88 78.74 -6.09
CA ALA E 343 -42.13 79.21 -6.67
C ALA E 343 -41.91 79.72 -8.09
N GLU E 344 -40.85 80.50 -8.28
CA GLU E 344 -40.53 81.05 -9.59
C GLU E 344 -40.11 79.98 -10.58
N GLY E 345 -39.10 79.21 -10.18
CA GLY E 345 -38.51 78.21 -11.05
C GLY E 345 -39.46 77.10 -11.44
N VAL E 346 -40.21 76.58 -10.47
CA VAL E 346 -41.13 75.48 -10.72
C VAL E 346 -42.27 75.93 -11.62
N THR E 347 -42.74 77.16 -11.39
CA THR E 347 -43.80 77.73 -12.22
C THR E 347 -43.31 77.88 -13.66
N GLU E 348 -42.10 78.41 -13.83
CA GLU E 348 -41.51 78.55 -15.15
C GLU E 348 -41.33 77.18 -15.81
N TYR E 349 -40.91 76.20 -15.01
CA TYR E 349 -40.67 74.84 -15.47
C TYR E 349 -41.95 74.19 -15.96
N MET E 350 -43.03 74.36 -15.20
CA MET E 350 -44.32 73.77 -15.55
C MET E 350 -44.85 74.34 -16.86
N ALA E 351 -44.61 75.63 -17.08
CA ALA E 351 -45.01 76.29 -18.32
C ALA E 351 -44.27 75.68 -19.50
N TRP E 352 -42.99 75.39 -19.32
CA TRP E 352 -42.18 74.77 -20.36
C TRP E 352 -42.63 73.33 -20.63
N LEU E 353 -42.89 72.58 -19.56
CA LEU E 353 -43.29 71.18 -19.65
C LEU E 353 -44.63 71.03 -20.37
N ASN E 354 -45.47 72.05 -20.23
CA ASN E 354 -46.83 72.02 -20.73
C ASN E 354 -47.06 73.09 -21.78
N MET F 48 9.30 -66.73 48.06
CA MET F 48 10.22 -66.51 46.90
C MET F 48 11.53 -65.85 47.32
N ILE F 49 12.54 -66.02 46.47
CA ILE F 49 13.84 -65.40 46.68
C ILE F 49 14.19 -64.54 45.47
N ILE F 50 14.79 -63.39 45.73
CA ILE F 50 15.25 -62.50 44.68
C ILE F 50 16.76 -62.55 44.61
N VAL F 51 17.30 -62.73 43.40
CA VAL F 51 18.72 -62.66 43.17
C VAL F 51 19.01 -61.61 42.12
N THR F 52 19.60 -60.49 42.55
CA THR F 52 20.06 -59.47 41.61
C THR F 52 21.43 -59.90 41.12
N GLY F 53 21.77 -59.52 39.90
CA GLY F 53 22.99 -60.02 39.25
C GLY F 53 22.86 -61.52 38.97
N GLY F 54 21.61 -62.00 38.98
CA GLY F 54 21.30 -63.42 38.86
C GLY F 54 21.64 -64.04 37.52
N ALA F 55 21.79 -63.22 36.49
CA ALA F 55 22.22 -63.70 35.18
C ALA F 55 23.75 -63.57 35.06
N GLY F 56 24.35 -62.98 36.07
CA GLY F 56 25.80 -62.81 36.12
C GLY F 56 26.49 -64.02 36.73
N PHE F 57 27.78 -63.86 37.00
CA PHE F 57 28.64 -64.95 37.43
C PHE F 57 28.25 -65.52 38.80
N ILE F 58 28.43 -64.74 39.85
CA ILE F 58 28.17 -65.23 41.20
C ILE F 58 26.67 -65.45 41.41
N GLY F 59 25.86 -64.56 40.86
CA GLY F 59 24.41 -64.62 41.02
C GLY F 59 23.80 -65.88 40.43
N SER F 60 24.21 -66.25 39.23
CA SER F 60 23.69 -67.45 38.57
C SER F 60 24.11 -68.69 39.35
N ASN F 61 25.29 -68.62 39.98
CA ASN F 61 25.77 -69.72 40.81
C ASN F 61 24.97 -69.86 42.11
N ILE F 62 24.51 -68.74 42.65
CA ILE F 62 23.62 -68.76 43.81
C ILE F 62 22.27 -69.36 43.40
N VAL F 63 21.78 -68.99 42.22
CA VAL F 63 20.53 -69.55 41.70
C VAL F 63 20.64 -71.06 41.58
N LYS F 64 21.77 -71.54 41.03
CA LYS F 64 21.99 -72.97 40.88
C LYS F 64 21.99 -73.66 42.24
N ALA F 65 22.68 -73.05 43.20
CA ALA F 65 22.78 -73.60 44.55
C ALA F 65 21.41 -73.69 45.20
N LEU F 66 20.56 -72.70 44.92
CA LEU F 66 19.19 -72.69 45.42
C LEU F 66 18.38 -73.83 44.78
N ASN F 67 18.54 -73.99 43.46
CA ASN F 67 17.91 -75.09 42.74
C ASN F 67 18.29 -76.43 43.34
N ASP F 68 19.56 -76.59 43.71
CA ASP F 68 20.07 -77.85 44.27
C ASP F 68 19.43 -78.16 45.62
N LYS F 69 18.92 -77.13 46.30
CA LYS F 69 18.21 -77.31 47.56
C LYS F 69 16.69 -77.32 47.35
N GLY F 70 16.28 -77.47 46.08
CA GLY F 70 14.88 -77.62 45.73
C GLY F 70 14.11 -76.32 45.64
N ILE F 71 14.82 -75.20 45.59
CA ILE F 71 14.20 -73.89 45.51
C ILE F 71 14.22 -73.36 44.06
N THR F 72 13.03 -73.10 43.53
CA THR F 72 12.87 -72.61 42.16
C THR F 72 12.04 -71.32 42.06
N ASP F 73 11.38 -70.92 43.15
CA ASP F 73 10.59 -69.70 43.15
C ASP F 73 11.53 -68.51 43.31
N ILE F 74 12.20 -68.17 42.20
CA ILE F 74 13.26 -67.18 42.20
C ILE F 74 12.99 -66.09 41.17
N LEU F 75 13.06 -64.85 41.60
CA LEU F 75 13.04 -63.70 40.71
C LEU F 75 14.46 -63.26 40.45
N VAL F 76 14.89 -63.32 39.20
CA VAL F 76 16.21 -62.83 38.81
C VAL F 76 16.08 -61.39 38.31
N VAL F 77 16.95 -60.52 38.85
CA VAL F 77 17.05 -59.14 38.40
C VAL F 77 18.43 -58.94 37.82
N ASP F 78 18.50 -58.40 36.61
CA ASP F 78 19.78 -58.23 35.95
C ASP F 78 19.68 -57.24 34.77
N ASN F 79 20.74 -57.21 33.96
CA ASN F 79 20.79 -56.40 32.75
C ASN F 79 21.28 -57.27 31.61
N LEU F 80 20.36 -57.70 30.75
CA LEU F 80 20.67 -58.66 29.69
C LEU F 80 21.05 -57.97 28.38
N LYS F 81 21.39 -56.69 28.45
CA LYS F 81 21.87 -55.98 27.28
C LYS F 81 22.83 -56.88 26.49
N ASP F 82 23.82 -57.42 27.19
CA ASP F 82 24.65 -58.47 26.64
C ASP F 82 23.87 -59.78 26.74
N GLY F 83 23.17 -60.10 25.66
CA GLY F 83 22.26 -61.25 25.64
C GLY F 83 22.93 -62.60 25.79
N THR F 84 24.25 -62.67 25.59
CA THR F 84 24.98 -63.93 25.73
C THR F 84 24.94 -64.45 27.16
N LYS F 85 24.60 -63.57 28.11
CA LYS F 85 24.50 -63.97 29.52
C LYS F 85 23.36 -64.94 29.78
N PHE F 86 22.45 -65.10 28.83
CA PHE F 86 21.32 -66.00 29.01
C PHE F 86 21.78 -67.42 29.33
N VAL F 87 22.94 -67.83 28.80
CA VAL F 87 23.44 -69.20 29.01
C VAL F 87 23.65 -69.52 30.49
N ASN F 88 23.87 -68.49 31.30
CA ASN F 88 24.06 -68.68 32.73
C ASN F 88 22.78 -69.12 33.45
N LEU F 89 21.63 -68.89 32.80
CA LEU F 89 20.33 -69.23 33.37
C LEU F 89 19.61 -70.33 32.63
N VAL F 90 20.10 -70.70 31.44
CA VAL F 90 19.33 -71.55 30.52
C VAL F 90 19.05 -72.94 31.10
N ASP F 91 19.97 -73.45 31.90
CA ASP F 91 19.83 -74.79 32.49
C ASP F 91 19.27 -74.73 33.91
N LEU F 92 18.93 -73.53 34.37
CA LEU F 92 18.44 -73.35 35.73
C LEU F 92 16.94 -73.13 35.75
N ASN F 93 16.38 -73.12 36.96
CA ASN F 93 14.95 -72.97 37.16
C ASN F 93 14.63 -71.77 38.02
N ILE F 94 13.94 -70.80 37.41
CA ILE F 94 13.52 -69.59 38.09
C ILE F 94 12.05 -69.33 37.82
N ALA F 95 11.48 -68.34 38.50
CA ALA F 95 10.07 -68.05 38.37
C ALA F 95 9.81 -66.89 37.43
N ASP F 96 10.76 -65.95 37.37
CA ASP F 96 10.54 -64.69 36.66
C ASP F 96 11.85 -63.95 36.47
N TYR F 97 11.85 -63.05 35.48
CA TYR F 97 12.98 -62.18 35.21
C TYR F 97 12.52 -60.73 35.14
N MET F 98 13.37 -59.84 35.66
CA MET F 98 13.11 -58.41 35.62
C MET F 98 14.40 -57.65 35.37
N ASP F 99 14.30 -56.59 34.56
CA ASP F 99 15.44 -55.70 34.33
C ASP F 99 15.72 -54.86 35.57
N LYS F 100 16.99 -54.57 35.80
CA LYS F 100 17.44 -53.84 36.99
C LYS F 100 16.80 -52.45 37.14
N GLU F 101 16.48 -51.81 36.03
CA GLU F 101 15.92 -50.47 36.09
C GLU F 101 14.46 -50.52 36.50
N ASP F 102 13.72 -51.49 35.96
CA ASP F 102 12.33 -51.69 36.33
C ASP F 102 12.22 -52.11 37.79
N PHE F 103 13.16 -52.93 38.23
CA PHE F 103 13.19 -53.40 39.60
C PHE F 103 13.37 -52.23 40.56
N LEU F 104 14.31 -51.35 40.23
CA LEU F 104 14.60 -50.18 41.07
C LEU F 104 13.37 -49.30 41.19
N ILE F 105 12.68 -49.08 40.07
CA ILE F 105 11.50 -48.23 40.05
C ILE F 105 10.42 -48.80 40.97
N GLN F 106 10.23 -50.11 40.93
CA GLN F 106 9.20 -50.77 41.73
C GLN F 106 9.59 -50.82 43.21
N ILE F 107 10.87 -51.05 43.48
CA ILE F 107 11.40 -51.00 44.84
C ILE F 107 11.17 -49.63 45.47
N MET F 108 11.52 -48.58 44.74
CA MET F 108 11.40 -47.21 45.26
C MET F 108 9.96 -46.76 45.39
N ALA F 109 9.05 -47.39 44.63
CA ALA F 109 7.63 -47.10 44.72
C ALA F 109 6.95 -47.92 45.82
N GLY F 110 7.73 -48.83 46.42
CA GLY F 110 7.23 -49.64 47.52
C GLY F 110 6.31 -50.77 47.08
N GLU F 111 6.56 -51.31 45.88
CA GLU F 111 5.80 -52.44 45.37
C GLU F 111 6.17 -53.69 46.14
N GLU F 112 5.20 -54.58 46.30
CA GLU F 112 5.43 -55.89 46.91
C GLU F 112 5.64 -56.89 45.78
N PHE F 113 6.58 -57.81 45.96
CA PHE F 113 6.87 -58.84 44.95
C PHE F 113 6.32 -60.19 45.36
N GLY F 114 5.68 -60.22 46.53
CA GLY F 114 5.17 -61.45 47.10
C GLY F 114 5.74 -61.65 48.50
N ASP F 115 5.77 -62.91 48.94
CA ASP F 115 6.36 -63.26 50.23
C ASP F 115 7.85 -63.50 50.02
N VAL F 116 8.62 -62.42 50.07
CA VAL F 116 10.05 -62.50 49.80
C VAL F 116 10.79 -62.97 51.05
N GLU F 117 11.50 -64.09 50.90
CA GLU F 117 12.23 -64.72 51.99
C GLU F 117 13.64 -64.14 52.12
N ALA F 118 14.18 -63.61 51.01
CA ALA F 118 15.52 -63.07 51.00
C ALA F 118 15.85 -62.41 49.67
N ILE F 119 16.74 -61.42 49.73
CA ILE F 119 17.34 -60.86 48.53
C ILE F 119 18.85 -61.06 48.57
N PHE F 120 19.36 -61.76 47.57
CA PHE F 120 20.79 -61.85 47.34
C PHE F 120 21.15 -60.78 46.32
N HIS F 121 21.82 -59.74 46.79
CA HIS F 121 22.13 -58.59 45.95
C HIS F 121 23.54 -58.69 45.39
N GLU F 122 23.69 -59.41 44.28
CA GLU F 122 24.98 -59.55 43.60
C GLU F 122 25.09 -58.56 42.44
N GLY F 123 23.99 -57.91 42.11
CA GLY F 123 23.94 -56.98 41.00
C GLY F 123 24.81 -55.75 41.23
N ALA F 124 25.71 -55.49 40.29
CA ALA F 124 26.58 -54.33 40.34
C ALA F 124 27.39 -54.24 39.07
N CYS F 125 27.88 -53.03 38.78
CA CYS F 125 28.91 -52.83 37.77
C CYS F 125 30.17 -53.42 38.36
N SER F 126 30.63 -54.51 37.78
CA SER F 126 31.71 -55.30 38.35
C SER F 126 33.07 -55.00 37.74
N SER F 127 33.13 -54.00 36.86
CA SER F 127 34.38 -53.69 36.17
C SER F 127 35.25 -52.74 36.98
N THR F 128 36.47 -53.18 37.26
CA THR F 128 37.43 -52.37 38.01
C THR F 128 38.03 -51.25 37.18
N THR F 129 37.86 -51.34 35.86
CA THR F 129 38.44 -50.37 34.93
C THR F 129 37.39 -49.38 34.40
N GLU F 130 36.18 -49.46 34.95
CA GLU F 130 35.13 -48.49 34.66
C GLU F 130 35.35 -47.25 35.52
N TRP F 131 35.54 -46.10 34.90
CA TRP F 131 35.88 -44.87 35.61
C TRP F 131 34.81 -43.78 35.59
N ASP F 132 33.63 -44.10 35.04
CA ASP F 132 32.49 -43.21 35.20
C ASP F 132 31.95 -43.40 36.61
N GLY F 133 32.36 -42.52 37.50
CA GLY F 133 31.99 -42.62 38.91
C GLY F 133 30.58 -42.18 39.21
N LYS F 134 29.98 -41.39 38.33
CA LYS F 134 28.59 -40.99 38.49
C LYS F 134 27.74 -42.24 38.34
N TYR F 135 27.98 -42.99 37.26
CA TYR F 135 27.31 -44.26 37.02
C TYR F 135 27.62 -45.26 38.14
N MET F 136 28.89 -45.34 38.53
CA MET F 136 29.31 -46.32 39.52
C MET F 136 28.66 -46.09 40.88
N MET F 137 28.65 -44.85 41.35
CA MET F 137 28.06 -44.55 42.65
C MET F 137 26.55 -44.73 42.62
N ASP F 138 25.97 -44.58 41.44
CA ASP F 138 24.55 -44.69 41.25
C ASP F 138 24.08 -46.14 41.18
N ASN F 139 24.69 -46.87 40.24
CA ASN F 139 24.33 -48.24 39.95
C ASN F 139 24.76 -49.20 41.07
N ASN F 140 25.82 -48.82 41.79
CA ASN F 140 26.32 -49.66 42.88
C ASN F 140 25.87 -49.15 44.24
N TYR F 141 26.43 -48.02 44.67
CA TYR F 141 26.19 -47.48 46.01
C TYR F 141 24.73 -47.15 46.27
N GLN F 142 24.18 -46.26 45.45
CA GLN F 142 22.82 -45.75 45.66
C GLN F 142 21.79 -46.86 45.48
N TYR F 143 21.98 -47.68 44.45
CA TYR F 143 21.09 -48.80 44.15
C TYR F 143 21.02 -49.72 45.37
N SER F 144 22.18 -50.00 45.94
CA SER F 144 22.29 -50.90 47.09
C SER F 144 21.59 -50.32 48.32
N LYS F 145 21.70 -49.01 48.51
CA LYS F 145 21.02 -48.32 49.59
C LYS F 145 19.50 -48.44 49.48
N GLU F 146 18.98 -48.26 48.27
CA GLU F 146 17.53 -48.32 48.05
C GLU F 146 17.00 -49.71 48.39
N LEU F 147 17.75 -50.72 48.00
CA LEU F 147 17.38 -52.10 48.20
C LEU F 147 17.48 -52.45 49.69
N LEU F 148 18.54 -51.98 50.34
CA LEU F 148 18.75 -52.19 51.76
C LEU F 148 17.57 -51.67 52.57
N HIS F 149 17.14 -50.45 52.27
CA HIS F 149 16.06 -49.81 53.01
C HIS F 149 14.73 -50.49 52.76
N TYR F 150 14.54 -50.98 51.53
CA TYR F 150 13.34 -51.72 51.16
C TYR F 150 13.24 -52.99 52.02
N CYS F 151 14.34 -53.71 52.11
CA CYS F 151 14.40 -54.96 52.88
C CYS F 151 14.26 -54.70 54.36
N LEU F 152 14.81 -53.57 54.79
CA LEU F 152 14.86 -53.21 56.20
C LEU F 152 13.45 -52.90 56.71
N GLU F 153 12.69 -52.20 55.87
CA GLU F 153 11.30 -51.84 56.19
C GLU F 153 10.40 -53.05 56.30
N ARG F 154 10.78 -54.12 55.58
CA ARG F 154 9.98 -55.32 55.50
C ARG F 154 10.59 -56.49 56.25
N GLU F 155 11.73 -56.25 56.91
CA GLU F 155 12.47 -57.28 57.64
C GLU F 155 12.82 -58.46 56.75
N ILE F 156 13.20 -58.15 55.51
CA ILE F 156 13.66 -59.14 54.54
C ILE F 156 15.18 -59.29 54.66
N PRO F 157 15.66 -60.51 54.89
CA PRO F 157 17.11 -60.73 54.91
C PRO F 157 17.78 -60.21 53.66
N PHE F 158 18.87 -59.47 53.85
CA PHE F 158 19.58 -58.80 52.78
C PHE F 158 21.04 -59.22 52.79
N LEU F 159 21.42 -59.99 51.77
CA LEU F 159 22.77 -60.54 51.65
C LEU F 159 23.42 -60.02 50.36
N TYR F 160 24.44 -59.18 50.50
CA TYR F 160 24.98 -58.44 49.36
C TYR F 160 26.45 -58.71 49.14
N ALA F 161 26.92 -58.25 47.98
CA ALA F 161 28.29 -58.44 47.54
C ALA F 161 29.13 -57.23 47.85
N SER F 162 30.17 -57.42 48.67
CA SER F 162 31.24 -56.46 48.86
C SER F 162 32.39 -56.91 47.99
N SER F 163 33.60 -56.44 48.28
CA SER F 163 34.78 -56.82 47.50
C SER F 163 36.06 -56.57 48.26
N ALA F 164 37.03 -57.47 48.07
CA ALA F 164 38.36 -57.33 48.69
C ALA F 164 39.13 -56.18 48.06
N ALA F 165 38.63 -55.65 46.95
CA ALA F 165 39.17 -54.44 46.35
C ALA F 165 39.10 -53.26 47.33
N THR F 166 38.24 -53.37 48.34
CA THR F 166 38.12 -52.35 49.37
C THR F 166 39.41 -52.20 50.18
N TYR F 167 40.23 -53.25 50.22
CA TYR F 167 41.47 -53.24 51.00
C TYR F 167 42.58 -52.45 50.32
N GLY F 168 42.48 -52.29 49.01
CA GLY F 168 43.50 -51.59 48.25
C GLY F 168 44.85 -52.26 48.36
N GLY F 169 45.91 -51.45 48.37
CA GLY F 169 47.29 -51.95 48.38
C GLY F 169 47.78 -52.29 49.77
N ARG F 170 48.08 -53.56 49.99
CA ARG F 170 48.25 -54.09 51.33
C ARG F 170 49.00 -55.42 51.29
N THR F 171 49.85 -55.66 52.29
CA THR F 171 50.65 -56.87 52.36
C THR F 171 50.23 -57.81 53.49
N SER F 172 49.29 -57.36 54.31
CA SER F 172 48.76 -58.19 55.39
C SER F 172 47.54 -57.52 56.04
N ASP F 173 46.97 -58.21 57.02
CA ASP F 173 45.86 -57.68 57.82
C ASP F 173 44.68 -57.27 56.95
N PHE F 174 44.21 -58.21 56.14
CA PHE F 174 43.00 -58.00 55.36
C PHE F 174 41.80 -58.27 56.26
N ILE F 175 41.56 -57.32 57.17
CA ILE F 175 40.57 -57.46 58.22
C ILE F 175 39.40 -56.51 57.97
N GLU F 176 38.19 -56.98 58.27
CA GLU F 176 36.96 -56.26 57.93
C GLU F 176 36.73 -55.07 58.85
N SER F 177 37.60 -54.08 58.74
CA SER F 177 37.49 -52.87 59.53
C SER F 177 38.05 -51.68 58.76
N ARG F 178 37.44 -50.51 58.98
CA ARG F 178 37.70 -49.32 58.17
C ARG F 178 39.18 -48.97 58.04
N GLU F 179 39.94 -49.20 59.10
CA GLU F 179 41.36 -48.82 59.16
C GLU F 179 42.21 -49.60 58.16
N TYR F 180 41.69 -50.73 57.68
CA TYR F 180 42.41 -51.59 56.74
C TYR F 180 41.94 -51.39 55.31
N GLU F 181 41.04 -50.43 55.13
CA GLU F 181 40.38 -50.23 53.85
C GLU F 181 40.82 -48.93 53.18
N LYS F 182 41.19 -49.04 51.91
CA LYS F 182 41.65 -47.91 51.12
C LYS F 182 41.72 -48.31 49.64
N PRO F 183 40.54 -48.41 48.99
CA PRO F 183 40.48 -48.88 47.60
C PRO F 183 41.29 -48.05 46.63
N LEU F 184 41.74 -48.68 45.56
CA LEU F 184 42.61 -48.06 44.57
C LEU F 184 41.84 -47.60 43.33
N ASN F 185 40.55 -47.90 43.28
CA ASN F 185 39.73 -47.47 42.15
C ASN F 185 38.29 -47.14 42.56
N VAL F 186 37.55 -46.52 41.66
CA VAL F 186 36.22 -46.04 41.98
C VAL F 186 35.23 -47.19 42.16
N PHE F 187 35.47 -48.32 41.48
CA PHE F 187 34.69 -49.51 41.75
C PHE F 187 34.81 -49.89 43.22
N GLY F 188 36.05 -49.98 43.69
CA GLY F 188 36.35 -50.29 45.07
C GLY F 188 35.76 -49.29 46.04
N TYR F 189 35.77 -48.02 45.66
CA TYR F 189 35.22 -46.97 46.50
C TYR F 189 33.71 -47.15 46.65
N SER F 190 33.03 -47.49 45.55
CA SER F 190 31.58 -47.70 45.57
C SER F 190 31.22 -48.84 46.53
N LYS F 191 32.07 -49.86 46.59
CA LYS F 191 31.89 -50.96 47.53
C LYS F 191 32.22 -50.54 48.95
N PHE F 192 33.34 -49.85 49.11
CA PHE F 192 33.77 -49.40 50.42
C PHE F 192 32.70 -48.53 51.09
N LEU F 193 32.17 -47.56 50.36
CA LEU F 193 31.25 -46.60 50.95
C LEU F 193 29.94 -47.28 51.37
N PHE F 194 29.51 -48.27 50.60
CA PHE F 194 28.30 -48.99 50.99
C PHE F 194 28.53 -49.82 52.26
N ASP F 195 29.70 -50.42 52.38
CA ASP F 195 30.04 -51.15 53.60
C ASP F 195 30.01 -50.21 54.80
N GLU F 196 30.49 -48.98 54.60
CA GLU F 196 30.46 -47.96 55.65
C GLU F 196 29.02 -47.55 55.99
N TYR F 197 28.15 -47.54 54.97
CA TYR F 197 26.75 -47.21 55.16
C TYR F 197 26.07 -48.31 55.97
N VAL F 198 26.38 -49.56 55.62
CA VAL F 198 25.84 -50.72 56.32
C VAL F 198 26.25 -50.73 57.79
N ARG F 199 27.47 -50.28 58.07
CA ARG F 199 27.97 -50.20 59.44
C ARG F 199 27.20 -49.19 60.29
N GLN F 200 26.70 -48.13 59.67
CA GLN F 200 25.90 -47.13 60.37
C GLN F 200 24.52 -47.69 60.70
N ILE F 201 24.06 -48.63 59.88
CA ILE F 201 22.70 -49.17 59.95
C ILE F 201 22.59 -50.40 60.85
N LEU F 202 23.65 -51.20 60.89
CA LEU F 202 23.62 -52.49 61.61
C LEU F 202 23.11 -52.42 63.05
N PRO F 203 23.65 -51.49 63.86
CA PRO F 203 23.29 -51.48 65.28
C PRO F 203 21.80 -51.48 65.57
N GLU F 204 20.99 -51.01 64.62
CA GLU F 204 19.55 -50.91 64.83
C GLU F 204 18.72 -51.70 63.83
N ALA F 205 19.36 -52.45 62.95
CA ALA F 205 18.66 -53.33 62.03
C ALA F 205 17.93 -54.41 62.82
N ASN F 206 16.69 -54.69 62.42
CA ASN F 206 15.88 -55.73 63.05
C ASN F 206 15.76 -56.95 62.16
N SER F 207 16.59 -57.00 61.12
CA SER F 207 16.64 -58.13 60.22
C SER F 207 18.04 -58.30 59.67
N GLN F 208 18.32 -59.49 59.14
CA GLN F 208 19.66 -59.85 58.69
C GLN F 208 20.20 -58.93 57.59
N ILE F 209 21.41 -58.44 57.83
CA ILE F 209 22.20 -57.76 56.81
C ILE F 209 23.57 -58.39 56.78
N VAL F 210 23.95 -58.97 55.64
CA VAL F 210 25.26 -59.58 55.48
C VAL F 210 25.93 -59.13 54.20
N GLY F 211 27.18 -58.68 54.33
CA GLY F 211 28.01 -58.35 53.19
C GLY F 211 29.12 -59.35 53.05
N PHE F 212 29.31 -59.86 51.84
CA PHE F 212 30.39 -60.80 51.56
C PHE F 212 31.49 -60.15 50.77
N ARG F 213 32.65 -60.05 51.39
CA ARG F 213 33.80 -59.42 50.77
C ARG F 213 34.56 -60.47 49.98
N TYR F 214 34.11 -60.68 48.74
CA TYR F 214 34.68 -61.70 47.88
C TYR F 214 36.10 -61.31 47.48
N PHE F 215 36.99 -62.29 47.47
CA PHE F 215 38.35 -62.07 46.98
C PHE F 215 38.38 -62.43 45.49
N ASN F 216 39.31 -63.28 45.04
CA ASN F 216 39.36 -63.60 43.61
C ASN F 216 38.54 -64.83 43.27
N VAL F 217 37.29 -64.61 42.90
CA VAL F 217 36.37 -65.70 42.62
C VAL F 217 36.56 -66.19 41.19
N TYR F 218 36.59 -67.51 41.03
CA TYR F 218 36.73 -68.12 39.72
C TYR F 218 35.86 -69.36 39.63
N GLY F 219 35.49 -69.73 38.42
CA GLY F 219 34.70 -70.91 38.17
C GLY F 219 33.62 -70.72 37.13
N PRO F 220 32.75 -71.72 36.96
CA PRO F 220 31.72 -71.75 35.93
C PRO F 220 30.78 -70.55 35.95
N ARG F 221 30.43 -70.08 34.75
CA ARG F 221 29.38 -69.08 34.52
C ARG F 221 29.91 -67.63 34.50
N GLU F 222 31.19 -67.48 34.19
CA GLU F 222 31.82 -66.16 34.09
C GLU F 222 32.27 -65.86 32.67
N GLY F 223 31.83 -66.67 31.71
CA GLY F 223 32.28 -66.57 30.33
C GLY F 223 31.89 -65.27 29.61
N HIS F 224 31.02 -64.50 30.24
CA HIS F 224 30.50 -63.26 29.67
C HIS F 224 31.33 -62.05 30.12
N LYS F 225 32.18 -62.25 31.11
CA LYS F 225 32.83 -61.13 31.80
C LYS F 225 33.99 -60.49 31.02
N GLY F 226 34.37 -61.10 29.90
CA GLY F 226 35.43 -60.56 29.06
C GLY F 226 36.73 -60.39 29.83
N SER F 227 37.26 -59.16 29.83
CA SER F 227 38.52 -58.85 30.49
C SER F 227 38.44 -59.00 32.01
N MET F 228 37.22 -58.99 32.56
CA MET F 228 37.01 -59.14 34.01
C MET F 228 36.86 -60.60 34.42
N ALA F 229 36.93 -61.52 33.47
CA ALA F 229 36.89 -62.95 33.77
C ALA F 229 38.17 -63.37 34.47
N SER F 230 38.11 -64.48 35.20
CA SER F 230 39.27 -64.98 35.93
C SER F 230 40.42 -65.31 34.99
N VAL F 231 41.64 -65.22 35.52
CA VAL F 231 42.83 -65.58 34.74
C VAL F 231 42.73 -67.03 34.28
N ALA F 232 42.17 -67.89 35.14
CA ALA F 232 41.95 -69.29 34.81
C ALA F 232 41.14 -69.42 33.52
N PHE F 233 40.05 -68.64 33.44
CA PHE F 233 39.20 -68.66 32.25
C PHE F 233 40.00 -68.21 31.02
N HIS F 234 40.74 -67.12 31.18
CA HIS F 234 41.52 -66.55 30.07
C HIS F 234 42.56 -67.54 29.56
N LEU F 235 43.22 -68.23 30.48
CA LEU F 235 44.25 -69.20 30.12
C LEU F 235 43.66 -70.36 29.35
N ASN F 236 42.48 -70.81 29.78
CA ASN F 236 41.77 -71.89 29.10
C ASN F 236 41.40 -71.49 27.68
N THR F 237 40.88 -70.28 27.53
CA THR F 237 40.46 -69.77 26.22
C THR F 237 41.67 -69.70 25.29
N GLN F 238 42.75 -69.12 25.79
CA GLN F 238 43.97 -68.96 25.01
C GLN F 238 44.52 -70.31 24.56
N LEU F 239 44.58 -71.27 25.48
CA LEU F 239 45.11 -72.60 25.17
C LEU F 239 44.26 -73.32 24.13
N ASN F 240 42.94 -73.20 24.24
CA ASN F 240 42.02 -73.81 23.29
C ASN F 240 42.05 -73.17 21.91
N ASN F 241 42.48 -71.90 21.85
CA ASN F 241 42.62 -71.18 20.58
C ASN F 241 44.01 -71.35 19.98
N GLY F 242 44.83 -72.20 20.59
CA GLY F 242 46.19 -72.45 20.12
C GLY F 242 47.13 -71.30 20.42
N GLU F 243 46.70 -70.41 21.31
CA GLU F 243 47.50 -69.25 21.71
C GLU F 243 48.31 -69.56 22.97
N SER F 244 49.41 -68.82 23.15
CA SER F 244 50.22 -68.91 24.35
C SER F 244 49.41 -68.45 25.55
N PRO F 245 49.49 -69.17 26.69
CA PRO F 245 48.83 -68.71 27.91
C PRO F 245 49.60 -67.54 28.53
N LYS F 246 48.89 -66.48 28.90
CA LYS F 246 49.52 -65.21 29.23
C LYS F 246 49.34 -64.76 30.68
N LEU F 247 50.43 -64.30 31.27
CA LEU F 247 50.42 -63.65 32.59
C LEU F 247 51.10 -62.29 32.50
N PHE F 248 50.67 -61.36 33.34
CA PHE F 248 51.32 -60.06 33.42
C PHE F 248 52.75 -60.22 33.88
N GLU F 249 53.63 -59.40 33.31
CA GLU F 249 55.00 -59.30 33.78
C GLU F 249 54.98 -58.92 35.26
N GLY F 250 55.76 -59.64 36.07
CA GLY F 250 55.82 -59.39 37.51
C GLY F 250 54.87 -60.27 38.29
N SER F 251 54.21 -61.21 37.61
CA SER F 251 53.25 -62.12 38.24
C SER F 251 53.90 -63.09 39.23
N GLU F 252 55.22 -63.25 39.14
CA GLU F 252 55.97 -64.01 40.12
C GLU F 252 55.58 -63.53 41.51
N ASN F 253 55.70 -62.21 41.68
CA ASN F 253 55.49 -61.54 42.95
C ASN F 253 54.04 -61.13 43.21
N PHE F 254 53.12 -61.52 42.32
CA PHE F 254 51.70 -61.23 42.53
C PHE F 254 50.99 -62.46 43.06
N LYS F 255 50.21 -62.26 44.12
CA LYS F 255 49.44 -63.34 44.72
C LYS F 255 48.05 -62.87 45.08
N ARG F 256 47.08 -63.78 44.98
CA ARG F 256 45.71 -63.49 45.38
C ARG F 256 45.12 -64.65 46.14
N ASP F 257 44.11 -64.36 46.93
CA ASP F 257 43.28 -65.38 47.53
C ASP F 257 42.24 -65.81 46.51
N PHE F 258 42.59 -66.83 45.72
CA PHE F 258 41.68 -67.36 44.71
C PHE F 258 40.69 -68.30 45.39
N VAL F 259 39.41 -68.05 45.17
CA VAL F 259 38.35 -68.82 45.82
C VAL F 259 37.33 -69.32 44.80
N TYR F 260 37.02 -70.62 44.89
CA TYR F 260 36.12 -71.26 43.94
C TYR F 260 34.67 -70.79 44.16
N VAL F 261 33.98 -70.49 43.07
CA VAL F 261 32.63 -69.94 43.12
C VAL F 261 31.63 -70.88 43.82
N GLY F 262 31.88 -72.18 43.74
CA GLY F 262 31.04 -73.16 44.42
C GLY F 262 31.02 -72.94 45.93
N ASP F 263 32.17 -72.58 46.49
CA ASP F 263 32.28 -72.32 47.92
C ASP F 263 31.61 -70.99 48.27
N VAL F 264 31.71 -70.02 47.37
CA VAL F 264 31.08 -68.72 47.56
C VAL F 264 29.56 -68.86 47.65
N ALA F 265 29.00 -69.69 46.79
CA ALA F 265 27.57 -69.97 46.80
C ALA F 265 27.15 -70.64 48.10
N ASP F 266 27.97 -71.60 48.54
CA ASP F 266 27.70 -72.35 49.76
C ASP F 266 27.68 -71.43 50.99
N VAL F 267 28.63 -70.50 51.04
CA VAL F 267 28.70 -69.55 52.15
C VAL F 267 27.43 -68.70 52.18
N ASN F 268 27.03 -68.22 51.01
CA ASN F 268 25.82 -67.40 50.88
C ASN F 268 24.59 -68.08 51.45
N LEU F 269 24.39 -69.34 51.09
CA LEU F 269 23.22 -70.11 51.54
C LEU F 269 23.30 -70.40 53.04
N TRP F 270 24.51 -70.70 53.52
CA TRP F 270 24.71 -70.96 54.95
C TRP F 270 24.25 -69.77 55.78
N PHE F 271 24.63 -68.57 55.35
CA PHE F 271 24.27 -67.36 56.07
C PHE F 271 22.78 -67.07 56.02
N LEU F 272 22.15 -67.37 54.90
CA LEU F 272 20.69 -67.26 54.82
C LEU F 272 20.05 -68.21 55.84
N GLU F 273 20.58 -69.42 55.92
CA GLU F 273 20.05 -70.44 56.82
C GLU F 273 20.25 -70.09 58.30
N ASN F 274 21.35 -69.41 58.61
CA ASN F 274 21.75 -69.19 59.99
C ASN F 274 21.48 -67.78 60.54
N GLY F 275 21.26 -66.82 59.65
CA GLY F 275 20.69 -65.52 60.04
C GLY F 275 21.66 -64.51 60.63
N VAL F 276 22.96 -64.82 60.58
CA VAL F 276 23.98 -63.96 61.15
C VAL F 276 24.19 -62.70 60.29
N SER F 277 24.36 -61.56 60.96
CA SER F 277 24.61 -60.27 60.30
C SER F 277 26.07 -59.87 60.40
N GLY F 278 26.50 -59.03 59.48
CA GLY F 278 27.85 -58.45 59.50
C GLY F 278 28.49 -58.34 58.14
N ILE F 279 29.77 -57.98 58.12
CA ILE F 279 30.56 -57.93 56.90
C ILE F 279 31.71 -58.91 57.02
N PHE F 280 31.77 -59.87 56.10
CA PHE F 280 32.68 -61.00 56.23
C PHE F 280 33.53 -61.21 54.99
N ASN F 281 34.84 -61.36 55.21
CA ASN F 281 35.75 -61.80 54.17
C ASN F 281 35.30 -63.14 53.63
N LEU F 282 35.38 -63.31 52.32
CA LEU F 282 35.08 -64.60 51.69
C LEU F 282 36.22 -64.97 50.74
N GLY F 283 37.15 -65.75 51.26
CA GLY F 283 38.27 -66.29 50.51
C GLY F 283 38.68 -67.59 51.17
N THR F 284 39.76 -68.20 50.68
CA THR F 284 40.26 -69.45 51.24
C THR F 284 41.10 -69.20 52.49
N GLY F 285 41.59 -67.96 52.63
CA GLY F 285 42.53 -67.63 53.70
C GLY F 285 43.96 -67.92 53.30
N ARG F 286 44.14 -68.48 52.10
CA ARG F 286 45.46 -68.78 51.56
C ARG F 286 45.70 -67.97 50.28
N ALA F 287 46.81 -67.25 50.25
CA ALA F 287 47.23 -66.52 49.07
C ALA F 287 48.08 -67.42 48.19
N GLU F 288 47.78 -67.42 46.89
CA GLU F 288 48.55 -68.20 45.92
C GLU F 288 48.91 -67.32 44.73
N SER F 289 50.05 -67.64 44.12
CA SER F 289 50.54 -66.89 42.98
C SER F 289 49.69 -67.18 41.75
N PHE F 290 49.67 -66.23 40.81
CA PHE F 290 49.03 -66.44 39.52
C PHE F 290 49.68 -67.62 38.80
N GLN F 291 50.96 -67.86 39.10
CA GLN F 291 51.69 -68.97 38.51
C GLN F 291 51.08 -70.31 38.94
N ALA F 292 50.59 -70.37 40.18
CA ALA F 292 49.95 -71.57 40.70
C ALA F 292 48.67 -71.87 39.93
N VAL F 293 47.91 -70.82 39.60
CA VAL F 293 46.72 -70.97 38.76
C VAL F 293 47.14 -71.47 37.38
N ALA F 294 48.21 -70.88 36.84
CA ALA F 294 48.73 -71.27 35.54
C ALA F 294 49.16 -72.73 35.55
N ASP F 295 49.87 -73.13 36.60
CA ASP F 295 50.38 -74.50 36.71
C ASP F 295 49.26 -75.53 36.73
N ALA F 296 48.20 -75.25 37.47
CA ALA F 296 47.06 -76.15 37.53
C ALA F 296 46.34 -76.21 36.18
N THR F 297 46.32 -75.09 35.47
CA THR F 297 45.67 -75.01 34.17
C THR F 297 46.46 -75.75 33.11
N LEU F 298 47.77 -75.51 33.07
CA LEU F 298 48.64 -76.14 32.07
C LEU F 298 48.74 -77.63 32.33
N ALA F 299 48.67 -78.02 33.60
CA ALA F 299 48.72 -79.43 33.98
C ALA F 299 47.51 -80.17 33.44
N TYR F 300 46.34 -79.52 33.48
CA TYR F 300 45.12 -80.13 32.95
C TYR F 300 45.18 -80.27 31.43
N HIS F 301 45.64 -79.21 30.76
CA HIS F 301 45.72 -79.20 29.29
C HIS F 301 46.88 -80.01 28.76
N LYS F 302 47.82 -80.37 29.65
CA LYS F 302 49.00 -81.17 29.29
C LYS F 302 49.84 -80.50 28.20
N LYS F 303 49.77 -79.18 28.13
CA LYS F 303 50.59 -78.42 27.19
C LYS F 303 50.66 -76.96 27.62
N GLY F 304 51.48 -76.20 26.91
CA GLY F 304 51.49 -74.75 27.07
C GLY F 304 52.71 -74.23 27.79
N GLN F 305 53.08 -73.01 27.44
CA GLN F 305 54.21 -72.32 28.04
C GLN F 305 53.84 -70.87 28.29
N ILE F 306 53.89 -70.45 29.55
CA ILE F 306 53.48 -69.10 29.93
C ILE F 306 54.29 -68.02 29.21
N GLU F 307 53.57 -67.10 28.58
CA GLU F 307 54.18 -65.89 28.02
C GLU F 307 53.84 -64.71 28.92
N TYR F 308 54.86 -63.94 29.27
CA TYR F 308 54.67 -62.75 30.08
C TYR F 308 54.50 -61.52 29.21
N ILE F 309 53.40 -60.80 29.43
CA ILE F 309 53.05 -59.63 28.64
C ILE F 309 53.22 -58.36 29.48
N PRO F 310 53.35 -57.21 28.81
CA PRO F 310 53.50 -55.96 29.54
C PRO F 310 52.36 -55.72 30.52
N PHE F 311 52.71 -55.27 31.73
CA PHE F 311 51.71 -54.93 32.73
C PHE F 311 50.84 -53.80 32.17
N PRO F 312 49.52 -54.03 32.10
CA PRO F 312 48.63 -53.04 31.48
C PRO F 312 48.73 -51.67 32.12
N ASP F 313 48.82 -50.66 31.26
CA ASP F 313 49.07 -49.29 31.67
C ASP F 313 47.97 -48.72 32.56
N LYS F 314 46.73 -49.06 32.26
CA LYS F 314 45.58 -48.51 32.98
C LYS F 314 45.36 -49.16 34.36
N LEU F 315 46.16 -50.18 34.66
CA LEU F 315 46.12 -50.83 35.97
C LEU F 315 47.20 -50.31 36.91
N LYS F 316 48.15 -49.57 36.37
CA LYS F 316 49.27 -49.06 37.16
C LYS F 316 48.80 -48.07 38.23
N GLY F 317 49.16 -48.34 39.48
CA GLY F 317 48.73 -47.55 40.61
C GLY F 317 47.31 -47.91 41.07
N ARG F 318 46.69 -48.85 40.38
CA ARG F 318 45.31 -49.27 40.66
C ARG F 318 45.23 -50.76 41.03
N TYR F 319 46.38 -51.39 41.23
CA TYR F 319 46.49 -52.84 41.27
C TYR F 319 46.85 -53.38 42.65
N GLN F 320 46.13 -54.41 43.08
CA GLN F 320 46.47 -55.15 44.29
C GLN F 320 47.47 -56.26 43.95
N ALA F 321 48.69 -56.13 44.47
CA ALA F 321 49.76 -57.08 44.23
C ALA F 321 49.64 -58.31 45.13
N PHE F 322 48.84 -58.19 46.19
CA PHE F 322 48.69 -59.24 47.17
C PHE F 322 47.36 -59.16 47.89
N THR F 323 46.66 -60.30 47.97
CA THR F 323 45.50 -60.43 48.84
C THR F 323 45.50 -61.78 49.54
N GLN F 324 45.00 -61.77 50.78
CA GLN F 324 44.82 -62.98 51.56
C GLN F 324 43.74 -62.74 52.60
N ALA F 325 42.63 -63.46 52.49
CA ALA F 325 41.53 -63.29 53.42
C ALA F 325 41.92 -63.69 54.83
N ASP F 326 41.61 -62.81 55.79
CA ASP F 326 41.68 -63.17 57.19
C ASP F 326 40.28 -63.66 57.56
N LEU F 327 40.17 -64.95 57.84
CA LEU F 327 38.88 -65.61 58.02
C LEU F 327 38.43 -65.65 59.47
N THR F 328 39.11 -64.91 60.35
CA THR F 328 38.82 -64.94 61.77
C THR F 328 37.34 -64.68 62.05
N ASN F 329 36.80 -63.62 61.47
CA ASN F 329 35.40 -63.26 61.70
C ASN F 329 34.42 -64.21 61.05
N LEU F 330 34.78 -64.74 59.88
CA LEU F 330 33.94 -65.73 59.20
C LEU F 330 33.77 -66.97 60.06
N ARG F 331 34.88 -67.48 60.59
CA ARG F 331 34.85 -68.70 61.42
C ARG F 331 34.14 -68.44 62.73
N ALA F 332 34.34 -67.25 63.28
CA ALA F 332 33.73 -66.87 64.55
C ALA F 332 32.21 -66.75 64.43
N ALA F 333 31.74 -66.53 63.20
CA ALA F 333 30.31 -66.47 62.92
C ALA F 333 29.69 -67.86 62.93
N GLY F 334 30.52 -68.89 62.74
CA GLY F 334 30.07 -70.27 62.77
C GLY F 334 30.28 -71.02 61.46
N TYR F 335 30.75 -70.34 60.41
CA TYR F 335 31.01 -71.01 59.15
C TYR F 335 32.33 -71.75 59.25
N ASP F 336 32.25 -73.08 59.31
CA ASP F 336 33.40 -73.91 59.64
C ASP F 336 33.86 -74.83 58.51
N LYS F 337 33.33 -74.63 57.31
CA LYS F 337 33.60 -75.53 56.21
C LYS F 337 34.91 -75.16 55.51
N PRO F 338 35.62 -76.15 54.98
CA PRO F 338 36.86 -75.89 54.26
C PRO F 338 36.63 -75.29 52.89
N PHE F 339 37.68 -74.65 52.35
CA PHE F 339 37.65 -74.08 51.02
C PHE F 339 38.56 -74.85 50.09
N LYS F 340 38.10 -75.04 48.86
CA LYS F 340 38.90 -75.70 47.84
C LYS F 340 40.17 -74.89 47.53
N THR F 341 41.28 -75.59 47.40
CA THR F 341 42.54 -74.98 47.01
C THR F 341 42.51 -74.64 45.53
N VAL F 342 43.49 -73.87 45.07
CA VAL F 342 43.61 -73.52 43.66
C VAL F 342 43.76 -74.79 42.82
N ALA F 343 44.57 -75.73 43.28
CA ALA F 343 44.78 -76.97 42.55
C ALA F 343 43.46 -77.73 42.36
N GLU F 344 42.68 -77.82 43.41
CA GLU F 344 41.38 -78.48 43.37
C GLU F 344 40.40 -77.75 42.49
N GLY F 345 40.17 -76.48 42.82
CA GLY F 345 39.15 -75.69 42.17
C GLY F 345 39.40 -75.48 40.69
N VAL F 346 40.64 -75.17 40.33
CA VAL F 346 41.00 -74.90 38.95
C VAL F 346 40.89 -76.18 38.12
N THR F 347 41.30 -77.31 38.71
CA THR F 347 41.19 -78.60 38.03
C THR F 347 39.72 -78.94 37.77
N GLU F 348 38.89 -78.74 38.79
CA GLU F 348 37.45 -78.97 38.65
C GLU F 348 36.84 -78.04 37.61
N TYR F 349 37.31 -76.79 37.60
CA TYR F 349 36.85 -75.78 36.67
C TYR F 349 37.20 -76.14 35.24
N MET F 350 38.43 -76.59 35.03
CA MET F 350 38.89 -76.96 33.69
C MET F 350 38.09 -78.12 33.13
N ALA F 351 37.71 -79.05 33.99
CA ALA F 351 36.90 -80.20 33.59
C ALA F 351 35.52 -79.74 33.13
N TRP F 352 34.96 -78.74 33.83
CA TRP F 352 33.67 -78.19 33.46
C TRP F 352 33.77 -77.41 32.14
N LEU F 353 34.82 -76.62 32.00
CA LEU F 353 35.02 -75.79 30.80
C LEU F 353 35.20 -76.64 29.55
N ASN F 354 35.74 -77.83 29.74
CA ASN F 354 36.09 -78.72 28.65
C ASN F 354 35.31 -80.02 28.71
N MET G 48 24.32 -33.38 61.48
CA MET G 48 25.13 -33.65 60.26
C MET G 48 25.54 -32.39 59.51
N ILE G 49 26.58 -32.51 58.71
CA ILE G 49 27.04 -31.41 57.87
C ILE G 49 27.04 -31.85 56.41
N ILE G 50 26.64 -30.94 55.53
CA ILE G 50 26.66 -31.20 54.10
C ILE G 50 27.78 -30.40 53.46
N VAL G 51 28.59 -31.07 52.65
CA VAL G 51 29.63 -30.41 51.88
C VAL G 51 29.41 -30.70 50.40
N THR G 52 28.98 -29.68 49.66
CA THR G 52 28.86 -29.80 48.21
C THR G 52 30.26 -29.52 47.64
N GLY G 53 30.56 -30.12 46.50
CA GLY G 53 31.92 -30.08 45.95
C GLY G 53 32.87 -30.85 46.85
N GLY G 54 32.31 -31.72 47.69
CA GLY G 54 33.05 -32.43 48.73
C GLY G 54 34.06 -33.45 48.21
N ALA G 55 33.91 -33.86 46.95
CA ALA G 55 34.87 -34.75 46.32
C ALA G 55 35.89 -33.95 45.53
N GLY G 56 35.66 -32.65 45.46
CA GLY G 56 36.57 -31.73 44.80
C GLY G 56 37.69 -31.28 45.71
N PHE G 57 38.43 -30.27 45.24
CA PHE G 57 39.64 -29.80 45.89
C PHE G 57 39.38 -29.16 47.27
N ILE G 58 38.73 -28.00 47.28
CA ILE G 58 38.49 -27.29 48.53
C ILE G 58 37.54 -28.07 49.43
N GLY G 59 36.51 -28.65 48.83
CA GLY G 59 35.49 -29.38 49.57
C GLY G 59 36.03 -30.58 50.32
N SER G 60 36.89 -31.37 49.67
CA SER G 60 37.47 -32.55 50.31
C SER G 60 38.39 -32.12 51.46
N ASN G 61 39.00 -30.95 51.31
CA ASN G 61 39.84 -30.39 52.36
C ASN G 61 39.03 -29.93 53.56
N ILE G 62 37.82 -29.42 53.32
CA ILE G 62 36.90 -29.06 54.39
C ILE G 62 36.45 -30.32 55.11
N VAL G 63 36.17 -31.39 54.36
CA VAL G 63 35.81 -32.68 54.95
C VAL G 63 36.91 -33.20 55.86
N LYS G 64 38.15 -33.11 55.40
CA LYS G 64 39.29 -33.53 56.20
C LYS G 64 39.37 -32.72 57.49
N ALA G 65 39.23 -31.40 57.35
CA ALA G 65 39.30 -30.50 58.49
C ALA G 65 38.20 -30.81 59.52
N LEU G 66 37.04 -31.20 59.02
CA LEU G 66 35.94 -31.62 59.89
C LEU G 66 36.27 -32.93 60.62
N ASN G 67 36.82 -33.89 59.88
CA ASN G 67 37.31 -35.14 60.46
C ASN G 67 38.29 -34.87 61.60
N ASP G 68 39.20 -33.92 61.38
CA ASP G 68 40.23 -33.61 62.36
C ASP G 68 39.65 -33.03 63.64
N LYS G 69 38.44 -32.49 63.55
CA LYS G 69 37.72 -32.02 64.72
C LYS G 69 36.71 -33.05 65.23
N GLY G 70 36.84 -34.28 64.77
CA GLY G 70 36.03 -35.41 65.26
C GLY G 70 34.66 -35.48 64.63
N ILE G 71 34.45 -34.78 63.51
CA ILE G 71 33.17 -34.78 62.82
C ILE G 71 33.21 -35.68 61.59
N THR G 72 32.33 -36.68 61.58
CA THR G 72 32.25 -37.66 60.48
C THR G 72 30.86 -37.80 59.88
N ASP G 73 29.85 -37.24 60.54
CA ASP G 73 28.48 -37.30 60.03
C ASP G 73 28.33 -36.26 58.93
N ILE G 74 28.87 -36.60 57.76
CA ILE G 74 28.98 -35.68 56.65
C ILE G 74 28.34 -36.28 55.39
N LEU G 75 27.45 -35.50 54.77
CA LEU G 75 26.91 -35.84 53.45
C LEU G 75 27.70 -35.08 52.40
N VAL G 76 28.36 -35.80 51.50
CA VAL G 76 29.07 -35.19 50.40
C VAL G 76 28.19 -35.18 49.16
N VAL G 77 28.08 -34.01 48.54
CA VAL G 77 27.36 -33.85 47.29
C VAL G 77 28.37 -33.44 46.24
N ASP G 78 28.38 -34.16 45.12
CA ASP G 78 29.34 -33.84 44.07
C ASP G 78 28.93 -34.47 42.75
N ASN G 79 29.84 -34.47 41.79
CA ASN G 79 29.66 -35.10 40.49
C ASN G 79 30.89 -35.95 40.19
N LEU G 80 30.74 -37.27 40.34
CA LEU G 80 31.85 -38.21 40.22
C LEU G 80 32.01 -38.77 38.81
N LYS G 81 31.40 -38.10 37.83
CA LYS G 81 31.58 -38.48 36.44
C LYS G 81 33.04 -38.81 36.19
N ASP G 82 33.93 -37.88 36.56
CA ASP G 82 35.36 -38.17 36.61
C ASP G 82 35.63 -38.96 37.90
N GLY G 83 35.63 -40.28 37.76
CA GLY G 83 35.74 -41.18 38.91
C GLY G 83 37.06 -41.12 39.65
N THR G 84 38.09 -40.53 39.03
CA THR G 84 39.40 -40.41 39.67
C THR G 84 39.32 -39.53 40.91
N LYS G 85 38.27 -38.73 41.03
CA LYS G 85 38.10 -37.83 42.18
C LYS G 85 37.87 -38.59 43.47
N PHE G 86 37.58 -39.89 43.39
CA PHE G 86 37.32 -40.67 44.58
C PHE G 86 38.50 -40.62 45.56
N VAL G 87 39.73 -40.49 45.03
CA VAL G 87 40.92 -40.48 45.88
C VAL G 87 40.91 -39.35 46.91
N ASN G 88 40.17 -38.28 46.60
CA ASN G 88 40.07 -37.15 47.51
C ASN G 88 39.27 -37.48 48.76
N LEU G 89 38.46 -38.54 48.70
CA LEU G 89 37.62 -38.95 49.82
C LEU G 89 38.04 -40.29 50.43
N VAL G 90 38.91 -41.03 49.76
CA VAL G 90 39.16 -42.43 50.10
C VAL G 90 39.74 -42.60 51.51
N ASP G 91 40.52 -41.62 51.96
CA ASP G 91 41.14 -41.69 53.28
C ASP G 91 40.34 -40.92 54.34
N LEU G 92 39.19 -40.38 53.95
CA LEU G 92 38.38 -39.57 54.84
C LEU G 92 37.16 -40.34 55.33
N ASN G 93 36.45 -39.75 56.28
CA ASN G 93 35.28 -40.37 56.88
C ASN G 93 34.04 -39.53 56.69
N ILE G 94 33.08 -40.07 55.95
CA ILE G 94 31.81 -39.41 55.69
C ILE G 94 30.66 -40.37 55.97
N ALA G 95 29.44 -39.86 55.97
CA ALA G 95 28.27 -40.67 56.26
C ALA G 95 27.59 -41.17 55.00
N ASP G 96 27.65 -40.38 53.93
CA ASP G 96 26.84 -40.64 52.74
C ASP G 96 27.32 -39.80 51.56
N TYR G 97 27.00 -40.26 50.36
CA TYR G 97 27.31 -39.54 49.13
C TYR G 97 26.06 -39.39 48.28
N MET G 98 25.93 -38.23 47.65
CA MET G 98 24.82 -37.95 46.75
C MET G 98 25.30 -37.16 45.53
N ASP G 99 24.74 -37.49 44.37
CA ASP G 99 25.02 -36.74 43.16
C ASP G 99 24.33 -35.38 43.19
N LYS G 100 25.00 -34.38 42.62
CA LYS G 100 24.52 -33.00 42.65
C LYS G 100 23.12 -32.82 42.06
N GLU G 101 22.76 -33.64 41.08
CA GLU G 101 21.47 -33.48 40.44
C GLU G 101 20.36 -34.02 41.32
N ASP G 102 20.61 -35.15 41.97
CA ASP G 102 19.66 -35.74 42.91
C ASP G 102 19.48 -34.83 44.11
N PHE G 103 20.58 -34.23 44.55
CA PHE G 103 20.54 -33.31 45.68
C PHE G 103 19.66 -32.12 45.36
N LEU G 104 19.83 -31.55 44.16
CA LEU G 104 19.06 -30.39 43.76
C LEU G 104 17.58 -30.71 43.72
N ILE G 105 17.24 -31.88 43.20
CA ILE G 105 15.84 -32.31 43.11
C ILE G 105 15.20 -32.41 44.49
N GLN G 106 15.94 -32.96 45.45
CA GLN G 106 15.44 -33.14 46.81
C GLN G 106 15.34 -31.82 47.56
N ILE G 107 16.34 -30.96 47.36
CA ILE G 107 16.34 -29.61 47.92
C ILE G 107 15.09 -28.83 47.45
N MET G 108 14.85 -28.85 46.15
CA MET G 108 13.74 -28.10 45.58
C MET G 108 12.39 -28.69 45.94
N ALA G 109 12.37 -29.98 46.29
CA ALA G 109 11.14 -30.64 46.74
C ALA G 109 10.92 -30.45 48.24
N GLY G 110 11.90 -29.83 48.91
CA GLY G 110 11.81 -29.54 50.33
C GLY G 110 11.99 -30.76 51.21
N GLU G 111 12.84 -31.69 50.76
CA GLU G 111 13.18 -32.87 51.54
C GLU G 111 14.08 -32.48 52.72
N GLU G 112 13.92 -33.20 53.82
CA GLU G 112 14.79 -33.03 54.98
C GLU G 112 15.88 -34.09 54.91
N PHE G 113 17.10 -33.70 55.25
CA PHE G 113 18.24 -34.61 55.23
C PHE G 113 18.64 -35.04 56.63
N GLY G 114 17.90 -34.56 57.62
CA GLY G 114 18.20 -34.81 59.02
C GLY G 114 18.37 -33.49 59.76
N ASP G 115 19.11 -33.53 60.86
CA ASP G 115 19.41 -32.33 61.62
C ASP G 115 20.68 -31.71 61.06
N VAL G 116 20.51 -30.87 60.03
CA VAL G 116 21.65 -30.28 59.33
C VAL G 116 22.16 -29.07 60.08
N GLU G 117 23.43 -29.13 60.47
CA GLU G 117 24.07 -28.09 61.26
C GLU G 117 24.66 -27.01 60.36
N ALA G 118 24.99 -27.38 59.12
CA ALA G 118 25.59 -26.44 58.18
C ALA G 118 25.73 -27.05 56.80
N ILE G 119 25.70 -26.19 55.79
CA ILE G 119 26.06 -26.57 54.43
C ILE G 119 27.25 -25.74 53.97
N PHE G 120 28.34 -26.43 53.63
CA PHE G 120 29.47 -25.81 52.96
C PHE G 120 29.28 -26.02 51.48
N HIS G 121 28.94 -24.96 50.77
CA HIS G 121 28.63 -25.07 49.36
C HIS G 121 29.85 -24.69 48.51
N GLU G 122 30.71 -25.68 48.26
CA GLU G 122 31.89 -25.52 47.41
C GLU G 122 31.63 -26.01 46.00
N GLY G 123 30.49 -26.68 45.81
CA GLY G 123 30.14 -27.23 44.52
C GLY G 123 29.90 -26.17 43.46
N ALA G 124 30.60 -26.31 42.34
CA ALA G 124 30.45 -25.39 41.22
C ALA G 124 31.29 -25.87 40.04
N CYS G 125 30.92 -25.42 38.86
CA CYS G 125 31.77 -25.53 37.69
C CYS G 125 32.91 -24.56 37.93
N SER G 126 34.11 -25.08 38.13
CA SER G 126 35.24 -24.27 38.57
C SER G 126 36.15 -23.86 37.42
N SER G 127 35.77 -24.16 36.19
CA SER G 127 36.62 -23.87 35.04
C SER G 127 36.42 -22.45 34.52
N THR G 128 37.50 -21.68 34.50
CA THR G 128 37.46 -20.31 34.01
C THR G 128 37.37 -20.25 32.48
N THR G 129 37.65 -21.37 31.82
CA THR G 129 37.66 -21.44 30.37
C THR G 129 36.41 -22.12 29.81
N GLU G 130 35.46 -22.42 30.69
CA GLU G 130 34.15 -22.93 30.28
C GLU G 130 33.27 -21.76 29.86
N TRP G 131 32.80 -21.77 28.62
CA TRP G 131 32.06 -20.64 28.08
C TRP G 131 30.59 -20.91 27.78
N ASP G 132 30.11 -22.10 28.13
CA ASP G 132 28.68 -22.36 28.08
C ASP G 132 28.03 -21.67 29.28
N GLY G 133 27.52 -20.47 29.04
CA GLY G 133 26.97 -19.65 30.11
C GLY G 133 25.61 -20.09 30.58
N LYS G 134 24.88 -20.84 29.75
CA LYS G 134 23.61 -21.39 30.16
C LYS G 134 23.87 -22.40 31.28
N TYR G 135 24.82 -23.29 31.03
CA TYR G 135 25.22 -24.27 32.04
C TYR G 135 25.81 -23.57 33.27
N MET G 136 26.66 -22.57 33.03
CA MET G 136 27.34 -21.89 34.11
C MET G 136 26.37 -21.17 35.05
N MET G 137 25.43 -20.42 34.49
CA MET G 137 24.48 -19.67 35.31
C MET G 137 23.53 -20.63 36.04
N ASP G 138 23.33 -21.79 35.46
CA ASP G 138 22.44 -22.79 36.01
C ASP G 138 23.09 -23.57 37.15
N ASN G 139 24.24 -24.15 36.85
CA ASN G 139 24.96 -25.01 37.76
C ASN G 139 25.61 -24.23 38.91
N ASN G 140 25.93 -22.97 38.64
CA ASN G 140 26.54 -22.12 39.66
C ASN G 140 25.53 -21.19 40.32
N TYR G 141 25.07 -20.19 39.56
CA TYR G 141 24.21 -19.14 40.10
C TYR G 141 22.87 -19.66 40.62
N GLN G 142 22.11 -20.33 39.76
CA GLN G 142 20.78 -20.79 40.11
C GLN G 142 20.82 -21.87 41.18
N TYR G 143 21.77 -22.80 41.04
CA TYR G 143 21.94 -23.88 41.99
C TYR G 143 22.18 -23.30 43.39
N SER G 144 23.04 -22.30 43.45
CA SER G 144 23.41 -21.66 44.71
C SER G 144 22.21 -20.95 45.34
N LYS G 145 21.38 -20.32 44.50
CA LYS G 145 20.16 -19.67 44.97
C LYS G 145 19.20 -20.67 45.63
N GLU G 146 19.03 -21.82 45.00
CA GLU G 146 18.09 -22.83 45.49
C GLU G 146 18.53 -23.30 46.86
N LEU G 147 19.83 -23.52 46.99
CA LEU G 147 20.43 -23.99 48.22
C LEU G 147 20.34 -22.93 49.33
N LEU G 148 20.61 -21.68 48.95
CA LEU G 148 20.53 -20.55 49.87
C LEU G 148 19.14 -20.45 50.48
N HIS G 149 18.12 -20.51 49.63
CA HIS G 149 16.73 -20.39 50.09
C HIS G 149 16.30 -21.57 50.96
N TYR G 150 16.81 -22.75 50.63
CA TYR G 150 16.55 -23.94 51.41
C TYR G 150 17.08 -23.78 52.83
N CYS G 151 18.32 -23.31 52.94
CA CYS G 151 18.98 -23.08 54.22
C CYS G 151 18.32 -21.95 55.00
N LEU G 152 17.87 -20.95 54.26
CA LEU G 152 17.30 -19.75 54.84
C LEU G 152 15.97 -20.08 55.52
N GLU G 153 15.19 -20.93 54.86
CA GLU G 153 13.89 -21.36 55.36
C GLU G 153 14.03 -22.20 56.63
N ARG G 154 15.18 -22.86 56.79
CA ARG G 154 15.43 -23.79 57.90
C ARG G 154 16.45 -23.27 58.91
N GLU G 155 16.92 -22.05 58.68
CA GLU G 155 17.94 -21.41 59.52
C GLU G 155 19.19 -22.28 59.64
N ILE G 156 19.58 -22.87 58.52
CA ILE G 156 20.80 -23.66 58.41
C ILE G 156 21.93 -22.74 57.96
N PRO G 157 23.04 -22.69 58.73
CA PRO G 157 24.19 -21.92 58.30
C PRO G 157 24.65 -22.32 56.90
N PHE G 158 24.90 -21.31 56.07
CA PHE G 158 25.21 -21.50 54.67
C PHE G 158 26.53 -20.79 54.34
N LEU G 159 27.57 -21.58 54.10
CA LEU G 159 28.91 -21.08 53.85
C LEU G 159 29.36 -21.51 52.46
N TYR G 160 29.48 -20.54 51.56
CA TYR G 160 29.66 -20.85 50.13
C TYR G 160 30.94 -20.27 49.55
N ALA G 161 31.27 -20.71 48.35
CA ALA G 161 32.49 -20.31 47.65
C ALA G 161 32.21 -19.19 46.66
N SER G 162 32.87 -18.06 46.88
CA SER G 162 32.93 -16.99 45.91
C SER G 162 34.27 -17.14 45.19
N SER G 163 34.74 -16.07 44.56
CA SER G 163 36.02 -16.10 43.86
C SER G 163 36.58 -14.71 43.64
N ALA G 164 37.90 -14.58 43.74
CA ALA G 164 38.62 -13.34 43.46
C ALA G 164 38.58 -12.99 41.96
N ALA G 165 38.15 -13.95 41.14
CA ALA G 165 37.88 -13.69 39.73
C ALA G 165 36.83 -12.59 39.56
N THR G 166 36.01 -12.37 40.60
CA THR G 166 35.00 -11.32 40.58
C THR G 166 35.61 -9.93 40.44
N TYR G 167 36.87 -9.78 40.85
CA TYR G 167 37.54 -8.49 40.79
C TYR G 167 37.97 -8.09 39.39
N GLY G 168 38.14 -9.08 38.53
CA GLY G 168 38.59 -8.83 37.16
C GLY G 168 39.97 -8.22 37.13
N GLY G 169 40.19 -7.33 36.15
CA GLY G 169 41.48 -6.69 35.92
C GLY G 169 41.68 -5.48 36.80
N ARG G 170 42.68 -5.57 37.67
CA ARG G 170 42.81 -4.62 38.77
C ARG G 170 44.22 -4.66 39.34
N THR G 171 44.73 -3.51 39.78
CA THR G 171 46.09 -3.40 40.30
C THR G 171 46.11 -3.10 41.80
N SER G 172 44.94 -2.87 42.39
CA SER G 172 44.83 -2.63 43.82
C SER G 172 43.37 -2.62 44.26
N ASP G 173 43.16 -2.43 45.57
CA ASP G 173 41.82 -2.29 46.14
C ASP G 173 40.93 -3.48 45.83
N PHE G 174 41.43 -4.67 46.17
CA PHE G 174 40.64 -5.87 46.04
C PHE G 174 39.75 -5.95 47.29
N ILE G 175 38.71 -5.13 47.27
CA ILE G 175 37.83 -4.95 48.42
C ILE G 175 36.44 -5.50 48.10
N GLU G 176 35.81 -6.12 49.11
CA GLU G 176 34.56 -6.85 48.92
C GLU G 176 33.37 -5.91 48.76
N SER G 177 33.37 -5.15 47.66
CA SER G 177 32.30 -4.23 47.37
C SER G 177 32.11 -4.09 45.87
N ARG G 178 30.85 -3.90 45.46
CA ARG G 178 30.46 -3.97 44.05
C ARG G 178 31.30 -3.10 43.12
N GLU G 179 31.73 -1.95 43.61
CA GLU G 179 32.48 -0.98 42.81
C GLU G 179 33.84 -1.50 42.38
N TYR G 180 34.33 -2.54 43.07
CA TYR G 180 35.65 -3.10 42.79
C TYR G 180 35.54 -4.39 41.99
N GLU G 181 34.32 -4.72 41.58
CA GLU G 181 34.04 -5.99 40.94
C GLU G 181 33.69 -5.80 39.47
N LYS G 182 34.35 -6.58 38.62
CA LYS G 182 34.13 -6.55 37.17
C LYS G 182 34.80 -7.77 36.53
N PRO G 183 34.21 -8.95 36.68
CA PRO G 183 34.82 -10.19 36.20
C PRO G 183 35.09 -10.19 34.71
N LEU G 184 36.12 -10.95 34.31
CA LEU G 184 36.57 -10.98 32.92
C LEU G 184 36.06 -12.20 32.16
N ASN G 185 35.36 -13.08 32.86
CA ASN G 185 34.77 -14.26 32.22
C ASN G 185 33.43 -14.66 32.85
N VAL G 186 32.71 -15.54 32.17
CA VAL G 186 31.36 -15.91 32.60
C VAL G 186 31.38 -16.73 33.89
N PHE G 187 32.46 -17.46 34.13
CA PHE G 187 32.64 -18.10 35.44
C PHE G 187 32.58 -17.06 36.53
N GLY G 188 33.39 -16.02 36.36
CA GLY G 188 33.47 -14.92 37.30
C GLY G 188 32.15 -14.20 37.45
N TYR G 189 31.42 -14.05 36.35
CA TYR G 189 30.12 -13.41 36.38
C TYR G 189 29.14 -14.22 37.23
N SER G 190 29.17 -15.54 37.06
CA SER G 190 28.28 -16.43 37.82
C SER G 190 28.51 -16.27 39.32
N LYS G 191 29.77 -16.07 39.70
CA LYS G 191 30.11 -15.85 41.10
C LYS G 191 29.72 -14.46 41.54
N PHE G 192 30.02 -13.46 40.71
CA PHE G 192 29.68 -12.08 41.01
C PHE G 192 28.19 -11.90 41.27
N LEU G 193 27.36 -12.44 40.38
CA LEU G 193 25.93 -12.21 40.46
C LEU G 193 25.34 -12.86 41.71
N PHE G 194 25.88 -14.00 42.10
CA PHE G 194 25.40 -14.64 43.32
C PHE G 194 25.78 -13.84 44.56
N ASP G 195 26.98 -13.25 44.56
CA ASP G 195 27.38 -12.39 45.66
C ASP G 195 26.42 -11.21 45.75
N GLU G 196 26.03 -10.67 44.60
CA GLU G 196 25.06 -9.56 44.57
C GLU G 196 23.70 -10.01 45.07
N TYR G 197 23.35 -11.27 44.82
CA TYR G 197 22.08 -11.81 45.29
C TYR G 197 22.12 -11.96 46.82
N VAL G 198 23.23 -12.46 47.32
CA VAL G 198 23.44 -12.62 48.76
C VAL G 198 23.34 -11.27 49.48
N ARG G 199 23.86 -10.21 48.84
CA ARG G 199 23.81 -8.87 49.43
C ARG G 199 22.39 -8.34 49.58
N GLN G 200 21.50 -8.75 48.69
CA GLN G 200 20.09 -8.36 48.75
C GLN G 200 19.40 -9.08 49.91
N ILE G 201 19.90 -10.27 50.24
CA ILE G 201 19.27 -11.17 51.21
C ILE G 201 19.77 -10.95 52.64
N LEU G 202 21.05 -10.58 52.77
CA LEU G 202 21.70 -10.47 54.09
C LEU G 202 20.92 -9.66 55.12
N PRO G 203 20.47 -8.44 54.77
CA PRO G 203 19.86 -7.56 55.78
C PRO G 203 18.71 -8.20 56.56
N GLU G 204 18.08 -9.23 56.00
CA GLU G 204 16.94 -9.86 56.66
C GLU G 204 17.12 -11.35 56.93
N ALA G 205 18.31 -11.89 56.64
CA ALA G 205 18.62 -13.27 56.97
C ALA G 205 18.61 -13.45 58.48
N ASN G 206 18.02 -14.54 58.94
CA ASN G 206 17.97 -14.87 60.36
C ASN G 206 18.92 -16.02 60.70
N SER G 207 19.79 -16.34 59.75
CA SER G 207 20.80 -17.36 59.96
C SER G 207 22.05 -17.03 59.15
N GLN G 208 23.16 -17.66 59.52
CA GLN G 208 24.46 -17.33 58.95
C GLN G 208 24.50 -17.55 57.44
N ILE G 209 24.98 -16.52 56.74
CA ILE G 209 25.35 -16.62 55.33
C ILE G 209 26.76 -16.05 55.18
N VAL G 210 27.68 -16.89 54.72
CA VAL G 210 29.07 -16.45 54.50
C VAL G 210 29.56 -16.89 53.13
N GLY G 211 30.10 -15.93 52.39
CA GLY G 211 30.77 -16.21 51.13
C GLY G 211 32.27 -16.00 51.26
N PHE G 212 33.05 -16.96 50.80
CA PHE G 212 34.51 -16.86 50.85
C PHE G 212 35.04 -16.62 49.46
N ARG G 213 35.66 -15.46 49.30
CA ARG G 213 36.23 -15.06 48.02
C ARG G 213 37.66 -15.58 47.92
N TYR G 214 37.78 -16.83 47.51
CA TYR G 214 39.08 -17.49 47.43
C TYR G 214 39.93 -16.85 46.34
N PHE G 215 41.21 -16.65 46.65
CA PHE G 215 42.16 -16.18 45.65
C PHE G 215 42.80 -17.40 44.97
N ASN G 216 44.12 -17.49 44.89
CA ASN G 216 44.74 -18.63 44.22
C ASN G 216 45.06 -19.76 45.18
N VAL G 217 44.11 -20.67 45.32
CA VAL G 217 44.25 -21.76 46.27
C VAL G 217 45.07 -22.89 45.67
N TYR G 218 45.99 -23.43 46.44
CA TYR G 218 46.84 -24.53 46.00
C TYR G 218 47.08 -25.50 47.14
N GLY G 219 47.38 -26.74 46.79
CA GLY G 219 47.65 -27.77 47.77
C GLY G 219 47.04 -29.11 47.44
N PRO G 220 47.10 -30.06 48.37
CA PRO G 220 46.64 -31.43 48.20
C PRO G 220 45.18 -31.56 47.81
N ARG G 221 44.91 -32.50 46.91
CA ARG G 221 43.57 -32.95 46.52
C ARG G 221 43.00 -32.20 45.31
N GLU G 222 43.88 -31.66 44.47
CA GLU G 222 43.49 -30.94 43.26
C GLU G 222 43.96 -31.66 42.00
N GLY G 223 44.44 -32.90 42.16
CA GLY G 223 45.04 -33.66 41.06
C GLY G 223 44.10 -34.01 39.92
N HIS G 224 42.81 -33.79 40.13
CA HIS G 224 41.76 -34.08 39.16
C HIS G 224 41.43 -32.87 38.28
N LYS G 225 41.93 -31.71 38.66
CA LYS G 225 41.47 -30.45 38.04
C LYS G 225 42.06 -30.17 36.66
N GLY G 226 43.03 -30.97 36.24
CA GLY G 226 43.63 -30.82 34.91
C GLY G 226 44.23 -29.44 34.73
N SER G 227 43.80 -28.75 33.67
CA SER G 227 44.33 -27.42 33.33
C SER G 227 44.00 -26.37 34.38
N MET G 228 43.01 -26.67 35.21
CA MET G 228 42.59 -25.76 36.22
C MET G 228 43.30 -26.00 37.59
N ALA G 229 44.20 -26.99 37.63
CA ALA G 229 45.02 -27.25 38.81
C ALA G 229 46.03 -26.10 38.98
N SER G 230 46.54 -25.94 40.20
CA SER G 230 47.51 -24.90 40.50
C SER G 230 48.78 -25.06 39.67
N VAL G 231 49.47 -23.94 39.43
CA VAL G 231 50.74 -23.96 38.72
C VAL G 231 51.74 -24.85 39.48
N ALA G 232 51.69 -24.79 40.80
CA ALA G 232 52.56 -25.62 41.64
C ALA G 232 52.38 -27.10 41.27
N PHE G 233 51.12 -27.52 41.12
CA PHE G 233 50.83 -28.92 40.77
C PHE G 233 51.39 -29.24 39.39
N HIS G 234 51.17 -28.34 38.44
CA HIS G 234 51.62 -28.53 37.08
C HIS G 234 53.14 -28.64 37.00
N LEU G 235 53.84 -27.79 37.74
CA LEU G 235 55.29 -27.80 37.76
C LEU G 235 55.82 -29.11 38.32
N ASN G 236 55.18 -29.60 39.38
CA ASN G 236 55.56 -30.87 39.99
C ASN G 236 55.42 -32.01 38.99
N THR G 237 54.27 -32.04 38.31
CA THR G 237 53.97 -33.08 37.33
C THR G 237 55.00 -33.08 36.21
N GLN G 238 55.28 -31.89 35.69
CA GLN G 238 56.25 -31.73 34.62
C GLN G 238 57.64 -32.20 35.02
N LEU G 239 58.08 -31.79 36.22
CA LEU G 239 59.41 -32.15 36.71
C LEU G 239 59.53 -33.66 36.91
N ASN G 240 58.48 -34.28 37.43
CA ASN G 240 58.48 -35.72 37.66
C ASN G 240 58.41 -36.53 36.37
N ASN G 241 57.91 -35.91 35.30
CA ASN G 241 57.86 -36.54 33.98
C ASN G 241 59.12 -36.26 33.16
N GLY G 242 60.09 -35.61 33.77
CA GLY G 242 61.35 -35.28 33.09
C GLY G 242 61.17 -34.14 32.10
N GLU G 243 60.06 -33.42 32.22
CA GLU G 243 59.77 -32.29 31.35
C GLU G 243 60.22 -30.98 31.99
N SER G 244 60.45 -29.98 31.15
CA SER G 244 60.78 -28.65 31.61
C SER G 244 59.60 -28.05 32.37
N PRO G 245 59.86 -27.39 33.52
CA PRO G 245 58.77 -26.71 34.21
C PRO G 245 58.39 -25.43 33.45
N LYS G 246 57.09 -25.23 33.26
CA LYS G 246 56.60 -24.22 32.33
C LYS G 246 55.80 -23.09 32.99
N LEU G 247 56.11 -21.87 32.57
CA LEU G 247 55.35 -20.68 32.95
C LEU G 247 54.97 -19.93 31.69
N PHE G 248 53.85 -19.21 31.74
CA PHE G 248 53.42 -18.36 30.64
C PHE G 248 54.43 -17.26 30.43
N GLU G 249 54.66 -16.91 29.18
CA GLU G 249 55.44 -15.74 28.83
C GLU G 249 54.79 -14.52 29.48
N GLY G 250 55.61 -13.69 30.12
CA GLY G 250 55.14 -12.50 30.81
C GLY G 250 54.87 -12.72 32.28
N SER G 251 55.19 -13.92 32.77
CA SER G 251 54.93 -14.30 34.17
C SER G 251 55.77 -13.50 35.15
N GLU G 252 56.85 -12.87 34.66
CA GLU G 252 57.65 -11.95 35.47
C GLU G 252 56.71 -10.94 36.14
N ASN G 253 55.88 -10.33 35.31
CA ASN G 253 54.96 -9.27 35.72
C ASN G 253 53.62 -9.78 36.20
N PHE G 254 53.45 -11.10 36.31
CA PHE G 254 52.20 -11.66 36.82
C PHE G 254 52.36 -12.07 38.28
N LYS G 255 51.41 -11.67 39.11
CA LYS G 255 51.42 -11.99 40.52
C LYS G 255 50.03 -12.36 40.99
N ARG G 256 49.97 -13.29 41.94
CA ARG G 256 48.71 -13.67 42.56
C ARG G 256 48.88 -13.81 44.06
N ASP G 257 47.77 -13.68 44.77
CA ASP G 257 47.72 -14.04 46.17
C ASP G 257 47.52 -15.55 46.27
N PHE G 258 48.62 -16.28 46.34
CA PHE G 258 48.60 -17.73 46.47
C PHE G 258 48.36 -18.09 47.93
N VAL G 259 47.33 -18.90 48.17
CA VAL G 259 46.94 -19.26 49.53
C VAL G 259 46.81 -20.79 49.66
N TYR G 260 47.43 -21.33 50.72
CA TYR G 260 47.44 -22.77 50.95
C TYR G 260 46.07 -23.28 51.37
N VAL G 261 45.66 -24.40 50.79
CA VAL G 261 44.32 -24.94 51.01
C VAL G 261 44.04 -25.27 52.49
N GLY G 262 45.09 -25.62 53.22
CA GLY G 262 44.96 -25.91 54.65
C GLY G 262 44.41 -24.72 55.41
N ASP G 263 44.85 -23.52 55.04
CA ASP G 263 44.41 -22.29 55.68
C ASP G 263 42.96 -21.98 55.29
N VAL G 264 42.63 -22.27 54.04
CA VAL G 264 41.27 -22.08 53.53
C VAL G 264 40.27 -22.92 54.32
N ALA G 265 40.64 -24.18 54.57
CA ALA G 265 39.79 -25.07 55.36
C ALA G 265 39.63 -24.54 56.78
N ASP G 266 40.73 -24.06 57.37
CA ASP G 266 40.72 -23.54 58.74
C ASP G 266 39.79 -22.32 58.86
N VAL G 267 39.84 -21.44 57.87
CA VAL G 267 38.98 -20.26 57.87
C VAL G 267 37.51 -20.68 57.81
N ASN G 268 37.21 -21.64 56.96
CA ASN G 268 35.84 -22.16 56.83
C ASN G 268 35.30 -22.64 58.17
N LEU G 269 36.09 -23.45 58.88
CA LEU G 269 35.64 -24.01 60.15
C LEU G 269 35.51 -22.92 61.21
N TRP G 270 36.42 -21.97 61.20
CA TRP G 270 36.39 -20.88 62.16
C TRP G 270 35.07 -20.12 62.05
N PHE G 271 34.65 -19.85 60.82
CA PHE G 271 33.40 -19.12 60.58
C PHE G 271 32.18 -19.92 60.99
N LEU G 272 32.22 -21.23 60.77
CA LEU G 272 31.14 -22.08 61.26
C LEU G 272 31.05 -21.99 62.79
N GLU G 273 32.20 -22.01 63.45
CA GLU G 273 32.27 -21.97 64.90
C GLU G 273 31.79 -20.63 65.47
N ASN G 274 32.06 -19.54 64.74
CA ASN G 274 31.85 -18.20 65.28
C ASN G 274 30.60 -17.47 64.77
N GLY G 275 30.01 -17.97 63.69
CA GLY G 275 28.67 -17.57 63.27
C GLY G 275 28.54 -16.24 62.56
N VAL G 276 29.67 -15.65 62.18
CA VAL G 276 29.69 -14.35 61.50
C VAL G 276 29.21 -14.46 60.05
N SER G 277 28.40 -13.49 59.62
CA SER G 277 27.90 -13.43 58.24
C SER G 277 28.63 -12.38 57.42
N GLY G 278 28.62 -12.55 56.10
CA GLY G 278 29.18 -11.59 55.18
C GLY G 278 29.91 -12.21 54.00
N ILE G 279 30.58 -11.38 53.22
CA ILE G 279 31.42 -11.84 52.11
C ILE G 279 32.87 -11.41 52.38
N PHE G 280 33.77 -12.38 52.44
CA PHE G 280 35.13 -12.13 52.89
C PHE G 280 36.19 -12.65 51.94
N ASN G 281 37.15 -11.79 51.62
CA ASN G 281 38.35 -12.19 50.92
C ASN G 281 39.06 -13.28 51.70
N LEU G 282 39.56 -14.29 50.98
CA LEU G 282 40.35 -15.34 51.59
C LEU G 282 41.63 -15.54 50.78
N GLY G 283 42.68 -14.86 51.24
CA GLY G 283 44.02 -14.97 50.69
C GLY G 283 45.01 -14.65 51.79
N THR G 284 46.30 -14.61 51.45
CA THR G 284 47.34 -14.31 52.43
C THR G 284 47.46 -12.80 52.67
N GLY G 285 46.95 -12.01 51.72
CA GLY G 285 47.12 -10.57 51.75
C GLY G 285 48.44 -10.16 51.11
N ARG G 286 49.22 -11.14 50.67
CA ARG G 286 50.50 -10.89 50.00
C ARG G 286 50.46 -11.45 48.58
N ALA G 287 50.77 -10.60 47.61
CA ALA G 287 50.87 -11.02 46.23
C ALA G 287 52.30 -11.50 45.97
N GLU G 288 52.42 -12.64 45.30
CA GLU G 288 53.71 -13.18 44.91
C GLU G 288 53.69 -13.57 43.44
N SER G 289 54.86 -13.48 42.81
CA SER G 289 54.99 -13.84 41.40
C SER G 289 54.89 -15.34 41.21
N PHE G 290 54.47 -15.74 40.01
CA PHE G 290 54.49 -17.15 39.63
C PHE G 290 55.91 -17.70 39.73
N GLN G 291 56.90 -16.82 39.53
CA GLN G 291 58.30 -17.21 39.64
C GLN G 291 58.64 -17.66 41.05
N ALA G 292 58.01 -17.04 42.04
CA ALA G 292 58.21 -17.41 43.44
C ALA G 292 57.70 -18.83 43.71
N VAL G 293 56.56 -19.15 43.11
CA VAL G 293 56.03 -20.52 43.18
C VAL G 293 57.00 -21.48 42.51
N ALA G 294 57.50 -21.09 41.35
CA ALA G 294 58.46 -21.90 40.60
C ALA G 294 59.73 -22.12 41.41
N ASP G 295 60.24 -21.05 42.02
CA ASP G 295 61.47 -21.12 42.80
C ASP G 295 61.36 -22.11 43.96
N ALA G 296 60.24 -22.05 44.67
CA ALA G 296 60.01 -22.95 45.80
C ALA G 296 59.88 -24.39 45.31
N THR G 297 59.29 -24.57 44.13
CA THR G 297 59.10 -25.90 43.56
C THR G 297 60.42 -26.50 43.06
N LEU G 298 61.19 -25.70 42.33
CA LEU G 298 62.48 -26.16 41.81
C LEU G 298 63.46 -26.40 42.94
N ALA G 299 63.37 -25.61 44.00
CA ALA G 299 64.25 -25.75 45.16
C ALA G 299 64.01 -27.11 45.81
N TYR G 300 62.74 -27.52 45.90
CA TYR G 300 62.40 -28.81 46.50
C TYR G 300 62.91 -29.97 45.65
N HIS G 301 62.71 -29.86 44.34
CA HIS G 301 63.12 -30.91 43.40
C HIS G 301 64.62 -30.90 43.14
N LYS G 302 65.30 -29.83 43.54
CA LYS G 302 66.76 -29.68 43.37
C LYS G 302 67.18 -29.82 41.92
N LYS G 303 66.29 -29.46 41.00
CA LYS G 303 66.59 -29.45 39.58
C LYS G 303 65.56 -28.63 38.82
N GLY G 304 65.83 -28.43 37.54
CA GLY G 304 64.84 -27.83 36.65
C GLY G 304 65.17 -26.42 36.23
N GLN G 305 64.71 -26.07 35.04
CA GLN G 305 64.90 -24.75 34.47
C GLN G 305 63.64 -24.29 33.78
N ILE G 306 63.08 -23.17 34.24
CA ILE G 306 61.80 -22.69 33.74
C ILE G 306 61.85 -22.43 32.24
N GLU G 307 60.89 -23.01 31.52
CA GLU G 307 60.66 -22.70 30.12
C GLU G 307 59.41 -21.82 30.01
N TYR G 308 59.53 -20.72 29.28
CA TYR G 308 58.41 -19.83 29.06
C TYR G 308 57.69 -20.18 27.77
N ILE G 309 56.39 -20.42 27.88
CA ILE G 309 55.56 -20.83 26.75
C ILE G 309 54.64 -19.70 26.32
N PRO G 310 54.14 -19.74 25.08
CA PRO G 310 53.22 -18.71 24.61
C PRO G 310 52.02 -18.54 25.52
N PHE G 311 51.67 -17.28 25.80
CA PHE G 311 50.50 -16.98 26.59
C PHE G 311 49.26 -17.53 25.85
N PRO G 312 48.49 -18.42 26.51
CA PRO G 312 47.38 -19.08 25.83
C PRO G 312 46.38 -18.08 25.25
N ASP G 313 45.99 -18.35 24.02
CA ASP G 313 45.16 -17.45 23.24
C ASP G 313 43.79 -17.22 23.87
N LYS G 314 43.22 -18.28 24.42
CA LYS G 314 41.86 -18.22 24.95
C LYS G 314 41.79 -17.53 26.31
N LEU G 315 42.95 -17.18 26.87
CA LEU G 315 43.02 -16.42 28.12
C LEU G 315 43.21 -14.91 27.88
N LYS G 316 43.53 -14.53 26.65
CA LYS G 316 43.77 -13.13 26.33
C LYS G 316 42.51 -12.28 26.51
N GLY G 317 42.64 -11.21 27.30
CA GLY G 317 41.52 -10.35 27.64
C GLY G 317 40.66 -10.93 28.75
N ARG G 318 41.02 -12.11 29.24
CA ARG G 318 40.25 -12.82 30.26
C ARG G 318 41.08 -13.08 31.51
N TYR G 319 42.25 -12.46 31.59
CA TYR G 319 43.28 -12.86 32.55
C TYR G 319 43.56 -11.79 33.61
N GLN G 320 43.62 -12.22 34.86
CA GLN G 320 44.04 -11.36 35.96
C GLN G 320 45.56 -11.39 36.08
N ALA G 321 46.21 -10.27 35.80
CA ALA G 321 47.67 -10.14 35.86
C ALA G 321 48.15 -9.94 37.28
N PHE G 322 47.23 -9.55 38.18
CA PHE G 322 47.58 -9.23 39.55
C PHE G 322 46.40 -9.45 40.49
N THR G 323 46.63 -10.16 41.59
CA THR G 323 45.67 -10.20 42.69
C THR G 323 46.39 -10.11 44.04
N GLN G 324 45.73 -9.44 44.98
CA GLN G 324 46.20 -9.35 46.36
C GLN G 324 45.02 -9.11 47.27
N ALA G 325 44.76 -10.05 48.17
CA ALA G 325 43.63 -9.94 49.08
C ALA G 325 43.81 -8.77 50.03
N ASP G 326 42.77 -7.94 50.14
CA ASP G 326 42.70 -6.97 51.21
C ASP G 326 41.94 -7.65 52.34
N LEU G 327 42.65 -7.92 53.43
CA LEU G 327 42.12 -8.74 54.53
C LEU G 327 41.47 -7.92 55.62
N THR G 328 41.24 -6.63 55.37
CA THR G 328 40.69 -5.73 56.38
C THR G 328 39.41 -6.29 57.00
N ASN G 329 38.46 -6.69 56.15
CA ASN G 329 37.18 -7.19 56.62
C ASN G 329 37.29 -8.56 57.30
N LEU G 330 38.17 -9.41 56.78
CA LEU G 330 38.42 -10.72 57.37
C LEU G 330 38.91 -10.58 58.81
N ARG G 331 39.90 -9.71 59.03
CA ARG G 331 40.45 -9.50 60.36
C ARG G 331 39.44 -8.83 61.27
N ALA G 332 38.66 -7.90 60.72
CA ALA G 332 37.67 -7.18 61.50
C ALA G 332 36.55 -8.10 61.99
N ALA G 333 36.36 -9.21 61.28
CA ALA G 333 35.39 -10.22 61.66
C ALA G 333 35.87 -11.02 62.86
N GLY G 334 37.18 -11.03 63.09
CA GLY G 334 37.76 -11.72 64.23
C GLY G 334 38.72 -12.84 63.85
N TYR G 335 38.88 -13.13 62.56
CA TYR G 335 39.83 -14.15 62.14
C TYR G 335 41.23 -13.57 62.15
N ASP G 336 42.04 -13.99 63.12
CA ASP G 336 43.32 -13.35 63.41
C ASP G 336 44.53 -14.23 63.15
N LYS G 337 44.33 -15.38 62.50
CA LYS G 337 45.41 -16.35 62.34
C LYS G 337 46.24 -15.99 61.11
N PRO G 338 47.55 -16.28 61.18
CA PRO G 338 48.44 -16.04 60.06
C PRO G 338 48.25 -17.04 58.93
N PHE G 339 48.69 -16.64 57.73
CA PHE G 339 48.62 -17.49 56.56
C PHE G 339 50.00 -17.95 56.16
N LYS G 340 50.09 -19.20 55.72
CA LYS G 340 51.35 -19.71 55.19
C LYS G 340 51.78 -18.95 53.96
N THR G 341 53.07 -18.65 53.89
CA THR G 341 53.67 -18.05 52.71
C THR G 341 53.83 -19.08 51.60
N VAL G 342 54.10 -18.58 50.39
CA VAL G 342 54.32 -19.44 49.24
C VAL G 342 55.46 -20.40 49.50
N ALA G 343 56.53 -19.90 50.09
CA ALA G 343 57.69 -20.73 50.38
C ALA G 343 57.34 -21.90 51.30
N GLU G 344 56.57 -21.62 52.35
CA GLU G 344 56.14 -22.65 53.28
C GLU G 344 55.16 -23.60 52.65
N GLY G 345 54.07 -23.04 52.12
CA GLY G 345 52.96 -23.83 51.60
C GLY G 345 53.39 -24.74 50.46
N VAL G 346 54.13 -24.17 49.51
CA VAL G 346 54.57 -24.94 48.35
C VAL G 346 55.55 -26.04 48.75
N THR G 347 56.43 -25.76 49.70
CA THR G 347 57.37 -26.76 50.20
C THR G 347 56.59 -27.89 50.87
N GLU G 348 55.62 -27.52 51.70
CA GLU G 348 54.78 -28.51 52.35
C GLU G 348 54.01 -29.34 51.33
N TYR G 349 53.50 -28.66 50.31
CA TYR G 349 52.75 -29.30 49.25
C TYR G 349 53.61 -30.30 48.48
N MET G 350 54.84 -29.90 48.15
CA MET G 350 55.73 -30.77 47.40
C MET G 350 56.08 -32.03 48.19
N ALA G 351 56.21 -31.89 49.50
CA ALA G 351 56.48 -33.04 50.37
C ALA G 351 55.31 -34.01 50.34
N TRP G 352 54.10 -33.48 50.32
CA TRP G 352 52.90 -34.31 50.27
C TRP G 352 52.81 -35.01 48.90
N LEU G 353 53.07 -34.26 47.83
CA LEU G 353 52.95 -34.77 46.47
C LEU G 353 53.95 -35.88 46.20
N ASN G 354 55.08 -35.81 46.90
CA ASN G 354 56.18 -36.73 46.67
C ASN G 354 56.52 -37.66 47.84
N ARG G 355 55.86 -37.51 48.96
CA ARG G 355 55.88 -38.55 49.97
C ARG G 355 55.83 -39.93 49.30
N MET H 48 9.70 -3.82 40.45
CA MET H 48 10.77 -4.39 39.58
C MET H 48 10.43 -4.34 38.09
N ILE H 49 11.46 -4.42 37.26
CA ILE H 49 11.29 -4.46 35.81
C ILE H 49 11.95 -5.71 35.26
N ILE H 50 11.28 -6.32 34.28
CA ILE H 50 11.84 -7.48 33.61
C ILE H 50 12.29 -7.10 32.22
N VAL H 51 13.52 -7.46 31.86
CA VAL H 51 14.02 -7.26 30.51
C VAL H 51 14.43 -8.60 29.92
N THR H 52 13.66 -9.09 28.96
CA THR H 52 14.03 -10.30 28.23
C THR H 52 14.98 -9.86 27.11
N GLY H 53 15.89 -10.75 26.74
CA GLY H 53 16.97 -10.39 25.82
C GLY H 53 17.91 -9.39 26.48
N GLY H 54 17.85 -9.32 27.80
CA GLY H 54 18.59 -8.35 28.60
C GLY H 54 20.10 -8.50 28.59
N ALA H 55 20.58 -9.68 28.19
CA ALA H 55 22.02 -9.92 28.04
C ALA H 55 22.43 -9.69 26.59
N GLY H 56 21.43 -9.46 25.75
CA GLY H 56 21.65 -9.17 24.34
C GLY H 56 21.90 -7.70 24.08
N PHE H 57 21.90 -7.35 22.81
CA PHE H 57 22.28 -6.01 22.35
C PHE H 57 21.33 -4.91 22.84
N ILE H 58 20.12 -4.90 22.32
CA ILE H 58 19.17 -3.84 22.66
C ILE H 58 18.75 -3.94 24.14
N GLY H 59 18.55 -5.17 24.61
CA GLY H 59 18.12 -5.41 25.99
C GLY H 59 19.10 -4.90 27.03
N SER H 60 20.40 -5.15 26.83
CA SER H 60 21.42 -4.70 27.77
C SER H 60 21.50 -3.18 27.78
N ASN H 61 21.22 -2.58 26.62
CA ASN H 61 21.17 -1.12 26.51
C ASN H 61 19.98 -0.51 27.24
N ILE H 62 18.84 -1.22 27.24
CA ILE H 62 17.68 -0.79 28.01
C ILE H 62 17.98 -0.88 29.51
N VAL H 63 18.68 -1.95 29.90
CA VAL H 63 19.10 -2.13 31.30
C VAL H 63 19.98 -0.97 31.72
N LYS H 64 20.93 -0.60 30.86
CA LYS H 64 21.83 0.52 31.15
C LYS H 64 21.05 1.82 31.31
N ALA H 65 20.10 2.04 30.40
CA ALA H 65 19.27 3.24 30.42
C ALA H 65 18.44 3.31 31.71
N LEU H 66 17.97 2.15 32.17
CA LEU H 66 17.24 2.06 33.44
C LEU H 66 18.15 2.40 34.61
N ASN H 67 19.36 1.84 34.61
CA ASN H 67 20.37 2.16 35.61
C ASN H 67 20.63 3.66 35.69
N ASP H 68 20.70 4.31 34.53
CA ASP H 68 20.98 5.75 34.47
C ASP H 68 19.86 6.57 35.09
N LYS H 69 18.66 6.00 35.16
CA LYS H 69 17.53 6.63 35.82
C LYS H 69 17.35 6.14 37.26
N GLY H 70 18.38 5.46 37.78
CA GLY H 70 18.41 5.02 39.17
C GLY H 70 17.64 3.74 39.43
N ILE H 71 17.31 3.00 38.37
CA ILE H 71 16.57 1.74 38.49
C ILE H 71 17.51 0.55 38.38
N THR H 72 17.55 -0.28 39.43
CA THR H 72 18.41 -1.46 39.49
C THR H 72 17.66 -2.76 39.82
N ASP H 73 16.39 -2.65 40.25
CA ASP H 73 15.59 -3.82 40.55
C ASP H 73 15.09 -4.44 39.25
N ILE H 74 16.00 -5.13 38.58
CA ILE H 74 15.77 -5.64 37.23
C ILE H 74 16.03 -7.14 37.16
N LEU H 75 15.05 -7.87 36.64
CA LEU H 75 15.23 -9.28 36.33
C LEU H 75 15.56 -9.39 34.85
N VAL H 76 16.73 -9.93 34.55
CA VAL H 76 17.12 -10.20 33.17
C VAL H 76 16.79 -11.63 32.80
N VAL H 77 16.11 -11.81 31.68
CA VAL H 77 15.83 -13.12 31.11
C VAL H 77 16.55 -13.23 29.78
N ASP H 78 17.33 -14.29 29.61
CA ASP H 78 18.08 -14.47 28.38
C ASP H 78 18.52 -15.91 28.20
N ASN H 79 19.43 -16.12 27.26
CA ASN H 79 20.06 -17.41 27.00
C ASN H 79 21.56 -17.21 26.90
N LEU H 80 22.28 -17.60 27.97
CA LEU H 80 23.71 -17.35 28.07
C LEU H 80 24.56 -18.50 27.53
N LYS H 81 23.94 -19.40 26.77
CA LYS H 81 24.67 -20.49 26.14
C LYS H 81 25.99 -19.95 25.59
N ASP H 82 25.91 -18.87 24.82
CA ASP H 82 27.10 -18.11 24.45
C ASP H 82 27.49 -17.23 25.63
N GLY H 83 28.38 -17.75 26.47
CA GLY H 83 28.75 -17.09 27.71
C GLY H 83 29.45 -15.76 27.55
N THR H 84 29.97 -15.47 26.35
CA THR H 84 30.67 -14.20 26.10
C THR H 84 29.72 -13.01 26.24
N LYS H 85 28.42 -13.27 26.20
CA LYS H 85 27.41 -12.20 26.34
C LYS H 85 27.41 -11.58 27.73
N PHE H 86 28.08 -12.22 28.69
CA PHE H 86 28.09 -11.72 30.06
C PHE H 86 28.64 -10.29 30.12
N VAL H 87 29.56 -9.95 29.20
CA VAL H 87 30.18 -8.62 29.18
C VAL H 87 29.16 -7.51 29.03
N ASN H 88 28.03 -7.81 28.41
CA ASN H 88 26.99 -6.82 28.21
C ASN H 88 26.30 -6.42 29.52
N LEU H 89 26.45 -7.25 30.54
CA LEU H 89 25.83 -7.01 31.84
C LEU H 89 26.83 -6.72 32.96
N VAL H 90 28.12 -6.97 32.70
CA VAL H 90 29.11 -7.00 33.77
C VAL H 90 29.27 -5.65 34.48
N ASP H 91 29.08 -4.56 33.74
CA ASP H 91 29.23 -3.21 34.31
C ASP H 91 27.87 -2.63 34.75
N LEU H 92 26.81 -3.42 34.60
CA LEU H 92 25.46 -2.95 34.92
C LEU H 92 24.98 -3.49 36.25
N ASN H 93 23.84 -2.98 36.70
CA ASN H 93 23.26 -3.37 37.98
C ASN H 93 21.86 -3.95 37.81
N ILE H 94 21.72 -5.22 38.14
CA ILE H 94 20.46 -5.92 38.07
C ILE H 94 20.22 -6.67 39.36
N ALA H 95 19.01 -7.21 39.52
CA ALA H 95 18.63 -7.89 40.74
C ALA H 95 18.79 -9.40 40.63
N ASP H 96 18.59 -9.93 39.43
CA ASP H 96 18.50 -11.36 39.23
C ASP H 96 18.59 -11.73 37.76
N TYR H 97 18.96 -12.99 37.51
CA TYR H 97 19.03 -13.54 36.17
C TYR H 97 18.28 -14.84 36.08
N MET H 98 17.59 -15.03 34.96
CA MET H 98 16.84 -16.25 34.69
C MET H 98 16.98 -16.66 33.23
N ASP H 99 17.10 -17.97 33.02
CA ASP H 99 17.11 -18.51 31.66
C ASP H 99 15.73 -18.44 31.02
N LYS H 100 15.70 -18.19 29.72
CA LYS H 100 14.46 -18.01 28.98
C LYS H 100 13.49 -19.19 29.08
N GLU H 101 14.02 -20.40 29.21
CA GLU H 101 13.17 -21.58 29.28
C GLU H 101 12.51 -21.70 30.64
N ASP H 102 13.26 -21.41 31.70
CA ASP H 102 12.72 -21.41 33.06
C ASP H 102 11.69 -20.30 33.21
N PHE H 103 11.97 -19.15 32.60
CA PHE H 103 11.04 -18.03 32.65
C PHE H 103 9.70 -18.39 32.02
N LEU H 104 9.77 -19.02 30.85
CA LEU H 104 8.57 -19.41 30.13
C LEU H 104 7.72 -20.36 30.96
N ILE H 105 8.39 -21.32 31.59
CA ILE H 105 7.70 -22.32 32.41
C ILE H 105 6.96 -21.66 33.57
N GLN H 106 7.60 -20.69 34.21
CA GLN H 106 7.02 -19.99 35.35
C GLN H 106 5.89 -19.04 34.91
N ILE H 107 6.08 -18.37 33.79
CA ILE H 107 5.05 -17.52 33.19
C ILE H 107 3.79 -18.33 32.88
N MET H 108 3.96 -19.48 32.23
CA MET H 108 2.83 -20.31 31.84
C MET H 108 2.14 -20.98 33.03
N ALA H 109 2.88 -21.12 34.13
CA ALA H 109 2.32 -21.68 35.37
C ALA H 109 1.65 -20.59 36.21
N GLY H 110 1.79 -19.34 35.78
CA GLY H 110 1.15 -18.21 36.45
C GLY H 110 1.86 -17.82 37.73
N GLU H 111 3.19 -17.97 37.76
CA GLU H 111 4.00 -17.55 38.89
C GLU H 111 4.07 -16.04 38.93
N GLU H 112 4.15 -15.50 40.15
CA GLU H 112 4.36 -14.07 40.35
C GLU H 112 5.84 -13.84 40.57
N PHE H 113 6.37 -12.77 40.01
CA PHE H 113 7.79 -12.43 40.16
C PHE H 113 7.98 -11.25 41.10
N GLY H 114 6.88 -10.77 41.66
CA GLY H 114 6.90 -9.61 42.53
C GLY H 114 5.97 -8.54 42.00
N ASP H 115 6.24 -7.29 42.35
CA ASP H 115 5.47 -6.16 41.85
C ASP H 115 6.12 -5.69 40.56
N VAL H 116 5.72 -6.31 39.46
CA VAL H 116 6.32 -6.03 38.15
C VAL H 116 5.71 -4.77 37.54
N GLU H 117 6.56 -3.79 37.29
CA GLU H 117 6.14 -2.50 36.76
C GLU H 117 6.09 -2.50 35.24
N ALA H 118 6.88 -3.39 34.62
CA ALA H 118 6.92 -3.47 33.16
C ALA H 118 7.79 -4.63 32.71
N ILE H 119 7.45 -5.16 31.54
CA ILE H 119 8.31 -6.11 30.85
C ILE H 119 8.75 -5.52 29.51
N PHE H 120 10.06 -5.40 29.34
CA PHE H 120 10.63 -5.08 28.04
C PHE H 120 11.02 -6.39 27.39
N HIS H 121 10.26 -6.79 26.38
CA HIS H 121 10.47 -8.08 25.73
C HIS H 121 11.32 -7.93 24.48
N GLU H 122 12.64 -7.94 24.66
CA GLU H 122 13.60 -7.86 23.54
C GLU H 122 14.10 -9.24 23.16
N GLY H 123 13.79 -10.24 23.98
CA GLY H 123 14.24 -11.60 23.76
C GLY H 123 13.63 -12.23 22.52
N ALA H 124 14.50 -12.70 21.63
CA ALA H 124 14.08 -13.37 20.40
C ALA H 124 15.28 -13.94 19.69
N CYS H 125 15.03 -14.94 18.83
CA CYS H 125 16.02 -15.36 17.88
C CYS H 125 16.12 -14.23 16.87
N SER H 126 17.27 -13.58 16.84
CA SER H 126 17.44 -12.35 16.07
C SER H 126 18.13 -12.59 14.72
N SER H 127 18.37 -13.85 14.37
CA SER H 127 19.09 -14.14 13.13
C SER H 127 18.16 -14.22 11.94
N THR H 128 18.42 -13.39 10.94
CA THR H 128 17.63 -13.36 9.72
C THR H 128 17.92 -14.57 8.82
N THR H 129 19.02 -15.26 9.08
CA THR H 129 19.45 -16.39 8.27
C THR H 129 19.15 -17.73 8.93
N GLU H 130 18.45 -17.69 10.07
CA GLU H 130 17.95 -18.90 10.71
C GLU H 130 16.67 -19.34 10.02
N TRP H 131 16.67 -20.56 9.49
CA TRP H 131 15.53 -21.05 8.70
C TRP H 131 14.74 -22.20 9.31
N ASP H 132 15.08 -22.57 10.55
CA ASP H 132 14.24 -23.49 11.31
C ASP H 132 13.03 -22.70 11.81
N GLY H 133 11.94 -22.80 11.05
CA GLY H 133 10.73 -22.04 11.35
C GLY H 133 9.94 -22.59 12.52
N LYS H 134 10.13 -23.86 12.84
CA LYS H 134 9.47 -24.46 13.99
C LYS H 134 10.01 -23.77 15.24
N TYR H 135 11.33 -23.69 15.32
CA TYR H 135 12.00 -23.00 16.41
C TYR H 135 11.64 -21.51 16.41
N MET H 136 11.67 -20.91 15.23
CA MET H 136 11.43 -19.47 15.11
C MET H 136 10.02 -19.09 15.58
N MET H 137 9.00 -19.81 15.12
CA MET H 137 7.62 -19.49 15.49
C MET H 137 7.38 -19.77 16.97
N ASP H 138 8.15 -20.69 17.51
CA ASP H 138 8.03 -21.07 18.90
C ASP H 138 8.71 -20.08 19.85
N ASN H 139 9.98 -19.85 19.58
CA ASN H 139 10.83 -19.01 20.41
C ASN H 139 10.47 -17.53 20.28
N ASN H 140 9.95 -17.15 19.11
CA ASN H 140 9.57 -15.76 18.87
C ASN H 140 8.09 -15.53 19.04
N TYR H 141 7.30 -16.05 18.10
CA TYR H 141 5.86 -15.80 18.06
C TYR H 141 5.13 -16.33 19.29
N GLN H 142 5.24 -17.63 19.53
CA GLN H 142 4.49 -18.26 20.62
C GLN H 142 4.95 -17.75 22.00
N TYR H 143 6.26 -17.61 22.16
CA TYR H 143 6.84 -17.11 23.40
C TYR H 143 6.27 -15.74 23.72
N SER H 144 6.21 -14.88 22.69
CA SER H 144 5.73 -13.51 22.84
C SER H 144 4.23 -13.49 23.21
N LYS H 145 3.46 -14.41 22.64
CA LYS H 145 2.05 -14.53 22.98
C LYS H 145 1.84 -14.89 24.45
N GLU H 146 2.64 -15.84 24.94
CA GLU H 146 2.50 -16.29 26.34
C GLU H 146 2.77 -15.13 27.30
N LEU H 147 3.79 -14.37 26.97
CA LEU H 147 4.22 -13.24 27.78
C LEU H 147 3.16 -12.12 27.72
N LEU H 148 2.65 -11.87 26.52
CA LEU H 148 1.63 -10.85 26.33
C LEU H 148 0.41 -11.12 27.19
N HIS H 149 -0.06 -12.37 27.18
CA HIS H 149 -1.25 -12.76 27.93
C HIS H 149 -1.01 -12.72 29.43
N TYR H 150 0.21 -13.05 29.85
CA TYR H 150 0.61 -12.97 31.25
C TYR H 150 0.50 -11.54 31.74
N CYS H 151 1.05 -10.61 30.95
CA CYS H 151 1.03 -9.18 31.29
C CYS H 151 -0.38 -8.61 31.25
N LEU H 152 -1.16 -9.13 30.32
CA LEU H 152 -2.49 -8.62 30.05
C LEU H 152 -3.42 -8.96 31.22
N GLU H 153 -3.23 -10.16 31.75
CA GLU H 153 -4.01 -10.65 32.90
C GLU H 153 -3.69 -9.85 34.17
N ARG H 154 -2.47 -9.34 34.26
CA ARG H 154 -1.98 -8.65 35.47
C ARG H 154 -1.86 -7.14 35.25
N GLU H 155 -2.26 -6.68 34.06
CA GLU H 155 -2.19 -5.27 33.70
C GLU H 155 -0.76 -4.72 33.82
N ILE H 156 0.20 -5.55 33.43
CA ILE H 156 1.61 -5.18 33.40
C ILE H 156 1.93 -4.60 32.03
N PRO H 157 2.45 -3.37 31.98
CA PRO H 157 2.90 -2.81 30.71
C PRO H 157 3.84 -3.74 29.97
N PHE H 158 3.58 -3.93 28.68
CA PHE H 158 4.30 -4.88 27.84
C PHE H 158 4.86 -4.15 26.63
N LEU H 159 6.18 -4.01 26.59
CA LEU H 159 6.86 -3.29 25.53
C LEU H 159 7.84 -4.22 24.81
N TYR H 160 7.54 -4.55 23.56
CA TYR H 160 8.24 -5.62 22.86
C TYR H 160 8.92 -5.15 21.58
N ALA H 161 9.75 -6.04 21.05
CA ALA H 161 10.54 -5.76 19.85
C ALA H 161 9.85 -6.33 18.63
N SER H 162 9.53 -5.46 17.68
CA SER H 162 9.14 -5.84 16.34
C SER H 162 10.37 -5.66 15.47
N SER H 163 10.17 -5.57 14.15
CA SER H 163 11.28 -5.39 13.23
C SER H 163 10.82 -4.83 11.90
N ALA H 164 11.64 -3.97 11.31
CA ALA H 164 11.39 -3.40 9.99
C ALA H 164 11.54 -4.44 8.89
N ALA H 165 12.08 -5.61 9.24
CA ALA H 165 12.09 -6.76 8.34
C ALA H 165 10.67 -7.16 7.94
N THR H 166 9.68 -6.76 8.74
CA THR H 166 8.28 -7.03 8.43
C THR H 166 7.83 -6.36 7.13
N TYR H 167 8.53 -5.30 6.73
CA TYR H 167 8.17 -4.56 5.52
C TYR H 167 8.58 -5.27 4.24
N GLY H 168 9.58 -6.13 4.34
CA GLY H 168 10.10 -6.85 3.19
C GLY H 168 10.67 -5.91 2.15
N GLY H 169 10.50 -6.27 0.88
CA GLY H 169 11.04 -5.52 -0.24
C GLY H 169 10.17 -4.34 -0.64
N ARG H 170 10.71 -3.14 -0.48
CA ARG H 170 9.90 -1.94 -0.54
C ARG H 170 10.77 -0.71 -0.78
N THR H 171 10.25 0.25 -1.55
CA THR H 171 10.99 1.46 -1.89
C THR H 171 10.42 2.72 -1.22
N SER H 172 9.28 2.58 -0.55
CA SER H 172 8.66 3.68 0.17
C SER H 172 7.49 3.20 1.01
N ASP H 173 6.90 4.12 1.76
CA ASP H 173 5.71 3.86 2.57
C ASP H 173 5.94 2.76 3.60
N PHE H 174 6.99 2.92 4.40
CA PHE H 174 7.26 2.02 5.51
C PHE H 174 6.35 2.42 6.66
N ILE H 175 5.08 2.09 6.51
CA ILE H 175 4.02 2.53 7.43
C ILE H 175 3.48 1.33 8.21
N GLU H 176 3.20 1.56 9.50
CA GLU H 176 2.83 0.48 10.41
C GLU H 176 1.42 -0.04 10.17
N SER H 177 1.22 -0.67 9.01
CA SER H 177 -0.07 -1.21 8.66
C SER H 177 0.12 -2.45 7.79
N ARG H 178 -0.80 -3.40 7.93
CA ARG H 178 -0.65 -4.73 7.32
C ARG H 178 -0.39 -4.68 5.81
N GLU H 179 -0.99 -3.72 5.13
CA GLU H 179 -0.88 -3.61 3.66
C GLU H 179 0.53 -3.31 3.19
N TYR H 180 1.37 -2.82 4.10
CA TYR H 180 2.76 -2.46 3.77
C TYR H 180 3.73 -3.53 4.23
N GLU H 181 3.20 -4.64 4.74
CA GLU H 181 4.01 -5.67 5.36
C GLU H 181 4.02 -6.95 4.53
N LYS H 182 5.23 -7.45 4.30
CA LYS H 182 5.44 -8.68 3.51
C LYS H 182 6.88 -9.14 3.68
N PRO H 183 7.21 -9.73 4.84
CA PRO H 183 8.58 -10.13 5.14
C PRO H 183 9.16 -11.11 4.13
N LEU H 184 10.48 -11.08 4.00
CA LEU H 184 11.20 -11.89 3.03
C LEU H 184 11.83 -13.13 3.65
N ASN H 185 11.73 -13.27 4.96
CA ASN H 185 12.25 -14.46 5.66
C ASN H 185 11.42 -14.85 6.86
N VAL H 186 11.67 -16.05 7.38
CA VAL H 186 10.83 -16.60 8.44
C VAL H 186 11.01 -15.84 9.76
N PHE H 187 12.20 -15.27 9.98
CA PHE H 187 12.40 -14.37 11.10
C PHE H 187 11.40 -13.24 11.04
N GLY H 188 11.35 -12.60 9.88
CA GLY H 188 10.43 -11.49 9.62
C GLY H 188 8.99 -11.90 9.77
N TYR H 189 8.66 -13.12 9.34
CA TYR H 189 7.31 -13.64 9.46
C TYR H 189 6.92 -13.81 10.93
N SER H 190 7.85 -14.30 11.74
CA SER H 190 7.59 -14.50 13.17
C SER H 190 7.27 -13.18 13.83
N LYS H 191 7.93 -12.12 13.39
CA LYS H 191 7.66 -10.77 13.89
C LYS H 191 6.34 -10.24 13.37
N PHE H 192 6.12 -10.40 12.07
CA PHE H 192 4.89 -9.95 11.45
C PHE H 192 3.67 -10.54 12.11
N LEU H 193 3.67 -11.86 12.31
CA LEU H 193 2.48 -12.53 12.79
C LEU H 193 2.14 -12.12 14.22
N PHE H 194 3.17 -11.85 15.03
CA PHE H 194 2.93 -11.38 16.39
C PHE H 194 2.35 -9.97 16.40
N ASP H 195 2.82 -9.12 15.49
CA ASP H 195 2.24 -7.78 15.36
C ASP H 195 0.76 -7.89 14.99
N GLU H 196 0.43 -8.83 14.11
CA GLU H 196 -0.97 -9.07 13.75
C GLU H 196 -1.78 -9.59 14.93
N TYR H 197 -1.13 -10.35 15.80
CA TYR H 197 -1.79 -10.90 16.98
C TYR H 197 -2.08 -9.77 17.96
N VAL H 198 -1.10 -8.89 18.13
CA VAL H 198 -1.22 -7.71 19.00
C VAL H 198 -2.36 -6.81 18.52
N ARG H 199 -2.51 -6.69 17.20
CA ARG H 199 -3.58 -5.86 16.64
C ARG H 199 -4.97 -6.39 16.97
N GLN H 200 -5.09 -7.71 17.09
CA GLN H 200 -6.36 -8.33 17.46
C GLN H 200 -6.69 -8.07 18.94
N ILE H 201 -5.64 -7.90 19.73
CA ILE H 201 -5.75 -7.79 21.19
C ILE H 201 -5.91 -6.34 21.67
N LEU H 202 -5.31 -5.39 20.95
CA LEU H 202 -5.27 -3.99 21.37
C LEU H 202 -6.63 -3.40 21.76
N PRO H 203 -7.64 -3.55 20.90
CA PRO H 203 -8.91 -2.85 21.14
C PRO H 203 -9.50 -3.10 22.52
N GLU H 204 -9.12 -4.20 23.16
CA GLU H 204 -9.68 -4.54 24.46
C GLU H 204 -8.66 -4.68 25.58
N ALA H 205 -7.40 -4.39 25.29
CA ALA H 205 -6.35 -4.37 26.30
C ALA H 205 -6.66 -3.27 27.31
N ASN H 206 -6.47 -3.59 28.59
CA ASN H 206 -6.66 -2.63 29.67
C ASN H 206 -5.33 -2.19 30.26
N SER H 207 -4.25 -2.49 29.55
CA SER H 207 -2.92 -2.09 29.95
C SER H 207 -2.03 -1.87 28.72
N GLN H 208 -0.93 -1.16 28.91
CA GLN H 208 -0.06 -0.78 27.81
C GLN H 208 0.51 -1.96 27.05
N ILE H 209 0.36 -1.90 25.73
CA ILE H 209 1.04 -2.80 24.81
C ILE H 209 1.71 -1.95 23.73
N VAL H 210 3.03 -2.04 23.65
CA VAL H 210 3.78 -1.29 22.64
C VAL H 210 4.77 -2.17 21.93
N GLY H 211 4.73 -2.15 20.60
CA GLY H 211 5.71 -2.83 19.78
C GLY H 211 6.60 -1.80 19.09
N PHE H 212 7.89 -2.01 19.16
CA PHE H 212 8.86 -1.13 18.49
C PHE H 212 9.44 -1.80 17.29
N ARG H 213 9.15 -1.24 16.13
CA ARG H 213 9.62 -1.77 14.87
C ARG H 213 10.99 -1.19 14.57
N TYR H 214 12.02 -1.81 15.13
CA TYR H 214 13.38 -1.32 14.99
C TYR H 214 13.84 -1.48 13.56
N PHE H 215 14.56 -0.49 13.05
CA PHE H 215 15.18 -0.57 11.74
C PHE H 215 16.61 -1.10 11.93
N ASN H 216 17.63 -0.45 11.38
CA ASN H 216 19.00 -0.95 11.51
C ASN H 216 19.71 -0.37 12.72
N VAL H 217 19.59 -1.07 13.84
CA VAL H 217 20.14 -0.60 15.10
C VAL H 217 21.63 -0.95 15.15
N TYR H 218 22.44 0.01 15.59
CA TYR H 218 23.88 -0.19 15.75
C TYR H 218 24.39 0.52 17.00
N GLY H 219 25.49 0.04 17.53
CA GLY H 219 26.11 0.65 18.71
C GLY H 219 26.63 -0.37 19.70
N PRO H 220 27.06 0.10 20.87
CA PRO H 220 27.69 -0.71 21.92
C PRO H 220 26.83 -1.90 22.38
N ARG H 221 27.52 -3.01 22.63
CA ARG H 221 26.96 -4.22 23.26
C ARG H 221 26.38 -5.23 22.27
N GLU H 222 26.87 -5.19 21.04
CA GLU H 222 26.43 -6.13 20.00
C GLU H 222 27.57 -7.04 19.55
N GLY H 223 28.68 -7.02 20.29
CA GLY H 223 29.90 -7.75 19.92
C GLY H 223 29.75 -9.27 19.89
N HIS H 224 28.64 -9.76 20.41
CA HIS H 224 28.36 -11.19 20.47
C HIS H 224 27.57 -11.68 19.27
N LYS H 225 27.06 -10.76 18.46
CA LYS H 225 26.07 -11.11 17.44
C LYS H 225 26.66 -11.75 16.18
N GLY H 226 27.99 -11.78 16.09
CA GLY H 226 28.67 -12.40 14.95
C GLY H 226 28.24 -11.79 13.63
N SER H 227 27.75 -12.63 12.72
CA SER H 227 27.35 -12.18 11.38
C SER H 227 26.14 -11.24 11.42
N MET H 228 25.40 -11.25 12.53
CA MET H 228 24.24 -10.41 12.69
C MET H 228 24.55 -9.05 13.32
N ALA H 229 25.83 -8.83 13.65
CA ALA H 229 26.27 -7.54 14.16
C ALA H 229 26.18 -6.49 13.06
N SER H 230 26.14 -5.22 13.46
CA SER H 230 26.06 -4.12 12.50
C SER H 230 27.28 -4.08 11.59
N VAL H 231 27.10 -3.54 10.39
CA VAL H 231 28.19 -3.36 9.46
C VAL H 231 29.28 -2.50 10.08
N ALA H 232 28.86 -1.48 10.84
CA ALA H 232 29.80 -0.62 11.54
C ALA H 232 30.73 -1.45 12.43
N PHE H 233 30.17 -2.40 13.17
CA PHE H 233 30.96 -3.25 14.04
C PHE H 233 31.93 -4.09 13.22
N HIS H 234 31.44 -4.66 12.13
CA HIS H 234 32.26 -5.51 11.27
C HIS H 234 33.43 -4.74 10.65
N LEU H 235 33.15 -3.51 10.22
CA LEU H 235 34.19 -2.67 9.62
C LEU H 235 35.28 -2.35 10.65
N ASN H 236 34.86 -2.03 11.86
CA ASN H 236 35.80 -1.74 12.94
C ASN H 236 36.71 -2.93 13.22
N THR H 237 36.09 -4.12 13.32
CA THR H 237 36.83 -5.35 13.59
C THR H 237 37.86 -5.62 12.50
N GLN H 238 37.41 -5.51 11.25
CA GLN H 238 38.27 -5.74 10.10
C GLN H 238 39.45 -4.77 10.07
N LEU H 239 39.18 -3.49 10.30
CA LEU H 239 40.22 -2.47 10.29
C LEU H 239 41.24 -2.69 11.39
N ASN H 240 40.76 -3.09 12.57
CA ASN H 240 41.65 -3.35 13.71
C ASN H 240 42.47 -4.64 13.56
N ASN H 241 42.00 -5.54 12.70
CA ASN H 241 42.73 -6.77 12.38
C ASN H 241 43.65 -6.61 11.18
N GLY H 242 43.75 -5.38 10.66
CA GLY H 242 44.60 -5.09 9.51
C GLY H 242 44.01 -5.61 8.22
N GLU H 243 42.71 -5.92 8.25
CA GLU H 243 41.99 -6.41 7.08
C GLU H 243 41.29 -5.26 6.36
N SER H 244 41.03 -5.47 5.07
CA SER H 244 40.27 -4.52 4.28
C SER H 244 38.84 -4.45 4.81
N PRO H 245 38.28 -3.24 4.92
CA PRO H 245 36.87 -3.10 5.30
C PRO H 245 35.97 -3.52 4.14
N LYS H 246 34.96 -4.35 4.43
CA LYS H 246 34.19 -5.03 3.38
C LYS H 246 32.73 -4.65 3.32
N LEU H 247 32.26 -4.40 2.10
CA LEU H 247 30.83 -4.19 1.82
C LEU H 247 30.39 -5.14 0.72
N PHE H 248 29.11 -5.51 0.75
CA PHE H 248 28.54 -6.34 -0.31
C PHE H 248 28.59 -5.59 -1.63
N GLU H 249 28.87 -6.33 -2.70
CA GLU H 249 28.73 -5.80 -4.05
C GLU H 249 27.31 -5.28 -4.22
N GLY H 250 27.18 -4.07 -4.77
CA GLY H 250 25.88 -3.45 -5.01
C GLY H 250 25.45 -2.55 -3.86
N SER H 251 26.34 -2.36 -2.88
CA SER H 251 26.04 -1.54 -1.70
C SER H 251 25.86 -0.05 -2.02
N GLU H 252 26.33 0.35 -3.21
CA GLU H 252 26.08 1.70 -3.71
C GLU H 252 24.59 1.98 -3.61
N ASN H 253 23.81 1.05 -4.17
CA ASN H 253 22.36 1.18 -4.28
C ASN H 253 21.60 0.62 -3.07
N PHE H 254 22.32 0.21 -2.02
CA PHE H 254 21.67 -0.27 -0.80
C PHE H 254 21.67 0.81 0.26
N LYS H 255 20.50 1.04 0.86
CA LYS H 255 20.35 2.03 1.92
C LYS H 255 19.48 1.50 3.03
N ARG H 256 19.79 1.91 4.26
CA ARG H 256 18.99 1.55 5.41
C ARG H 256 18.82 2.74 6.32
N ASP H 257 17.76 2.69 7.12
CA ASP H 257 17.59 3.64 8.21
C ASP H 257 18.41 3.15 9.40
N PHE H 258 19.66 3.60 9.47
CA PHE H 258 20.56 3.25 10.56
C PHE H 258 20.22 4.11 11.77
N VAL H 259 19.98 3.47 12.91
CA VAL H 259 19.60 4.18 14.12
C VAL H 259 20.46 3.75 15.31
N TYR H 260 20.97 4.74 16.04
CA TYR H 260 21.87 4.48 17.16
C TYR H 260 21.10 3.87 18.34
N VAL H 261 21.70 2.85 18.95
CA VAL H 261 21.05 2.09 20.01
C VAL H 261 20.69 2.98 21.23
N GLY H 262 21.48 4.01 21.46
CA GLY H 262 21.22 4.96 22.55
C GLY H 262 19.85 5.60 22.42
N ASP H 263 19.47 5.93 21.18
CA ASP H 263 18.18 6.53 20.89
C ASP H 263 17.06 5.52 21.06
N VAL H 264 17.33 4.27 20.66
CA VAL H 264 16.37 3.19 20.80
C VAL H 264 16.00 2.99 22.28
N ALA H 265 17.01 2.99 23.14
CA ALA H 265 16.79 2.85 24.58
C ALA H 265 15.98 4.01 25.13
N ASP H 266 16.29 5.22 24.67
CA ASP H 266 15.58 6.42 25.10
C ASP H 266 14.09 6.35 24.73
N VAL H 267 13.80 5.89 23.51
CA VAL H 267 12.42 5.76 23.05
C VAL H 267 11.66 4.77 23.94
N ASN H 268 12.30 3.64 24.22
CA ASN H 268 11.72 2.62 25.08
C ASN H 268 11.28 3.18 26.43
N LEU H 269 12.19 3.91 27.08
CA LEU H 269 11.90 4.47 28.41
C LEU H 269 10.84 5.55 28.34
N TRP H 270 10.86 6.35 27.29
CA TRP H 270 9.86 7.41 27.10
C TRP H 270 8.46 6.82 27.06
N PHE H 271 8.31 5.72 26.32
CA PHE H 271 7.00 5.05 26.21
C PHE H 271 6.56 4.42 27.52
N LEU H 272 7.50 3.88 28.29
CA LEU H 272 7.17 3.38 29.62
C LEU H 272 6.65 4.51 30.49
N GLU H 273 7.31 5.67 30.39
CA GLU H 273 6.94 6.84 31.18
C GLU H 273 5.58 7.41 30.79
N ASN H 274 5.24 7.33 29.50
CA ASN H 274 4.08 8.04 28.98
C ASN H 274 2.84 7.16 28.72
N GLY H 275 3.05 5.85 28.65
CA GLY H 275 1.94 4.88 28.71
C GLY H 275 1.17 4.66 27.42
N VAL H 276 1.67 5.21 26.33
CA VAL H 276 1.01 5.09 25.03
C VAL H 276 1.13 3.68 24.46
N SER H 277 0.04 3.18 23.87
CA SER H 277 0.02 1.87 23.23
C SER H 277 0.06 1.98 21.70
N GLY H 278 0.51 0.91 21.06
CA GLY H 278 0.52 0.82 19.60
C GLY H 278 1.75 0.13 19.04
N ILE H 279 1.89 0.17 17.72
CA ILE H 279 3.06 -0.35 17.04
C ILE H 279 3.73 0.79 16.29
N PHE H 280 4.99 1.06 16.61
CA PHE H 280 5.66 2.26 16.14
C PHE H 280 7.01 1.98 15.49
N ASN H 281 7.20 2.54 14.31
CA ASN H 281 8.51 2.55 13.67
C ASN H 281 9.53 3.21 14.58
N LEU H 282 10.72 2.64 14.65
CA LEU H 282 11.81 3.24 15.39
C LEU H 282 13.05 3.28 14.51
N GLY H 283 13.23 4.42 13.87
CA GLY H 283 14.40 4.72 13.07
C GLY H 283 14.61 6.23 13.08
N THR H 284 15.57 6.71 12.29
CA THR H 284 15.86 8.14 12.22
C THR H 284 14.88 8.85 11.27
N GLY H 285 14.25 8.08 10.39
CA GLY H 285 13.43 8.63 9.32
C GLY H 285 14.26 9.00 8.10
N ARG H 286 15.57 8.83 8.20
CA ARG H 286 16.49 9.11 7.10
C ARG H 286 17.20 7.84 6.67
N ALA H 287 17.12 7.53 5.39
CA ALA H 287 17.83 6.40 4.81
C ALA H 287 19.22 6.84 4.39
N GLU H 288 20.22 6.05 4.74
CA GLU H 288 21.60 6.33 4.33
C GLU H 288 22.23 5.07 3.75
N SER H 289 23.17 5.27 2.84
CA SER H 289 23.86 4.15 2.20
C SER H 289 24.81 3.49 3.17
N PHE H 290 25.11 2.22 2.91
CA PHE H 290 26.14 1.51 3.65
C PHE H 290 27.49 2.21 3.50
N GLN H 291 27.67 2.88 2.37
CA GLN H 291 28.89 3.64 2.11
C GLN H 291 29.05 4.77 3.11
N ALA H 292 27.93 5.37 3.52
CA ALA H 292 27.96 6.45 4.50
C ALA H 292 28.45 5.94 5.85
N VAL H 293 28.02 4.72 6.20
CA VAL H 293 28.51 4.08 7.42
C VAL H 293 30.01 3.80 7.30
N ALA H 294 30.42 3.32 6.13
CA ALA H 294 31.82 3.05 5.85
C ALA H 294 32.66 4.33 5.94
N ASP H 295 32.16 5.41 5.34
CA ASP H 295 32.87 6.69 5.33
C ASP H 295 33.11 7.21 6.74
N ALA H 296 32.10 7.14 7.58
CA ALA H 296 32.22 7.59 8.96
C ALA H 296 33.21 6.72 9.74
N THR H 297 33.22 5.43 9.41
CA THR H 297 34.11 4.47 10.08
C THR H 297 35.57 4.66 9.64
N LEU H 298 35.79 4.79 8.33
CA LEU H 298 37.13 4.97 7.79
C LEU H 298 37.70 6.34 8.20
N ALA H 299 36.81 7.32 8.33
CA ALA H 299 37.22 8.66 8.74
C ALA H 299 37.76 8.63 10.17
N TYR H 300 37.12 7.85 11.03
CA TYR H 300 37.57 7.71 12.41
C TYR H 300 38.93 7.00 12.50
N HIS H 301 39.06 5.91 11.75
CA HIS H 301 40.29 5.12 11.75
C HIS H 301 41.42 5.77 10.96
N LYS H 302 41.09 6.78 10.16
CA LYS H 302 42.06 7.51 9.35
C LYS H 302 42.83 6.60 8.41
N LYS H 303 42.21 5.49 8.01
CA LYS H 303 42.80 4.59 7.03
C LYS H 303 41.74 3.68 6.46
N GLY H 304 42.14 2.90 5.46
CA GLY H 304 41.29 1.84 4.93
C GLY H 304 40.71 2.15 3.56
N GLN H 305 40.45 1.07 2.82
CA GLN H 305 39.87 1.16 1.50
C GLN H 305 38.84 0.04 1.33
N ILE H 306 37.60 0.42 1.06
CA ILE H 306 36.52 -0.55 0.96
C ILE H 306 36.77 -1.60 -0.12
N GLU H 307 36.67 -2.86 0.27
CA GLU H 307 36.66 -3.97 -0.68
C GLU H 307 35.24 -4.50 -0.82
N TYR H 308 34.80 -4.66 -2.06
CA TYR H 308 33.47 -5.19 -2.33
C TYR H 308 33.54 -6.69 -2.54
N ILE H 309 32.72 -7.41 -1.77
CA ILE H 309 32.72 -8.87 -1.80
C ILE H 309 31.42 -9.37 -2.45
N PRO H 310 31.43 -10.62 -2.93
CA PRO H 310 30.22 -11.18 -3.53
C PRO H 310 29.01 -11.11 -2.61
N PHE H 311 27.87 -10.71 -3.16
CA PHE H 311 26.63 -10.69 -2.41
C PHE H 311 26.33 -12.11 -1.94
N PRO H 312 26.19 -12.32 -0.62
CA PRO H 312 26.00 -13.66 -0.10
C PRO H 312 24.78 -14.37 -0.69
N ASP H 313 25.02 -15.61 -1.08
CA ASP H 313 24.04 -16.41 -1.81
C ASP H 313 22.76 -16.65 -1.01
N LYS H 314 22.90 -16.86 0.29
CA LYS H 314 21.75 -17.20 1.13
C LYS H 314 20.89 -15.99 1.47
N LEU H 315 21.33 -14.81 1.06
CA LEU H 315 20.56 -13.58 1.25
C LEU H 315 19.77 -13.19 0.00
N LYS H 316 20.07 -13.83 -1.13
CA LYS H 316 19.41 -13.51 -2.38
C LYS H 316 17.93 -13.83 -2.34
N GLY H 317 17.11 -12.82 -2.66
CA GLY H 317 15.66 -12.93 -2.59
C GLY H 317 15.13 -12.76 -1.18
N ARG H 318 16.04 -12.54 -0.23
CA ARG H 318 15.69 -12.41 1.18
C ARG H 318 16.10 -11.06 1.75
N TYR H 319 16.53 -10.15 0.87
CA TYR H 319 17.25 -8.95 1.27
C TYR H 319 16.47 -7.66 1.03
N GLN H 320 16.46 -6.79 2.04
CA GLN H 320 15.92 -5.45 1.92
C GLN H 320 16.99 -4.52 1.37
N ALA H 321 16.76 -4.02 0.15
CA ALA H 321 17.70 -3.11 -0.51
C ALA H 321 17.55 -1.68 -0.01
N PHE H 322 16.41 -1.39 0.61
CA PHE H 322 16.09 -0.05 1.06
C PHE H 322 15.13 -0.07 2.24
N THR H 323 15.48 0.69 3.29
CA THR H 323 14.54 0.99 4.38
C THR H 323 14.64 2.46 4.79
N GLN H 324 13.49 3.01 5.18
CA GLN H 324 13.40 4.35 5.72
C GLN H 324 12.16 4.45 6.59
N ALA H 325 12.35 4.69 7.87
CA ALA H 325 11.24 4.78 8.81
C ALA H 325 10.36 5.98 8.49
N ASP H 326 9.06 5.74 8.41
CA ASP H 326 8.08 6.82 8.40
C ASP H 326 7.69 7.06 9.85
N LEU H 327 8.09 8.22 10.37
CA LEU H 327 7.97 8.52 11.80
C LEU H 327 6.68 9.24 12.15
N THR H 328 5.73 9.30 11.21
CA THR H 328 4.49 10.02 11.42
C THR H 328 3.78 9.60 12.71
N ASN H 329 3.60 8.29 12.89
CA ASN H 329 2.90 7.77 14.06
C ASN H 329 3.69 7.93 15.35
N LEU H 330 5.02 7.78 15.27
CA LEU H 330 5.89 7.98 16.41
C LEU H 330 5.77 9.40 16.95
N ARG H 331 5.84 10.38 16.05
CA ARG H 331 5.75 11.80 16.45
C ARG H 331 4.37 12.15 16.95
N ALA H 332 3.35 11.56 16.32
CA ALA H 332 1.96 11.82 16.70
C ALA H 332 1.67 11.27 18.10
N ALA H 333 2.43 10.28 18.52
CA ALA H 333 2.30 9.70 19.86
C ALA H 333 2.85 10.65 20.92
N GLY H 334 3.71 11.57 20.50
CA GLY H 334 4.29 12.56 21.40
C GLY H 334 5.80 12.48 21.54
N TYR H 335 6.44 11.49 20.92
CA TYR H 335 7.89 11.39 20.97
C TYR H 335 8.49 12.38 19.99
N ASP H 336 9.10 13.45 20.52
CA ASP H 336 9.50 14.58 19.70
C ASP H 336 11.02 14.79 19.66
N LYS H 337 11.79 13.83 20.15
CA LYS H 337 13.24 14.01 20.27
C LYS H 337 13.93 13.64 18.97
N PRO H 338 15.05 14.32 18.68
CA PRO H 338 15.80 14.04 17.46
C PRO H 338 16.57 12.74 17.54
N PHE H 339 16.97 12.23 16.38
CA PHE H 339 17.76 11.02 16.28
C PHE H 339 19.14 11.35 15.74
N LYS H 340 20.15 10.70 16.30
CA LYS H 340 21.52 10.86 15.83
C LYS H 340 21.66 10.38 14.39
N THR H 341 22.39 11.15 13.60
CA THR H 341 22.70 10.77 12.23
C THR H 341 23.75 9.67 12.24
N VAL H 342 23.97 9.06 11.07
CA VAL H 342 25.00 8.03 10.92
C VAL H 342 26.37 8.60 11.26
N ALA H 343 26.64 9.82 10.82
CA ALA H 343 27.94 10.45 11.07
C ALA H 343 28.18 10.62 12.57
N GLU H 344 27.14 11.06 13.28
CA GLU H 344 27.19 11.24 14.74
C GLU H 344 27.33 9.92 15.46
N GLY H 345 26.37 9.03 15.22
CA GLY H 345 26.28 7.78 15.95
C GLY H 345 27.47 6.87 15.72
N VAL H 346 27.88 6.73 14.46
CA VAL H 346 29.00 5.84 14.13
C VAL H 346 30.30 6.39 14.72
N THR H 347 30.47 7.71 14.69
CA THR H 347 31.66 8.33 15.28
C THR H 347 31.69 8.07 16.78
N GLU H 348 30.55 8.27 17.43
CA GLU H 348 30.44 8.01 18.86
C GLU H 348 30.72 6.53 19.17
N TYR H 349 30.20 5.66 18.31
CA TYR H 349 30.35 4.22 18.45
C TYR H 349 31.81 3.79 18.33
N MET H 350 32.50 4.36 17.35
CA MET H 350 33.91 4.03 17.11
C MET H 350 34.77 4.43 18.31
N ALA H 351 34.44 5.56 18.93
CA ALA H 351 35.15 6.04 20.10
C ALA H 351 34.97 5.06 21.26
N TRP H 352 33.76 4.52 21.38
CA TRP H 352 33.48 3.54 22.43
C TRP H 352 34.22 2.22 22.16
N LEU H 353 34.18 1.79 20.91
CA LEU H 353 34.79 0.51 20.51
C LEU H 353 36.30 0.54 20.72
N ASN H 354 36.88 1.73 20.61
CA ASN H 354 38.31 1.92 20.65
C ASN H 354 38.73 2.78 21.85
N MET I 48 -14.56 -19.30 13.74
CA MET I 48 -13.20 -19.53 13.17
C MET I 48 -13.11 -20.84 12.37
N ILE I 49 -12.10 -20.91 11.51
CA ILE I 49 -11.81 -22.11 10.75
C ILE I 49 -10.37 -22.55 11.00
N ILE I 50 -10.17 -23.86 11.12
CA ILE I 50 -8.85 -24.43 11.29
C ILE I 50 -8.41 -25.11 9.99
N VAL I 51 -7.20 -24.80 9.55
CA VAL I 51 -6.61 -25.46 8.40
C VAL I 51 -5.29 -26.10 8.81
N THR I 52 -5.27 -27.42 8.89
CA THR I 52 -4.01 -28.14 9.13
C THR I 52 -3.32 -28.30 7.78
N GLY I 53 -2.00 -28.33 7.79
CA GLY I 53 -1.23 -28.30 6.55
C GLY I 53 -1.38 -26.95 5.87
N GLY I 54 -1.83 -25.96 6.64
CA GLY I 54 -2.15 -24.63 6.14
C GLY I 54 -0.97 -23.82 5.64
N ALA I 55 0.25 -24.21 6.02
CA ALA I 55 1.46 -23.58 5.50
C ALA I 55 2.00 -24.38 4.31
N GLY I 56 1.35 -25.50 4.03
CA GLY I 56 1.69 -26.34 2.91
C GLY I 56 0.99 -25.93 1.63
N PHE I 57 1.09 -26.79 0.63
CA PHE I 57 0.62 -26.49 -0.72
C PHE I 57 -0.91 -26.32 -0.79
N ILE I 58 -1.64 -27.39 -0.61
CA ILE I 58 -3.10 -27.35 -0.75
C ILE I 58 -3.71 -26.51 0.36
N GLY I 59 -3.17 -26.65 1.58
CA GLY I 59 -3.68 -25.94 2.74
C GLY I 59 -3.62 -24.42 2.62
N SER I 60 -2.48 -23.91 2.15
CA SER I 60 -2.32 -22.47 1.98
C SER I 60 -3.25 -21.95 0.90
N ASN I 61 -3.53 -22.80 -0.09
CA ASN I 61 -4.47 -22.44 -1.15
C ASN I 61 -5.92 -22.38 -0.64
N ILE I 62 -6.26 -23.25 0.31
CA ILE I 62 -7.56 -23.20 0.96
C ILE I 62 -7.66 -21.93 1.80
N VAL I 63 -6.59 -21.56 2.49
CA VAL I 63 -6.55 -20.33 3.26
C VAL I 63 -6.80 -19.13 2.35
N LYS I 64 -6.13 -19.10 1.20
CA LYS I 64 -6.31 -18.02 0.24
C LYS I 64 -7.76 -17.95 -0.24
N ALA I 65 -8.32 -19.10 -0.55
CA ALA I 65 -9.69 -19.18 -1.03
C ALA I 65 -10.67 -18.66 0.03
N LEU I 66 -10.37 -18.95 1.29
CA LEU I 66 -11.17 -18.45 2.41
C LEU I 66 -11.06 -16.93 2.52
N ASN I 67 -9.83 -16.41 2.42
CA ASN I 67 -9.60 -14.96 2.37
C ASN I 67 -10.44 -14.29 1.29
N ASP I 68 -10.48 -14.93 0.11
CA ASP I 68 -11.20 -14.36 -1.03
C ASP I 68 -12.70 -14.26 -0.77
N LYS I 69 -13.19 -15.09 0.15
CA LYS I 69 -14.59 -15.03 0.57
C LYS I 69 -14.77 -14.21 1.85
N GLY I 70 -13.74 -13.44 2.21
CA GLY I 70 -13.81 -12.52 3.33
C GLY I 70 -13.59 -13.15 4.68
N ILE I 71 -13.07 -14.38 4.70
CA ILE I 71 -12.80 -15.10 5.94
C ILE I 71 -11.31 -15.03 6.31
N THR I 72 -11.03 -14.48 7.48
CA THR I 72 -9.66 -14.31 7.98
C THR I 72 -9.43 -14.90 9.38
N ASP I 73 -10.51 -15.26 10.08
CA ASP I 73 -10.41 -15.86 11.40
C ASP I 73 -10.02 -17.33 11.24
N ILE I 74 -8.75 -17.54 10.94
CA ILE I 74 -8.22 -18.85 10.59
C ILE I 74 -7.04 -19.22 11.49
N LEU I 75 -7.11 -20.42 12.06
CA LEU I 75 -5.98 -21.00 12.78
C LEU I 75 -5.28 -21.97 11.83
N VAL I 76 -4.01 -21.70 11.54
CA VAL I 76 -3.20 -22.59 10.73
C VAL I 76 -2.40 -23.51 11.65
N VAL I 77 -2.47 -24.80 11.37
CA VAL I 77 -1.68 -25.80 12.07
C VAL I 77 -0.74 -26.44 11.05
N ASP I 78 0.56 -26.49 11.37
CA ASP I 78 1.53 -27.03 10.44
C ASP I 78 2.85 -27.37 11.15
N ASN I 79 3.88 -27.63 10.35
CA ASN I 79 5.22 -27.86 10.83
C ASN I 79 6.18 -27.01 10.02
N LEU I 80 6.65 -25.92 10.64
CA LEU I 80 7.48 -24.94 9.93
C LEU I 80 8.98 -25.21 10.08
N LYS I 81 9.34 -26.43 10.48
CA LYS I 81 10.74 -26.83 10.55
C LYS I 81 11.47 -26.30 9.32
N ASP I 82 10.94 -26.61 8.14
CA ASP I 82 11.38 -25.97 6.91
C ASP I 82 10.76 -24.57 6.84
N GLY I 83 11.50 -23.59 7.33
CA GLY I 83 11.01 -22.24 7.47
C GLY I 83 10.68 -21.53 6.17
N THR I 84 11.17 -22.05 5.05
CA THR I 84 10.91 -21.45 3.74
C THR I 84 9.41 -21.51 3.40
N LYS I 85 8.67 -22.36 4.09
CA LYS I 85 7.23 -22.50 3.85
C LYS I 85 6.44 -21.25 4.25
N PHE I 86 7.08 -20.34 4.98
CA PHE I 86 6.41 -19.13 5.45
C PHE I 86 5.85 -18.34 4.26
N VAL I 87 6.53 -18.39 3.11
CA VAL I 87 6.10 -17.63 1.93
C VAL I 87 4.69 -17.99 1.48
N ASN I 88 4.25 -19.20 1.81
CA ASN I 88 2.92 -19.64 1.44
C ASN I 88 1.83 -18.91 2.22
N LEU I 89 2.20 -18.30 3.34
CA LEU I 89 1.25 -17.60 4.21
C LEU I 89 1.48 -16.09 4.25
N VAL I 90 2.63 -15.63 3.75
CA VAL I 90 3.07 -14.25 4.00
C VAL I 90 2.10 -13.21 3.45
N ASP I 91 1.45 -13.52 2.32
CA ASP I 91 0.53 -12.60 1.67
C ASP I 91 -0.93 -12.85 2.08
N LEU I 92 -1.14 -13.80 2.97
CA LEU I 92 -2.49 -14.19 3.38
C LEU I 92 -2.81 -13.63 4.75
N ASN I 93 -4.08 -13.79 5.13
CA ASN I 93 -4.57 -13.28 6.40
C ASN I 93 -5.14 -14.39 7.27
N ILE I 94 -4.49 -14.61 8.40
CA ILE I 94 -4.92 -15.62 9.36
C ILE I 94 -4.96 -15.01 10.75
N ALA I 95 -5.50 -15.76 11.72
CA ALA I 95 -5.65 -15.26 13.07
C ALA I 95 -4.51 -15.74 13.97
N ASP I 96 -4.00 -16.94 13.69
CA ASP I 96 -3.07 -17.59 14.62
C ASP I 96 -2.37 -18.77 13.95
N TYR I 97 -1.22 -19.14 14.50
CA TYR I 97 -0.46 -20.29 14.04
C TYR I 97 -0.12 -21.20 15.20
N MET I 98 -0.18 -22.50 14.95
CA MET I 98 0.14 -23.51 15.94
C MET I 98 0.90 -24.66 15.30
N ASP I 99 1.89 -25.19 16.02
CA ASP I 99 2.61 -26.37 15.57
C ASP I 99 1.76 -27.62 15.72
N LYS I 100 1.93 -28.55 14.78
CA LYS I 100 1.11 -29.77 14.71
C LYS I 100 1.16 -30.61 15.98
N GLU I 101 2.29 -30.59 16.68
CA GLU I 101 2.43 -31.40 17.88
C GLU I 101 1.66 -30.78 19.05
N ASP I 102 1.73 -29.46 19.17
CA ASP I 102 0.99 -28.74 20.21
C ASP I 102 -0.51 -28.88 19.96
N PHE I 103 -0.89 -28.81 18.69
CA PHE I 103 -2.29 -28.95 18.31
C PHE I 103 -2.82 -30.32 18.72
N LEU I 104 -2.06 -31.36 18.43
CA LEU I 104 -2.47 -32.72 18.76
C LEU I 104 -2.67 -32.86 20.26
N ILE I 105 -1.75 -32.32 21.04
CA ILE I 105 -1.80 -32.42 22.50
C ILE I 105 -3.07 -31.74 23.03
N GLN I 106 -3.42 -30.59 22.48
CA GLN I 106 -4.58 -29.84 22.91
C GLN I 106 -5.88 -30.49 22.47
N ILE I 107 -5.88 -31.04 21.25
CA ILE I 107 -7.00 -31.82 20.73
C ILE I 107 -7.31 -33.02 21.62
N MET I 108 -6.26 -33.78 21.95
CA MET I 108 -6.43 -35.00 22.75
C MET I 108 -6.80 -34.69 24.20
N ALA I 109 -6.47 -33.49 24.67
CA ALA I 109 -6.83 -33.05 26.02
C ALA I 109 -8.23 -32.45 26.05
N GLY I 110 -8.84 -32.29 24.87
CA GLY I 110 -10.20 -31.79 24.75
C GLY I 110 -10.30 -30.30 24.94
N GLU I 111 -9.26 -29.57 24.52
CA GLU I 111 -9.25 -28.11 24.59
C GLU I 111 -10.20 -27.55 23.53
N GLU I 112 -10.82 -26.42 23.86
CA GLU I 112 -11.65 -25.70 22.91
C GLU I 112 -10.80 -24.61 22.28
N PHE I 113 -10.98 -24.39 20.99
CA PHE I 113 -10.23 -23.36 20.27
C PHE I 113 -11.10 -22.16 19.95
N GLY I 114 -12.35 -22.22 20.40
CA GLY I 114 -13.34 -21.18 20.11
C GLY I 114 -14.54 -21.79 19.42
N ASP I 115 -15.27 -20.96 18.68
CA ASP I 115 -16.43 -21.42 17.92
C ASP I 115 -15.92 -21.86 16.55
N VAL I 116 -15.49 -23.13 16.48
CA VAL I 116 -14.92 -23.67 15.26
C VAL I 116 -16.01 -24.10 14.29
N GLU I 117 -15.99 -23.49 13.11
CA GLU I 117 -16.99 -23.74 12.07
C GLU I 117 -16.61 -24.93 11.20
N ALA I 118 -15.32 -25.22 11.11
CA ALA I 118 -14.83 -26.31 10.29
C ALA I 118 -13.34 -26.53 10.47
N ILE I 119 -12.92 -27.78 10.26
CA ILE I 119 -11.51 -28.10 10.15
C ILE I 119 -11.21 -28.68 8.77
N PHE I 120 -10.32 -28.03 8.04
CA PHE I 120 -9.78 -28.58 6.80
C PHE I 120 -8.47 -29.26 7.16
N HIS I 121 -8.48 -30.59 7.13
CA HIS I 121 -7.31 -31.35 7.56
C HIS I 121 -6.48 -31.76 6.35
N GLU I 122 -5.58 -30.88 5.93
CA GLU I 122 -4.67 -31.16 4.82
C GLU I 122 -3.31 -31.61 5.34
N GLY I 123 -3.10 -31.48 6.65
CA GLY I 123 -1.85 -31.83 7.28
C GLY I 123 -1.53 -33.31 7.21
N ALA I 124 -0.35 -33.62 6.67
CA ALA I 124 0.10 -34.99 6.55
C ALA I 124 1.53 -35.02 6.03
N CYS I 125 2.22 -36.13 6.30
CA CYS I 125 3.46 -36.43 5.61
C CYS I 125 3.05 -36.78 4.18
N SER I 126 3.46 -35.93 3.24
CA SER I 126 2.98 -36.04 1.87
C SER I 126 3.97 -36.73 0.94
N SER I 127 5.05 -37.26 1.49
CA SER I 127 6.10 -37.88 0.68
C SER I 127 5.81 -39.34 0.39
N THR I 128 5.71 -39.68 -0.89
CA THR I 128 5.46 -41.05 -1.32
C THR I 128 6.68 -41.95 -1.15
N THR I 129 7.85 -41.33 -0.96
CA THR I 129 9.11 -42.06 -0.84
C THR I 129 9.59 -42.15 0.60
N GLU I 130 8.76 -41.69 1.54
CA GLU I 130 9.01 -41.87 2.97
C GLU I 130 8.57 -43.27 3.38
N TRP I 131 9.50 -44.06 3.91
CA TRP I 131 9.22 -45.46 4.23
C TRP I 131 9.26 -45.81 5.72
N ASP I 132 9.40 -44.80 6.57
CA ASP I 132 9.22 -44.99 8.00
C ASP I 132 7.70 -45.06 8.25
N GLY I 133 7.19 -46.29 8.31
CA GLY I 133 5.76 -46.53 8.47
C GLY I 133 5.24 -46.29 9.87
N LYS I 134 6.13 -46.34 10.86
CA LYS I 134 5.73 -46.00 12.23
C LYS I 134 5.35 -44.53 12.28
N TYR I 135 6.22 -43.69 11.73
CA TYR I 135 5.96 -42.26 11.63
C TYR I 135 4.74 -42.01 10.75
N MET I 136 4.66 -42.69 9.62
CA MET I 136 3.59 -42.46 8.66
C MET I 136 2.22 -42.79 9.24
N MET I 137 2.08 -43.95 9.87
CA MET I 137 0.80 -44.36 10.45
C MET I 137 0.42 -43.46 11.62
N ASP I 138 1.42 -42.90 12.27
CA ASP I 138 1.21 -42.05 13.41
C ASP I 138 0.80 -40.63 13.02
N ASN I 139 1.63 -40.02 12.19
CA ASN I 139 1.45 -38.65 11.77
C ASN I 139 0.26 -38.48 10.82
N ASN I 140 -0.06 -39.53 10.07
CA ASN I 140 -1.15 -39.49 9.11
C ASN I 140 -2.41 -40.16 9.65
N TYR I 141 -2.37 -41.48 9.79
CA TYR I 141 -3.55 -42.26 10.17
C TYR I 141 -4.06 -41.92 11.57
N GLN I 142 -3.20 -42.07 12.58
CA GLN I 142 -3.61 -41.88 13.96
C GLN I 142 -3.98 -40.42 14.24
N TYR I 143 -3.18 -39.50 13.71
CA TYR I 143 -3.42 -38.07 13.87
C TYR I 143 -4.81 -37.73 13.33
N SER I 144 -5.11 -38.27 12.16
CA SER I 144 -6.39 -37.99 11.51
C SER I 144 -7.57 -38.54 12.32
N LYS I 145 -7.37 -39.70 12.93
CA LYS I 145 -8.39 -40.30 13.79
C LYS I 145 -8.69 -39.42 14.99
N GLU I 146 -7.63 -38.88 15.62
CA GLU I 146 -7.80 -38.07 16.82
C GLU I 146 -8.61 -36.81 16.49
N LEU I 147 -8.31 -36.24 15.34
CA LEU I 147 -8.96 -35.03 14.88
C LEU I 147 -10.41 -35.30 14.51
N LEU I 148 -10.63 -36.42 13.82
CA LEU I 148 -11.97 -36.85 13.43
C LEU I 148 -12.88 -36.97 14.65
N HIS I 149 -12.39 -37.65 15.68
CA HIS I 149 -13.18 -37.89 16.89
C HIS I 149 -13.45 -36.60 17.65
N TYR I 150 -12.48 -35.70 17.64
CA TYR I 150 -12.63 -34.39 18.25
C TYR I 150 -13.77 -33.62 17.60
N CYS I 151 -13.78 -33.60 16.27
CA CYS I 151 -14.80 -32.90 15.49
C CYS I 151 -16.16 -33.55 15.64
N LEU I 152 -16.13 -34.87 15.75
CA LEU I 152 -17.34 -35.68 15.80
C LEU I 152 -18.07 -35.43 17.11
N GLU I 153 -17.31 -35.33 18.19
CA GLU I 153 -17.85 -35.05 19.52
C GLU I 153 -18.51 -33.68 19.60
N ARG I 154 -18.04 -32.78 18.75
CA ARG I 154 -18.48 -31.39 18.77
C ARG I 154 -19.32 -31.00 17.55
N GLU I 155 -19.59 -31.97 16.68
CA GLU I 155 -20.35 -31.75 15.45
C GLU I 155 -19.72 -30.67 14.59
N ILE I 156 -18.39 -30.69 14.54
CA ILE I 156 -17.61 -29.78 13.70
C ILE I 156 -17.36 -30.44 12.34
N PRO I 157 -17.78 -29.77 11.24
CA PRO I 157 -17.48 -30.31 9.92
C PRO I 157 -16.00 -30.62 9.75
N PHE I 158 -15.74 -31.81 9.22
CA PHE I 158 -14.38 -32.32 9.08
C PHE I 158 -14.13 -32.69 7.63
N LEU I 159 -13.27 -31.92 6.97
CA LEU I 159 -12.96 -32.09 5.55
C LEU I 159 -11.46 -32.37 5.38
N TYR I 160 -11.13 -33.60 4.99
CA TYR I 160 -9.74 -34.06 5.02
C TYR I 160 -9.22 -34.47 3.66
N ALA I 161 -7.91 -34.68 3.62
CA ALA I 161 -7.21 -35.04 2.40
C ALA I 161 -6.97 -36.55 2.32
N SER I 162 -7.53 -37.17 1.28
CA SER I 162 -7.20 -38.53 0.89
C SER I 162 -6.22 -38.42 -0.26
N SER I 163 -6.07 -39.50 -1.02
CA SER I 163 -5.15 -39.49 -2.15
C SER I 163 -5.48 -40.58 -3.15
N ALA I 164 -5.27 -40.27 -4.44
CA ALA I 164 -5.47 -41.22 -5.53
C ALA I 164 -4.40 -42.32 -5.52
N ALA I 165 -3.36 -42.12 -4.70
CA ALA I 165 -2.36 -43.16 -4.45
C ALA I 165 -3.01 -44.40 -3.83
N THR I 166 -4.20 -44.23 -3.24
CA THR I 166 -4.94 -45.36 -2.69
C THR I 166 -5.34 -46.39 -3.75
N TYR I 167 -5.42 -45.95 -5.00
CA TYR I 167 -5.85 -46.82 -6.11
C TYR I 167 -4.74 -47.77 -6.55
N GLY I 168 -3.49 -47.41 -6.28
CA GLY I 168 -2.35 -48.20 -6.69
C GLY I 168 -2.28 -48.35 -8.20
N GLY I 169 -1.83 -49.53 -8.65
CA GLY I 169 -1.61 -49.80 -10.07
C GLY I 169 -2.87 -50.22 -10.77
N ARG I 170 -3.31 -49.41 -11.72
CA ARG I 170 -4.65 -49.55 -12.26
C ARG I 170 -4.75 -48.84 -13.60
N THR I 171 -5.54 -49.39 -14.52
CA THR I 171 -5.70 -48.82 -15.86
C THR I 171 -7.10 -48.23 -16.09
N SER I 172 -8.00 -48.42 -15.14
CA SER I 172 -9.34 -47.88 -15.23
C SER I 172 -10.09 -48.07 -13.92
N ASP I 173 -11.31 -47.56 -13.88
CA ASP I 173 -12.20 -47.73 -12.74
C ASP I 173 -11.59 -47.18 -11.45
N PHE I 174 -11.19 -45.92 -11.49
CA PHE I 174 -10.71 -45.24 -10.31
C PHE I 174 -11.93 -44.75 -9.52
N ILE I 175 -12.59 -45.69 -8.88
CA ILE I 175 -13.87 -45.47 -8.21
C ILE I 175 -13.70 -45.58 -6.70
N GLU I 176 -14.40 -44.72 -5.97
CA GLU I 176 -14.21 -44.57 -4.53
C GLU I 176 -14.83 -45.74 -3.75
N SER I 177 -14.26 -46.92 -3.93
CA SER I 177 -14.73 -48.10 -3.25
C SER I 177 -13.58 -49.06 -3.00
N ARG I 178 -13.65 -49.79 -1.89
CA ARG I 178 -12.53 -50.60 -1.41
C ARG I 178 -11.95 -51.56 -2.45
N GLU I 179 -12.82 -52.11 -3.30
CA GLU I 179 -12.42 -53.11 -4.29
C GLU I 179 -11.46 -52.55 -5.33
N TYR I 180 -11.42 -51.23 -5.47
CA TYR I 180 -10.58 -50.57 -6.47
C TYR I 180 -9.31 -50.01 -5.84
N GLU I 181 -9.12 -50.28 -4.55
CA GLU I 181 -8.04 -49.68 -3.79
C GLU I 181 -6.98 -50.71 -3.41
N LYS I 182 -5.72 -50.37 -3.68
CA LYS I 182 -4.58 -51.23 -3.38
C LYS I 182 -3.30 -50.42 -3.53
N PRO I 183 -3.00 -49.55 -2.55
CA PRO I 183 -1.84 -48.67 -2.64
C PRO I 183 -0.52 -49.41 -2.80
N LEU I 184 0.44 -48.75 -3.43
CA LEU I 184 1.74 -49.32 -3.74
C LEU I 184 2.83 -48.90 -2.76
N ASN I 185 2.48 -48.00 -1.84
CA ASN I 185 3.43 -47.56 -0.82
C ASN I 185 2.77 -47.27 0.51
N VAL I 186 3.59 -47.11 1.55
CA VAL I 186 3.07 -46.98 2.91
C VAL I 186 2.36 -45.63 3.10
N PHE I 187 2.77 -44.61 2.36
CA PHE I 187 2.03 -43.34 2.34
C PHE I 187 0.60 -43.62 1.93
N GLY I 188 0.46 -44.32 0.81
CA GLY I 188 -0.84 -44.68 0.26
C GLY I 188 -1.65 -45.53 1.22
N TYR I 189 -0.99 -46.42 1.93
CA TYR I 189 -1.65 -47.27 2.89
C TYR I 189 -2.21 -46.45 4.04
N SER I 190 -1.45 -45.47 4.51
CA SER I 190 -1.89 -44.60 5.60
C SER I 190 -3.16 -43.86 5.21
N LYS I 191 -3.25 -43.46 3.95
CA LYS I 191 -4.44 -42.80 3.43
C LYS I 191 -5.59 -43.78 3.27
N PHE I 192 -5.28 -44.94 2.70
CA PHE I 192 -6.29 -45.97 2.48
C PHE I 192 -6.97 -46.38 3.79
N LEU I 193 -6.17 -46.64 4.81
CA LEU I 193 -6.70 -47.17 6.06
C LEU I 193 -7.60 -46.13 6.75
N PHE I 194 -7.25 -44.86 6.64
CA PHE I 194 -8.09 -43.83 7.22
C PHE I 194 -9.42 -43.71 6.49
N ASP I 195 -9.40 -43.84 5.17
CA ASP I 195 -10.64 -43.84 4.40
C ASP I 195 -11.53 -45.00 4.83
N GLU I 196 -10.91 -46.15 5.11
CA GLU I 196 -11.66 -47.31 5.61
C GLU I 196 -12.23 -47.05 6.99
N TYR I 197 -11.49 -46.30 7.80
CA TYR I 197 -11.94 -45.94 9.15
C TYR I 197 -13.13 -45.00 9.06
N VAL I 198 -13.04 -44.02 8.16
CA VAL I 198 -14.12 -43.07 7.93
C VAL I 198 -15.40 -43.78 7.46
N ARG I 199 -15.24 -44.82 6.64
CA ARG I 199 -16.39 -45.60 6.16
C ARG I 199 -17.12 -46.33 7.28
N GLN I 200 -16.39 -46.72 8.33
CA GLN I 200 -17.00 -47.38 9.48
C GLN I 200 -17.80 -46.37 10.31
N ILE I 201 -17.39 -45.11 10.25
CA ILE I 201 -17.92 -44.04 11.09
C ILE I 201 -19.11 -43.31 10.44
N LEU I 202 -19.07 -43.18 9.11
CA LEU I 202 -20.06 -42.40 8.37
C LEU I 202 -21.52 -42.70 8.71
N PRO I 203 -21.92 -43.99 8.71
CA PRO I 203 -23.34 -44.31 8.90
C PRO I 203 -23.98 -43.68 10.13
N GLU I 204 -23.18 -43.33 11.13
CA GLU I 204 -23.72 -42.79 12.38
C GLU I 204 -23.19 -41.40 12.74
N ALA I 205 -22.38 -40.81 11.86
CA ALA I 205 -21.92 -39.45 12.05
C ALA I 205 -23.11 -38.49 12.02
N ASN I 206 -23.11 -37.53 12.92
CA ASN I 206 -24.16 -36.52 12.98
C ASN I 206 -23.65 -35.16 12.51
N SER I 207 -22.48 -35.19 11.86
CA SER I 207 -21.91 -33.99 11.28
C SER I 207 -21.07 -34.33 10.06
N GLN I 208 -20.83 -33.33 9.23
CA GLN I 208 -20.16 -33.55 7.95
C GLN I 208 -18.78 -34.17 8.09
N ILE I 209 -18.56 -35.23 7.33
CA ILE I 209 -17.25 -35.82 7.12
C ILE I 209 -17.03 -35.96 5.63
N VAL I 210 -16.01 -35.29 5.10
CA VAL I 210 -15.68 -35.38 3.68
C VAL I 210 -14.19 -35.64 3.46
N GLY I 211 -13.89 -36.64 2.65
CA GLY I 211 -12.53 -36.92 2.24
C GLY I 211 -12.38 -36.61 0.76
N PHE I 212 -11.31 -35.88 0.43
CA PHE I 212 -11.03 -35.55 -0.96
C PHE I 212 -9.86 -36.34 -1.46
N ARG I 213 -10.12 -37.19 -2.43
CA ARG I 213 -9.10 -38.04 -3.01
C ARG I 213 -8.41 -37.29 -4.14
N TYR I 214 -7.42 -36.48 -3.77
CA TYR I 214 -6.72 -35.65 -4.74
C TYR I 214 -5.90 -36.52 -5.68
N PHE I 215 -5.90 -36.16 -6.95
CA PHE I 215 -5.05 -36.82 -7.93
C PHE I 215 -3.74 -36.05 -8.03
N ASN I 216 -3.30 -35.65 -9.23
CA ASN I 216 -2.02 -34.93 -9.33
C ASN I 216 -2.22 -33.43 -9.29
N VAL I 217 -2.14 -32.88 -8.09
CA VAL I 217 -2.38 -31.45 -7.88
C VAL I 217 -1.12 -30.66 -8.19
N TYR I 218 -1.28 -29.56 -8.91
CA TYR I 218 -0.15 -28.68 -9.26
C TYR I 218 -0.59 -27.22 -9.21
N GLY I 219 0.35 -26.34 -8.99
CA GLY I 219 0.08 -24.91 -8.94
C GLY I 219 0.85 -24.18 -7.87
N PRO I 220 0.54 -22.90 -7.67
CA PRO I 220 1.22 -22.03 -6.72
C PRO I 220 1.25 -22.54 -5.29
N ARG I 221 2.39 -22.34 -4.64
CA ARG I 221 2.61 -22.56 -3.20
C ARG I 221 3.11 -23.96 -2.86
N GLU I 222 3.77 -24.60 -3.82
CA GLU I 222 4.34 -25.94 -3.63
C GLU I 222 5.88 -25.90 -3.72
N GLY I 223 6.45 -24.70 -3.72
CA GLY I 223 7.89 -24.52 -3.93
C GLY I 223 8.77 -25.13 -2.83
N HIS I 224 8.16 -25.53 -1.73
CA HIS I 224 8.87 -26.10 -0.59
C HIS I 224 8.95 -27.62 -0.66
N LYS I 225 8.19 -28.23 -1.58
CA LYS I 225 7.98 -29.68 -1.56
C LYS I 225 9.16 -30.49 -2.11
N GLY I 226 10.16 -29.81 -2.69
CA GLY I 226 11.34 -30.47 -3.20
C GLY I 226 11.01 -31.51 -4.25
N SER I 227 11.45 -32.75 -4.02
CA SER I 227 11.22 -33.84 -4.97
C SER I 227 9.74 -34.19 -5.12
N MET I 228 8.92 -33.79 -4.15
CA MET I 228 7.49 -34.08 -4.17
C MET I 228 6.69 -32.98 -4.87
N ALA I 229 7.37 -31.93 -5.33
CA ALA I 229 6.72 -30.87 -6.09
C ALA I 229 6.29 -31.41 -7.44
N SER I 230 5.31 -30.75 -8.05
CA SER I 230 4.80 -31.16 -9.36
C SER I 230 5.90 -31.13 -10.42
N VAL I 231 5.74 -31.96 -11.45
CA VAL I 231 6.67 -31.97 -12.58
C VAL I 231 6.71 -30.59 -13.24
N ALA I 232 5.56 -29.94 -13.32
CA ALA I 232 5.47 -28.58 -13.86
C ALA I 232 6.43 -27.64 -13.13
N PHE I 233 6.43 -27.72 -11.80
CA PHE I 233 7.33 -26.88 -11.00
C PHE I 233 8.79 -27.22 -11.31
N HIS I 234 9.10 -28.51 -11.35
CA HIS I 234 10.46 -28.97 -11.62
C HIS I 234 10.96 -28.50 -12.97
N LEU I 235 10.10 -28.59 -13.98
CA LEU I 235 10.46 -28.18 -15.34
C LEU I 235 10.74 -26.69 -15.38
N ASN I 236 9.92 -25.91 -14.70
CA ASN I 236 10.10 -24.46 -14.63
C ASN I 236 11.44 -24.09 -13.99
N THR I 237 11.75 -24.77 -12.88
CA THR I 237 13.00 -24.53 -12.15
C THR I 237 14.20 -24.85 -13.02
N GLN I 238 14.15 -26.01 -13.68
CA GLN I 238 15.22 -26.47 -14.56
C GLN I 238 15.45 -25.48 -15.70
N LEU I 239 14.36 -25.06 -16.35
CA LEU I 239 14.46 -24.14 -17.49
C LEU I 239 15.04 -22.80 -17.08
N ASN I 240 14.63 -22.31 -15.91
CA ASN I 240 15.13 -21.03 -15.40
C ASN I 240 16.58 -21.09 -14.93
N ASN I 241 17.06 -22.30 -14.61
CA ASN I 241 18.46 -22.51 -14.26
C ASN I 241 19.34 -22.83 -15.45
N GLY I 242 18.76 -22.76 -16.65
CA GLY I 242 19.49 -23.06 -17.89
C GLY I 242 19.74 -24.55 -18.07
N GLU I 243 19.01 -25.37 -17.32
CA GLU I 243 19.12 -26.83 -17.39
C GLU I 243 18.08 -27.40 -18.33
N SER I 244 18.37 -28.57 -18.86
CA SER I 244 17.42 -29.30 -19.69
C SER I 244 16.21 -29.69 -18.86
N PRO I 245 14.99 -29.52 -19.41
CA PRO I 245 13.81 -29.99 -18.71
C PRO I 245 13.74 -31.51 -18.76
N LYS I 246 13.50 -32.12 -17.61
CA LYS I 246 13.66 -33.57 -17.48
C LYS I 246 12.38 -34.33 -17.20
N LEU I 247 12.21 -35.44 -17.92
CA LEU I 247 11.15 -36.39 -17.67
C LEU I 247 11.73 -37.79 -17.51
N PHE I 248 11.07 -38.63 -16.72
CA PHE I 248 11.47 -40.01 -16.57
C PHE I 248 11.38 -40.72 -17.90
N GLU I 249 12.33 -41.61 -18.14
CA GLU I 249 12.24 -42.53 -19.27
C GLU I 249 10.93 -43.31 -19.16
N GLY I 250 10.22 -43.41 -20.27
CA GLY I 250 8.96 -44.13 -20.33
C GLY I 250 7.76 -43.24 -20.10
N SER I 251 8.00 -41.93 -19.99
CA SER I 251 6.94 -40.94 -19.71
C SER I 251 5.95 -40.82 -20.86
N GLU I 252 6.32 -41.30 -22.03
CA GLU I 252 5.41 -41.38 -23.17
C GLU I 252 4.13 -42.06 -22.71
N ASN I 253 4.33 -43.24 -22.10
CA ASN I 253 3.25 -44.11 -21.67
C ASN I 253 2.74 -43.82 -20.26
N PHE I 254 3.24 -42.75 -19.63
CA PHE I 254 2.76 -42.37 -18.30
C PHE I 254 1.78 -41.23 -18.40
N LYS I 255 0.64 -41.37 -17.74
CA LYS I 255 -0.39 -40.35 -17.73
C LYS I 255 -0.97 -40.18 -16.34
N ARG I 256 -1.34 -38.96 -16.01
CA ARG I 256 -1.99 -38.67 -14.74
C ARG I 256 -3.14 -37.71 -14.95
N ASP I 257 -4.07 -37.73 -14.01
CA ASP I 257 -5.08 -36.70 -13.92
C ASP I 257 -4.49 -35.50 -13.19
N PHE I 258 -3.91 -34.58 -13.96
CA PHE I 258 -3.35 -33.37 -13.41
C PHE I 258 -4.46 -32.37 -13.16
N VAL I 259 -4.52 -31.85 -11.93
CA VAL I 259 -5.58 -30.94 -11.52
C VAL I 259 -5.01 -29.70 -10.86
N TYR I 260 -5.49 -28.53 -11.30
CA TYR I 260 -4.99 -27.25 -10.81
C TYR I 260 -5.45 -27.00 -9.39
N VAL I 261 -4.54 -26.54 -8.54
CA VAL I 261 -4.81 -26.36 -7.11
C VAL I 261 -5.95 -25.37 -6.84
N GLY I 262 -6.11 -24.39 -7.72
CA GLY I 262 -7.20 -23.43 -7.62
C GLY I 262 -8.56 -24.11 -7.61
N ASP I 263 -8.70 -25.15 -8.42
CA ASP I 263 -9.95 -25.90 -8.50
C ASP I 263 -10.13 -26.77 -7.27
N VAL I 264 -9.02 -27.30 -6.75
CA VAL I 264 -9.04 -28.10 -5.53
C VAL I 264 -9.56 -27.28 -4.36
N ALA I 265 -9.08 -26.05 -4.25
CA ALA I 265 -9.53 -25.14 -3.18
C ALA I 265 -11.02 -24.83 -3.32
N ASP I 266 -11.45 -24.60 -4.56
CA ASP I 266 -12.86 -24.30 -4.85
C ASP I 266 -13.78 -25.46 -4.46
N VAL I 267 -13.35 -26.67 -4.74
CA VAL I 267 -14.13 -27.86 -4.36
C VAL I 267 -14.27 -27.94 -2.85
N ASN I 268 -13.16 -27.72 -2.14
CA ASN I 268 -13.15 -27.75 -0.68
C ASN I 268 -14.19 -26.80 -0.08
N LEU I 269 -14.19 -25.56 -0.57
CA LEU I 269 -15.11 -24.55 -0.03
C LEU I 269 -16.56 -24.85 -0.40
N TRP I 270 -16.78 -25.39 -1.60
CA TRP I 270 -18.11 -25.76 -2.04
C TRP I 270 -18.72 -26.78 -1.10
N PHE I 271 -17.92 -27.77 -0.72
CA PHE I 271 -18.38 -28.83 0.19
C PHE I 271 -18.66 -28.31 1.59
N LEU I 272 -17.85 -27.36 2.06
CA LEU I 272 -18.11 -26.73 3.35
C LEU I 272 -19.45 -26.01 3.28
N GLU I 273 -19.70 -25.32 2.18
CA GLU I 273 -20.93 -24.54 1.99
C GLU I 273 -22.17 -25.43 1.89
N ASN I 274 -22.01 -26.63 1.30
CA ASN I 274 -23.15 -27.47 0.96
C ASN I 274 -23.38 -28.66 1.90
N GLY I 275 -22.37 -29.02 2.69
CA GLY I 275 -22.56 -29.93 3.84
C GLY I 275 -22.64 -31.41 3.52
N VAL I 276 -22.33 -31.77 2.28
CA VAL I 276 -22.37 -33.16 1.84
C VAL I 276 -21.21 -33.98 2.42
N SER I 277 -21.52 -35.20 2.85
CA SER I 277 -20.51 -36.13 3.38
C SER I 277 -20.14 -37.21 2.36
N GLY I 278 -18.95 -37.79 2.54
CA GLY I 278 -18.49 -38.90 1.73
C GLY I 278 -17.02 -38.83 1.38
N ILE I 279 -16.60 -39.74 0.50
CA ILE I 279 -15.24 -39.74 -0.04
C ILE I 279 -15.30 -39.55 -1.54
N PHE I 280 -14.67 -38.49 -2.04
CA PHE I 280 -14.83 -38.07 -3.42
C PHE I 280 -13.51 -37.87 -4.15
N ASN I 281 -13.41 -38.47 -5.33
CA ASN I 281 -12.31 -38.20 -6.24
C ASN I 281 -12.27 -36.72 -6.55
N LEU I 282 -11.07 -36.17 -6.60
CA LEU I 282 -10.87 -34.79 -7.00
C LEU I 282 -9.78 -34.71 -8.06
N GLY I 283 -10.22 -34.73 -9.31
CA GLY I 283 -9.37 -34.56 -10.48
C GLY I 283 -10.21 -33.95 -11.59
N THR I 284 -9.62 -33.80 -12.77
CA THR I 284 -10.33 -33.23 -13.92
C THR I 284 -11.21 -34.26 -14.59
N GLY I 285 -10.92 -35.54 -14.34
CA GLY I 285 -11.59 -36.63 -15.03
C GLY I 285 -10.92 -36.96 -16.36
N ARG I 286 -9.89 -36.18 -16.71
CA ARG I 286 -9.13 -36.39 -17.93
C ARG I 286 -7.68 -36.72 -17.58
N ALA I 287 -7.19 -37.83 -18.13
CA ALA I 287 -5.79 -38.22 -17.98
C ALA I 287 -4.97 -37.60 -19.10
N GLU I 288 -3.84 -37.01 -18.74
CA GLU I 288 -2.93 -36.43 -19.72
C GLU I 288 -1.52 -36.92 -19.46
N SER I 289 -0.72 -36.98 -20.52
CA SER I 289 0.66 -37.42 -20.42
C SER I 289 1.52 -36.37 -19.77
N PHE I 290 2.62 -36.81 -19.15
CA PHE I 290 3.62 -35.88 -18.62
C PHE I 290 4.17 -35.00 -19.73
N GLN I 291 4.17 -35.52 -20.96
CA GLN I 291 4.61 -34.76 -22.12
C GLN I 291 3.72 -33.56 -22.36
N ALA I 292 2.42 -33.70 -22.09
CA ALA I 292 1.48 -32.59 -22.25
C ALA I 292 1.80 -31.46 -21.27
N VAL I 293 2.17 -31.83 -20.05
CA VAL I 293 2.62 -30.86 -19.06
C VAL I 293 3.90 -30.18 -19.54
N ALA I 294 4.82 -30.98 -20.08
CA ALA I 294 6.07 -30.47 -20.63
C ALA I 294 5.82 -29.51 -21.79
N ASP I 295 4.91 -29.88 -22.68
CA ASP I 295 4.60 -29.08 -23.86
C ASP I 295 4.06 -27.71 -23.47
N ALA I 296 3.15 -27.68 -22.51
CA ALA I 296 2.58 -26.43 -22.03
C ALA I 296 3.65 -25.56 -21.36
N THR I 297 4.58 -26.21 -20.67
CA THR I 297 5.65 -25.51 -19.96
C THR I 297 6.68 -24.93 -20.94
N LEU I 298 7.11 -25.74 -21.91
CA LEU I 298 8.10 -25.30 -22.89
C LEU I 298 7.51 -24.24 -23.81
N ALA I 299 6.21 -24.33 -24.06
CA ALA I 299 5.51 -23.36 -24.90
C ALA I 299 5.54 -21.99 -24.24
N TYR I 300 5.37 -21.95 -22.92
CA TYR I 300 5.40 -20.70 -22.17
C TYR I 300 6.80 -20.10 -22.18
N HIS I 301 7.79 -20.93 -21.92
CA HIS I 301 9.19 -20.48 -21.86
C HIS I 301 9.78 -20.21 -23.23
N LYS I 302 9.10 -20.68 -24.28
CA LYS I 302 9.54 -20.49 -25.67
C LYS I 302 10.94 -21.05 -25.92
N LYS I 303 11.33 -22.06 -25.14
CA LYS I 303 12.60 -22.74 -25.34
C LYS I 303 12.58 -24.08 -24.62
N GLY I 304 13.64 -24.86 -24.84
CA GLY I 304 13.84 -26.08 -24.09
C GLY I 304 13.60 -27.34 -24.89
N GLN I 305 14.32 -28.38 -24.50
CA GLN I 305 14.21 -29.68 -25.13
C GLN I 305 14.24 -30.76 -24.05
N ILE I 306 13.18 -31.55 -23.98
CA ILE I 306 13.06 -32.59 -22.95
C ILE I 306 14.22 -33.58 -22.99
N GLU I 307 14.85 -33.77 -21.83
CA GLU I 307 15.82 -34.84 -21.65
C GLU I 307 15.19 -35.93 -20.80
N TYR I 308 15.31 -37.17 -21.26
CA TYR I 308 14.78 -38.32 -20.54
C TYR I 308 15.85 -38.92 -19.66
N ILE I 309 15.54 -39.05 -18.37
CA ILE I 309 16.49 -39.56 -17.39
C ILE I 309 16.06 -40.95 -16.91
N PRO I 310 17.00 -41.72 -16.33
CA PRO I 310 16.66 -43.04 -15.84
C PRO I 310 15.50 -43.01 -14.85
N PHE I 311 14.58 -43.95 -15.00
CA PHE I 311 13.48 -44.08 -14.07
C PHE I 311 14.06 -44.39 -12.69
N PRO I 312 13.72 -43.54 -11.69
CA PRO I 312 14.33 -43.69 -10.37
C PRO I 312 14.09 -45.07 -9.76
N ASP I 313 15.15 -45.63 -9.21
CA ASP I 313 15.17 -46.98 -8.73
C ASP I 313 14.19 -47.21 -7.58
N LYS I 314 14.07 -46.22 -6.69
CA LYS I 314 13.25 -46.36 -5.50
C LYS I 314 11.77 -46.21 -5.78
N LEU I 315 11.43 -45.88 -7.02
CA LEU I 315 10.03 -45.79 -7.45
C LEU I 315 9.55 -47.06 -8.15
N LYS I 316 10.49 -47.93 -8.52
CA LYS I 316 10.15 -49.16 -9.23
C LYS I 316 9.28 -50.09 -8.39
N GLY I 317 8.14 -50.47 -8.95
CA GLY I 317 7.16 -51.29 -8.24
C GLY I 317 6.28 -50.48 -7.30
N ARG I 318 6.54 -49.18 -7.24
CA ARG I 318 5.82 -48.28 -6.33
C ARG I 318 5.09 -47.18 -7.10
N TYR I 319 5.04 -47.30 -8.43
CA TYR I 319 4.68 -46.18 -9.30
C TYR I 319 3.34 -46.39 -10.03
N GLN I 320 2.51 -45.36 -10.01
CA GLN I 320 1.28 -45.34 -10.80
C GLN I 320 1.59 -44.83 -12.20
N ALA I 321 1.43 -45.70 -13.19
CA ALA I 321 1.70 -45.38 -14.58
C ALA I 321 0.52 -44.66 -15.22
N PHE I 322 -0.64 -44.72 -14.58
CA PHE I 322 -1.86 -44.14 -15.11
C PHE I 322 -2.86 -43.80 -14.00
N THR I 323 -3.38 -42.57 -14.03
CA THR I 323 -4.52 -42.20 -13.20
C THR I 323 -5.52 -41.35 -14.00
N GLN I 324 -6.79 -41.56 -13.70
CA GLN I 324 -7.88 -40.77 -14.26
C GLN I 324 -9.05 -40.79 -13.30
N ALA I 325 -9.41 -39.64 -12.76
CA ALA I 325 -10.51 -39.54 -11.82
C ALA I 325 -11.83 -39.91 -12.49
N ASP I 326 -12.60 -40.78 -11.84
CA ASP I 326 -13.99 -41.01 -12.20
C ASP I 326 -14.81 -40.07 -11.33
N LEU I 327 -15.42 -39.07 -11.98
CA LEU I 327 -16.06 -37.97 -11.26
C LEU I 327 -17.56 -38.23 -11.04
N THR I 328 -18.01 -39.45 -11.27
CA THR I 328 -19.43 -39.77 -11.16
C THR I 328 -20.00 -39.34 -9.80
N ASN I 329 -19.34 -39.74 -8.73
CA ASN I 329 -19.82 -39.44 -7.38
C ASN I 329 -19.70 -37.96 -7.03
N LEU I 330 -18.64 -37.31 -7.51
CA LEU I 330 -18.44 -35.88 -7.28
C LEU I 330 -19.57 -35.07 -7.91
N ARG I 331 -19.93 -35.41 -9.15
CA ARG I 331 -21.01 -34.70 -9.85
C ARG I 331 -22.35 -35.01 -9.23
N ALA I 332 -22.53 -36.25 -8.79
CA ALA I 332 -23.79 -36.68 -8.20
C ALA I 332 -24.03 -35.97 -6.87
N ALA I 333 -22.95 -35.54 -6.24
CA ALA I 333 -23.03 -34.80 -4.97
C ALA I 333 -23.50 -33.37 -5.20
N GLY I 334 -23.34 -32.89 -6.42
CA GLY I 334 -23.79 -31.55 -6.80
C GLY I 334 -22.68 -30.61 -7.26
N TYR I 335 -21.42 -31.03 -7.19
CA TYR I 335 -20.34 -30.15 -7.63
C TYR I 335 -20.29 -30.11 -9.12
N ASP I 336 -20.66 -28.97 -9.69
CA ASP I 336 -20.90 -28.90 -11.11
C ASP I 336 -19.98 -28.02 -11.90
N LYS I 337 -18.87 -27.61 -11.32
CA LYS I 337 -18.02 -26.69 -12.02
C LYS I 337 -16.98 -27.41 -12.87
N PRO I 338 -16.58 -26.80 -13.98
CA PRO I 338 -15.56 -27.39 -14.83
C PRO I 338 -14.19 -27.32 -14.18
N PHE I 339 -13.28 -28.16 -14.67
CA PHE I 339 -11.90 -28.16 -14.22
C PHE I 339 -10.99 -27.67 -15.32
N LYS I 340 -10.01 -26.87 -14.93
CA LYS I 340 -9.01 -26.39 -15.87
C LYS I 340 -8.22 -27.54 -16.47
N THR I 341 -7.97 -27.46 -17.77
CA THR I 341 -7.13 -28.43 -18.46
C THR I 341 -5.67 -28.18 -18.10
N VAL I 342 -4.81 -29.13 -18.48
CA VAL I 342 -3.37 -28.97 -18.28
C VAL I 342 -2.84 -27.74 -19.01
N ALA I 343 -3.32 -27.53 -20.23
CA ALA I 343 -2.88 -26.37 -21.02
C ALA I 343 -3.24 -25.07 -20.32
N GLU I 344 -4.45 -24.99 -19.79
CA GLU I 344 -4.91 -23.81 -19.06
C GLU I 344 -4.17 -23.60 -17.77
N GLY I 345 -4.21 -24.62 -16.92
CA GLY I 345 -3.65 -24.54 -15.58
C GLY I 345 -2.15 -24.33 -15.57
N VAL I 346 -1.43 -25.07 -16.39
CA VAL I 346 0.03 -24.97 -16.42
C VAL I 346 0.46 -23.61 -16.96
N THR I 347 -0.27 -23.10 -17.96
CA THR I 347 0.01 -21.77 -18.51
C THR I 347 -0.22 -20.71 -17.44
N GLU I 348 -1.33 -20.81 -16.72
CA GLU I 348 -1.61 -19.88 -15.63
C GLU I 348 -0.54 -19.97 -14.54
N TYR I 349 -0.13 -21.20 -14.24
CA TYR I 349 0.87 -21.47 -13.22
C TYR I 349 2.22 -20.86 -13.59
N MET I 350 2.62 -21.02 -14.85
CA MET I 350 3.90 -20.47 -15.32
C MET I 350 3.93 -18.96 -15.22
N ALA I 351 2.79 -18.33 -15.50
CA ALA I 351 2.67 -16.87 -15.39
C ALA I 351 2.86 -16.42 -13.95
N TRP I 352 2.31 -17.20 -13.01
CA TRP I 352 2.47 -16.90 -11.60
C TRP I 352 3.92 -17.12 -11.14
N LEU I 353 4.53 -18.21 -11.60
CA LEU I 353 5.89 -18.56 -11.21
C LEU I 353 6.90 -17.54 -11.71
N ASN I 354 6.57 -16.91 -12.83
CA ASN I 354 7.46 -15.98 -13.50
C ASN I 354 6.89 -14.58 -13.55
N MET J 48 -14.77 -58.14 18.36
CA MET J 48 -13.50 -57.87 17.61
C MET J 48 -12.38 -58.82 18.01
N ILE J 49 -11.40 -58.94 17.12
CA ILE J 49 -10.21 -59.74 17.39
C ILE J 49 -8.96 -58.88 17.24
N ILE J 50 -8.00 -59.09 18.13
CA ILE J 50 -6.72 -58.39 18.06
C ILE J 50 -5.65 -59.35 17.60
N VAL J 51 -4.87 -58.92 16.61
CA VAL J 51 -3.73 -59.69 16.15
C VAL J 51 -2.47 -58.82 16.27
N THR J 52 -1.62 -59.15 17.23
CA THR J 52 -0.32 -58.50 17.34
C THR J 52 0.63 -59.20 16.38
N GLY J 53 1.60 -58.46 15.86
CA GLY J 53 2.44 -58.97 14.79
C GLY J 53 1.63 -59.16 13.52
N GLY J 54 0.48 -58.50 13.47
CA GLY J 54 -0.49 -58.64 12.38
C GLY J 54 -0.04 -58.12 11.03
N ALA J 55 0.98 -57.27 11.02
CA ALA J 55 1.57 -56.80 9.76
C ALA J 55 2.77 -57.68 9.39
N GLY J 56 3.12 -58.60 10.29
CA GLY J 56 4.20 -59.53 10.07
C GLY J 56 3.76 -60.76 9.33
N PHE J 57 4.65 -61.75 9.28
CA PHE J 57 4.46 -62.96 8.49
C PHE J 57 3.27 -63.82 8.95
N ILE J 58 3.40 -64.43 10.12
CA ILE J 58 2.37 -65.33 10.61
C ILE J 58 1.10 -64.55 10.96
N GLY J 59 1.26 -63.36 11.53
CA GLY J 59 0.12 -62.54 11.93
C GLY J 59 -0.76 -62.13 10.78
N SER J 60 -0.16 -61.70 9.67
CA SER J 60 -0.93 -61.26 8.50
C SER J 60 -1.66 -62.46 7.90
N ASN J 61 -1.07 -63.64 8.03
CA ASN J 61 -1.70 -64.87 7.56
C ASN J 61 -2.89 -65.29 8.43
N ILE J 62 -2.81 -65.01 9.72
CA ILE J 62 -3.95 -65.23 10.62
C ILE J 62 -5.07 -64.25 10.26
N VAL J 63 -4.71 -63.00 9.97
CA VAL J 63 -5.68 -62.00 9.56
C VAL J 63 -6.41 -62.47 8.31
N LYS J 64 -5.66 -62.97 7.32
CA LYS J 64 -6.24 -63.45 6.08
C LYS J 64 -7.19 -64.61 6.35
N ALA J 65 -6.76 -65.53 7.21
CA ALA J 65 -7.57 -66.69 7.55
C ALA J 65 -8.88 -66.27 8.23
N LEU J 66 -8.80 -65.22 9.04
CA LEU J 66 -10.00 -64.65 9.68
C LEU J 66 -10.92 -64.04 8.64
N ASN J 67 -10.36 -63.27 7.72
CA ASN J 67 -11.11 -62.71 6.59
C ASN J 67 -11.86 -63.80 5.82
N ASP J 68 -11.20 -64.93 5.59
CA ASP J 68 -11.80 -66.03 4.83
C ASP J 68 -12.98 -66.65 5.55
N LYS J 69 -13.04 -66.47 6.88
CA LYS J 69 -14.19 -66.92 7.67
C LYS J 69 -15.19 -65.78 7.90
N GLY J 70 -15.03 -64.68 7.16
CA GLY J 70 -15.97 -63.56 7.20
C GLY J 70 -15.74 -62.59 8.34
N ILE J 71 -14.57 -62.68 8.99
CA ILE J 71 -14.24 -61.80 10.11
C ILE J 71 -13.32 -60.66 9.66
N THR J 72 -13.78 -59.43 9.84
CA THR J 72 -13.04 -58.23 9.46
C THR J 72 -12.85 -57.22 10.59
N ASP J 73 -13.56 -57.40 11.71
CA ASP J 73 -13.43 -56.50 12.86
C ASP J 73 -12.17 -56.85 13.62
N ILE J 74 -11.04 -56.44 13.05
CA ILE J 74 -9.73 -56.83 13.52
C ILE J 74 -8.86 -55.62 13.81
N LEU J 75 -8.30 -55.59 15.02
CA LEU J 75 -7.30 -54.59 15.37
C LEU J 75 -5.93 -55.22 15.20
N VAL J 76 -5.13 -54.65 14.30
CA VAL J 76 -3.76 -55.10 14.10
C VAL J 76 -2.82 -54.23 14.96
N VAL J 77 -1.96 -54.89 15.71
CA VAL J 77 -0.91 -54.21 16.47
C VAL J 77 0.43 -54.66 15.91
N ASP J 78 1.29 -53.71 15.59
CA ASP J 78 2.59 -54.04 15.02
C ASP J 78 3.56 -52.86 15.11
N ASN J 79 4.66 -52.97 14.40
CA ASN J 79 5.66 -51.93 14.29
C ASN J 79 6.00 -51.75 12.82
N LEU J 80 5.49 -50.67 12.22
CA LEU J 80 5.63 -50.43 10.79
C LEU J 80 6.84 -49.58 10.44
N LYS J 81 7.78 -49.44 11.38
CA LYS J 81 9.02 -48.73 11.13
C LYS J 81 9.52 -49.10 9.72
N ASP J 82 9.63 -50.40 9.46
CA ASP J 82 9.85 -50.90 8.11
C ASP J 82 8.52 -50.85 7.37
N GLY J 83 8.29 -49.74 6.67
CA GLY J 83 7.01 -49.50 6.01
C GLY J 83 6.66 -50.46 4.89
N THR J 84 7.64 -51.23 4.39
CA THR J 84 7.39 -52.18 3.31
C THR J 84 6.46 -53.30 3.76
N LYS J 85 6.30 -53.46 5.07
CA LYS J 85 5.41 -54.49 5.63
C LYS J 85 3.94 -54.23 5.34
N PHE J 86 3.62 -53.03 4.87
CA PHE J 86 2.23 -52.68 4.59
C PHE J 86 1.62 -53.64 3.59
N VAL J 87 2.44 -54.17 2.66
CA VAL J 87 1.95 -55.07 1.61
C VAL J 87 1.29 -56.32 2.18
N ASN J 88 1.68 -56.70 3.39
CA ASN J 88 1.10 -57.87 4.04
C ASN J 88 -0.35 -57.66 4.46
N LEU J 89 -0.77 -56.40 4.53
CA LEU J 89 -2.13 -56.04 4.94
C LEU J 89 -2.95 -55.39 3.83
N VAL J 90 -2.30 -55.00 2.74
CA VAL J 90 -2.94 -54.13 1.74
C VAL J 90 -4.17 -54.78 1.09
N ASP J 91 -4.14 -56.10 0.93
CA ASP J 91 -5.24 -56.82 0.30
C ASP J 91 -6.22 -57.41 1.32
N LEU J 92 -5.97 -57.15 2.61
CA LEU J 92 -6.79 -57.70 3.67
C LEU J 92 -7.74 -56.66 4.24
N ASN J 93 -8.65 -57.13 5.09
CA ASN J 93 -9.67 -56.28 5.69
C ASN J 93 -9.57 -56.29 7.21
N ILE J 94 -9.26 -55.11 7.76
CA ILE J 94 -9.16 -54.93 9.20
C ILE J 94 -9.93 -53.69 9.61
N ALA J 95 -10.09 -53.49 10.91
CA ALA J 95 -10.88 -52.38 11.44
C ALA J 95 -9.98 -51.20 11.82
N ASP J 96 -8.76 -51.50 12.27
CA ASP J 96 -7.91 -50.48 12.87
C ASP J 96 -6.47 -50.95 12.99
N TYR J 97 -5.56 -50.00 13.10
CA TYR J 97 -4.15 -50.29 13.31
C TYR J 97 -3.61 -49.49 14.49
N MET J 98 -2.75 -50.13 15.27
CA MET J 98 -2.11 -49.50 16.41
C MET J 98 -0.66 -49.93 16.53
N ASP J 99 0.21 -48.99 16.89
CA ASP J 99 1.62 -49.29 17.13
C ASP J 99 1.77 -50.07 18.44
N LYS J 100 2.74 -50.97 18.47
CA LYS J 100 2.96 -51.85 19.60
C LYS J 100 3.20 -51.11 20.92
N GLU J 101 3.82 -49.94 20.85
CA GLU J 101 4.17 -49.19 22.05
C GLU J 101 2.92 -48.53 22.62
N ASP J 102 2.08 -47.98 21.75
CA ASP J 102 0.82 -47.38 22.18
C ASP J 102 -0.11 -48.44 22.74
N PHE J 103 -0.10 -49.63 22.13
CA PHE J 103 -0.91 -50.73 22.58
C PHE J 103 -0.53 -51.14 23.99
N LEU J 104 0.78 -51.25 24.23
CA LEU J 104 1.28 -51.66 25.54
C LEU J 104 0.87 -50.67 26.62
N ILE J 105 0.96 -49.38 26.29
CA ILE J 105 0.61 -48.32 27.24
C ILE J 105 -0.87 -48.43 27.62
N GLN J 106 -1.72 -48.68 26.63
CA GLN J 106 -3.17 -48.76 26.86
C GLN J 106 -3.54 -50.04 27.61
N ILE J 107 -2.88 -51.15 27.27
CA ILE J 107 -3.05 -52.41 27.97
C ILE J 107 -2.70 -52.27 29.45
N MET J 108 -1.56 -51.67 29.72
CA MET J 108 -1.09 -51.53 31.10
C MET J 108 -1.93 -50.52 31.90
N ALA J 109 -2.60 -49.61 31.20
CA ALA J 109 -3.49 -48.64 31.84
C ALA J 109 -4.88 -49.22 32.02
N GLY J 110 -5.10 -50.42 31.49
CA GLY J 110 -6.37 -51.11 31.64
C GLY J 110 -7.47 -50.55 30.76
N GLU J 111 -7.09 -50.06 29.58
CA GLU J 111 -8.06 -49.56 28.61
C GLU J 111 -8.83 -50.72 27.99
N GLU J 112 -10.09 -50.47 27.67
CA GLU J 112 -10.91 -51.44 26.96
C GLU J 112 -10.87 -51.10 25.47
N PHE J 113 -10.79 -52.13 24.64
CA PHE J 113 -10.73 -51.94 23.19
C PHE J 113 -12.05 -52.29 22.53
N GLY J 114 -13.03 -52.67 23.36
CA GLY J 114 -14.33 -53.12 22.89
C GLY J 114 -14.62 -54.51 23.41
N ASP J 115 -15.48 -55.23 22.70
CA ASP J 115 -15.81 -56.60 23.04
C ASP J 115 -14.81 -57.52 22.35
N VAL J 116 -13.67 -57.73 23.00
CA VAL J 116 -12.58 -58.51 22.43
C VAL J 116 -12.84 -60.01 22.61
N GLU J 117 -12.91 -60.71 21.48
CA GLU J 117 -13.21 -62.13 21.46
C GLU J 117 -11.95 -62.96 21.61
N ALA J 118 -10.80 -62.40 21.23
CA ALA J 118 -9.54 -63.11 21.29
C ALA J 118 -8.37 -62.22 20.92
N ILE J 119 -7.21 -62.51 21.48
CA ILE J 119 -5.95 -61.91 21.06
C ILE J 119 -5.02 -62.99 20.54
N PHE J 120 -4.62 -62.85 19.28
CA PHE J 120 -3.56 -63.66 18.70
C PHE J 120 -2.27 -62.87 18.83
N HIS J 121 -1.41 -63.30 19.74
CA HIS J 121 -0.18 -62.56 20.04
C HIS J 121 1.00 -63.13 19.27
N GLU J 122 1.17 -62.69 18.03
CA GLU J 122 2.30 -63.12 17.19
C GLU J 122 3.42 -62.10 17.24
N GLY J 123 3.15 -60.94 17.83
CA GLY J 123 4.12 -59.86 17.90
C GLY J 123 5.32 -60.19 18.76
N ALA J 124 6.49 -60.06 18.16
CA ALA J 124 7.75 -60.32 18.86
C ALA J 124 8.92 -59.93 17.98
N CYS J 125 10.07 -59.69 18.61
CA CYS J 125 11.33 -59.61 17.90
C CYS J 125 11.64 -61.02 17.46
N SER J 126 11.60 -61.26 16.15
CA SER J 126 11.68 -62.60 15.63
C SER J 126 13.08 -62.98 15.16
N SER J 127 14.06 -62.12 15.39
CA SER J 127 15.42 -62.35 14.88
C SER J 127 16.23 -63.19 15.86
N THR J 128 16.72 -64.34 15.38
CA THR J 128 17.53 -65.24 16.19
C THR J 128 18.95 -64.70 16.40
N THR J 129 19.33 -63.71 15.61
CA THR J 129 20.68 -63.15 15.65
C THR J 129 20.72 -61.79 16.36
N GLU J 130 19.59 -61.39 16.94
CA GLU J 130 19.52 -60.20 17.78
C GLU J 130 20.01 -60.57 19.18
N TRP J 131 21.05 -59.89 19.65
CA TRP J 131 21.68 -60.24 20.92
C TRP J 131 21.54 -59.18 22.02
N ASP J 132 20.77 -58.13 21.77
CA ASP J 132 20.39 -57.21 22.82
C ASP J 132 19.30 -57.88 23.65
N GLY J 133 19.71 -58.51 24.74
CA GLY J 133 18.80 -59.27 25.59
C GLY J 133 17.90 -58.40 26.46
N LYS J 134 18.31 -57.16 26.71
CA LYS J 134 17.48 -56.22 27.45
C LYS J 134 16.23 -55.97 26.62
N TYR J 135 16.43 -55.63 25.35
CA TYR J 135 15.34 -55.41 24.42
C TYR J 135 14.52 -56.69 24.24
N MET J 136 15.22 -57.80 24.08
CA MET J 136 14.55 -59.07 23.80
C MET J 136 13.63 -59.50 24.95
N MET J 137 14.14 -59.44 26.18
CA MET J 137 13.34 -59.85 27.33
C MET J 137 12.18 -58.89 27.56
N ASP J 138 12.36 -57.65 27.13
CA ASP J 138 11.37 -56.62 27.31
C ASP J 138 10.25 -56.72 26.27
N ASN J 139 10.66 -56.72 25.01
CA ASN J 139 9.75 -56.70 23.87
C ASN J 139 9.05 -58.02 23.70
N ASN J 140 9.70 -59.10 24.13
CA ASN J 140 9.13 -60.44 24.01
C ASN J 140 8.52 -60.92 25.32
N TYR J 141 9.37 -61.23 26.29
CA TYR J 141 8.94 -61.83 27.54
C TYR J 141 7.98 -60.94 28.34
N GLN J 142 8.44 -59.74 28.68
CA GLN J 142 7.68 -58.84 29.53
C GLN J 142 6.40 -58.38 28.85
N TYR J 143 6.51 -58.05 27.57
CA TYR J 143 5.37 -57.62 26.76
C TYR J 143 4.28 -58.69 26.80
N SER J 144 4.70 -59.94 26.61
CA SER J 144 3.78 -61.07 26.57
C SER J 144 3.09 -61.27 27.91
N LYS J 145 3.84 -61.08 29.00
CA LYS J 145 3.29 -61.17 30.34
C LYS J 145 2.17 -60.13 30.56
N GLU J 146 2.41 -58.90 30.13
CA GLU J 146 1.45 -57.81 30.34
C GLU J 146 0.14 -58.12 29.61
N LEU J 147 0.29 -58.66 28.42
CA LEU J 147 -0.84 -59.00 27.57
C LEU J 147 -1.60 -60.19 28.14
N LEU J 148 -0.85 -61.18 28.62
CA LEU J 148 -1.44 -62.36 29.24
C LEU J 148 -2.32 -61.99 30.42
N HIS J 149 -1.80 -61.12 31.29
CA HIS J 149 -2.53 -60.71 32.49
C HIS J 149 -3.76 -59.88 32.16
N TYR J 150 -3.63 -59.07 31.12
CA TYR J 150 -4.75 -58.27 30.63
C TYR J 150 -5.89 -59.17 30.19
N CYS J 151 -5.56 -60.19 29.41
CA CYS J 151 -6.55 -61.14 28.90
C CYS J 151 -7.15 -61.98 30.01
N LEU J 152 -6.30 -62.30 30.98
CA LEU J 152 -6.65 -63.19 32.07
C LEU J 152 -7.68 -62.52 32.97
N GLU J 153 -7.48 -61.23 33.22
CA GLU J 153 -8.38 -60.42 34.03
C GLU J 153 -9.76 -60.27 33.38
N ARG J 154 -9.78 -60.30 32.06
CA ARG J 154 -11.00 -60.08 31.29
C ARG J 154 -11.55 -61.38 30.68
N GLU J 155 -10.87 -62.49 30.96
CA GLU J 155 -11.24 -63.80 30.42
C GLU J 155 -11.28 -63.79 28.89
N ILE J 156 -10.30 -63.10 28.31
CA ILE J 156 -10.14 -63.04 26.86
C ILE J 156 -9.19 -64.16 26.43
N PRO J 157 -9.63 -65.03 25.52
CA PRO J 157 -8.74 -66.06 24.99
C PRO J 157 -7.44 -65.48 24.47
N PHE J 158 -6.34 -66.10 24.87
CA PHE J 158 -5.00 -65.62 24.57
C PHE J 158 -4.21 -66.73 23.88
N LEU J 159 -3.93 -66.51 22.59
CA LEU J 159 -3.23 -67.49 21.76
C LEU J 159 -1.94 -66.90 21.22
N TYR J 160 -0.80 -67.38 21.71
CA TYR J 160 0.48 -66.73 21.46
C TYR J 160 1.47 -67.62 20.74
N ALA J 161 2.56 -67.00 20.28
CA ALA J 161 3.60 -67.66 19.53
C ALA J 161 4.75 -68.04 20.44
N SER J 162 5.03 -69.34 20.51
CA SER J 162 6.26 -69.87 21.10
C SER J 162 7.18 -70.19 19.93
N SER J 163 8.18 -71.03 20.16
CA SER J 163 9.13 -71.39 19.12
C SER J 163 9.86 -72.69 19.43
N ALA J 164 10.12 -73.48 18.38
CA ALA J 164 10.89 -74.72 18.50
C ALA J 164 12.36 -74.43 18.80
N ALA J 165 12.77 -73.16 18.71
CA ALA J 165 14.09 -72.74 19.14
C ALA J 165 14.29 -73.00 20.64
N THR J 166 13.19 -73.14 21.37
CA THR J 166 13.24 -73.46 22.80
C THR J 166 13.90 -74.82 23.07
N TYR J 167 13.87 -75.71 22.08
CA TYR J 167 14.42 -77.07 22.22
C TYR J 167 15.94 -77.09 22.17
N GLY J 168 16.52 -76.09 21.52
CA GLY J 168 17.96 -76.02 21.34
C GLY J 168 18.49 -77.21 20.55
N GLY J 169 19.70 -77.64 20.93
CA GLY J 169 20.39 -78.71 20.21
C GLY J 169 19.95 -80.08 20.65
N ARG J 170 19.36 -80.82 19.72
CA ARG J 170 18.62 -82.01 20.07
C ARG J 170 18.42 -82.89 18.83
N THR J 171 18.45 -84.21 19.03
CA THR J 171 18.32 -85.18 17.93
C THR J 171 17.00 -85.96 17.99
N SER J 172 16.23 -85.78 19.06
CA SER J 172 14.94 -86.42 19.21
C SER J 172 14.18 -85.87 20.41
N ASP J 173 12.96 -86.35 20.61
CA ASP J 173 12.15 -86.01 21.77
C ASP J 173 11.91 -84.51 21.87
N PHE J 174 11.39 -83.94 20.79
CA PHE J 174 10.97 -82.54 20.79
C PHE J 174 9.59 -82.47 21.42
N ILE J 175 9.57 -82.62 22.74
CA ILE J 175 8.34 -82.73 23.51
C ILE J 175 8.16 -81.50 24.38
N GLU J 176 6.91 -81.05 24.51
CA GLU J 176 6.58 -79.78 25.17
C GLU J 176 6.70 -79.89 26.69
N SER J 177 7.93 -80.07 27.16
CA SER J 177 8.19 -80.16 28.59
C SER J 177 9.59 -79.63 28.89
N ARG J 178 9.72 -79.02 30.07
CA ARG J 178 10.93 -78.26 30.44
C ARG J 178 12.22 -79.04 30.26
N GLU J 179 12.18 -80.34 30.51
CA GLU J 179 13.37 -81.19 30.47
C GLU J 179 13.96 -81.31 29.06
N TYR J 180 13.15 -80.99 28.04
CA TYR J 180 13.58 -81.10 26.65
C TYR J 180 13.96 -79.75 26.08
N GLU J 181 13.94 -78.73 26.94
CA GLU J 181 14.12 -77.35 26.49
C GLU J 181 15.46 -76.80 26.98
N LYS J 182 16.20 -76.21 26.04
CA LYS J 182 17.49 -75.59 26.33
C LYS J 182 17.94 -74.75 25.13
N PRO J 183 17.34 -73.55 24.97
CA PRO J 183 17.60 -72.73 23.79
C PRO J 183 19.06 -72.33 23.65
N LEU J 184 19.47 -72.09 22.42
CA LEU J 184 20.86 -71.79 22.09
C LEU J 184 21.10 -70.30 21.88
N ASN J 185 20.04 -69.50 21.95
CA ASN J 185 20.17 -68.05 21.82
C ASN J 185 19.16 -67.28 22.68
N VAL J 186 19.38 -65.98 22.81
CA VAL J 186 18.58 -65.17 23.72
C VAL J 186 17.15 -65.00 23.20
N PHE J 187 16.98 -65.04 21.88
CA PHE J 187 15.63 -65.10 21.31
C PHE J 187 14.89 -66.31 21.88
N GLY J 188 15.53 -67.47 21.77
CA GLY J 188 14.97 -68.72 22.26
C GLY J 188 14.69 -68.68 23.75
N TYR J 189 15.58 -68.02 24.49
CA TYR J 189 15.42 -67.90 25.93
C TYR J 189 14.18 -67.07 26.27
N SER J 190 13.98 -65.99 25.52
CA SER J 190 12.82 -65.11 25.73
C SER J 190 11.52 -65.89 25.54
N LYS J 191 11.52 -66.80 24.57
CA LYS J 191 10.38 -67.67 24.33
C LYS J 191 10.24 -68.74 25.41
N PHE J 192 11.36 -69.36 25.76
CA PHE J 192 11.36 -70.39 26.78
C PHE J 192 10.81 -69.87 28.11
N LEU J 193 11.29 -68.72 28.54
CA LEU J 193 10.94 -68.21 29.87
C LEU J 193 9.45 -67.85 29.94
N PHE J 194 8.90 -67.36 28.84
CA PHE J 194 7.47 -67.06 28.82
C PHE J 194 6.62 -68.32 28.87
N ASP J 195 7.07 -69.38 28.19
CA ASP J 195 6.39 -70.66 28.28
C ASP J 195 6.38 -71.16 29.72
N GLU J 196 7.50 -70.96 30.41
CA GLU J 196 7.61 -71.35 31.83
C GLU J 196 6.69 -70.50 32.70
N TYR J 197 6.50 -69.24 32.32
CA TYR J 197 5.61 -68.35 33.04
C TYR J 197 4.16 -68.80 32.84
N VAL J 198 3.82 -69.13 31.60
CA VAL J 198 2.50 -69.63 31.26
C VAL J 198 2.17 -70.90 32.05
N ARG J 199 3.17 -71.76 32.22
CA ARG J 199 2.98 -73.01 32.98
C ARG J 199 2.63 -72.76 34.44
N GLN J 200 3.14 -71.67 35.01
CA GLN J 200 2.85 -71.31 36.40
C GLN J 200 1.42 -70.81 36.52
N ILE J 201 0.90 -70.24 35.43
CA ILE J 201 -0.39 -69.56 35.40
C ILE J 201 -1.54 -70.51 35.03
N LEU J 202 -1.27 -71.47 34.16
CA LEU J 202 -2.30 -72.36 33.62
C LEU J 202 -3.24 -72.98 34.66
N PRO J 203 -2.68 -73.60 35.71
CA PRO J 203 -3.53 -74.34 36.64
C PRO J 203 -4.71 -73.55 37.20
N GLU J 204 -4.62 -72.21 37.19
CA GLU J 204 -5.67 -71.38 37.76
C GLU J 204 -6.29 -70.39 36.77
N ALA J 205 -5.87 -70.45 35.51
CA ALA J 205 -6.48 -69.63 34.46
C ALA J 205 -7.94 -70.04 34.30
N ASN J 206 -8.81 -69.04 34.16
CA ASN J 206 -10.24 -69.27 33.95
C ASN J 206 -10.64 -68.96 32.51
N SER J 207 -9.63 -68.80 31.65
CA SER J 207 -9.86 -68.57 30.23
C SER J 207 -8.71 -69.18 29.42
N GLN J 208 -8.97 -69.35 28.13
CA GLN J 208 -8.03 -70.05 27.25
C GLN J 208 -6.68 -69.37 27.16
N ILE J 209 -5.63 -70.17 27.38
CA ILE J 209 -4.26 -69.78 27.11
C ILE J 209 -3.64 -70.87 26.24
N VAL J 210 -3.21 -70.50 25.04
CA VAL J 210 -2.55 -71.46 24.14
C VAL J 210 -1.28 -70.88 23.56
N GLY J 211 -0.20 -71.64 23.67
CA GLY J 211 1.07 -71.30 23.04
C GLY J 211 1.34 -72.26 21.90
N PHE J 212 1.70 -71.72 20.74
CA PHE J 212 2.04 -72.53 19.59
C PHE J 212 3.54 -72.49 19.36
N ARG J 213 4.15 -73.67 19.49
CA ARG J 213 5.58 -73.80 19.32
C ARG J 213 5.87 -74.08 17.85
N TYR J 214 5.97 -73.00 17.08
CA TYR J 214 6.16 -73.11 15.64
C TYR J 214 7.54 -73.64 15.34
N PHE J 215 7.64 -74.52 14.36
CA PHE J 215 8.93 -75.02 13.89
C PHE J 215 9.39 -74.14 12.73
N ASN J 216 9.75 -74.69 11.58
CA ASN J 216 10.21 -73.86 10.46
C ASN J 216 9.08 -73.48 9.54
N VAL J 217 8.47 -72.33 9.81
CA VAL J 217 7.33 -71.88 9.04
C VAL J 217 7.79 -71.18 7.77
N TYR J 218 7.14 -71.48 6.66
CA TYR J 218 7.46 -70.87 5.37
C TYR J 218 6.18 -70.64 4.59
N GLY J 219 6.23 -69.68 3.68
CA GLY J 219 5.09 -69.37 2.82
C GLY J 219 4.89 -67.88 2.63
N PRO J 220 3.79 -67.50 1.98
CA PRO J 220 3.47 -66.12 1.62
C PRO J 220 3.47 -65.15 2.79
N ARG J 221 3.99 -63.95 2.53
CA ARG J 221 3.90 -62.79 3.42
C ARG J 221 5.10 -62.67 4.37
N GLU J 222 6.23 -63.25 3.98
CA GLU J 222 7.45 -63.19 4.77
C GLU J 222 8.55 -62.40 4.05
N GLY J 223 8.18 -61.72 2.97
CA GLY J 223 9.15 -61.02 2.12
C GLY J 223 9.90 -59.87 2.77
N HIS J 224 9.44 -59.48 3.96
CA HIS J 224 10.03 -58.37 4.70
C HIS J 224 11.10 -58.84 5.69
N LYS J 225 11.18 -60.15 5.91
CA LYS J 225 11.96 -60.70 7.00
C LYS J 225 13.47 -60.72 6.74
N GLY J 226 13.88 -60.40 5.52
CA GLY J 226 15.29 -60.35 5.17
C GLY J 226 16.00 -61.67 5.43
N SER J 227 17.07 -61.63 6.24
CA SER J 227 17.86 -62.82 6.54
C SER J 227 17.08 -63.85 7.34
N MET J 228 15.98 -63.44 7.96
CA MET J 228 15.16 -64.33 8.76
C MET J 228 14.03 -64.97 7.95
N ALA J 229 13.95 -64.64 6.66
CA ALA J 229 12.99 -65.28 5.76
C ALA J 229 13.38 -66.74 5.54
N SER J 230 12.41 -67.54 5.13
CA SER J 230 12.63 -68.97 4.90
C SER J 230 13.67 -69.18 3.79
N VAL J 231 14.36 -70.31 3.85
CA VAL J 231 15.32 -70.69 2.82
C VAL J 231 14.62 -70.76 1.47
N ALA J 232 13.39 -71.25 1.46
CA ALA J 232 12.58 -71.32 0.24
C ALA J 232 12.47 -69.94 -0.41
N PHE J 233 12.18 -68.92 0.39
CA PHE J 233 12.07 -67.56 -0.11
C PHE J 233 13.41 -67.09 -0.68
N HIS J 234 14.47 -67.35 0.06
CA HIS J 234 15.82 -66.93 -0.36
C HIS J 234 16.22 -67.57 -1.68
N LEU J 235 15.92 -68.86 -1.83
CA LEU J 235 16.26 -69.59 -3.05
C LEU J 235 15.51 -69.03 -4.24
N ASN J 236 14.24 -68.72 -4.03
CA ASN J 236 13.42 -68.11 -5.08
C ASN J 236 14.00 -66.79 -5.54
N THR J 237 14.35 -65.95 -4.56
CA THR J 237 14.89 -64.61 -4.84
C THR J 237 16.18 -64.74 -5.65
N GLN J 238 17.06 -65.62 -5.18
CA GLN J 238 18.35 -65.84 -5.83
C GLN J 238 18.18 -66.31 -7.28
N LEU J 239 17.29 -67.29 -7.47
CA LEU J 239 17.04 -67.83 -8.80
C LEU J 239 16.48 -66.78 -9.76
N ASN J 240 15.56 -65.96 -9.26
CA ASN J 240 14.96 -64.89 -10.07
C ASN J 240 15.93 -63.77 -10.39
N ASN J 241 16.97 -63.61 -9.57
CA ASN J 241 18.02 -62.61 -9.81
C ASN J 241 19.16 -63.16 -10.66
N GLY J 242 19.00 -64.39 -11.14
CA GLY J 242 20.03 -65.03 -11.95
C GLY J 242 21.22 -65.50 -11.13
N GLU J 243 21.04 -65.55 -9.81
CA GLU J 243 22.09 -65.99 -8.89
C GLU J 243 21.96 -67.47 -8.59
N SER J 244 23.06 -68.07 -8.18
CA SER J 244 23.07 -69.46 -7.76
C SER J 244 22.24 -69.62 -6.48
N PRO J 245 21.40 -70.67 -6.41
CA PRO J 245 20.69 -70.92 -5.16
C PRO J 245 21.63 -71.47 -4.11
N LYS J 246 21.55 -70.91 -2.91
CA LYS J 246 22.58 -71.14 -1.90
C LYS J 246 22.09 -71.87 -0.65
N LEU J 247 22.88 -72.85 -0.23
CA LEU J 247 22.68 -73.52 1.05
C LEU J 247 23.97 -73.48 1.86
N PHE J 248 23.83 -73.49 3.18
CA PHE J 248 25.01 -73.55 4.06
C PHE J 248 25.74 -74.86 3.84
N GLU J 249 27.06 -74.78 3.91
CA GLU J 249 27.89 -75.97 3.94
C GLU J 249 27.45 -76.85 5.11
N GLY J 250 27.28 -78.14 4.84
CA GLY J 250 26.86 -79.09 5.87
C GLY J 250 25.35 -79.29 5.90
N SER J 251 24.65 -78.69 4.93
CA SER J 251 23.19 -78.78 4.86
C SER J 251 22.69 -80.19 4.55
N GLU J 252 23.58 -81.04 4.04
CA GLU J 252 23.27 -82.46 3.85
C GLU J 252 22.70 -83.02 5.14
N ASN J 253 23.44 -82.78 6.22
CA ASN J 253 23.13 -83.29 7.55
C ASN J 253 22.22 -82.38 8.37
N PHE J 254 21.71 -81.31 7.78
CA PHE J 254 20.78 -80.42 8.49
C PHE J 254 19.36 -80.70 8.04
N LYS J 255 18.46 -80.84 9.02
CA LYS J 255 17.06 -81.10 8.75
C LYS J 255 16.19 -80.29 9.67
N ARG J 256 15.04 -79.87 9.17
CA ARG J 256 14.06 -79.16 9.98
C ARG J 256 12.65 -79.67 9.69
N ASP J 257 11.77 -79.46 10.65
CA ASP J 257 10.35 -79.66 10.42
C ASP J 257 9.80 -78.41 9.75
N PHE J 258 9.81 -78.41 8.42
CA PHE J 258 9.28 -77.30 7.64
C PHE J 258 7.77 -77.41 7.58
N VAL J 259 7.08 -76.35 7.95
CA VAL J 259 5.61 -76.35 8.01
C VAL J 259 5.04 -75.14 7.27
N TYR J 260 4.05 -75.39 6.42
CA TYR J 260 3.45 -74.36 5.59
C TYR J 260 2.60 -73.42 6.43
N VAL J 261 2.74 -72.12 6.19
CA VAL J 261 2.06 -71.10 6.99
C VAL J 261 0.53 -71.22 6.95
N GLY J 262 0.00 -71.75 5.84
CA GLY J 262 -1.43 -71.96 5.72
C GLY J 262 -1.96 -72.89 6.78
N ASP J 263 -1.17 -73.92 7.10
CA ASP J 263 -1.55 -74.91 8.12
C ASP J 263 -1.43 -74.30 9.51
N VAL J 264 -0.43 -73.45 9.69
CA VAL J 264 -0.23 -72.73 10.95
C VAL J 264 -1.44 -71.86 11.27
N ALA J 265 -1.94 -71.15 10.26
CA ALA J 265 -3.12 -70.29 10.43
C ALA J 265 -4.35 -71.14 10.78
N ASP J 266 -4.48 -72.28 10.11
CA ASP J 266 -5.61 -73.18 10.34
C ASP J 266 -5.61 -73.71 11.76
N VAL J 267 -4.44 -74.08 12.27
CA VAL J 267 -4.32 -74.58 13.64
C VAL J 267 -4.76 -73.50 14.63
N ASN J 268 -4.28 -72.28 14.41
CA ASN J 268 -4.63 -71.15 15.25
C ASN J 268 -6.14 -70.96 15.38
N LEU J 269 -6.83 -70.95 14.24
CA LEU J 269 -8.28 -70.75 14.23
C LEU J 269 -9.03 -71.94 14.87
N TRP J 270 -8.53 -73.14 14.64
CA TRP J 270 -9.12 -74.33 15.23
C TRP J 270 -9.14 -74.23 16.76
N PHE J 271 -8.01 -73.80 17.32
CA PHE J 271 -7.89 -73.68 18.76
C PHE J 271 -8.78 -72.58 19.33
N LEU J 272 -8.93 -71.48 18.58
CA LEU J 272 -9.87 -70.44 19.00
C LEU J 272 -11.27 -71.01 19.04
N GLU J 273 -11.61 -71.81 18.02
CA GLU J 273 -12.95 -72.40 17.92
C GLU J 273 -13.22 -73.42 19.02
N ASN J 274 -12.19 -74.14 19.44
CA ASN J 274 -12.37 -75.30 20.32
C ASN J 274 -12.00 -75.05 21.80
N GLY J 275 -11.25 -73.98 22.06
CA GLY J 275 -11.08 -73.46 23.42
C GLY J 275 -10.08 -74.18 24.31
N VAL J 276 -9.32 -75.09 23.72
CA VAL J 276 -8.33 -75.88 24.46
C VAL J 276 -7.13 -75.03 24.87
N SER J 277 -6.65 -75.23 26.10
CA SER J 277 -5.46 -74.55 26.61
C SER J 277 -4.23 -75.45 26.60
N GLY J 278 -3.06 -74.83 26.59
CA GLY J 278 -1.79 -75.54 26.71
C GLY J 278 -0.70 -74.98 25.82
N ILE J 279 0.43 -75.69 25.77
CA ILE J 279 1.53 -75.36 24.87
C ILE J 279 1.73 -76.52 23.91
N PHE J 280 1.63 -76.22 22.61
CA PHE J 280 1.61 -77.27 21.59
C PHE J 280 2.62 -77.05 20.47
N ASN J 281 3.37 -78.10 20.17
CA ASN J 281 4.21 -78.13 18.99
C ASN J 281 3.35 -77.90 17.76
N LEU J 282 3.87 -77.10 16.82
CA LEU J 282 3.20 -76.89 15.54
C LEU J 282 4.19 -77.08 14.41
N GLY J 283 4.20 -78.30 13.89
CA GLY J 283 5.01 -78.69 12.75
C GLY J 283 4.31 -79.83 12.04
N THR J 284 4.95 -80.40 11.03
CA THR J 284 4.36 -81.52 10.28
C THR J 284 4.57 -82.84 11.01
N GLY J 285 5.54 -82.86 11.91
CA GLY J 285 5.97 -84.08 12.56
C GLY J 285 6.99 -84.85 11.74
N ARG J 286 7.32 -84.33 10.55
CA ARG J 286 8.31 -84.92 9.67
C ARG J 286 9.46 -83.95 9.48
N ALA J 287 10.67 -84.43 9.72
CA ALA J 287 11.88 -83.64 9.46
C ALA J 287 12.34 -83.88 8.04
N GLU J 288 12.67 -82.80 7.33
CA GLU J 288 13.19 -82.90 5.99
C GLU J 288 14.45 -82.04 5.85
N SER J 289 15.34 -82.46 4.96
CA SER J 289 16.58 -81.75 4.73
C SER J 289 16.33 -80.44 3.99
N PHE J 290 17.24 -79.49 4.16
CA PHE J 290 17.22 -78.26 3.38
C PHE J 290 17.33 -78.57 1.89
N GLN J 291 17.98 -79.69 1.57
CA GLN J 291 18.11 -80.14 0.19
C GLN J 291 16.74 -80.45 -0.41
N ALA J 292 15.84 -80.98 0.40
CA ALA J 292 14.48 -81.29 -0.03
C ALA J 292 13.72 -80.02 -0.41
N VAL J 293 13.93 -78.97 0.38
CA VAL J 293 13.35 -77.66 0.07
C VAL J 293 13.95 -77.14 -1.24
N ALA J 294 15.26 -77.29 -1.38
CA ALA J 294 15.96 -76.87 -2.60
C ALA J 294 15.44 -77.62 -3.81
N ASP J 295 15.28 -78.94 -3.67
CA ASP J 295 14.82 -79.78 -4.77
C ASP J 295 13.45 -79.38 -5.27
N ALA J 296 12.54 -79.11 -4.33
CA ALA J 296 11.19 -78.70 -4.68
C ALA J 296 11.19 -77.32 -5.35
N THR J 297 12.11 -76.46 -4.93
CA THR J 297 12.24 -75.11 -5.48
C THR J 297 12.84 -75.15 -6.89
N LEU J 298 13.94 -75.90 -7.06
CA LEU J 298 14.61 -76.00 -8.35
C LEU J 298 13.73 -76.73 -9.36
N ALA J 299 12.91 -77.65 -8.86
CA ALA J 299 11.99 -78.39 -9.73
C ALA J 299 10.95 -77.46 -10.32
N TYR J 300 10.47 -76.52 -9.52
CA TYR J 300 9.49 -75.55 -9.99
C TYR J 300 10.11 -74.60 -11.02
N HIS J 301 11.31 -74.10 -10.72
CA HIS J 301 11.98 -73.14 -11.60
C HIS J 301 12.58 -73.81 -12.84
N LYS J 302 12.67 -75.15 -12.81
CA LYS J 302 13.21 -75.94 -13.92
C LYS J 302 14.66 -75.56 -14.27
N LYS J 303 15.38 -75.02 -13.30
CA LYS J 303 16.80 -74.70 -13.47
C LYS J 303 17.46 -74.53 -12.14
N GLY J 304 18.77 -74.34 -12.18
CA GLY J 304 19.52 -74.00 -11.00
C GLY J 304 20.34 -75.16 -10.49
N GLN J 305 21.43 -74.80 -9.82
CA GLN J 305 22.32 -75.74 -9.22
C GLN J 305 22.78 -75.17 -7.89
N ILE J 306 22.56 -75.91 -6.81
CA ILE J 306 22.91 -75.45 -5.48
C ILE J 306 24.39 -75.13 -5.33
N GLU J 307 24.67 -73.95 -4.78
CA GLU J 307 26.02 -73.59 -4.34
C GLU J 307 26.07 -73.59 -2.82
N TYR J 308 27.07 -74.27 -2.27
CA TYR J 308 27.26 -74.33 -0.83
C TYR J 308 28.20 -73.21 -0.37
N ILE J 309 27.72 -72.42 0.59
CA ILE J 309 28.47 -71.28 1.10
C ILE J 309 28.95 -71.56 2.53
N PRO J 310 29.99 -70.83 2.97
CA PRO J 310 30.48 -71.03 4.34
C PRO J 310 29.38 -70.88 5.39
N PHE J 311 29.38 -71.78 6.36
CA PHE J 311 28.45 -71.70 7.47
C PHE J 311 28.69 -70.39 8.22
N PRO J 312 27.65 -69.55 8.33
CA PRO J 312 27.84 -68.23 8.94
C PRO J 312 28.42 -68.29 10.35
N ASP J 313 29.41 -67.45 10.58
CA ASP J 313 30.18 -67.46 11.81
C ASP J 313 29.33 -67.17 13.04
N LYS J 314 28.38 -66.26 12.91
CA LYS J 314 27.58 -65.82 14.05
C LYS J 314 26.49 -66.82 14.43
N LEU J 315 26.36 -67.89 13.63
CA LEU J 315 25.40 -68.96 13.92
C LEU J 315 26.07 -70.15 14.60
N LYS J 316 27.41 -70.18 14.60
CA LYS J 316 28.15 -71.29 15.20
C LYS J 316 27.92 -71.38 16.71
N GLY J 317 27.51 -72.56 17.15
CA GLY J 317 27.16 -72.80 18.54
C GLY J 317 25.76 -72.31 18.89
N ARG J 318 25.06 -71.74 17.91
CA ARG J 318 23.74 -71.15 18.11
C ARG J 318 22.70 -71.82 17.22
N TYR J 319 23.08 -72.93 16.57
CA TYR J 319 22.32 -73.48 15.45
C TYR J 319 21.69 -74.84 15.75
N GLN J 320 20.42 -74.98 15.42
CA GLN J 320 19.74 -76.26 15.49
C GLN J 320 19.97 -77.04 14.19
N ALA J 321 20.70 -78.15 14.30
CA ALA J 321 21.02 -79.00 13.15
C ALA J 321 19.86 -79.91 12.78
N PHE J 322 18.92 -80.08 13.71
CA PHE J 322 17.80 -80.99 13.52
C PHE J 322 16.59 -80.57 14.35
N THR J 323 15.43 -80.53 13.70
CA THR J 323 14.15 -80.41 14.41
C THR J 323 13.09 -81.32 13.80
N GLN J 324 12.24 -81.86 14.67
CA GLN J 324 11.11 -82.66 14.26
C GLN J 324 10.03 -82.59 15.34
N ALA J 325 8.88 -82.02 14.99
CA ALA J 325 7.79 -81.87 15.95
C ALA J 325 7.28 -83.23 16.39
N ASP J 326 7.14 -83.39 17.70
CA ASP J 326 6.38 -84.51 18.25
C ASP J 326 4.96 -84.01 18.45
N LEU J 327 4.04 -84.54 17.65
CA LEU J 327 2.69 -84.03 17.58
C LEU J 327 1.73 -84.75 18.52
N THR J 328 2.26 -85.54 19.44
CA THR J 328 1.44 -86.34 20.35
C THR J 328 0.41 -85.48 21.06
N ASN J 329 0.86 -84.39 21.68
CA ASN J 329 -0.03 -83.52 22.45
C ASN J 329 -1.00 -82.75 21.56
N LEU J 330 -0.54 -82.34 20.38
CA LEU J 330 -1.40 -81.64 19.42
C LEU J 330 -2.58 -82.52 19.01
N ARG J 331 -2.31 -83.77 18.67
CA ARG J 331 -3.36 -84.70 18.24
C ARG J 331 -4.28 -85.05 19.40
N ALA J 332 -3.70 -85.19 20.59
CA ALA J 332 -4.46 -85.54 21.79
C ALA J 332 -5.42 -84.42 22.18
N ALA J 333 -5.11 -83.19 21.77
CA ALA J 333 -5.97 -82.03 22.00
C ALA J 333 -7.20 -82.07 21.09
N GLY J 334 -7.11 -82.82 20.00
CA GLY J 334 -8.21 -82.98 19.06
C GLY J 334 -7.94 -82.46 17.65
N TYR J 335 -6.79 -81.83 17.44
CA TYR J 335 -6.44 -81.34 16.11
C TYR J 335 -5.96 -82.51 15.27
N ASP J 336 -6.79 -82.93 14.31
CA ASP J 336 -6.57 -84.18 13.58
C ASP J 336 -6.29 -84.00 12.10
N LYS J 337 -6.03 -82.77 11.67
CA LYS J 337 -5.89 -82.48 10.25
C LYS J 337 -4.45 -82.72 9.80
N PRO J 338 -4.29 -83.13 8.53
CA PRO J 338 -2.96 -83.38 8.00
C PRO J 338 -2.20 -82.10 7.70
N PHE J 339 -0.88 -82.23 7.60
CA PHE J 339 -0.01 -81.12 7.25
C PHE J 339 0.58 -81.31 5.88
N LYS J 340 0.68 -80.23 5.12
CA LYS J 340 1.31 -80.27 3.82
C LYS J 340 2.78 -80.64 3.95
N THR J 341 3.25 -81.49 3.04
CA THR J 341 4.66 -81.85 2.97
C THR J 341 5.44 -80.70 2.37
N VAL J 342 6.77 -80.79 2.44
CA VAL J 342 7.64 -79.80 1.83
C VAL J 342 7.39 -79.71 0.33
N ALA J 343 7.24 -80.85 -0.33
CA ALA J 343 7.01 -80.88 -1.77
C ALA J 343 5.73 -80.13 -2.12
N GLU J 344 4.67 -80.39 -1.37
CA GLU J 344 3.38 -79.73 -1.58
C GLU J 344 3.45 -78.24 -1.28
N GLY J 345 3.86 -77.92 -0.06
CA GLY J 345 3.87 -76.55 0.41
C GLY J 345 4.79 -75.65 -0.39
N VAL J 346 6.01 -76.11 -0.66
CA VAL J 346 6.98 -75.30 -1.38
C VAL J 346 6.52 -75.07 -2.82
N THR J 347 5.95 -76.09 -3.44
CA THR J 347 5.42 -75.98 -4.80
C THR J 347 4.30 -74.94 -4.84
N GLU J 348 3.38 -75.02 -3.87
CA GLU J 348 2.29 -74.05 -3.78
C GLU J 348 2.83 -72.65 -3.54
N TYR J 349 3.85 -72.55 -2.70
CA TYR J 349 4.48 -71.29 -2.36
C TYR J 349 5.15 -70.65 -3.57
N MET J 350 5.86 -71.45 -4.37
CA MET J 350 6.54 -70.95 -5.56
C MET J 350 5.55 -70.40 -6.56
N ALA J 351 4.39 -71.05 -6.68
CA ALA J 351 3.34 -70.62 -7.59
C ALA J 351 2.81 -69.25 -7.15
N TRP J 352 2.68 -69.06 -5.84
CA TRP J 352 2.24 -67.78 -5.31
C TRP J 352 3.29 -66.69 -5.54
N LEU J 353 4.55 -67.03 -5.27
CA LEU J 353 5.66 -66.08 -5.40
C LEU J 353 5.82 -65.61 -6.84
N ASN J 354 5.46 -66.48 -7.78
CA ASN J 354 5.68 -66.23 -9.19
C ASN J 354 4.35 -66.16 -9.93
PA NAP K . -11.89 41.77 2.98
O1A NAP K . -12.82 42.61 3.75
O2A NAP K . -12.58 40.97 1.95
O5B NAP K . -10.73 42.68 2.35
C5B NAP K . -10.14 42.30 1.12
C4B NAP K . -10.46 43.32 0.03
O4B NAP K . -9.52 43.22 -1.02
C3B NAP K . -11.84 43.14 -0.59
O3B NAP K . -12.44 44.41 -0.69
C2B NAP K . -11.50 42.46 -1.92
O2B NAP K . -12.47 42.55 -2.96
C1B NAP K . -10.19 43.14 -2.28
N9A NAP K . -9.25 42.38 -3.10
C8A NAP K . -9.31 41.08 -3.50
N7A NAP K . -8.18 40.80 -4.19
C5A NAP K . -7.40 41.90 -4.22
C6A NAP K . -6.15 42.15 -4.77
N6A NAP K . -5.48 41.21 -5.44
N1A NAP K . -5.60 43.40 -4.62
C2A NAP K . -6.28 44.38 -3.95
N3A NAP K . -7.51 44.13 -3.40
C4A NAP K . -8.06 42.90 -3.53
O3 NAP K . -11.12 40.78 3.97
PN NAP K . -10.26 41.11 5.29
O1N NAP K . -10.92 40.48 6.45
O2N NAP K . -9.93 42.55 5.27
O5D NAP K . -8.89 40.32 5.02
C5D NAP K . -7.81 41.07 4.49
C4D NAP K . -6.64 40.13 4.36
O4D NAP K . -6.46 39.43 5.58
C3D NAP K . -6.93 39.07 3.32
O3D NAP K . -5.76 38.59 2.69
C2D NAP K . -7.51 37.94 4.13
O2D NAP K . -7.31 36.71 3.48
C1D NAP K . -6.64 38.04 5.37
N1N NAP K . -7.19 37.44 6.59
C2N NAP K . -8.30 37.94 7.23
C3N NAP K . -8.75 37.35 8.39
C7N NAP K . -9.98 37.85 9.10
O7N NAP K . -10.46 37.09 10.20
N7N NAP K . -10.58 38.97 8.68
C4N NAP K . -8.07 36.25 8.91
C5N NAP K . -6.94 35.75 8.28
C6N NAP K . -6.51 36.36 7.10
P2B NAP K . -12.91 41.21 -3.82
O1X NAP K . -14.42 41.33 -3.98
O2X NAP K . -12.23 41.14 -5.18
O3X NAP K . -12.62 39.94 -3.10
C1 GOL L . 0.01 35.07 2.11
O1 GOL L . 0.05 33.79 2.71
C2 GOL L . -0.92 35.32 0.92
O2 GOL L . -0.43 36.42 0.23
C3 GOL L . -1.01 34.19 -0.09
O3 GOL L . -1.57 34.55 -1.35
PB ADP M . -13.38 31.73 9.51
O1B ADP M . -14.15 31.56 10.83
O2B ADP M . -11.93 31.24 9.69
O3B ADP M . -13.39 33.29 9.07
PA ADP M . -14.72 29.52 8.41
O1A ADP M . -14.24 28.74 9.56
O2A ADP M . -14.33 28.80 7.03
O3A ADP M . -14.07 31.00 8.27
O5' ADP M . -16.33 29.66 8.49
C5' ADP M . -16.83 30.62 7.56
C4' ADP M . -17.89 31.49 8.24
O4' ADP M . -18.84 30.66 8.93
C3' ADP M . -17.27 32.43 9.29
O3' ADP M . -16.89 33.71 8.78
C2' ADP M . -18.41 32.59 10.32
O2' ADP M . -19.24 33.72 10.01
C1' ADP M . -19.21 31.28 10.18
N9 ADP M . -18.92 30.43 11.34
C8 ADP M . -17.77 29.74 11.61
N7 ADP M . -17.88 29.09 12.73
C5 ADP M . -19.11 29.33 13.26
C6 ADP M . -19.80 28.92 14.42
N6 ADP M . -19.19 28.08 15.33
N1 ADP M . -21.04 29.36 14.61
C2 ADP M . -21.63 30.17 13.75
N3 ADP M . -21.03 30.58 12.66
C4 ADP M . -19.79 30.19 12.37
C1 BMA N . -12.72 33.51 7.83
C2 BMA N . -13.24 34.81 7.21
C3 BMA N . -12.47 35.12 5.94
C4 BMA N . -10.98 35.23 6.20
C5 BMA N . -10.56 33.92 6.85
C6 BMA N . -9.10 34.02 7.23
O2 BMA N . -13.07 35.86 8.13
O3 BMA N . -12.91 36.36 5.45
O4 BMA N . -10.24 35.45 5.00
O5 BMA N . -11.31 33.65 8.05
O6 BMA N . -8.53 32.74 7.26
PA NAP O . -6.37 14.15 -13.99
O1A NAP O . -6.51 13.84 -12.56
O2A NAP O . -7.58 14.79 -14.58
O5B NAP O . -5.07 15.07 -14.20
C5B NAP O . -5.01 16.00 -15.25
C4B NAP O . -4.91 17.42 -14.71
O4B NAP O . -4.37 18.30 -15.69
C3B NAP O . -6.26 18.00 -14.33
O3B NAP O . -6.07 18.61 -13.08
C2B NAP O . -6.59 18.92 -15.51
O2B NAP O . -7.56 19.94 -15.32
C1B NAP O . -5.20 19.43 -15.88
N9A NAP O . -4.99 19.82 -17.28
C8A NAP O . -5.81 19.66 -18.37
N7A NAP O . -5.16 20.11 -19.46
C5A NAP O . -3.93 20.54 -19.11
C6A NAP O . -2.86 21.08 -19.82
N6A NAP O . -2.93 21.29 -21.14
N1A NAP O . -1.71 21.44 -19.14
C2A NAP O . -1.62 21.24 -17.78
N3A NAP O . -2.67 20.70 -17.07
C4A NAP O . -3.81 20.35 -17.72
O3 NAP O . -6.04 12.84 -14.84
PN NAP O . -4.97 11.69 -14.49
O1N NAP O . -5.72 10.47 -14.15
O2N NAP O . -3.93 12.26 -13.61
O5D NAP O . -4.27 11.52 -15.92
C5D NAP O . -3.11 12.26 -16.20
C4D NAP O . -2.67 11.94 -17.61
O4D NAP O . -2.65 10.54 -17.79
C3D NAP O . -3.68 12.48 -18.61
O3D NAP O . -3.05 12.78 -19.84
C2D NAP O . -4.61 11.31 -18.80
O2D NAP O . -5.26 11.43 -20.03
C1D NAP O . -3.61 10.17 -18.76
N1N NAP O . -4.16 8.84 -18.44
C2N NAP O . -4.68 8.55 -17.20
C3N NAP O . -5.15 7.25 -16.95
C7N NAP O . -5.79 6.87 -15.64
O7N NAP O . -6.46 5.62 -15.56
N7N NAP O . -5.72 7.69 -14.59
C4N NAP O . -5.08 6.29 -17.95
C5N NAP O . -4.54 6.61 -19.20
C6N NAP O . -4.08 7.90 -19.42
P2B NAP O . -8.76 20.22 -16.42
O1X NAP O . -9.99 20.56 -15.59
O2X NAP O . -8.50 21.37 -17.37
O3X NAP O . -9.09 19.03 -17.27
C1 GOL P . 0.24 13.95 -25.13
O1 GOL P . 0.35 14.32 -23.77
C2 GOL P . -0.84 12.91 -25.48
O2 GOL P . -1.84 13.61 -26.21
C3 GOL P . -0.26 11.76 -26.30
O3 GOL P . -0.85 10.48 -26.17
PB ADP Q . -11.58 4.19 -18.05
O1B ADP Q . -12.06 2.99 -17.22
O2B ADP Q . -10.69 3.78 -19.25
O3B ADP Q . -10.83 5.25 -17.09
PA ADP Q . -14.03 4.40 -19.25
O1A ADP Q . -13.69 3.06 -19.74
O2A ADP Q . -14.44 5.33 -20.48
O3A ADP Q . -12.80 5.13 -18.50
O5' ADP Q . -15.27 4.31 -18.23
C5' ADP Q . -15.47 5.60 -17.61
C4' ADP Q . -15.71 5.45 -16.10
O4' ADP Q . -16.78 4.52 -15.83
C3' ADP Q . -14.45 4.93 -15.39
O3' ADP Q . -13.65 6.00 -14.86
C2' ADP Q . -15.02 4.06 -14.24
O2' ADP Q . -15.10 4.77 -13.01
C1' ADP Q . -16.44 3.66 -14.72
N9 ADP Q . -16.46 2.25 -15.12
C8 ADP Q . -15.84 1.69 -16.19
N7 ADP Q . -16.07 0.41 -16.22
C5 ADP Q . -16.86 0.07 -15.18
C6 ADP Q . -17.43 -1.12 -14.72
N6 ADP Q . -17.20 -2.30 -15.40
N1 ADP Q . -18.18 -1.08 -13.62
C2 ADP Q . -18.40 0.05 -12.96
N3 ADP Q . -17.89 1.20 -13.37
C4 ADP Q . -17.12 1.25 -14.45
C1 BMA R . -10.43 6.44 -17.77
C2 BMA R . -10.29 7.57 -16.74
C3 BMA R . -9.82 8.84 -17.43
C4 BMA R . -8.49 8.57 -18.12
C5 BMA R . -8.69 7.42 -19.10
C6 BMA R . -7.40 7.13 -19.83
O2 BMA R . -9.36 7.20 -15.74
O3 BMA R . -9.62 9.84 -16.47
O4 BMA R . -8.06 9.74 -18.78
O5 BMA R . -9.15 6.23 -18.42
O6 BMA R . -7.59 6.07 -20.74
PA NAP S . -19.31 18.26 -43.78
O1A NAP S . -19.40 16.85 -43.37
O2A NAP S . -20.09 19.18 -42.92
O5B NAP S . -17.76 18.66 -43.90
C5B NAP S . -17.39 20.01 -43.66
C4B NAP S . -16.46 20.09 -42.47
O4B NAP S . -15.68 21.29 -42.52
C3B NAP S . -17.20 20.12 -41.13
O3B NAP S . -16.50 19.28 -40.24
C2B NAP S . -17.17 21.61 -40.75
O2B NAP S . -17.41 21.94 -39.40
C1B NAP S . -15.80 22.01 -41.29
N9A NAP S . -15.61 23.41 -41.66
C8A NAP S . -16.53 24.42 -41.72
N7A NAP S . -15.92 25.53 -42.18
C5A NAP S . -14.63 25.25 -42.43
C6A NAP S . -13.56 26.01 -42.92
N6A NAP S . -13.71 27.29 -43.23
N1A NAP S . -12.33 25.42 -43.05
C2A NAP S . -12.15 24.09 -42.72
N3A NAP S . -13.20 23.32 -42.26
C4A NAP S . -14.43 23.90 -42.11
O3 NAP S . -19.86 18.45 -45.26
PN NAP S . -19.54 17.57 -46.55
O1N NAP S . -20.77 16.87 -46.99
O2N NAP S . -18.28 16.84 -46.31
O5D NAP S . -19.27 18.75 -47.59
C5D NAP S . -17.95 19.15 -47.86
C4D NAP S . -18.00 20.27 -48.88
O4D NAP S . -18.76 19.87 -50.01
C3D NAP S . -18.71 21.48 -48.30
O3D NAP S . -18.28 22.69 -48.86
C2D NAP S . -20.15 21.23 -48.72
O2D NAP S . -20.90 22.43 -48.70
C1D NAP S . -19.91 20.68 -50.12
N1N NAP S . -21.02 19.89 -50.67
C2N NAP S . -21.39 18.69 -50.13
C3N NAP S . -22.44 17.97 -50.72
C7N NAP S . -22.93 16.66 -50.15
O7N NAP S . -24.05 16.04 -50.74
N7N NAP S . -22.33 16.11 -49.10
C4N NAP S . -23.06 18.48 -51.85
C5N NAP S . -22.67 19.71 -52.39
C6N NAP S . -21.63 20.40 -51.77
P2B NAP S . -18.42 23.16 -38.96
O1X NAP S . -19.18 22.70 -37.73
O2X NAP S . -17.68 24.45 -38.61
O3X NAP S . -19.42 23.52 -40.02
C1 GOL T . -17.46 27.33 -53.82
O1 GOL T . -18.53 27.73 -54.65
C2 GOL T . -17.47 27.69 -52.33
O2 GOL T . -16.15 27.79 -51.89
C3 GOL T . -18.14 29.01 -51.98
O3 GOL T . -17.85 29.50 -50.68
PB ADP U . -29.68 18.57 -49.79
O1B ADP U . -30.60 17.38 -50.14
O2B ADP U . -29.35 19.38 -51.06
O3B ADP U . -28.36 18.01 -49.05
PA ADP U . -31.81 19.91 -48.68
O1A ADP U . -32.38 19.87 -50.05
O2A ADP U . -31.93 21.40 -48.10
O3A ADP U . -30.24 19.54 -48.64
O5' ADP U . -32.64 18.92 -47.72
C5' ADP U . -32.03 18.91 -46.42
C4' ADP U . -32.10 17.52 -45.78
O4' ADP U . -33.46 17.07 -45.79
C3' ADP U . -31.26 16.51 -46.58
O3' ADP U . -29.94 16.33 -46.05
C2' ADP U . -32.09 15.20 -46.48
O2' ADP U . -31.66 14.35 -45.41
C1' ADP U . -33.53 15.68 -46.18
N9 ADP U . -34.40 15.52 -47.34
C8 ADP U . -34.38 16.27 -48.48
N7 ADP U . -35.30 15.84 -49.28
C5 ADP U . -35.97 14.83 -48.71
C6 ADP U . -37.05 14.01 -49.10
N6 ADP U . -37.64 14.19 -50.34
N1 ADP U . -37.48 13.06 -48.26
C2 ADP U . -36.90 12.90 -47.07
N3 ADP U . -35.89 13.64 -46.67
C4 ADP U . -35.40 14.60 -47.46
C1 BMA V . -27.48 19.05 -48.62
C2 BMA V . -26.61 18.51 -47.48
C3 BMA V . -25.58 19.58 -47.09
C4 BMA V . -24.72 19.97 -48.29
C5 BMA V . -25.67 20.45 -49.39
C6 BMA V . -24.87 20.78 -50.62
O2 BMA V . -25.95 17.35 -47.89
O3 BMA V . -24.74 19.10 -46.07
O4 BMA V . -23.82 21.01 -47.96
O5 BMA V . -26.63 19.43 -49.72
O6 BMA V . -25.72 21.30 -51.62
PA NAP W . -32.20 48.51 -45.50
O1A NAP W . -33.02 47.59 -46.32
O2A NAP W . -32.25 48.15 -44.06
O5B NAP W . -30.70 48.59 -46.06
C5B NAP W . -29.65 48.90 -45.17
C4B NAP W . -28.66 47.73 -45.13
O4B NAP W . -27.40 48.17 -44.66
C3B NAP W . -29.10 46.63 -44.19
O3B NAP W . -28.85 45.39 -44.81
C2B NAP W . -28.26 46.87 -42.95
O2B NAP W . -28.11 45.77 -42.07
C1B NAP W . -26.96 47.35 -43.58
N9A NAP W . -26.12 48.23 -42.77
C8A NAP W . -26.38 48.79 -41.56
N7A NAP W . -25.33 49.58 -41.23
C5A NAP W . -24.42 49.53 -42.21
C6A NAP W . -23.17 50.13 -42.37
N6A NAP W . -22.69 50.94 -41.44
N1A NAP W . -22.44 49.87 -43.52
C2A NAP W . -22.95 49.03 -44.49
N3A NAP W . -24.19 48.45 -44.32
C4A NAP W . -24.90 48.69 -43.19
O3 NAP W . -32.74 50.01 -45.66
PN NAP W . -33.13 50.86 -46.97
O1N NAP W . -34.59 51.08 -46.98
O2N NAP W . -32.43 50.25 -48.12
O5D NAP W . -32.46 52.27 -46.66
C5D NAP W . -31.13 52.48 -47.09
C4D NAP W . -30.67 53.85 -46.65
O4D NAP W . -31.64 54.80 -47.00
C3D NAP W . -30.55 53.91 -45.14
O3D NAP W . -29.60 54.90 -44.74
C2D NAP W . -31.93 54.35 -44.72
O2D NAP W . -31.94 54.93 -43.45
C1D NAP W . -32.21 55.35 -45.83
N1N NAP W . -33.63 55.68 -46.03
C2N NAP W . -34.53 54.75 -46.50
C3N NAP W . -35.87 55.12 -46.69
C7N NAP W . -36.90 54.14 -47.20
O7N NAP W . -38.25 54.55 -47.21
N7N NAP W . -36.53 52.93 -47.63
C4N NAP W . -36.25 56.43 -46.41
C5N NAP W . -35.33 57.34 -45.94
C6N NAP W . -34.01 56.95 -45.75
P2B NAP W . -28.22 45.94 -40.44
O1X NAP W . -28.98 44.74 -39.92
O2X NAP W . -26.86 45.99 -39.79
O3X NAP W . -28.91 47.20 -40.00
C1 GOL X . -27.12 61.13 -43.55
O1 GOL X . -27.95 62.11 -42.97
C2 GOL X . -26.76 59.87 -42.76
O2 GOL X . -25.59 59.34 -43.29
C3 GOL X . -26.54 60.05 -41.27
O3 GOL X . -25.84 58.98 -40.64
PB ADP Y . -41.53 55.35 -42.15
O1B ADP Y . -42.99 55.20 -42.63
O2B ADP Y . -41.02 56.80 -42.33
O3B ADP Y . -40.61 54.35 -43.03
PA ADP Y . -42.44 55.25 -39.54
O1A ADP Y . -43.14 56.50 -39.90
O2A ADP Y . -41.67 55.45 -38.13
O3A ADP Y . -41.32 54.85 -40.63
O5' ADP Y . -43.52 54.07 -39.36
C5' ADP Y . -42.84 52.84 -39.10
C4' ADP Y . -43.55 51.69 -39.82
O4' ADP Y . -44.94 51.64 -39.41
C3' ADP Y . -43.53 51.89 -41.35
O3' ADP Y . -42.41 51.24 -41.96
C2' ADP Y . -44.88 51.28 -41.82
O2' ADP Y . -44.79 49.91 -42.22
C1' ADP Y . -45.78 51.39 -40.56
N9 ADP Y . -46.73 52.47 -40.76
C8 ADP Y . -46.47 53.82 -40.69
N7 ADP Y . -47.55 54.49 -40.94
C5 ADP Y . -48.57 53.64 -41.17
C6 ADP Y . -49.93 53.79 -41.48
N6 ADP Y . -50.49 55.06 -41.60
N1 ADP Y . -50.67 52.69 -41.65
C2 ADP Y . -50.14 51.48 -41.54
N3 ADP Y . -48.86 51.29 -41.26
C4 ADP Y . -48.06 52.33 -41.07
C1 BMA Z . -39.30 54.24 -42.51
C2 BMA Z . -38.74 52.87 -42.88
C3 BMA Z . -37.26 52.81 -42.53
C4 BMA Z . -36.49 53.95 -43.15
C5 BMA Z . -37.13 55.26 -42.73
C6 BMA Z . -36.40 56.42 -43.37
O2 BMA Z . -38.89 52.65 -44.27
O3 BMA Z . -36.69 51.60 -42.98
O4 BMA Z . -35.13 53.92 -42.76
O5 BMA Z . -38.53 55.30 -43.10
O6 BMA Z . -36.77 57.64 -42.76
PA NAP AA . -27.54 63.15 -16.44
O1A NAP AA . -28.77 63.74 -17.03
O2A NAP AA . -27.65 61.68 -16.25
O5B NAP AA . -26.27 63.57 -17.34
C5B NAP AA . -25.13 62.74 -17.36
C4B NAP AA . -24.92 62.18 -18.77
O4B NAP AA . -23.57 61.81 -18.97
C3B NAP AA . -25.74 60.93 -19.02
O3B NAP AA . -26.29 61.01 -20.32
C2B NAP AA . -24.74 59.79 -18.85
O2B NAP AA . -25.08 58.55 -19.42
C1B NAP AA . -23.47 60.45 -19.41
N9A NAP AA . -22.18 59.98 -18.88
C8A NAP AA . -21.94 59.11 -17.84
N7A NAP AA . -20.60 59.01 -17.67
C5A NAP AA . -19.98 59.81 -18.55
C6A NAP AA . -18.64 60.09 -18.80
N6A NAP AA . -17.67 59.52 -18.10
N1A NAP AA . -18.32 60.97 -19.82
C2A NAP AA . -19.31 61.56 -20.54
N3A NAP AA . -20.64 61.29 -20.30
C4A NAP AA . -20.97 60.43 -19.31
O3 NAP AA . -27.18 63.88 -15.06
PN NAP AA . -27.31 65.43 -14.71
O1N NAP AA . -28.45 65.61 -13.77
O2N NAP AA . -27.24 66.21 -15.96
O5D NAP AA . -25.97 65.70 -13.90
C5D NAP AA . -24.79 66.03 -14.61
C4D NAP AA . -23.64 66.12 -13.61
O4D NAP AA . -24.04 66.86 -12.48
C3D NAP AA . -23.30 64.74 -13.08
O3D NAP AA . -21.93 64.68 -12.71
C2D NAP AA . -24.16 64.63 -11.84
O2D NAP AA . -23.58 63.71 -10.95
C1D NAP AA . -24.04 66.05 -11.34
N1N NAP AA . -25.12 66.48 -10.41
C2N NAP AA . -26.41 66.67 -10.83
C3N NAP AA . -27.36 67.12 -9.91
C7N NAP AA . -28.79 67.31 -10.34
O7N NAP AA . -29.75 67.67 -9.38
N7N NAP AA . -29.11 67.15 -11.63
C4N NAP AA . -26.99 67.38 -8.59
C5N NAP AA . -25.67 67.18 -8.20
C6N NAP AA . -24.75 66.74 -9.13
P2B NAP AA . -24.84 57.12 -18.63
O1X NAP AA . -26.01 56.21 -18.98
O2X NAP AA . -23.53 56.46 -18.99
O3X NAP AA . -24.80 57.26 -17.12
C1 GOL BA . -16.26 63.14 -9.28
O1 GOL BA . -16.06 62.02 -10.12
C2 GOL BA . -16.76 64.45 -9.90
O2 GOL BA . -16.71 65.43 -8.87
C3 GOL BA . -15.92 64.86 -11.09
O3 GOL BA . -16.63 65.04 -12.31
PB ADP CA . -31.53 63.47 -5.14
O1B ADP CA . -32.93 63.98 -4.77
O2B ADP CA . -30.43 64.12 -4.30
O3B ADP CA . -31.31 63.72 -6.73
PA ADP CA . -31.98 61.10 -3.86
O1A ADP CA . -32.01 61.95 -2.65
O2A ADP CA . -31.02 59.82 -3.62
O3A ADP CA . -31.40 61.86 -5.15
O5' ADP CA . -33.48 60.59 -4.17
C5' ADP CA . -33.53 59.83 -5.39
C4' ADP CA . -34.84 60.11 -6.15
O4' ADP CA . -35.99 59.87 -5.31
C3' ADP CA . -34.89 61.58 -6.61
O3' ADP CA . -34.37 61.73 -7.92
C2' ADP CA . -36.42 61.90 -6.56
O2' ADP CA . -37.07 61.67 -7.80
C1' ADP CA . -36.97 60.92 -5.50
N9 ADP CA . -37.22 61.59 -4.21
C8 ADP CA . -36.30 61.98 -3.30
N7 ADP CA . -36.89 62.52 -2.28
C5 ADP CA . -38.23 62.50 -2.46
C6 ADP CA . -39.33 62.91 -1.70
N6 ADP CA . -39.16 63.51 -0.46
N1 ADP CA . -40.55 62.72 -2.21
C2 ADP CA . -40.72 62.15 -3.40
N3 ADP CA . -39.71 61.75 -4.13
C4 ADP CA . -38.46 61.89 -3.71
C1 BMA DA . -30.17 63.10 -7.26
C2 BMA DA . -30.44 62.88 -8.75
C3 BMA DA . -29.15 62.42 -9.44
C4 BMA DA . -28.00 63.38 -9.16
C5 BMA DA . -27.84 63.55 -7.66
C6 BMA DA . -26.75 64.56 -7.36
O2 BMA DA . -30.87 64.10 -9.34
O3 BMA DA . -29.32 62.36 -10.84
O4 BMA DA . -26.80 62.85 -9.72
O5 BMA DA . -29.07 63.99 -7.04
O6 BMA DA . -26.30 64.37 -6.04
PA NAP EA . 29.02 -60.03 36.93
O1A NAP EA . 29.18 -61.31 36.23
O2A NAP EA . 29.30 -58.87 36.07
O5B NAP EA . 27.55 -59.99 37.60
C5B NAP EA . 26.89 -58.76 37.77
C4B NAP EA . 25.64 -58.69 36.90
O4B NAP EA . 24.73 -57.74 37.42
C3B NAP EA . 25.92 -58.24 35.48
O3B NAP EA . 25.11 -59.03 34.63
C2B NAP EA . 25.54 -56.76 35.47
O2B NAP EA . 25.27 -56.15 34.21
C1B NAP EA . 24.35 -56.79 36.43
N9A NAP EA . 24.06 -55.56 37.19
C8A NAP EA . 24.77 -54.41 37.26
N7A NAP EA . 24.15 -53.57 38.12
C5A NAP EA . 23.04 -54.18 38.59
C6A NAP EA . 22.06 -53.78 39.49
N6A NAP EA . 22.11 -52.57 40.06
N1A NAP EA . 21.02 -54.64 39.80
C2A NAP EA . 20.98 -55.89 39.21
N3A NAP EA . 21.96 -56.28 38.32
C4A NAP EA . 22.98 -55.43 38.02
O3 NAP EA . 30.01 -59.97 38.19
PN NAP EA . 30.25 -61.08 39.32
O1N NAP EA . 31.62 -61.59 39.18
O2N NAP EA . 29.07 -61.99 39.32
O5D NAP EA . 30.14 -60.21 40.64
C5D NAP EA . 28.89 -60.16 41.29
C4D NAP EA . 29.02 -59.30 42.52
O4D NAP EA . 30.16 -59.71 43.29
C3D NAP EA . 29.30 -57.88 42.10
O3D NAP EA . 28.79 -57.00 43.08
C2D NAP EA . 30.81 -57.84 42.04
O2D NAP EA . 31.27 -56.52 42.11
C1D NAP EA . 31.13 -58.67 43.26
N1N NAP EA . 32.48 -59.27 43.29
C2N NAP EA . 32.88 -60.25 42.38
C3N NAP EA . 34.17 -60.79 42.49
C7N NAP EA . 34.69 -61.81 41.50
O7N NAP EA . 36.03 -62.23 41.65
N7N NAP EA . 33.94 -62.30 40.52
C4N NAP EA . 35.01 -60.35 43.50
C5N NAP EA . 34.58 -59.37 44.40
C6N NAP EA . 33.31 -58.85 44.28
P2B NAP EA . 25.89 -54.68 33.83
O1X NAP EA . 26.33 -54.76 32.38
O2X NAP EA . 24.90 -53.54 33.98
O3X NAP EA . 27.09 -54.30 34.66
C1 GOL FA . 29.00 -53.49 48.96
O1 GOL FA . 30.23 -53.00 49.44
C2 GOL FA . 28.44 -52.95 47.64
O2 GOL FA . 27.05 -53.16 47.62
C3 GOL FA . 28.68 -51.45 47.42
O3 GOL FA . 27.76 -50.80 46.55
PB ADP GA . 40.62 -58.53 39.70
O1B ADP GA . 41.78 -59.46 39.29
O2B ADP GA . 40.64 -58.30 41.22
O3B ADP GA . 39.23 -59.23 39.27
PA ADP GA . 42.20 -56.56 38.67
O1A ADP GA . 43.09 -56.83 39.82
O2A ADP GA . 42.06 -54.98 38.44
O3A ADP GA . 40.70 -57.11 38.92
O5' ADP GA . 42.79 -57.23 37.34
C5' ADP GA . 41.90 -56.95 36.24
C4' ADP GA . 41.86 -58.10 35.20
O4' ADP GA . 43.16 -58.28 34.60
C3' ADP GA . 41.44 -59.43 35.84
O3' ADP GA . 40.04 -59.67 35.71
C2' ADP GA . 42.28 -60.48 35.09
O2' ADP GA . 41.58 -61.02 33.97
C1' ADP GA . 43.50 -59.68 34.56
N9 ADP GA . 44.68 -59.95 35.40
C8 ADP GA . 44.90 -59.45 36.65
N7 ADP GA . 46.05 -59.89 37.09
C5 ADP GA . 46.62 -60.68 36.15
C6 ADP GA . 47.83 -61.38 36.08
N6 ADP GA . 48.70 -61.35 37.16
N1 ADP GA . 48.09 -62.07 34.97
C2 ADP GA . 47.24 -62.09 33.95
N3 ADP GA . 46.10 -61.44 33.98
C4 ADP GA . 45.75 -60.73 35.04
C1 BMA HA . 38.11 -58.35 39.43
C2 BMA HA . 37.01 -58.80 38.47
C3 BMA HA . 35.75 -57.98 38.69
C4 BMA HA . 35.31 -58.02 40.14
C5 BMA HA . 36.47 -57.58 41.02
C6 BMA HA . 36.04 -57.70 42.47
O2 BMA HA . 36.73 -60.17 38.71
O3 BMA HA . 34.72 -58.54 37.91
O4 BMA HA . 34.20 -57.16 40.31
O5 BMA HA . 37.66 -58.40 40.80
O6 BMA HA . 37.12 -57.64 43.38
PA NAP IA . 36.75 -28.41 42.04
O1A NAP IA . 37.87 -29.31 42.42
O2A NAP IA . 36.42 -28.51 40.61
O5B NAP IA . 35.50 -28.74 43.01
C5B NAP IA . 34.17 -28.57 42.57
C4B NAP IA . 33.45 -29.92 42.53
O4B NAP IA . 32.03 -29.75 42.59
C3B NAP IA . 33.73 -30.71 41.26
O3B NAP IA . 33.91 -32.06 41.62
C2B NAP IA . 32.49 -30.45 40.42
O2B NAP IA . 32.25 -31.36 39.35
C1B NAP IA . 31.41 -30.42 41.50
N9A NAP IA . 30.21 -29.62 41.22
C8A NAP IA . 29.97 -28.79 40.16
N7A NAP IA . 28.77 -28.20 40.35
C5A NAP IA . 28.24 -28.63 41.52
C6A NAP IA . 27.06 -28.37 42.19
N6A NAP IA . 26.16 -27.52 41.69
N1A NAP IA . 26.80 -28.98 43.39
C2A NAP IA . 27.72 -29.87 43.91
N3A NAP IA . 28.89 -30.12 43.25
C4A NAP IA . 29.16 -29.52 42.07
O3 NAP IA . 37.10 -26.90 42.39
PN NAP IA . 37.73 -26.29 43.73
O1N NAP IA . 39.06 -25.72 43.38
O2N NAP IA . 37.55 -27.25 44.84
O5D NAP IA . 36.77 -25.05 44.00
C5D NAP IA . 35.65 -25.26 44.84
C4D NAP IA . 34.89 -23.96 44.92
O4D NAP IA . 35.80 -22.90 45.18
C3D NAP IA . 34.26 -23.64 43.59
O3D NAP IA . 33.12 -22.82 43.75
C2D NAP IA . 35.33 -22.84 42.90
O2D NAP IA . 34.80 -22.06 41.87
C1D NAP IA . 35.82 -22.02 44.07
N1N NAP IA . 37.16 -21.42 43.95
C2N NAP IA . 38.29 -22.18 43.89
C3N NAP IA . 39.53 -21.56 43.81
C7N NAP IA . 40.80 -22.38 43.75
O7N NAP IA . 42.04 -21.73 43.56
N7N NAP IA . 40.72 -23.69 43.87
C4N NAP IA . 39.61 -20.16 43.79
C5N NAP IA . 38.44 -19.40 43.85
C6N NAP IA . 37.22 -20.05 43.93
P2B NAP IA . 31.75 -30.85 37.87
O1X NAP IA . 32.50 -31.72 36.87
O2X NAP IA . 30.27 -31.04 37.65
O3X NAP IA . 32.06 -29.42 37.55
C1 GOL JA . 27.49 -18.62 42.69
O1 GOL JA . 27.75 -19.05 41.39
C2 GOL JA . 28.60 -18.80 43.76
O2 GOL JA . 29.17 -17.55 44.08
C3 GOL JA . 28.03 -19.42 45.02
O3 GOL JA . 28.48 -20.74 45.29
CL CL KA . 47.95 -37.05 54.79
CL CL LA . 46.67 -8.88 57.58
PB ADP MA . 43.23 -19.14 38.05
O1B ADP MA . 44.77 -19.01 38.08
O2B ADP MA . 42.59 -17.88 38.63
O3B ADP MA . 42.78 -20.47 38.83
PA ADP MA . 43.22 -18.66 35.33
O1A ADP MA . 43.79 -17.35 35.72
O2A ADP MA . 41.99 -18.50 34.32
O3A ADP MA . 42.66 -19.50 36.59
O5' ADP MA . 44.36 -19.52 34.58
C5' ADP MA . 43.87 -20.82 34.25
C4' ADP MA . 44.96 -21.88 34.50
O4' ADP MA . 46.14 -21.53 33.77
C3' ADP MA . 45.33 -21.93 35.99
O3' ADP MA . 44.56 -22.90 36.70
C2' ADP MA . 46.84 -22.28 35.95
O2' ADP MA . 47.08 -23.70 35.95
C1' ADP MA . 47.32 -21.74 34.59
N9 ADP MA . 48.08 -20.50 34.70
C8 ADP MA . 47.61 -19.26 35.01
N7 ADP MA . 48.58 -18.41 35.00
C5 ADP MA . 49.73 -19.03 34.68
C6 ADP MA . 51.06 -18.64 34.50
N6 ADP MA . 51.43 -17.32 34.68
N1 ADP MA . 51.96 -19.57 34.16
C2 ADP MA . 51.62 -20.83 33.99
N3 ADP MA . 50.38 -21.24 34.14
C4 ADP MA . 49.42 -20.39 34.47
C1 BMA NA . 41.41 -20.77 38.65
C2 BMA NA . 41.24 -22.29 38.79
C3 BMA NA . 39.74 -22.62 38.91
C4 BMA NA . 39.03 -21.80 39.99
C5 BMA NA . 39.29 -20.32 39.77
C6 BMA NA . 38.72 -19.52 40.92
O2 BMA NA . 41.90 -22.72 39.94
O3 BMA NA . 39.57 -23.97 39.26
O4 BMA NA . 37.64 -22.07 40.01
O5 BMA NA . 40.71 -20.04 39.67
O6 BMA NA . 38.59 -18.15 40.59
PA NAP OA . 20.29 -10.08 20.33
O1A NAP OA . 21.58 -9.46 20.63
O2A NAP OA . 20.46 -11.43 19.76
O5B NAP OA . 19.40 -10.13 21.67
C5B NAP OA . 18.46 -11.17 21.82
C4B NAP OA . 18.83 -12.03 23.02
O4B NAP OA . 17.71 -12.73 23.53
C3B NAP OA . 19.89 -13.09 22.70
O3B NAP OA . 20.81 -13.10 23.76
C2B NAP OA . 19.06 -14.35 22.54
O2B NAP OA . 19.73 -15.60 22.67
C1B NAP OA . 17.99 -14.12 23.60
N9A NAP OA . 16.70 -14.76 23.37
C8A NAP OA . 16.26 -15.47 22.28
N7A NAP OA . 14.99 -15.85 22.51
C5A NAP OA . 14.60 -15.39 23.72
C6A NAP OA . 13.41 -15.48 24.41
N6A NAP OA . 12.36 -16.14 23.90
N1A NAP OA . 13.32 -14.90 25.66
C2A NAP OA . 14.41 -14.22 26.18
N3A NAP OA . 15.57 -14.12 25.48
C4A NAP OA . 15.67 -14.71 24.26
O3 NAP OA . 19.45 -9.16 19.34
PN NAP OA . 19.14 -7.59 19.41
O1N NAP OA . 19.83 -6.95 18.26
O2N NAP OA . 19.37 -7.11 20.78
O5D NAP OA . 17.58 -7.52 19.10
C5D NAP OA . 16.71 -7.59 20.20
C4D NAP OA . 15.28 -7.57 19.70
O4D NAP OA . 15.13 -6.53 18.75
C3D NAP OA . 15.00 -8.86 18.96
O3D NAP OA . 13.62 -9.17 19.03
C2D NAP OA . 15.36 -8.53 17.54
O2D NAP OA . 14.65 -9.38 16.67
C1D NAP OA . 14.87 -7.10 17.47
N1N NAP OA . 15.46 -6.27 16.41
C2N NAP OA . 16.77 -5.88 16.44
C3N NAP OA . 17.28 -5.07 15.41
C7N NAP OA . 18.74 -4.71 15.35
O7N NAP OA . 19.24 -4.06 14.22
N7N NAP OA . 19.54 -5.02 16.37
C4N NAP OA . 16.43 -4.65 14.40
C5N NAP OA . 15.09 -5.05 14.40
C6N NAP OA . 14.62 -5.86 15.41
P2B NAP OA . 19.50 -16.87 21.62
O1X NAP OA . 20.90 -17.42 21.39
O2X NAP OA . 18.60 -17.93 22.20
O3X NAP OA . 18.91 -16.52 20.28
C1 GOL PA . 7.02 -8.65 17.36
O1 GOL PA . 6.65 -8.45 16.03
C2 GOL PA . 7.72 -9.94 17.80
O2 GOL PA . 7.46 -10.12 19.16
C3 GOL PA . 7.26 -11.21 17.08
O3 GOL PA . 7.70 -12.43 17.64
PB ADP QA . 19.92 -6.78 8.85
O1B ADP QA . 20.90 -5.81 8.17
O2B ADP QA . 18.47 -6.39 8.55
O3B ADP QA . 20.23 -6.81 10.44
PA ADP QA . 20.28 -8.62 6.87
O1A ADP QA . 19.71 -7.54 6.02
O2A ADP QA . 19.49 -9.98 6.55
O3A ADP QA . 20.16 -8.33 8.45
O5' ADP QA . 21.84 -8.80 6.53
C5' ADP QA . 22.43 -9.72 7.46
C4' ADP QA . 23.83 -9.25 7.85
O4' ADP QA . 24.65 -9.12 6.69
C3' ADP QA . 23.78 -7.89 8.57
O3' ADP QA . 23.69 -8.01 10.00
C2' ADP QA . 25.12 -7.24 8.15
O2' ADP QA . 26.16 -7.51 9.10
C1' ADP QA . 25.43 -7.90 6.78
N9 ADP QA . 25.12 -6.97 5.70
C8 ADP QA . 23.89 -6.56 5.27
N7 ADP QA . 24.02 -5.73 4.28
C5 ADP QA . 25.33 -5.54 4.01
C6 ADP QA . 26.05 -4.78 3.07
N6 ADP QA . 25.39 -3.99 2.15
N1 ADP QA . 27.38 -4.84 3.09
C2 ADP QA . 28.02 -5.60 3.97
N3 ADP QA . 27.39 -6.33 4.86
C4 ADP QA . 26.05 -6.32 4.91
C1 BMA RA . 19.43 -7.73 11.14
C2 BMA RA . 20.22 -8.18 12.37
C3 BMA RA . 19.34 -9.07 13.25
C4 BMA RA . 18.06 -8.34 13.63
C5 BMA RA . 17.36 -7.92 12.34
C6 BMA RA . 16.10 -7.18 12.73
O2 BMA RA . 20.63 -7.05 13.11
O3 BMA RA . 20.03 -9.44 14.41
O4 BMA RA . 17.23 -9.15 14.46
O5 BMA RA . 18.21 -7.08 11.54
O6 BMA RA . 15.37 -6.78 11.58
PA NAP SA . 2.41 -30.38 1.74
O1A NAP SA . 2.84 -29.21 0.95
O2A NAP SA . 3.57 -31.18 2.20
O5B NAP SA . 1.43 -29.93 2.95
C5B NAP SA . 1.43 -30.67 4.15
C4B NAP SA . 1.92 -29.82 5.32
O4B NAP SA . 1.45 -30.29 6.57
C3B NAP SA . 3.44 -29.83 5.41
O3B NAP SA . 3.88 -28.51 5.67
C2B NAP SA . 3.72 -30.82 6.54
O2B NAP SA . 4.97 -30.72 7.19
C1B NAP SA . 2.53 -30.55 7.46
N9A NAP SA . 2.11 -31.68 8.29
C8A NAP SA . 2.56 -32.98 8.30
N7A NAP SA . 1.83 -33.68 9.21
C5A NAP SA . 0.92 -32.84 9.76
C6A NAP SA . -0.06 -33.02 10.73
N6A NAP SA . -0.27 -34.21 11.31
N1A NAP SA . -0.83 -31.95 11.11
C2A NAP SA . -0.65 -30.71 10.52
N3A NAP SA . 0.33 -30.55 9.56
C4A NAP SA . 1.09 -31.58 9.20
O3 NAP SA . 1.46 -31.33 0.87
PN NAP SA . 0.22 -30.98 -0.07
O1N NAP SA . 0.59 -31.25 -1.48
O2N NAP SA . -0.30 -29.66 0.34
O5D NAP SA . -0.86 -32.07 0.36
C5D NAP SA . -1.74 -31.77 1.43
C4D NAP SA . -2.61 -32.99 1.67
O4D NAP SA . -3.13 -33.47 0.45
C3D NAP SA . -1.77 -34.11 2.25
O3D NAP SA . -2.55 -34.96 3.07
C2D NAP SA . -1.33 -34.87 1.02
O2D NAP SA . -1.02 -36.19 1.35
C1D NAP SA . -2.60 -34.77 0.19
N1N NAP SA . -2.45 -34.96 -1.26
C2N NAP SA . -1.77 -34.06 -2.05
C3N NAP SA . -1.66 -34.28 -3.42
C7N NAP SA . -0.88 -33.34 -4.29
O7N NAP SA . -0.67 -33.67 -5.65
N7N NAP SA . -0.40 -32.21 -3.77
C4N NAP SA . -2.27 -35.40 -3.98
C5N NAP SA . -2.96 -36.30 -3.16
C6N NAP SA . -3.04 -36.05 -1.80
P2B NAP SA . 5.94 -32.03 7.46
O1X NAP SA . 7.36 -31.60 7.17
O2X NAP SA . 5.86 -32.52 8.90
O3X NAP SA . 5.60 -33.19 6.57
C1 GOL TA . -7.13 -39.86 4.31
O1 GOL TA . -7.07 -40.92 3.39
C2 GOL TA . -5.94 -39.56 5.23
O2 GOL TA . -6.39 -38.79 6.31
C3 GOL TA . -5.26 -40.79 5.83
O3 GOL TA . -4.25 -40.49 6.78
PB ADP UA . 3.16 -38.22 -7.35
O1B ADP UA . 3.44 -37.92 -8.83
O2B ADP UA . 1.84 -38.99 -7.15
O3B ADP UA . 3.20 -36.85 -6.49
PA ADP UA . 5.10 -40.14 -7.35
O1A ADP UA . 4.23 -40.77 -8.37
O2A ADP UA . 5.45 -41.25 -6.24
O3A ADP UA . 4.40 -38.91 -6.59
O5' ADP UA . 6.44 -39.60 -8.05
C5' ADP UA . 7.21 -38.87 -7.08
C4' ADP UA . 7.83 -37.62 -7.73
O4' ADP UA . 8.59 -37.96 -8.89
C3' ADP UA . 6.72 -36.65 -8.15
O3' ADP UA . 6.45 -35.70 -7.13
C2' ADP UA . 7.29 -35.98 -9.42
O2' ADP UA . 7.90 -34.71 -9.14
C1' ADP UA . 8.35 -36.99 -9.94
N9 ADP UA . 7.86 -37.66 -11.14
C8 ADP UA . 6.86 -38.59 -11.18
N7 ADP UA . 6.67 -38.98 -12.39
C5 ADP UA . 7.54 -38.33 -13.21
C6 ADP UA . 7.79 -38.37 -14.59
N6 ADP UA . 7.06 -39.20 -15.41
N1 ADP UA . 8.76 -37.58 -15.06
C2 ADP UA . 9.45 -36.78 -14.27
N3 ADP UA . 9.24 -36.72 -12.97
C4 ADP UA . 8.31 -37.47 -12.41
C1 BMA VA . 2.96 -37.04 -5.09
C2 BMA VA . 3.39 -35.76 -4.38
C3 BMA VA . 3.05 -35.85 -2.90
C4 BMA VA . 1.56 -36.07 -2.72
C5 BMA VA . 1.21 -37.34 -3.48
C6 BMA VA . -0.28 -37.64 -3.37
O2 BMA VA . 2.74 -34.66 -4.96
O3 BMA VA . 3.41 -34.67 -2.21
O4 BMA VA . 1.24 -36.21 -1.34
O5 BMA VA . 1.56 -37.23 -4.88
O6 BMA VA . -0.48 -39.02 -3.51
PA NAP WA . 7.72 -61.32 11.89
O1A NAP WA . 7.45 -61.31 10.44
O2A NAP WA . 8.95 -60.59 12.25
O5B NAP WA . 6.41 -60.77 12.67
C5B NAP WA . 6.57 -60.11 13.89
C4B NAP WA . 6.08 -58.67 13.79
O4B NAP WA . 5.76 -58.15 15.06
C3B NAP WA . 7.14 -57.73 13.21
O3B NAP WA . 6.46 -56.90 12.29
C2B NAP WA . 7.69 -57.02 14.44
O2B NAP WA . 8.36 -55.78 14.22
C1B NAP WA . 6.43 -56.92 15.28
N9A NAP WA . 6.60 -56.87 16.73
C8A NAP WA . 7.73 -57.01 17.48
N7A NAP WA . 7.40 -56.92 18.79
C5A NAP WA . 6.08 -56.73 18.89
C6A NAP WA . 5.23 -56.58 19.97
N6A NAP WA . 5.71 -56.62 21.22
N1A NAP WA . 3.87 -56.40 19.77
C2A NAP WA . 3.38 -56.37 18.48
N3A NAP WA . 4.23 -56.52 17.41
C4A NAP WA . 5.55 -56.70 17.61
O3 NAP WA . 7.91 -62.81 12.42
PN NAP WA . 6.97 -64.07 12.13
O1N NAP WA . 7.74 -65.05 11.31
O2N NAP WA . 5.66 -63.57 11.70
O5D NAP WA . 6.78 -64.69 13.59
C5D NAP WA . 5.67 -64.31 14.37
C4D NAP WA . 5.76 -64.96 15.75
O4D NAP WA . 6.01 -66.33 15.61
C3D NAP WA . 6.94 -64.40 16.52
O3D NAP WA . 6.70 -64.48 17.90
C2D NAP WA . 8.05 -65.34 16.15
O2D NAP WA . 9.08 -65.31 17.12
C1D NAP WA . 7.29 -66.65 16.14
N1N NAP WA . 7.88 -67.74 15.36
C2N NAP WA . 7.99 -67.69 14.00
C3N NAP WA . 8.54 -68.78 13.31
C7N NAP WA . 8.76 -68.74 11.83
O7N NAP WA . 9.51 -69.79 11.25
N7N NAP WA . 8.27 -67.74 11.11
C4N NAP WA . 8.98 -69.89 14.03
C5N NAP WA . 8.86 -69.93 15.41
C6N NAP WA . 8.30 -68.84 16.06
P2B NAP WA . 9.78 -55.44 14.96
O1X NAP WA . 10.63 -54.66 13.98
O2X NAP WA . 9.59 -54.61 16.23
O3X NAP WA . 10.53 -56.69 15.34
C1 GOL XA . 6.28 -67.66 23.98
O1 GOL XA . 7.26 -68.62 24.30
C2 GOL XA . 6.78 -66.24 23.69
O2 GOL XA . 5.71 -65.36 23.81
C3 GOL XA . 7.84 -65.76 24.65
O3 GOL XA . 8.17 -64.39 24.50
PB ADP YA . 15.55 -70.34 11.75
O1B ADP YA . 15.93 -71.24 10.58
O2B ADP YA . 15.13 -71.16 12.99
O3B ADP YA . 14.35 -69.36 11.28
PA ADP YA . 18.17 -69.82 12.09
O1A ADP YA . 18.22 -71.28 12.34
O2A ADP YA . 18.98 -69.04 13.23
O3A ADP YA . 16.67 -69.26 12.11
O5' ADP YA . 18.85 -69.49 10.66
C5' ADP YA . 18.78 -68.10 10.37
C4' ADP YA . 18.55 -67.91 8.87
O4' ADP YA . 19.64 -68.48 8.12
C3' ADP YA . 17.27 -68.61 8.41
O3' ADP YA . 16.15 -67.73 8.45
C2' ADP YA . 17.60 -69.03 6.95
O2' ADP YA . 17.30 -68.02 6.00
C1' ADP YA . 19.13 -69.21 6.98
N9 ADP YA . 19.50 -70.63 7.08
C8 ADP YA . 19.41 -71.44 8.17
N7 ADP YA . 19.85 -72.62 7.88
C5 ADP YA . 20.24 -72.65 6.59
C6 ADP YA . 20.79 -73.62 5.74
N6 ADP YA . 21.03 -74.90 6.19
N1 ADP YA . 21.07 -73.29 4.48
C2 ADP YA . 20.85 -72.06 4.03
N3 ADP YA . 20.34 -71.11 4.79
C4 ADP YA . 20.03 -71.37 6.06
C1 BMA ZA . 14.02 -68.45 12.30
C2 BMA ZA . 13.42 -67.21 11.64
C3 BMA ZA . 12.89 -66.26 12.71
C4 BMA ZA . 11.88 -66.97 13.59
C5 BMA ZA . 12.56 -68.20 14.18
C6 BMA ZA . 11.61 -68.96 15.09
O2 BMA ZA . 12.37 -67.60 10.78
O3 BMA ZA . 12.27 -65.14 12.12
O4 BMA ZA . 11.41 -66.09 14.59
O5 BMA ZA . 13.05 -69.08 13.15
O6 BMA ZA . 12.34 -69.92 15.84
#